data_5KLI
#
_entry.id   5KLI
#
_cell.length_a   118.861
_cell.length_b   126.929
_cell.length_c   127.891
_cell.angle_alpha   64.64
_cell.angle_beta   87.69
_cell.angle_gamma   61.80
#
_symmetry.space_group_name_H-M   'P 1'
#
loop_
_entity.id
_entity.type
_entity.pdbx_description
1 polymer 'Cytochrome b'
2 polymer 'Cytochrome c1'
3 polymer 'Ubiquinol-cytochrome c reductase iron-sulfur subunit'
4 non-polymer 'PROTOPORPHYRIN IX CONTAINING FE'
5 non-polymer 'STIGMATELLIN A'
6 non-polymer '(2R,3S,6S,7R,8R)-3-{[3-(FORMYLAMINO)-2-HYDROXYBENZOYL]AMINO}-8-HEXYL-2,6-DIMETHYL-4,9-DIOXO-1,5-DIOXONAN-7-YL (2S)-2-METHYLBUTANOATE'
7 non-polymer 'STRONTIUM ION'
8 non-polymer '(1R)-2-{[(R)-(2-AMINOETHOXY)(HYDROXY)PHOSPHORYL]OXY}-1-[(DODECANOYLOXY)METHYL]ETHYL (9Z)-OCTADEC-9-ENOATE'
9 non-polymer 'HEME C'
10 non-polymer 'FE2/S2 (INORGANIC) CLUSTER'
#
loop_
_entity_poly.entity_id
_entity_poly.type
_entity_poly.pdbx_seq_one_letter_code
_entity_poly.pdbx_strand_id
1 'polypeptide(L)'
;MSGIPHDHYEPRTGIEKWLHSRLPIVALAYDTIMIPTPRNLNWMWIWGVVLAFCLVLQIVTGIVLAMHYTPHVDLAFASV
EHIMRNVNGGFMLRYLHANGASLFFIAVYLHIFRGLYYGSYKAPREVTWIVGMLIYLAMMATAFMGYVLPWGQMSFWGAT
VITGLFGAIPGIGHSIQTWLLGGPAVDNATLNRFFSLHYLLPFVIAALVAIHIWAFHSTGNNNPTGVEVRRTSKAEAQKD
TVPFWPYFIIKDVFALAVVLLVFFAIVGFMPNYLGHPDNYIEANPLSTPAHIVPEWYFLPFYAILRAFTADVWVVQIANF
ISFGIIDAKFFGVLAMFGAILVMALVPWLDTSPVRSGRYRPMFKIYFWLLAADFVILTWVGAQQTTFPYDWISLIASAYW
FAYFLVILPILGAIEKPVAPPATIEEDFNAHYSPATGGTKTVVAE
;
A,E,K,O
2 'polypeptide(L)'
;AGGGHVEDVPFSFEGPFGTFDQHQLQRGLQVYTEVCAACHGMKFVPIRSLSEPGGPELPEDQVRAYATQFTVTDEETGED
REGKPTDHFPHSALENAPDLSLMAKARAGFHGPMGTGISQLFNGIGGPEYIYSVLTGFPEEPPKCAEGHEPDGFYYNRAF
QNGSVPDTCKDANGVKTTAGSWIAMPPPLMDDLVEYADGHDASVHAMAEDVSAFLMWAAEPKLMARKQAGFTAVMFLTVL
SVLLYLTNKRLWAGVKGKKKTNVGTGHHHHHH
;
B,F,L,P
3 'polypeptide(L)'
;MSNAEDHAGTRRDFLYYATAGAGAVATGAAVWPLINQMNPSADVQALASIFVDVSSVEPGVQLTVKFLGKPIFIRRRTEA
DIELGRSVQLGQLVDTNARNANIDAGAEATDQNRTLDEAGEWLVMWGVCTHLGCVPIGGVSGDFGGWFCPCHGSHYDSAG
RIRKGPAPENLPIPLAKFIDETTIQLG
;
C,G,M,Q
#
# COMPACT_ATOMS: atom_id res chain seq x y z
N GLY A 3 -7.60 23.51 -66.19
CA GLY A 3 -7.49 22.47 -67.21
C GLY A 3 -6.36 22.67 -68.21
N ILE A 4 -5.33 23.40 -67.78
CA ILE A 4 -4.14 23.69 -68.58
C ILE A 4 -3.18 22.50 -68.46
N PRO A 5 -2.42 22.14 -69.51
CA PRO A 5 -1.46 21.02 -69.36
C PRO A 5 -0.31 21.40 -68.43
N HIS A 6 0.00 20.50 -67.49
CA HIS A 6 1.03 20.73 -66.48
C HIS A 6 1.44 19.38 -65.91
N ASP A 7 2.58 19.38 -65.20
CA ASP A 7 3.08 18.18 -64.54
C ASP A 7 2.46 17.99 -63.16
N HIS A 8 2.34 16.73 -62.76
CA HIS A 8 1.66 16.35 -61.53
C HIS A 8 2.66 15.97 -60.43
N TYR A 9 2.11 15.80 -59.23
CA TYR A 9 2.88 15.48 -58.04
C TYR A 9 3.39 14.04 -58.10
N GLU A 10 4.52 13.82 -57.41
CA GLU A 10 5.12 12.50 -57.27
C GLU A 10 5.76 12.40 -55.89
N PRO A 11 5.35 11.46 -55.03
CA PRO A 11 5.96 11.37 -53.69
C PRO A 11 7.43 10.98 -53.76
N ARG A 12 8.24 11.65 -52.94
CA ARG A 12 9.69 11.43 -52.93
C ARG A 12 10.16 10.83 -51.62
N THR A 13 9.90 11.49 -50.49
CA THR A 13 10.29 10.94 -49.20
C THR A 13 9.45 9.70 -48.89
N GLY A 14 9.99 8.83 -48.04
CA GLY A 14 9.23 7.68 -47.61
C GLY A 14 7.95 8.07 -46.91
N ILE A 15 7.97 9.18 -46.17
CA ILE A 15 6.76 9.65 -45.53
C ILE A 15 5.76 10.13 -46.57
N GLU A 16 6.24 10.71 -47.67
CA GLU A 16 5.33 11.19 -48.70
C GLU A 16 4.73 10.01 -49.46
N LYS A 17 5.55 9.02 -49.80
CA LYS A 17 5.03 7.82 -50.46
C LYS A 17 4.02 7.14 -49.56
N TRP A 18 4.29 7.15 -48.25
CA TRP A 18 3.42 6.54 -47.26
C TRP A 18 2.09 7.28 -47.20
N LEU A 19 2.17 8.60 -47.07
CA LEU A 19 0.98 9.43 -46.92
C LEU A 19 0.18 9.50 -48.23
N HIS A 20 0.85 9.59 -49.38
CA HIS A 20 0.13 9.77 -50.63
C HIS A 20 -0.76 8.58 -50.98
N SER A 21 -0.39 7.38 -50.57
CA SER A 21 -1.21 6.21 -50.86
C SER A 21 -2.38 6.07 -49.90
N ARG A 22 -2.55 7.02 -48.98
CA ARG A 22 -3.59 6.99 -47.96
C ARG A 22 -4.40 8.28 -48.01
N LEU A 23 -3.70 9.41 -48.08
CA LEU A 23 -4.35 10.72 -48.18
C LEU A 23 -3.49 11.63 -49.06
N PRO A 24 -3.89 11.88 -50.37
CA PRO A 24 -3.08 12.68 -51.30
C PRO A 24 -3.18 14.20 -51.01
N ILE A 25 -3.05 14.56 -49.73
CA ILE A 25 -3.19 15.96 -49.34
C ILE A 25 -2.02 16.78 -49.82
N VAL A 26 -0.83 16.20 -49.90
CA VAL A 26 0.30 16.95 -50.44
C VAL A 26 0.06 17.15 -51.94
N ALA A 27 -0.48 16.13 -52.61
CA ALA A 27 -0.81 16.25 -54.03
C ALA A 27 -1.80 17.38 -54.26
N LEU A 28 -2.73 17.57 -53.32
CA LEU A 28 -3.72 18.62 -53.49
C LEU A 28 -3.04 19.98 -53.32
N ALA A 29 -2.16 20.09 -52.33
CA ALA A 29 -1.42 21.33 -52.13
C ALA A 29 -0.50 21.63 -53.31
N TYR A 30 0.07 20.58 -53.92
CA TYR A 30 0.96 20.77 -55.07
C TYR A 30 0.18 21.30 -56.27
N ASP A 31 -0.90 20.62 -56.66
CA ASP A 31 -1.67 21.04 -57.81
C ASP A 31 -2.27 22.44 -57.62
N THR A 32 -2.48 22.86 -56.38
CA THR A 32 -2.99 24.21 -56.15
C THR A 32 -1.88 25.23 -56.33
N ILE A 33 -0.74 25.00 -55.69
CA ILE A 33 0.31 26.02 -55.63
C ILE A 33 1.17 26.03 -56.89
N MET A 34 1.05 25.03 -57.77
CA MET A 34 1.85 24.93 -58.98
C MET A 34 1.02 25.11 -60.25
N ILE A 35 -0.20 25.62 -60.13
CA ILE A 35 -1.08 25.84 -61.28
C ILE A 35 -0.36 26.76 -62.27
N PRO A 36 -0.29 26.43 -63.56
CA PRO A 36 0.31 27.40 -64.49
C PRO A 36 -0.55 28.64 -64.55
N THR A 37 0.02 29.78 -64.18
CA THR A 37 -0.65 31.06 -64.08
C THR A 37 -0.09 31.98 -65.16
N PRO A 38 -0.89 32.79 -65.85
CA PRO A 38 -0.33 33.68 -66.88
C PRO A 38 0.84 34.51 -66.38
N ARG A 39 1.90 34.54 -67.19
CA ARG A 39 3.14 35.23 -66.85
C ARG A 39 3.00 36.74 -66.75
N ASN A 40 1.99 37.34 -67.39
CA ASN A 40 1.94 38.79 -67.60
C ASN A 40 1.02 39.50 -66.61
N LEU A 41 0.80 38.91 -65.44
CA LEU A 41 -0.03 39.56 -64.42
C LEU A 41 0.70 40.76 -63.83
N ASN A 42 -0.03 41.87 -63.70
CA ASN A 42 0.47 43.12 -63.14
C ASN A 42 0.07 43.28 -61.68
N TRP A 43 0.35 44.47 -61.12
CA TRP A 43 0.19 44.69 -59.69
C TRP A 43 -1.27 44.72 -59.26
N MET A 44 -2.23 44.72 -60.20
CA MET A 44 -3.63 44.67 -59.83
C MET A 44 -4.12 43.27 -59.50
N TRP A 45 -3.27 42.25 -59.61
CA TRP A 45 -3.64 40.88 -59.28
C TRP A 45 -3.26 40.49 -57.84
N ILE A 46 -2.79 41.46 -57.04
CA ILE A 46 -2.37 41.19 -55.66
C ILE A 46 -3.54 41.26 -54.67
N TRP A 47 -4.65 41.89 -55.07
CA TRP A 47 -5.68 42.21 -54.09
C TRP A 47 -6.40 40.96 -53.59
N GLY A 48 -6.24 39.83 -54.28
CA GLY A 48 -6.77 38.59 -53.76
C GLY A 48 -6.08 38.15 -52.48
N VAL A 49 -4.74 38.25 -52.44
CA VAL A 49 -3.99 37.87 -51.24
C VAL A 49 -4.23 38.86 -50.12
N VAL A 50 -4.38 40.15 -50.46
CA VAL A 50 -4.66 41.14 -49.43
C VAL A 50 -5.99 40.79 -48.78
N LEU A 51 -6.98 40.45 -49.58
CA LEU A 51 -8.27 40.04 -49.04
C LEU A 51 -8.10 38.78 -48.19
N ALA A 52 -7.27 37.84 -48.66
CA ALA A 52 -7.04 36.63 -47.91
C ALA A 52 -6.39 36.93 -46.56
N PHE A 53 -5.38 37.79 -46.56
CA PHE A 53 -4.74 38.18 -45.30
C PHE A 53 -5.75 38.81 -44.36
N CYS A 54 -6.56 39.74 -44.90
CA CYS A 54 -7.58 40.42 -44.10
C CYS A 54 -8.50 39.44 -43.42
N LEU A 55 -8.95 38.43 -44.16
CA LEU A 55 -9.88 37.47 -43.59
C LEU A 55 -9.26 36.76 -42.40
N VAL A 56 -7.98 36.40 -42.51
CA VAL A 56 -7.29 35.76 -41.40
C VAL A 56 -7.08 36.76 -40.26
N LEU A 57 -6.63 37.97 -40.60
CA LEU A 57 -6.41 39.01 -39.59
C LEU A 57 -7.69 39.29 -38.81
N GLN A 58 -8.81 39.47 -39.51
CA GLN A 58 -10.05 39.77 -38.82
C GLN A 58 -10.42 38.61 -37.92
N ILE A 59 -10.22 37.40 -38.41
CA ILE A 59 -10.59 36.20 -37.67
C ILE A 59 -9.70 36.07 -36.44
N VAL A 60 -8.39 36.23 -36.61
CA VAL A 60 -7.52 35.99 -35.46
C VAL A 60 -7.71 37.08 -34.43
N THR A 61 -7.83 38.33 -34.87
CA THR A 61 -8.13 39.39 -33.91
C THR A 61 -9.57 39.29 -33.41
N GLY A 62 -10.47 38.77 -34.26
CA GLY A 62 -11.86 38.63 -33.82
C GLY A 62 -12.02 37.66 -32.67
N ILE A 63 -11.48 36.43 -32.82
CA ILE A 63 -11.56 35.45 -31.74
C ILE A 63 -10.95 36.02 -30.47
N VAL A 64 -9.81 36.70 -30.60
CA VAL A 64 -9.16 37.27 -29.45
C VAL A 64 -10.03 38.33 -28.81
N LEU A 65 -10.61 39.23 -29.63
CA LEU A 65 -11.51 40.24 -29.08
C LEU A 65 -12.73 39.61 -28.42
N ALA A 66 -13.24 38.52 -28.98
CA ALA A 66 -14.42 37.89 -28.40
C ALA A 66 -14.12 37.26 -27.03
N MET A 67 -12.84 37.12 -26.67
CA MET A 67 -12.46 36.62 -25.35
C MET A 67 -12.62 37.67 -24.25
N HIS A 68 -12.85 38.93 -24.61
CA HIS A 68 -12.90 40.03 -23.67
C HIS A 68 -14.12 40.92 -23.83
N TYR A 69 -14.98 40.63 -24.80
CA TYR A 69 -16.15 41.44 -25.10
C TYR A 69 -17.40 40.81 -24.50
N THR A 70 -18.32 41.67 -24.05
CA THR A 70 -19.59 41.24 -23.48
C THR A 70 -20.78 41.72 -24.31
N PRO A 71 -21.58 40.75 -25.03
CA PRO A 71 -22.74 41.17 -25.83
C PRO A 71 -23.96 41.46 -24.95
N HIS A 72 -23.86 42.53 -24.19
CA HIS A 72 -24.96 43.01 -23.38
C HIS A 72 -24.92 44.52 -23.39
N VAL A 73 -26.09 45.14 -23.55
CA VAL A 73 -26.18 46.59 -23.75
C VAL A 73 -25.57 47.34 -22.59
N ASP A 74 -25.66 46.78 -21.37
CA ASP A 74 -25.11 47.41 -20.17
C ASP A 74 -23.60 47.24 -20.04
N LEU A 75 -22.98 46.32 -20.79
CA LEU A 75 -21.58 45.98 -20.59
C LEU A 75 -20.76 46.06 -21.85
N ALA A 76 -21.38 46.08 -23.02
CA ALA A 76 -20.67 46.01 -24.29
C ALA A 76 -19.68 47.16 -24.45
N PHE A 77 -20.19 48.40 -24.38
CA PHE A 77 -19.32 49.57 -24.55
C PHE A 77 -18.21 49.59 -23.52
N ALA A 78 -18.53 49.31 -22.25
CA ALA A 78 -17.52 49.28 -21.21
C ALA A 78 -16.47 48.19 -21.45
N SER A 79 -16.90 47.05 -22.01
CA SER A 79 -15.96 45.94 -22.19
C SER A 79 -14.95 46.25 -23.29
N VAL A 80 -15.33 47.07 -24.26
CA VAL A 80 -14.39 47.48 -25.29
C VAL A 80 -13.37 48.46 -24.71
N GLU A 81 -13.83 49.36 -23.84
CA GLU A 81 -12.88 50.23 -23.15
C GLU A 81 -12.00 49.43 -22.21
N HIS A 82 -12.52 48.34 -21.67
CA HIS A 82 -11.72 47.46 -20.84
C HIS A 82 -10.59 46.87 -21.68
N ILE A 83 -10.91 46.44 -22.91
CA ILE A 83 -9.91 45.97 -23.87
C ILE A 83 -8.86 47.05 -24.12
N MET A 84 -9.31 48.27 -24.43
CA MET A 84 -8.38 49.36 -24.74
C MET A 84 -7.43 49.66 -23.60
N ARG A 85 -7.92 49.61 -22.37
CA ARG A 85 -7.17 50.09 -21.24
C ARG A 85 -6.49 48.99 -20.44
N ASN A 86 -7.13 47.83 -20.34
CA ASN A 86 -6.69 46.80 -19.41
C ASN A 86 -6.09 45.56 -20.06
N VAL A 87 -6.64 45.09 -21.19
CA VAL A 87 -6.13 43.88 -21.82
C VAL A 87 -4.74 44.15 -22.37
N ASN A 88 -3.81 43.23 -22.11
CA ASN A 88 -2.46 43.33 -22.65
C ASN A 88 -2.50 43.46 -24.16
N GLY A 89 -2.03 44.59 -24.67
CA GLY A 89 -2.06 44.78 -26.11
C GLY A 89 -3.45 44.93 -26.68
N GLY A 90 -4.46 45.12 -25.84
CA GLY A 90 -5.83 45.13 -26.33
C GLY A 90 -6.11 46.30 -27.25
N PHE A 91 -5.51 47.46 -26.96
CA PHE A 91 -5.72 48.64 -27.79
C PHE A 91 -5.26 48.37 -29.21
N MET A 92 -4.15 47.65 -29.36
CA MET A 92 -3.56 47.40 -30.66
C MET A 92 -4.39 46.35 -31.39
N LEU A 93 -4.86 45.35 -30.64
CA LEU A 93 -5.70 44.32 -31.24
C LEU A 93 -7.02 44.94 -31.72
N ARG A 94 -7.56 45.90 -30.95
CA ARG A 94 -8.77 46.59 -31.37
C ARG A 94 -8.56 47.42 -32.62
N TYR A 95 -7.50 48.21 -32.65
CA TYR A 95 -7.28 49.05 -33.82
C TYR A 95 -6.98 48.18 -35.03
N LEU A 96 -6.35 47.04 -34.83
CA LEU A 96 -6.09 46.15 -35.96
C LEU A 96 -7.40 45.58 -36.51
N HIS A 97 -8.32 45.18 -35.61
CA HIS A 97 -9.58 44.62 -36.08
C HIS A 97 -10.42 45.66 -36.80
N ALA A 98 -10.45 46.87 -36.24
CA ALA A 98 -11.25 47.95 -36.80
C ALA A 98 -10.68 48.44 -38.12
N ASN A 99 -9.40 48.85 -38.10
CA ASN A 99 -8.77 49.28 -39.34
C ASN A 99 -8.61 48.12 -40.33
N GLY A 100 -8.55 46.88 -39.84
CA GLY A 100 -8.48 45.77 -40.76
C GLY A 100 -9.72 45.67 -41.62
N ALA A 101 -10.87 46.05 -41.08
CA ALA A 101 -12.10 46.07 -41.86
C ALA A 101 -12.01 47.08 -42.99
N SER A 102 -11.38 48.23 -42.75
CA SER A 102 -11.23 49.22 -43.81
C SER A 102 -10.31 48.68 -44.89
N LEU A 103 -9.19 48.09 -44.47
CA LEU A 103 -8.28 47.46 -45.43
C LEU A 103 -9.02 46.39 -46.21
N PHE A 104 -9.88 45.64 -45.53
CA PHE A 104 -10.68 44.59 -46.17
C PHE A 104 -11.49 45.19 -47.31
N PHE A 105 -12.04 46.39 -47.10
CA PHE A 105 -12.95 47.01 -48.06
C PHE A 105 -12.21 47.79 -49.14
N ILE A 106 -11.08 48.41 -48.82
CA ILE A 106 -10.22 48.98 -49.86
C ILE A 106 -9.84 47.92 -50.87
N ALA A 107 -9.54 46.71 -50.39
CA ALA A 107 -9.08 45.66 -51.29
C ALA A 107 -10.18 45.18 -52.23
N VAL A 108 -11.40 44.96 -51.73
CA VAL A 108 -12.47 44.49 -52.63
C VAL A 108 -12.77 45.53 -53.70
N TYR A 109 -12.80 46.81 -53.33
CA TYR A 109 -13.21 47.79 -54.33
C TYR A 109 -12.16 47.84 -55.44
N LEU A 110 -10.88 47.77 -55.09
CA LEU A 110 -9.82 47.66 -56.09
C LEU A 110 -9.91 46.33 -56.83
N HIS A 111 -10.13 45.25 -56.07
CA HIS A 111 -10.36 43.92 -56.62
C HIS A 111 -11.53 43.92 -57.62
N ILE A 112 -12.65 44.53 -57.24
CA ILE A 112 -13.85 44.53 -58.08
C ILE A 112 -13.61 45.30 -59.37
N PHE A 113 -13.05 46.50 -59.25
CA PHE A 113 -12.85 47.33 -60.44
C PHE A 113 -11.79 46.74 -61.36
N ARG A 114 -10.85 45.97 -60.80
CA ARG A 114 -9.93 45.22 -61.63
C ARG A 114 -10.73 44.29 -62.54
N GLY A 115 -11.65 43.52 -61.95
CA GLY A 115 -12.48 42.62 -62.74
C GLY A 115 -13.30 43.35 -63.78
N LEU A 116 -13.86 44.51 -63.40
CA LEU A 116 -14.71 45.24 -64.34
C LEU A 116 -13.94 45.78 -65.53
N TYR A 117 -12.65 46.06 -65.36
CA TYR A 117 -11.86 46.61 -66.46
C TYR A 117 -11.41 45.51 -67.41
N TYR A 118 -10.90 44.41 -66.87
CA TYR A 118 -10.29 43.36 -67.66
C TYR A 118 -11.25 42.25 -68.08
N GLY A 119 -12.53 42.37 -67.76
CA GLY A 119 -13.49 41.36 -68.16
C GLY A 119 -13.30 40.02 -67.50
N SER A 120 -12.89 40.02 -66.23
CA SER A 120 -12.71 38.79 -65.48
C SER A 120 -14.03 38.15 -65.09
N TYR A 121 -15.15 38.82 -65.37
CA TYR A 121 -16.49 38.30 -65.11
C TYR A 121 -17.10 37.60 -66.32
N LYS A 122 -16.58 37.86 -67.52
CA LYS A 122 -17.12 37.28 -68.73
C LYS A 122 -16.81 35.79 -68.81
N ALA A 123 -17.60 35.09 -69.63
CA ALA A 123 -17.45 33.65 -69.82
C ALA A 123 -15.98 33.31 -70.10
N PRO A 124 -15.44 32.22 -69.52
CA PRO A 124 -16.08 31.18 -68.70
C PRO A 124 -16.06 31.45 -67.17
N ARG A 125 -16.01 32.73 -66.78
CA ARG A 125 -15.74 33.10 -65.40
C ARG A 125 -16.97 33.63 -64.67
N GLU A 126 -18.18 33.30 -65.13
CA GLU A 126 -19.39 33.79 -64.46
C GLU A 126 -19.45 33.30 -63.02
N VAL A 127 -19.13 32.02 -62.79
CA VAL A 127 -19.26 31.44 -61.45
C VAL A 127 -18.31 32.13 -60.49
N THR A 128 -17.07 32.38 -60.92
CA THR A 128 -16.14 33.10 -60.06
C THR A 128 -16.73 34.45 -59.65
N TRP A 129 -17.37 35.14 -60.59
CA TRP A 129 -17.91 36.46 -60.32
C TRP A 129 -19.10 36.39 -59.37
N ILE A 130 -20.01 35.44 -59.61
CA ILE A 130 -21.20 35.31 -58.78
C ILE A 130 -20.82 34.88 -57.38
N VAL A 131 -19.88 33.94 -57.26
CA VAL A 131 -19.40 33.56 -55.92
C VAL A 131 -18.79 34.78 -55.26
N GLY A 132 -18.07 35.59 -56.03
CA GLY A 132 -17.54 36.83 -55.50
C GLY A 132 -18.63 37.74 -54.97
N MET A 133 -19.73 37.86 -55.72
CA MET A 133 -20.83 38.72 -55.29
C MET A 133 -21.46 38.21 -54.01
N LEU A 134 -21.57 36.88 -53.85
CA LEU A 134 -22.10 36.36 -52.60
C LEU A 134 -21.15 36.71 -51.46
N ILE A 135 -19.85 36.59 -51.70
CA ILE A 135 -18.86 36.96 -50.70
C ILE A 135 -19.02 38.43 -50.34
N TYR A 136 -19.27 39.28 -51.33
CA TYR A 136 -19.36 40.71 -51.09
C TYR A 136 -20.52 41.03 -50.16
N LEU A 137 -21.68 40.40 -50.39
CA LEU A 137 -22.81 40.58 -49.50
C LEU A 137 -22.48 40.12 -48.09
N ALA A 138 -21.76 39.00 -47.96
CA ALA A 138 -21.43 38.49 -46.65
C ALA A 138 -20.51 39.47 -45.92
N MET A 139 -19.56 40.06 -46.63
CA MET A 139 -18.67 41.05 -46.03
C MET A 139 -19.47 42.23 -45.45
N MET A 140 -20.42 42.73 -46.23
CA MET A 140 -21.20 43.88 -45.78
C MET A 140 -22.02 43.50 -44.55
N ALA A 141 -22.68 42.35 -44.59
CA ALA A 141 -23.45 41.93 -43.43
C ALA A 141 -22.55 41.76 -42.20
N THR A 142 -21.37 41.18 -42.38
CA THR A 142 -20.44 41.01 -41.26
C THR A 142 -19.98 42.36 -40.70
N ALA A 143 -19.54 43.25 -41.59
CA ALA A 143 -19.00 44.53 -41.13
C ALA A 143 -20.06 45.38 -40.46
N PHE A 144 -21.29 45.31 -40.97
CA PHE A 144 -22.40 46.02 -40.34
C PHE A 144 -22.58 45.54 -38.90
N MET A 145 -22.71 44.23 -38.71
CA MET A 145 -22.99 43.71 -37.38
C MET A 145 -21.83 43.93 -36.42
N GLY A 146 -20.60 43.87 -36.93
CA GLY A 146 -19.44 44.16 -36.09
C GLY A 146 -19.47 45.56 -35.52
N TYR A 147 -19.85 46.53 -36.34
CA TYR A 147 -19.83 47.92 -35.93
C TYR A 147 -20.89 48.18 -34.85
N VAL A 148 -21.91 47.32 -34.79
CA VAL A 148 -22.94 47.45 -33.77
C VAL A 148 -22.43 47.01 -32.41
N LEU A 149 -21.47 46.10 -32.36
CA LEU A 149 -21.10 45.48 -31.10
C LEU A 149 -20.59 46.47 -30.04
N PRO A 150 -19.76 47.48 -30.35
CA PRO A 150 -19.37 48.43 -29.30
C PRO A 150 -20.53 49.19 -28.69
N TRP A 151 -21.67 49.27 -29.39
CA TRP A 151 -22.87 49.91 -28.86
C TRP A 151 -22.63 51.39 -28.57
N GLY A 152 -21.93 52.06 -29.49
CA GLY A 152 -21.79 53.49 -29.48
C GLY A 152 -22.98 54.13 -30.18
N GLN A 153 -22.89 55.45 -30.40
CA GLN A 153 -24.00 56.12 -31.06
C GLN A 153 -24.13 55.69 -32.51
N MET A 154 -23.02 55.53 -33.22
CA MET A 154 -23.09 55.06 -34.60
C MET A 154 -23.55 53.61 -34.62
N SER A 155 -23.11 52.81 -33.65
CA SER A 155 -23.55 51.43 -33.54
C SER A 155 -25.07 51.35 -33.46
N PHE A 156 -25.66 52.08 -32.50
CA PHE A 156 -27.08 51.94 -32.24
C PHE A 156 -27.93 52.46 -33.40
N TRP A 157 -27.60 53.64 -33.94
CA TRP A 157 -28.49 54.23 -34.94
C TRP A 157 -28.25 53.62 -36.32
N GLY A 158 -27.04 53.15 -36.60
CA GLY A 158 -26.82 52.38 -37.81
C GLY A 158 -27.64 51.11 -37.81
N ALA A 159 -27.75 50.47 -36.64
CA ALA A 159 -28.54 49.26 -36.51
C ALA A 159 -30.02 49.56 -36.68
N THR A 160 -30.48 50.69 -36.13
CA THR A 160 -31.87 51.13 -36.30
C THR A 160 -32.19 51.32 -37.78
N VAL A 161 -31.31 52.01 -38.50
CA VAL A 161 -31.56 52.33 -39.91
C VAL A 161 -31.50 51.07 -40.78
N ILE A 162 -30.49 50.22 -40.56
CA ILE A 162 -30.25 49.11 -41.47
C ILE A 162 -31.29 48.02 -41.29
N THR A 163 -31.75 47.79 -40.07
CA THR A 163 -32.89 46.90 -39.91
C THR A 163 -34.14 47.56 -40.49
N GLY A 164 -34.15 48.90 -40.53
CA GLY A 164 -35.24 49.63 -41.13
C GLY A 164 -35.36 49.43 -42.64
N LEU A 165 -34.25 49.12 -43.30
CA LEU A 165 -34.27 48.84 -44.75
C LEU A 165 -35.31 47.79 -45.07
N PHE A 166 -35.43 46.79 -44.21
CA PHE A 166 -36.31 45.64 -44.39
C PHE A 166 -37.76 46.01 -44.11
N GLY A 167 -38.00 47.07 -43.35
CA GLY A 167 -39.35 47.57 -43.16
C GLY A 167 -39.97 48.14 -44.43
N ALA A 168 -39.17 48.42 -45.45
CA ALA A 168 -39.66 49.02 -46.67
C ALA A 168 -40.30 48.02 -47.63
N ILE A 169 -40.18 46.72 -47.38
CA ILE A 169 -40.82 45.77 -48.30
C ILE A 169 -42.34 45.83 -48.09
N PRO A 170 -43.16 46.05 -49.12
CA PRO A 170 -44.61 46.12 -48.92
C PRO A 170 -45.13 44.82 -48.34
N GLY A 171 -46.13 44.93 -47.47
CA GLY A 171 -46.76 43.74 -46.94
C GLY A 171 -46.00 43.05 -45.82
N ILE A 172 -44.81 42.51 -46.10
CA ILE A 172 -44.09 41.68 -45.16
C ILE A 172 -43.00 42.44 -44.42
N GLY A 173 -42.79 43.71 -44.74
CA GLY A 173 -41.67 44.46 -44.19
C GLY A 173 -41.66 44.53 -42.67
N HIS A 174 -42.81 44.80 -42.08
CA HIS A 174 -42.86 44.98 -40.63
C HIS A 174 -42.54 43.68 -39.89
N SER A 175 -42.94 42.54 -40.44
CA SER A 175 -42.61 41.25 -39.82
C SER A 175 -41.12 40.98 -39.82
N ILE A 176 -40.46 41.18 -40.96
CA ILE A 176 -39.02 40.95 -41.07
C ILE A 176 -38.26 41.84 -40.09
N GLN A 177 -38.67 43.09 -39.96
CA GLN A 177 -37.97 44.00 -39.07
C GLN A 177 -38.06 43.55 -37.62
N THR A 178 -39.26 43.16 -37.18
CA THR A 178 -39.42 42.66 -35.82
C THR A 178 -38.59 41.41 -35.60
N TRP A 179 -38.57 40.52 -36.59
CA TRP A 179 -37.79 39.29 -36.48
C TRP A 179 -36.30 39.59 -36.36
N LEU A 180 -35.79 40.54 -37.15
CA LEU A 180 -34.38 40.92 -37.03
C LEU A 180 -34.11 41.61 -35.69
N LEU A 181 -35.05 42.42 -35.22
CA LEU A 181 -34.83 43.19 -34.00
C LEU A 181 -35.05 42.36 -32.75
N GLY A 182 -35.98 41.41 -32.80
CA GLY A 182 -36.35 40.67 -31.61
C GLY A 182 -37.21 41.47 -30.67
N GLY A 183 -37.86 42.51 -31.16
CA GLY A 183 -38.69 43.36 -30.35
C GLY A 183 -39.12 44.58 -31.11
N PRO A 184 -39.71 45.56 -30.42
CA PRO A 184 -40.16 46.78 -31.11
C PRO A 184 -39.04 47.73 -31.48
N ALA A 185 -37.84 47.56 -30.94
CA ALA A 185 -36.76 48.51 -31.18
C ALA A 185 -35.44 47.80 -31.01
N VAL A 186 -34.38 48.46 -31.48
CA VAL A 186 -33.02 48.00 -31.23
C VAL A 186 -32.79 48.00 -29.72
N ASP A 187 -32.52 46.82 -29.18
CA ASP A 187 -32.32 46.64 -27.74
C ASP A 187 -31.34 45.47 -27.55
N ASN A 188 -31.35 44.87 -26.36
CA ASN A 188 -30.39 43.82 -26.05
C ASN A 188 -30.53 42.60 -26.93
N ALA A 189 -31.77 42.16 -27.18
CA ALA A 189 -31.99 41.01 -28.05
C ALA A 189 -31.33 41.21 -29.40
N THR A 190 -31.30 42.44 -29.89
CA THR A 190 -30.70 42.73 -31.19
C THR A 190 -29.18 42.62 -31.12
N LEU A 191 -28.58 43.21 -30.08
CA LEU A 191 -27.14 43.14 -29.92
C LEU A 191 -26.70 41.70 -29.76
N ASN A 192 -27.46 40.93 -28.97
CA ASN A 192 -27.08 39.57 -28.64
C ASN A 192 -27.06 38.69 -29.88
N ARG A 193 -28.04 38.84 -30.78
CA ARG A 193 -28.06 37.98 -31.96
C ARG A 193 -27.05 38.44 -33.00
N PHE A 194 -26.80 39.75 -33.05
CA PHE A 194 -25.77 40.26 -33.95
C PHE A 194 -24.40 39.74 -33.55
N PHE A 195 -24.18 39.51 -32.28
CA PHE A 195 -22.88 38.97 -31.87
C PHE A 195 -22.68 37.56 -32.42
N SER A 196 -23.70 36.69 -32.28
CA SER A 196 -23.58 35.33 -32.78
C SER A 196 -23.37 35.32 -34.29
N LEU A 197 -24.10 36.17 -35.02
CA LEU A 197 -24.01 36.18 -36.47
C LEU A 197 -22.74 36.85 -36.95
N HIS A 198 -22.20 37.81 -36.19
CA HIS A 198 -20.92 38.40 -36.58
C HIS A 198 -19.81 37.37 -36.51
N TYR A 199 -19.94 36.41 -35.61
CA TYR A 199 -18.97 35.34 -35.44
C TYR A 199 -19.11 34.31 -36.56
N LEU A 200 -20.35 33.95 -36.89
CA LEU A 200 -20.61 32.90 -37.88
C LEU A 200 -20.14 33.29 -39.27
N LEU A 201 -20.56 34.47 -39.76
CA LEU A 201 -20.39 34.79 -41.17
C LEU A 201 -18.95 34.74 -41.65
N PRO A 202 -17.94 35.20 -40.90
CA PRO A 202 -16.56 35.05 -41.39
C PRO A 202 -16.20 33.62 -41.72
N PHE A 203 -16.82 32.64 -41.06
CA PHE A 203 -16.56 31.25 -41.41
C PHE A 203 -17.29 30.88 -42.70
N VAL A 204 -18.47 31.47 -42.93
CA VAL A 204 -19.18 31.27 -44.20
C VAL A 204 -18.39 31.90 -45.35
N ILE A 205 -17.82 33.09 -45.12
CA ILE A 205 -16.97 33.71 -46.14
C ILE A 205 -15.81 32.80 -46.49
N ALA A 206 -15.19 32.20 -45.46
CA ALA A 206 -14.07 31.31 -45.71
C ALA A 206 -14.50 30.13 -46.57
N ALA A 207 -15.69 29.60 -46.32
CA ALA A 207 -16.21 28.53 -47.14
C ALA A 207 -16.47 29.00 -48.55
N LEU A 208 -17.03 30.23 -48.70
CA LEU A 208 -17.26 30.78 -50.03
C LEU A 208 -15.95 31.02 -50.75
N VAL A 209 -14.93 31.48 -50.03
CA VAL A 209 -13.62 31.71 -50.65
C VAL A 209 -13.06 30.40 -51.17
N ALA A 210 -13.34 29.28 -50.49
CA ALA A 210 -12.85 28.00 -50.98
C ALA A 210 -13.43 27.68 -52.35
N ILE A 211 -14.72 27.97 -52.54
CA ILE A 211 -15.35 27.76 -53.84
C ILE A 211 -14.81 28.76 -54.85
N HIS A 212 -14.62 30.00 -54.41
CA HIS A 212 -14.01 31.05 -55.21
C HIS A 212 -12.67 30.61 -55.79
N ILE A 213 -11.81 30.01 -54.96
CA ILE A 213 -10.50 29.58 -55.44
C ILE A 213 -10.65 28.42 -56.39
N TRP A 214 -11.52 27.48 -56.05
CA TRP A 214 -11.80 26.34 -56.90
C TRP A 214 -12.36 26.80 -58.24
N ALA A 215 -13.13 27.88 -58.24
CA ALA A 215 -13.79 28.35 -59.45
C ALA A 215 -12.79 28.87 -60.47
N PHE A 216 -11.86 29.74 -60.05
CA PHE A 216 -10.91 30.28 -61.03
C PHE A 216 -9.73 29.36 -61.25
N HIS A 217 -9.59 28.31 -60.43
CA HIS A 217 -8.61 27.28 -60.71
C HIS A 217 -9.11 26.36 -61.81
N SER A 218 -10.43 26.13 -61.85
CA SER A 218 -11.02 25.30 -62.90
C SER A 218 -10.89 25.93 -64.28
N THR A 219 -11.10 27.25 -64.37
CA THR A 219 -11.05 27.96 -65.64
C THR A 219 -9.67 28.50 -65.97
N GLY A 220 -8.86 28.77 -64.97
CA GLY A 220 -7.60 29.48 -65.13
C GLY A 220 -7.78 30.98 -64.98
N ASN A 221 -6.74 31.61 -64.46
CA ASN A 221 -6.79 33.03 -64.20
C ASN A 221 -6.93 33.83 -65.49
N ASN A 222 -7.71 34.91 -65.42
CA ASN A 222 -7.70 35.89 -66.49
C ASN A 222 -6.38 36.66 -66.41
N ASN A 223 -6.05 37.34 -67.49
CA ASN A 223 -4.85 38.17 -67.54
C ASN A 223 -5.12 39.50 -68.25
N PRO A 224 -4.20 40.47 -68.16
CA PRO A 224 -4.48 41.80 -68.74
C PRO A 224 -4.88 41.83 -70.21
N THR A 225 -4.52 40.82 -71.00
CA THR A 225 -4.85 40.83 -72.42
C THR A 225 -6.23 40.27 -72.72
N GLY A 226 -6.79 39.49 -71.81
CA GLY A 226 -8.05 38.84 -72.05
C GLY A 226 -7.94 37.66 -72.99
N VAL A 227 -6.74 37.32 -73.45
CA VAL A 227 -6.52 36.20 -74.36
C VAL A 227 -6.22 34.98 -73.49
N GLU A 228 -6.97 33.90 -73.69
CA GLU A 228 -6.86 32.75 -72.83
C GLU A 228 -5.58 31.97 -73.12
N VAL A 229 -5.13 31.25 -72.10
CA VAL A 229 -3.96 30.40 -72.24
C VAL A 229 -4.25 29.32 -73.28
N ARG A 230 -3.26 29.08 -74.14
CA ARG A 230 -3.37 28.01 -75.13
C ARG A 230 -3.32 26.64 -74.44
N ARG A 231 -4.27 25.77 -74.77
CA ARG A 231 -4.40 24.46 -74.13
C ARG A 231 -4.20 23.31 -75.09
N THR A 232 -3.88 23.59 -76.36
CA THR A 232 -3.73 22.55 -77.37
C THR A 232 -2.51 21.68 -77.13
N SER A 233 -1.52 22.16 -76.38
CA SER A 233 -0.35 21.35 -76.06
C SER A 233 0.39 21.96 -74.88
N LYS A 234 1.18 21.11 -74.20
CA LYS A 234 1.96 21.58 -73.06
C LYS A 234 3.02 22.58 -73.51
N ALA A 235 3.49 22.42 -74.74
CA ALA A 235 4.51 23.28 -75.31
C ALA A 235 4.07 24.74 -75.26
N GLU A 236 2.85 25.00 -75.76
CA GLU A 236 2.30 26.34 -75.88
C GLU A 236 1.59 26.83 -74.61
N ALA A 237 1.29 25.93 -73.67
CA ALA A 237 0.80 26.33 -72.36
C ALA A 237 1.90 27.00 -71.52
N GLN A 238 3.15 26.54 -71.72
CA GLN A 238 4.32 27.04 -71.00
C GLN A 238 4.79 28.40 -71.47
N LYS A 239 4.53 28.71 -72.74
CA LYS A 239 4.86 30.03 -73.27
C LYS A 239 3.94 31.13 -72.75
N ASP A 240 2.74 30.77 -72.29
CA ASP A 240 1.78 31.68 -71.71
C ASP A 240 1.86 31.80 -70.18
N THR A 241 2.56 30.90 -69.49
CA THR A 241 2.46 30.78 -68.04
C THR A 241 3.82 30.61 -67.38
N VAL A 242 3.82 30.78 -66.06
CA VAL A 242 4.87 30.32 -65.16
C VAL A 242 4.18 29.66 -63.98
N PRO A 243 4.82 28.72 -63.27
CA PRO A 243 4.14 28.09 -62.13
C PRO A 243 3.88 29.11 -61.04
N PHE A 244 2.72 28.96 -60.40
CA PHE A 244 2.29 29.89 -59.35
C PHE A 244 3.38 30.02 -58.28
N TRP A 245 3.87 28.85 -57.72
CA TRP A 245 5.05 28.81 -56.85
C TRP A 245 6.31 28.58 -57.69
N PRO A 246 7.40 29.34 -57.46
CA PRO A 246 7.68 30.46 -56.54
C PRO A 246 7.32 31.83 -57.08
N TYR A 247 7.16 31.93 -58.39
CA TYR A 247 7.12 33.21 -59.10
C TYR A 247 6.09 34.18 -58.53
N PHE A 248 4.87 33.72 -58.25
CA PHE A 248 3.81 34.59 -57.73
C PHE A 248 3.65 34.53 -56.22
N ILE A 249 4.15 33.49 -55.56
CA ILE A 249 4.22 33.51 -54.09
C ILE A 249 5.08 34.66 -53.62
N ILE A 250 6.29 34.77 -54.16
CA ILE A 250 7.20 35.80 -53.69
C ILE A 250 6.63 37.17 -54.02
N LYS A 251 6.01 37.30 -55.19
CA LYS A 251 5.38 38.56 -55.55
C LYS A 251 4.25 38.89 -54.58
N ASP A 252 3.50 37.88 -54.13
CA ASP A 252 2.41 38.14 -53.20
C ASP A 252 2.95 38.54 -51.82
N VAL A 253 3.91 37.77 -51.32
CA VAL A 253 4.50 38.09 -50.02
C VAL A 253 5.17 39.45 -50.06
N PHE A 254 5.83 39.78 -51.18
CA PHE A 254 6.42 41.11 -51.31
C PHE A 254 5.37 42.20 -51.28
N ALA A 255 4.37 42.08 -52.15
CA ALA A 255 3.30 43.07 -52.21
C ALA A 255 2.58 43.17 -50.88
N LEU A 256 2.35 42.03 -50.23
CA LEU A 256 1.68 42.01 -48.94
C LEU A 256 2.48 42.78 -47.89
N ALA A 257 3.79 42.60 -47.87
CA ALA A 257 4.64 43.33 -46.92
C ALA A 257 4.53 44.83 -47.13
N VAL A 258 4.33 45.28 -48.37
CA VAL A 258 4.23 46.71 -48.63
C VAL A 258 2.88 47.23 -48.16
N VAL A 259 1.83 46.44 -48.40
CA VAL A 259 0.50 46.81 -47.90
C VAL A 259 0.51 46.90 -46.39
N LEU A 260 1.16 45.94 -45.72
CA LEU A 260 1.15 45.95 -44.27
C LEU A 260 2.02 47.07 -43.71
N LEU A 261 3.06 47.46 -44.43
CA LEU A 261 3.85 48.62 -44.01
C LEU A 261 2.94 49.84 -43.88
N VAL A 262 2.15 50.11 -44.91
CA VAL A 262 1.22 51.24 -44.85
C VAL A 262 0.17 50.99 -43.76
N PHE A 263 -0.42 49.79 -43.76
CA PHE A 263 -1.50 49.46 -42.82
C PHE A 263 -1.04 49.63 -41.38
N PHE A 264 0.16 49.17 -41.06
CA PHE A 264 0.63 49.30 -39.69
C PHE A 264 1.01 50.73 -39.35
N ALA A 265 1.35 51.54 -40.34
CA ALA A 265 1.57 52.96 -40.08
C ALA A 265 0.26 53.65 -39.71
N ILE A 266 -0.82 53.32 -40.41
CA ILE A 266 -2.14 53.86 -40.06
C ILE A 266 -2.49 53.46 -38.63
N VAL A 267 -2.42 52.16 -38.33
CA VAL A 267 -2.82 51.66 -37.03
C VAL A 267 -1.95 52.24 -35.94
N GLY A 268 -0.66 52.43 -36.23
CA GLY A 268 0.24 52.90 -35.21
C GLY A 268 0.14 54.38 -34.95
N PHE A 269 -0.19 55.17 -35.98
CA PHE A 269 -0.05 56.62 -35.92
C PHE A 269 -1.31 57.40 -36.23
N MET A 270 -2.32 56.82 -36.86
CA MET A 270 -3.59 57.49 -37.07
C MET A 270 -4.71 56.46 -37.15
N PRO A 271 -4.90 55.72 -36.05
CA PRO A 271 -5.87 54.60 -36.05
C PRO A 271 -7.32 55.04 -36.10
N ASN A 272 -7.61 56.31 -35.81
CA ASN A 272 -8.98 56.82 -35.77
C ASN A 272 -9.35 57.67 -36.98
N TYR A 273 -8.43 57.86 -37.93
CA TYR A 273 -8.71 58.70 -39.10
C TYR A 273 -9.94 58.22 -39.86
N LEU A 274 -10.06 56.90 -40.04
CA LEU A 274 -11.14 56.33 -40.81
C LEU A 274 -12.39 56.05 -39.97
N GLY A 275 -12.42 56.54 -38.73
CA GLY A 275 -13.54 56.32 -37.85
C GLY A 275 -14.39 57.55 -37.68
N HIS A 276 -15.49 57.36 -36.95
CA HIS A 276 -16.41 58.40 -36.62
C HIS A 276 -16.27 58.73 -35.14
N PRO A 277 -15.90 59.95 -34.73
CA PRO A 277 -15.74 60.22 -33.29
C PRO A 277 -16.99 59.92 -32.49
N ASP A 278 -18.16 59.97 -33.10
CA ASP A 278 -19.39 59.77 -32.34
C ASP A 278 -19.57 58.35 -31.83
N ASN A 279 -18.78 57.37 -32.30
CA ASN A 279 -18.92 56.01 -31.76
C ASN A 279 -18.15 55.83 -30.46
N TYR A 280 -17.41 56.84 -30.02
CA TYR A 280 -16.86 56.90 -28.67
C TYR A 280 -17.85 57.53 -27.69
N ILE A 281 -19.10 57.71 -28.11
CA ILE A 281 -20.21 58.15 -27.26
C ILE A 281 -21.15 56.97 -27.08
N GLU A 282 -21.55 56.72 -25.84
CA GLU A 282 -22.43 55.60 -25.54
C GLU A 282 -23.76 55.75 -26.29
N ALA A 283 -24.29 54.62 -26.75
CA ALA A 283 -25.58 54.56 -27.43
C ALA A 283 -26.64 55.31 -26.64
N ASN A 284 -27.35 56.17 -27.33
CA ASN A 284 -28.47 56.95 -26.76
C ASN A 284 -29.74 56.72 -27.56
N PRO A 285 -30.68 55.89 -27.09
CA PRO A 285 -31.86 55.62 -27.91
C PRO A 285 -32.78 56.81 -28.07
N LEU A 286 -32.48 57.94 -27.41
CA LEU A 286 -33.31 59.13 -27.46
C LEU A 286 -32.72 60.26 -28.30
N SER A 287 -31.52 60.10 -28.85
CA SER A 287 -30.88 61.19 -29.57
C SER A 287 -29.96 60.63 -30.65
N THR A 288 -30.23 61.02 -31.90
CA THR A 288 -29.36 60.75 -33.03
C THR A 288 -28.42 61.93 -33.25
N PRO A 289 -27.10 61.72 -33.32
CA PRO A 289 -26.18 62.84 -33.60
C PRO A 289 -26.54 63.54 -34.90
N ALA A 290 -26.29 64.85 -34.92
CA ALA A 290 -26.59 65.65 -36.10
C ALA A 290 -25.69 65.25 -37.25
N HIS A 291 -24.44 64.89 -36.96
CA HIS A 291 -23.42 64.59 -37.96
C HIS A 291 -23.22 63.08 -38.09
N ILE A 292 -24.34 62.35 -37.96
CA ILE A 292 -24.34 60.91 -38.17
C ILE A 292 -23.93 60.62 -39.61
N VAL A 293 -22.96 59.73 -39.79
CA VAL A 293 -22.50 59.35 -41.13
C VAL A 293 -22.12 57.88 -41.15
N PRO A 294 -22.45 57.13 -42.22
CA PRO A 294 -22.05 55.72 -42.28
C PRO A 294 -20.54 55.54 -42.40
N GLU A 295 -20.13 54.29 -42.17
CA GLU A 295 -18.77 53.84 -42.41
C GLU A 295 -18.40 54.12 -43.85
N TRP A 296 -17.15 54.55 -44.09
CA TRP A 296 -16.78 55.07 -45.41
C TRP A 296 -17.04 54.05 -46.50
N TYR A 297 -16.85 52.76 -46.18
CA TYR A 297 -17.03 51.72 -47.19
C TYR A 297 -18.51 51.47 -47.49
N PHE A 298 -19.41 52.06 -46.72
CA PHE A 298 -20.84 52.02 -47.01
C PHE A 298 -21.35 53.29 -47.70
N LEU A 299 -20.54 54.35 -47.75
CA LEU A 299 -21.03 55.65 -48.23
C LEU A 299 -21.60 55.63 -49.64
N PRO A 300 -20.99 54.95 -50.63
CA PRO A 300 -21.56 55.03 -52.00
C PRO A 300 -22.99 54.53 -52.07
N PHE A 301 -23.30 53.43 -51.38
CA PHE A 301 -24.64 52.87 -51.42
C PHE A 301 -25.60 53.69 -50.58
N TYR A 302 -25.11 54.28 -49.50
CA TYR A 302 -25.90 55.23 -48.72
C TYR A 302 -26.27 56.46 -49.54
N ALA A 303 -25.33 56.99 -50.31
CA ALA A 303 -25.60 58.17 -51.13
C ALA A 303 -26.70 57.91 -52.15
N ILE A 304 -26.70 56.71 -52.75
CA ILE A 304 -27.72 56.35 -53.74
C ILE A 304 -29.10 56.31 -53.09
N LEU A 305 -29.20 55.67 -51.92
CA LEU A 305 -30.50 55.53 -51.27
C LEU A 305 -31.10 56.90 -50.94
N ARG A 306 -30.33 57.78 -50.31
CA ARG A 306 -30.93 59.02 -49.87
C ARG A 306 -31.06 60.02 -51.00
N ALA A 307 -30.47 59.73 -52.17
CA ALA A 307 -30.66 60.61 -53.31
C ALA A 307 -32.09 60.58 -53.82
N PHE A 308 -32.84 59.52 -53.53
CA PHE A 308 -34.17 59.32 -54.10
C PHE A 308 -35.22 59.76 -53.08
N THR A 309 -35.48 61.07 -53.09
CA THR A 309 -36.49 61.70 -52.26
C THR A 309 -37.83 61.78 -53.00
N ALA A 310 -38.84 62.32 -52.31
CA ALA A 310 -40.17 62.45 -52.91
C ALA A 310 -40.19 63.40 -54.11
N ASP A 311 -39.28 64.37 -54.15
CA ASP A 311 -39.25 65.36 -55.22
C ASP A 311 -38.63 64.83 -56.52
N VAL A 312 -37.99 63.66 -56.48
CA VAL A 312 -37.28 63.14 -57.64
C VAL A 312 -38.28 62.73 -58.71
N TRP A 313 -38.00 63.10 -59.96
CA TRP A 313 -38.98 62.91 -61.03
C TRP A 313 -39.26 61.44 -61.28
N VAL A 314 -38.22 60.63 -61.46
CA VAL A 314 -38.42 59.21 -61.75
C VAL A 314 -39.14 58.52 -60.59
N VAL A 315 -38.97 59.02 -59.36
CA VAL A 315 -39.66 58.48 -58.19
C VAL A 315 -41.15 58.79 -58.24
N GLN A 316 -41.51 60.00 -58.66
CA GLN A 316 -42.92 60.37 -58.71
C GLN A 316 -43.65 59.56 -59.77
N ILE A 317 -42.96 59.21 -60.86
CA ILE A 317 -43.55 58.33 -61.86
C ILE A 317 -43.75 56.95 -61.27
N ALA A 318 -42.72 56.43 -60.61
CA ALA A 318 -42.81 55.13 -59.96
C ALA A 318 -43.99 55.08 -58.98
N ASN A 319 -44.17 56.14 -58.19
CA ASN A 319 -45.25 56.13 -57.21
C ASN A 319 -46.60 56.10 -57.90
N PHE A 320 -46.74 56.85 -59.00
CA PHE A 320 -48.01 56.94 -59.72
C PHE A 320 -48.32 55.62 -60.41
N ILE A 321 -47.36 55.10 -61.19
CA ILE A 321 -47.56 53.86 -61.92
C ILE A 321 -47.79 52.69 -60.98
N SER A 322 -47.10 52.67 -59.85
CA SER A 322 -47.22 51.57 -58.89
C SER A 322 -48.36 51.79 -57.90
N PHE A 323 -49.24 52.75 -58.14
CA PHE A 323 -50.38 53.02 -57.27
C PHE A 323 -49.94 53.30 -55.84
N GLY A 324 -48.74 53.86 -55.65
CA GLY A 324 -48.27 54.26 -54.35
C GLY A 324 -47.39 53.26 -53.63
N ILE A 325 -47.28 52.02 -54.15
CA ILE A 325 -46.44 50.99 -53.52
C ILE A 325 -44.99 51.44 -53.45
N ILE A 326 -44.45 51.96 -54.55
CA ILE A 326 -43.05 52.39 -54.61
C ILE A 326 -43.01 53.89 -54.30
N ASP A 327 -42.80 54.22 -53.03
CA ASP A 327 -42.57 55.61 -52.67
C ASP A 327 -41.06 55.85 -52.64
N ALA A 328 -40.66 57.07 -52.29
CA ALA A 328 -39.25 57.41 -52.27
C ALA A 328 -38.47 56.52 -51.31
N LYS A 329 -39.10 56.15 -50.19
CA LYS A 329 -38.43 55.32 -49.18
C LYS A 329 -38.04 53.97 -49.77
N PHE A 330 -39.01 53.25 -50.34
CA PHE A 330 -38.77 51.92 -50.88
C PHE A 330 -38.00 52.00 -52.19
N PHE A 331 -38.19 53.07 -52.95
CA PHE A 331 -37.46 53.26 -54.20
C PHE A 331 -35.98 53.34 -53.90
N GLY A 332 -35.61 54.09 -52.87
CA GLY A 332 -34.22 54.24 -52.52
C GLY A 332 -33.62 52.92 -52.10
N VAL A 333 -34.40 52.07 -51.43
CA VAL A 333 -33.91 50.75 -51.04
C VAL A 333 -33.72 49.88 -52.27
N LEU A 334 -34.68 49.93 -53.19
CA LEU A 334 -34.53 49.19 -54.45
C LEU A 334 -33.33 49.72 -55.21
N ALA A 335 -33.15 51.03 -55.22
CA ALA A 335 -32.00 51.61 -55.92
C ALA A 335 -30.71 51.14 -55.29
N MET A 336 -30.67 51.05 -53.97
CA MET A 336 -29.43 50.66 -53.29
C MET A 336 -29.08 49.20 -53.54
N PHE A 337 -30.01 48.28 -53.28
CA PHE A 337 -29.74 46.87 -53.59
C PHE A 337 -29.69 46.63 -55.09
N GLY A 338 -30.40 47.44 -55.87
CA GLY A 338 -30.35 47.30 -57.31
C GLY A 338 -28.99 47.68 -57.84
N ALA A 339 -28.31 48.64 -57.19
CA ALA A 339 -26.99 49.04 -57.64
C ALA A 339 -26.01 47.89 -57.51
N ILE A 340 -26.16 47.08 -56.46
CA ILE A 340 -25.28 45.93 -56.29
C ILE A 340 -25.69 44.81 -57.26
N LEU A 341 -26.99 44.63 -57.48
CA LEU A 341 -27.47 43.54 -58.33
C LEU A 341 -27.06 43.73 -59.79
N VAL A 342 -27.16 44.95 -60.33
CA VAL A 342 -26.80 45.12 -61.73
C VAL A 342 -25.31 44.83 -61.91
N MET A 343 -24.52 45.07 -60.86
CA MET A 343 -23.11 44.74 -60.91
C MET A 343 -22.93 43.24 -60.83
N ALA A 344 -23.85 42.54 -60.16
CA ALA A 344 -23.82 41.08 -60.14
C ALA A 344 -24.18 40.49 -61.50
N LEU A 345 -24.98 41.21 -62.27
CA LEU A 345 -25.49 40.77 -63.56
C LEU A 345 -24.60 41.19 -64.71
N VAL A 346 -23.44 41.79 -64.43
CA VAL A 346 -22.59 42.35 -65.48
C VAL A 346 -22.11 41.30 -66.49
N PRO A 347 -21.99 40.00 -66.19
CA PRO A 347 -21.63 39.07 -67.28
C PRO A 347 -22.67 39.01 -68.39
N TRP A 348 -23.95 39.25 -68.07
CA TRP A 348 -25.03 39.14 -69.04
C TRP A 348 -25.46 40.49 -69.59
N LEU A 349 -24.91 41.59 -69.08
CA LEU A 349 -25.22 42.91 -69.60
C LEU A 349 -24.14 43.43 -70.54
N ASP A 350 -22.89 43.01 -70.30
CA ASP A 350 -21.78 43.35 -71.19
C ASP A 350 -21.85 42.41 -72.37
N THR A 351 -22.32 42.92 -73.50
CA THR A 351 -22.58 42.10 -74.67
C THR A 351 -21.38 42.04 -75.61
N SER A 352 -20.25 42.70 -75.26
CA SER A 352 -19.06 42.68 -76.10
C SER A 352 -18.33 41.34 -76.00
N PRO A 353 -17.84 40.79 -77.12
CA PRO A 353 -17.06 39.55 -77.03
C PRO A 353 -15.60 39.78 -76.68
N VAL A 354 -15.13 41.03 -76.68
CA VAL A 354 -13.76 41.32 -76.31
C VAL A 354 -13.71 41.31 -74.79
N ARG A 355 -12.87 40.47 -74.23
CA ARG A 355 -12.87 40.35 -72.78
C ARG A 355 -12.23 41.58 -72.11
N SER A 356 -10.96 41.84 -72.40
CA SER A 356 -10.24 42.92 -71.70
C SER A 356 -10.61 44.28 -72.26
N GLY A 357 -10.93 45.21 -71.36
CA GLY A 357 -11.23 46.59 -71.73
C GLY A 357 -10.02 47.35 -72.24
N ARG A 358 -8.82 46.80 -72.12
CA ARG A 358 -7.62 47.44 -72.62
C ARG A 358 -7.70 47.69 -74.11
N TYR A 359 -8.45 46.86 -74.84
CA TYR A 359 -8.56 46.92 -76.29
C TYR A 359 -9.95 47.39 -76.73
N ARG A 360 -10.63 48.15 -75.86
CA ARG A 360 -11.97 48.69 -76.11
C ARG A 360 -11.92 50.20 -75.93
N PRO A 361 -11.68 50.98 -76.99
CA PRO A 361 -11.50 52.45 -76.83
C PRO A 361 -12.64 53.18 -76.15
N MET A 362 -13.89 52.95 -76.56
CA MET A 362 -15.01 53.66 -75.94
C MET A 362 -15.25 53.18 -74.51
N PHE A 363 -15.11 51.87 -74.27
CA PHE A 363 -15.32 51.32 -72.94
C PHE A 363 -14.45 51.98 -71.88
N LYS A 364 -13.17 52.24 -72.21
CA LYS A 364 -12.27 52.86 -71.23
C LYS A 364 -12.84 54.16 -70.67
N ILE A 365 -13.44 54.98 -71.53
CA ILE A 365 -14.01 56.26 -71.10
C ILE A 365 -15.09 56.03 -70.06
N TYR A 366 -16.07 55.18 -70.37
CA TYR A 366 -17.19 55.01 -69.45
C TYR A 366 -16.77 54.27 -68.18
N PHE A 367 -15.73 53.42 -68.28
CA PHE A 367 -15.24 52.73 -67.09
C PHE A 367 -14.60 53.72 -66.13
N TRP A 368 -13.73 54.58 -66.64
CA TRP A 368 -13.07 55.53 -65.76
C TRP A 368 -14.05 56.53 -65.20
N LEU A 369 -15.16 56.77 -65.93
CA LEU A 369 -16.23 57.57 -65.35
C LEU A 369 -16.87 56.81 -64.19
N LEU A 370 -17.00 55.49 -64.31
CA LEU A 370 -17.58 54.70 -63.24
C LEU A 370 -16.66 54.72 -62.03
N ALA A 371 -15.36 54.59 -62.26
CA ALA A 371 -14.42 54.68 -61.15
C ALA A 371 -14.50 56.05 -60.51
N ALA A 372 -14.52 57.10 -61.34
CA ALA A 372 -14.69 58.46 -60.82
C ALA A 372 -16.04 58.60 -60.13
N ASP A 373 -17.09 58.02 -60.73
CA ASP A 373 -18.43 58.10 -60.15
C ASP A 373 -18.48 57.44 -58.79
N PHE A 374 -17.78 56.32 -58.64
CA PHE A 374 -17.80 55.60 -57.37
C PHE A 374 -17.14 56.47 -56.29
N VAL A 375 -16.05 57.15 -56.66
CA VAL A 375 -15.40 58.09 -55.74
C VAL A 375 -16.32 59.26 -55.42
N ILE A 376 -17.04 59.78 -56.43
CA ILE A 376 -17.96 60.89 -56.20
C ILE A 376 -19.03 60.47 -55.20
N LEU A 377 -19.64 59.32 -55.44
CA LEU A 377 -20.65 58.81 -54.52
C LEU A 377 -20.12 58.68 -53.10
N THR A 378 -18.87 58.22 -52.94
CA THR A 378 -18.27 58.14 -51.61
C THR A 378 -18.14 59.51 -50.98
N TRP A 379 -17.71 60.49 -51.76
CA TRP A 379 -17.48 61.83 -51.25
C TRP A 379 -18.80 62.50 -50.88
N VAL A 380 -19.80 62.39 -51.76
CA VAL A 380 -21.10 63.03 -51.53
C VAL A 380 -21.80 62.35 -50.35
N GLY A 381 -21.51 61.09 -50.11
CA GLY A 381 -22.09 60.42 -48.96
C GLY A 381 -21.82 61.13 -47.66
N ALA A 382 -20.68 61.81 -47.56
CA ALA A 382 -20.29 62.52 -46.34
C ALA A 382 -20.76 63.97 -46.29
N GLN A 383 -21.40 64.49 -47.35
CA GLN A 383 -21.87 65.87 -47.36
C GLN A 383 -23.31 65.97 -46.92
N GLN A 384 -23.76 67.21 -46.75
CA GLN A 384 -25.15 67.47 -46.42
C GLN A 384 -26.06 67.20 -47.61
N THR A 385 -27.35 67.14 -47.35
CA THR A 385 -28.34 66.87 -48.38
C THR A 385 -28.86 68.14 -49.04
N THR A 386 -28.23 69.28 -48.78
CA THR A 386 -28.60 70.55 -49.37
C THR A 386 -28.04 70.67 -50.79
N PHE A 387 -28.50 71.68 -51.51
CA PHE A 387 -27.96 71.99 -52.82
C PHE A 387 -26.47 72.33 -52.67
N PRO A 388 -25.59 71.89 -53.60
CA PRO A 388 -25.77 71.10 -54.83
C PRO A 388 -25.60 69.59 -54.64
N TYR A 389 -25.23 69.16 -53.42
CA TYR A 389 -24.93 67.76 -53.17
C TYR A 389 -26.10 66.86 -53.52
N ASP A 390 -27.32 67.36 -53.36
CA ASP A 390 -28.52 66.59 -53.71
C ASP A 390 -28.54 66.27 -55.20
N TRP A 391 -28.10 67.20 -56.03
CA TRP A 391 -28.04 66.91 -57.46
C TRP A 391 -26.85 66.01 -57.79
N ILE A 392 -25.69 66.29 -57.19
CA ILE A 392 -24.50 65.46 -57.43
C ILE A 392 -24.80 63.99 -57.14
N SER A 393 -25.58 63.71 -56.10
CA SER A 393 -25.88 62.31 -55.79
C SER A 393 -26.90 61.75 -56.76
N LEU A 394 -27.78 62.59 -57.30
CA LEU A 394 -28.72 62.13 -58.32
C LEU A 394 -28.01 61.87 -59.64
N ILE A 395 -27.11 62.77 -60.05
CA ILE A 395 -26.39 62.57 -61.31
C ILE A 395 -25.50 61.33 -61.18
N ALA A 396 -24.84 61.17 -60.05
CA ALA A 396 -23.96 60.04 -59.83
C ALA A 396 -24.74 58.73 -59.80
N SER A 397 -25.88 58.71 -59.10
CA SER A 397 -26.71 57.52 -59.06
C SER A 397 -27.20 57.16 -60.46
N ALA A 398 -27.61 58.17 -61.22
CA ALA A 398 -28.13 57.93 -62.56
C ALA A 398 -27.08 57.27 -63.44
N TYR A 399 -25.83 57.73 -63.34
CA TYR A 399 -24.78 57.17 -64.20
C TYR A 399 -24.48 55.72 -63.81
N TRP A 400 -24.53 55.41 -62.52
CA TRP A 400 -24.24 54.05 -62.08
C TRP A 400 -25.16 53.04 -62.77
N PHE A 401 -26.46 53.31 -62.78
CA PHE A 401 -27.38 52.38 -63.44
C PHE A 401 -27.29 52.46 -64.94
N ALA A 402 -27.00 53.65 -65.48
CA ALA A 402 -26.89 53.80 -66.92
C ALA A 402 -25.72 52.99 -67.44
N TYR A 403 -24.62 52.97 -66.69
CA TYR A 403 -23.43 52.23 -67.11
C TYR A 403 -23.73 50.76 -67.33
N PHE A 404 -24.37 50.12 -66.35
CA PHE A 404 -24.60 48.68 -66.44
C PHE A 404 -25.78 48.35 -67.34
N LEU A 405 -26.83 49.15 -67.30
CA LEU A 405 -28.07 48.80 -67.96
C LEU A 405 -28.20 49.34 -69.38
N VAL A 406 -27.42 50.37 -69.74
CA VAL A 406 -27.54 51.03 -71.04
C VAL A 406 -26.21 51.01 -71.79
N ILE A 407 -25.15 51.58 -71.21
CA ILE A 407 -23.90 51.70 -71.94
C ILE A 407 -23.36 50.33 -72.31
N LEU A 408 -23.22 49.44 -71.32
CA LEU A 408 -22.58 48.15 -71.58
C LEU A 408 -23.35 47.31 -72.60
N PRO A 409 -24.68 47.18 -72.53
CA PRO A 409 -25.39 46.45 -73.61
C PRO A 409 -25.20 47.08 -74.98
N ILE A 410 -25.27 48.40 -75.05
CA ILE A 410 -25.15 49.11 -76.32
C ILE A 410 -23.73 49.04 -76.87
N LEU A 411 -22.73 49.18 -75.99
CA LEU A 411 -21.33 49.20 -76.45
C LEU A 411 -20.95 47.92 -77.18
N GLY A 412 -21.45 46.77 -76.73
CA GLY A 412 -21.04 45.52 -77.34
C GLY A 412 -21.58 45.29 -78.74
N ALA A 413 -22.46 46.17 -79.23
CA ALA A 413 -23.06 46.04 -80.56
C ALA A 413 -22.78 47.27 -81.42
N ILE A 414 -21.78 48.09 -81.06
CA ILE A 414 -21.53 49.33 -81.80
C ILE A 414 -20.02 49.56 -81.89
N GLU A 415 -19.32 49.28 -80.79
CA GLU A 415 -17.90 49.57 -80.64
C GLU A 415 -17.06 48.85 -81.68
N LYS A 416 -15.95 49.51 -82.08
CA LYS A 416 -14.94 48.91 -82.94
C LYS A 416 -13.67 48.66 -82.13
N PRO A 417 -13.49 47.44 -81.59
CA PRO A 417 -12.36 47.16 -80.71
C PRO A 417 -11.04 47.01 -81.46
N VAL A 418 -9.95 47.19 -80.72
CA VAL A 418 -8.61 46.98 -81.25
C VAL A 418 -8.30 45.49 -81.17
N ALA A 419 -7.45 45.01 -82.06
CA ALA A 419 -7.07 43.61 -82.06
C ALA A 419 -6.24 43.31 -80.81
N PRO A 420 -6.58 42.30 -80.02
CA PRO A 420 -5.70 41.93 -78.92
C PRO A 420 -4.51 41.16 -79.44
N PRO A 421 -3.52 40.88 -78.60
CA PRO A 421 -2.41 40.05 -79.05
C PRO A 421 -2.90 38.66 -79.44
N ALA A 422 -2.08 37.97 -80.23
CA ALA A 422 -2.42 36.61 -80.63
C ALA A 422 -2.37 35.68 -79.42
N THR A 423 -1.41 35.89 -78.53
CA THR A 423 -1.20 35.03 -77.37
C THR A 423 -0.73 35.88 -76.19
N ILE A 424 -0.74 35.25 -75.01
CA ILE A 424 -0.21 35.87 -73.79
C ILE A 424 1.29 36.08 -73.93
N GLU A 425 1.98 35.14 -74.57
CA GLU A 425 3.42 35.25 -74.76
C GLU A 425 3.78 36.53 -75.50
N GLU A 426 3.02 36.87 -76.54
CA GLU A 426 3.28 38.09 -77.29
C GLU A 426 3.25 39.33 -76.40
N ASP A 427 2.22 39.45 -75.55
CA ASP A 427 2.08 40.63 -74.68
C ASP A 427 3.21 40.71 -73.66
N PHE A 428 3.64 39.58 -73.11
CA PHE A 428 4.68 39.59 -72.09
C PHE A 428 5.99 40.11 -72.68
N ASN A 429 6.37 39.57 -73.84
CA ASN A 429 7.60 39.98 -74.51
C ASN A 429 7.58 41.46 -74.88
N ALA A 430 6.41 42.01 -75.20
CA ALA A 430 6.31 43.44 -75.52
C ALA A 430 6.52 44.30 -74.28
N ALA B 1 -26.44 71.94 -37.32
CA ALA B 1 -25.07 72.20 -36.81
C ALA B 1 -24.03 72.01 -37.92
N GLY B 2 -22.76 72.10 -37.55
CA GLY B 2 -21.69 71.97 -38.51
C GLY B 2 -20.36 71.94 -37.80
N GLY B 3 -19.29 72.04 -38.60
CA GLY B 3 -17.96 72.16 -38.07
C GLY B 3 -17.50 73.62 -38.02
N GLY B 4 -16.38 73.84 -37.34
CA GLY B 4 -15.89 75.19 -37.15
C GLY B 4 -14.40 75.28 -36.94
N HIS B 5 -13.91 76.48 -36.62
CA HIS B 5 -12.49 76.73 -36.49
C HIS B 5 -12.04 76.46 -35.06
N VAL B 6 -10.91 75.77 -34.94
CA VAL B 6 -10.26 75.50 -33.65
C VAL B 6 -8.85 76.10 -33.65
N GLU B 7 -8.40 76.51 -32.47
CA GLU B 7 -7.04 77.02 -32.29
C GLU B 7 -6.03 75.86 -32.28
N ASP B 8 -5.06 75.93 -33.20
CA ASP B 8 -4.07 74.86 -33.39
C ASP B 8 -3.02 74.91 -32.29
N VAL B 9 -3.24 74.14 -31.23
CA VAL B 9 -2.29 74.07 -30.12
C VAL B 9 -1.16 73.13 -30.51
N PRO B 10 0.11 73.42 -30.18
CA PRO B 10 1.16 72.43 -30.44
C PRO B 10 1.35 71.52 -29.24
N PHE B 11 0.57 70.46 -29.16
CA PHE B 11 0.69 69.53 -28.04
C PHE B 11 1.89 68.64 -28.24
N SER B 12 2.54 68.31 -27.13
CA SER B 12 3.75 67.49 -27.17
C SER B 12 3.47 66.11 -27.77
N PHE B 13 2.27 65.59 -27.56
CA PHE B 13 1.95 64.22 -27.96
C PHE B 13 1.65 64.06 -29.45
N GLU B 14 1.65 65.14 -30.22
CA GLU B 14 1.33 65.03 -31.65
C GLU B 14 2.59 64.73 -32.44
N GLY B 15 2.40 64.11 -33.61
CA GLY B 15 3.52 63.66 -34.41
C GLY B 15 3.92 62.24 -34.06
N PRO B 16 4.59 61.54 -34.98
CA PRO B 16 4.95 60.14 -34.70
C PRO B 16 5.85 59.98 -33.50
N PHE B 17 6.70 60.97 -33.22
CA PHE B 17 7.60 60.93 -32.07
C PHE B 17 7.04 61.71 -30.89
N GLY B 18 5.77 62.12 -30.96
CA GLY B 18 5.18 62.88 -29.87
C GLY B 18 4.97 62.03 -28.64
N THR B 19 5.16 62.65 -27.48
CA THR B 19 4.97 61.98 -26.21
C THR B 19 4.33 62.93 -25.20
N PHE B 20 3.66 62.35 -24.22
CA PHE B 20 3.06 63.13 -23.15
C PHE B 20 4.14 63.78 -22.30
N ASP B 21 3.87 65.01 -21.84
CA ASP B 21 4.68 65.69 -20.84
C ASP B 21 4.16 65.34 -19.46
N GLN B 22 4.99 64.63 -18.69
CA GLN B 22 4.56 64.09 -17.40
C GLN B 22 4.06 65.18 -16.46
N HIS B 23 4.79 66.30 -16.39
CA HIS B 23 4.38 67.38 -15.49
C HIS B 23 3.09 68.04 -15.97
N GLN B 24 2.92 68.17 -17.28
CA GLN B 24 1.68 68.75 -17.82
C GLN B 24 0.45 67.90 -17.49
N LEU B 25 0.57 66.58 -17.62
CA LEU B 25 -0.58 65.72 -17.31
C LEU B 25 -0.98 65.84 -15.84
N GLN B 26 0.01 65.99 -14.96
CA GLN B 26 -0.29 66.15 -13.54
C GLN B 26 -0.99 67.47 -13.26
N ARG B 27 -0.54 68.55 -13.90
CA ARG B 27 -1.22 69.83 -13.74
C ARG B 27 -2.65 69.72 -14.23
N GLY B 28 -2.85 69.05 -15.37
CA GLY B 28 -4.18 68.87 -15.90
C GLY B 28 -5.06 68.05 -14.99
N LEU B 29 -4.47 67.08 -14.29
CA LEU B 29 -5.23 66.29 -13.34
C LEU B 29 -5.72 67.16 -12.19
N GLN B 30 -4.89 68.09 -11.74
CA GLN B 30 -5.30 68.99 -10.68
C GLN B 30 -6.45 69.87 -11.14
N VAL B 31 -6.37 70.35 -12.39
CA VAL B 31 -7.45 71.16 -12.94
C VAL B 31 -8.72 70.34 -13.01
N TYR B 32 -8.62 69.10 -13.51
CA TYR B 32 -9.81 68.27 -13.58
C TYR B 32 -10.42 68.08 -12.19
N THR B 33 -9.57 67.81 -11.19
CA THR B 33 -10.07 67.50 -9.85
C THR B 33 -10.71 68.72 -9.21
N GLU B 34 -10.09 69.87 -9.37
CA GLU B 34 -10.51 71.09 -8.68
C GLU B 34 -11.60 71.85 -9.40
N VAL B 35 -11.78 71.64 -10.70
CA VAL B 35 -12.74 72.41 -11.48
C VAL B 35 -13.76 71.52 -12.18
N CYS B 36 -13.30 70.70 -13.12
CA CYS B 36 -14.21 69.96 -13.98
C CYS B 36 -15.00 68.92 -13.20
N ALA B 37 -14.35 68.27 -12.22
CA ALA B 37 -14.95 67.13 -11.53
C ALA B 37 -16.23 67.51 -10.80
N ALA B 38 -16.42 68.81 -10.53
CA ALA B 38 -17.63 69.28 -9.88
C ALA B 38 -18.87 68.92 -10.70
N CYS B 39 -18.72 68.81 -12.01
CA CYS B 39 -19.81 68.52 -12.92
C CYS B 39 -19.53 67.26 -13.76
N HIS B 40 -18.31 67.10 -14.24
CA HIS B 40 -17.94 66.01 -15.15
C HIS B 40 -17.33 64.80 -14.45
N GLY B 41 -17.67 63.61 -14.92
CA GLY B 41 -17.10 62.39 -14.43
C GLY B 41 -16.19 61.79 -15.50
N MET B 42 -15.51 60.70 -15.12
CA MET B 42 -14.70 59.91 -16.04
C MET B 42 -14.93 58.43 -15.74
N LYS B 43 -16.15 57.97 -16.02
CA LYS B 43 -16.60 56.69 -15.49
C LYS B 43 -15.84 55.48 -16.04
N PHE B 44 -15.04 55.65 -17.09
CA PHE B 44 -14.27 54.57 -17.69
C PHE B 44 -12.80 54.54 -17.28
N VAL B 45 -12.32 55.53 -16.52
CA VAL B 45 -10.91 55.60 -16.13
C VAL B 45 -10.72 54.95 -14.76
N PRO B 46 -9.95 53.87 -14.64
CA PRO B 46 -9.62 53.37 -13.30
C PRO B 46 -8.68 54.35 -12.63
N ILE B 47 -8.94 54.65 -11.36
CA ILE B 47 -8.11 55.64 -10.66
C ILE B 47 -6.67 55.14 -10.59
N ARG B 48 -6.48 53.83 -10.49
CA ARG B 48 -5.15 53.24 -10.42
C ARG B 48 -4.30 53.58 -11.63
N SER B 49 -4.92 53.95 -12.75
CA SER B 49 -4.15 54.24 -13.95
C SER B 49 -3.35 55.53 -13.82
N LEU B 50 -3.59 56.32 -12.77
CA LEU B 50 -2.76 57.49 -12.52
C LEU B 50 -1.33 57.11 -12.15
N SER B 51 -1.10 55.84 -11.77
CA SER B 51 0.23 55.30 -11.47
C SER B 51 0.90 54.64 -12.66
N GLU B 52 0.10 54.14 -13.61
CA GLU B 52 0.60 53.34 -14.72
C GLU B 52 1.65 54.13 -15.53
N PRO B 53 2.64 53.45 -16.10
CA PRO B 53 3.61 54.16 -16.93
C PRO B 53 2.96 54.69 -18.20
N GLY B 54 3.44 55.84 -18.65
CA GLY B 54 2.90 56.48 -19.84
C GLY B 54 1.80 57.47 -19.57
N GLY B 55 1.67 57.92 -18.32
CA GLY B 55 0.66 58.86 -17.90
C GLY B 55 1.25 59.83 -16.88
N PRO B 56 0.42 60.34 -15.96
CA PRO B 56 0.97 61.21 -14.91
C PRO B 56 2.01 60.52 -14.05
N GLU B 57 1.91 59.20 -13.90
CA GLU B 57 2.83 58.39 -13.12
C GLU B 57 3.04 58.97 -11.73
N LEU B 58 1.95 59.07 -10.98
CA LEU B 58 2.04 59.48 -9.60
C LEU B 58 2.43 58.26 -8.75
N PRO B 59 3.20 58.44 -7.67
CA PRO B 59 3.46 57.31 -6.77
C PRO B 59 2.18 56.67 -6.27
N GLU B 60 2.23 55.35 -6.07
CA GLU B 60 1.02 54.62 -5.74
C GLU B 60 0.44 55.06 -4.41
N ASP B 61 1.27 55.61 -3.52
CA ASP B 61 0.75 56.12 -2.25
C ASP B 61 -0.04 57.41 -2.47
N GLN B 62 0.43 58.29 -3.35
CA GLN B 62 -0.32 59.50 -3.66
C GLN B 62 -1.66 59.15 -4.27
N VAL B 63 -1.67 58.18 -5.19
CA VAL B 63 -2.91 57.77 -5.84
C VAL B 63 -3.86 57.16 -4.83
N ARG B 64 -3.30 56.41 -3.88
CA ARG B 64 -4.13 55.82 -2.84
C ARG B 64 -4.75 56.91 -1.99
N ALA B 65 -3.96 57.94 -1.69
CA ALA B 65 -4.47 59.09 -0.95
C ALA B 65 -5.49 59.85 -1.78
N TYR B 66 -5.23 59.96 -3.08
CA TYR B 66 -6.12 60.69 -3.97
C TYR B 66 -7.49 60.00 -4.02
N ALA B 67 -7.49 58.67 -4.11
CA ALA B 67 -8.73 57.91 -4.19
C ALA B 67 -9.63 58.09 -2.96
N THR B 68 -9.07 58.44 -1.81
CA THR B 68 -9.90 58.52 -0.60
C THR B 68 -11.00 59.57 -0.73
N GLN B 69 -10.73 60.68 -1.43
CA GLN B 69 -11.67 61.79 -1.46
C GLN B 69 -13.01 61.39 -2.08
N PHE B 70 -13.05 60.35 -2.91
CA PHE B 70 -14.28 59.92 -3.55
C PHE B 70 -15.06 59.02 -2.61
N THR B 71 -16.38 59.18 -2.56
CA THR B 71 -17.27 58.28 -1.84
C THR B 71 -17.90 57.30 -2.82
N VAL B 72 -17.49 56.03 -2.71
CA VAL B 72 -17.91 54.96 -3.60
C VAL B 72 -18.85 54.00 -2.87
N THR B 73 -19.87 53.52 -3.57
CA THR B 73 -20.75 52.48 -3.05
C THR B 73 -20.12 51.12 -3.37
N ASP B 74 -19.72 50.39 -2.35
CA ASP B 74 -19.13 49.07 -2.53
C ASP B 74 -20.16 48.14 -3.16
N GLU B 75 -19.70 47.29 -4.08
CA GLU B 75 -20.64 46.47 -4.83
C GLU B 75 -21.32 45.43 -3.93
N GLU B 76 -20.54 44.65 -3.17
CA GLU B 76 -21.14 43.68 -2.26
C GLU B 76 -21.88 44.36 -1.11
N THR B 77 -21.20 45.24 -0.38
CA THR B 77 -21.78 45.85 0.82
C THR B 77 -22.99 46.72 0.50
N GLY B 78 -22.88 47.53 -0.56
CA GLY B 78 -23.91 48.48 -0.90
C GLY B 78 -23.86 49.76 -0.09
N GLU B 79 -23.02 49.81 0.95
CA GLU B 79 -22.83 50.97 1.80
C GLU B 79 -21.61 51.75 1.31
N ASP B 80 -21.59 53.04 1.64
CA ASP B 80 -20.53 53.93 1.17
C ASP B 80 -19.21 53.67 1.89
N ARG B 81 -18.11 53.99 1.18
CA ARG B 81 -16.76 53.85 1.70
C ARG B 81 -15.86 54.81 0.94
N GLU B 82 -14.64 54.97 1.42
CA GLU B 82 -13.67 55.78 0.68
C GLU B 82 -13.24 55.06 -0.58
N GLY B 83 -12.81 55.84 -1.57
CA GLY B 83 -12.42 55.27 -2.85
C GLY B 83 -11.07 54.59 -2.77
N LYS B 84 -10.91 53.58 -3.60
CA LYS B 84 -9.65 52.89 -3.78
C LYS B 84 -9.09 53.19 -5.16
N PRO B 85 -7.81 52.89 -5.41
CA PRO B 85 -7.30 53.03 -6.79
C PRO B 85 -7.98 52.09 -7.76
N THR B 86 -8.53 50.98 -7.27
CA THR B 86 -9.20 50.01 -8.15
C THR B 86 -10.58 50.49 -8.59
N ASP B 87 -11.09 51.56 -7.97
CA ASP B 87 -12.34 52.15 -8.40
C ASP B 87 -12.12 53.06 -9.60
N HIS B 88 -13.18 53.25 -10.37
CA HIS B 88 -13.18 54.24 -11.42
C HIS B 88 -13.49 55.62 -10.85
N PHE B 89 -13.14 56.65 -11.62
CA PHE B 89 -13.62 57.98 -11.33
C PHE B 89 -15.15 57.99 -11.31
N PRO B 90 -15.76 58.90 -10.55
CA PRO B 90 -17.23 58.90 -10.47
C PRO B 90 -17.87 59.30 -11.78
N HIS B 91 -19.15 58.99 -11.88
CA HIS B 91 -20.01 59.45 -12.96
C HIS B 91 -20.14 60.96 -12.88
N SER B 92 -20.62 61.58 -13.96
CA SER B 92 -20.88 63.02 -13.94
C SER B 92 -21.89 63.35 -12.85
N ALA B 93 -21.53 64.27 -11.97
CA ALA B 93 -22.47 64.74 -10.95
C ALA B 93 -23.66 65.48 -11.56
N LEU B 94 -23.40 66.25 -12.61
CA LEU B 94 -24.44 67.00 -13.30
C LEU B 94 -24.96 66.18 -14.47
N GLU B 95 -26.27 65.95 -14.48
CA GLU B 95 -26.88 64.94 -15.33
C GLU B 95 -26.61 65.20 -16.81
N ASN B 96 -26.60 66.47 -17.22
CA ASN B 96 -26.36 66.85 -18.60
C ASN B 96 -24.91 67.23 -18.88
N ALA B 97 -24.01 67.01 -17.92
CA ALA B 97 -22.58 67.20 -18.16
C ALA B 97 -22.01 65.91 -18.75
N PRO B 98 -21.55 65.89 -20.01
CA PRO B 98 -21.11 64.62 -20.59
C PRO B 98 -19.89 64.05 -19.89
N ASP B 99 -19.77 62.73 -19.94
CA ASP B 99 -18.61 62.06 -19.41
C ASP B 99 -17.39 62.42 -20.24
N LEU B 100 -16.27 62.69 -19.56
CA LEU B 100 -15.06 63.16 -20.22
C LEU B 100 -14.01 62.08 -20.43
N SER B 101 -14.32 60.81 -20.12
CA SER B 101 -13.34 59.73 -20.28
C SER B 101 -12.77 59.69 -21.69
N LEU B 102 -13.64 59.83 -22.69
CA LEU B 102 -13.27 59.67 -24.10
C LEU B 102 -13.53 60.93 -24.92
N MET B 103 -13.69 62.08 -24.25
CA MET B 103 -14.04 63.32 -24.94
C MET B 103 -12.99 63.69 -25.95
N ALA B 104 -11.70 63.51 -25.63
CA ALA B 104 -10.65 63.93 -26.53
C ALA B 104 -10.62 63.10 -27.80
N LYS B 105 -11.37 62.00 -27.85
CA LYS B 105 -11.53 61.20 -29.05
C LYS B 105 -12.94 61.28 -29.62
N ALA B 106 -13.92 61.71 -28.83
CA ALA B 106 -15.30 61.79 -29.29
C ALA B 106 -15.64 63.12 -29.94
N ARG B 107 -14.65 64.00 -30.14
CA ARG B 107 -14.84 65.29 -30.80
C ARG B 107 -13.74 65.47 -31.84
N ALA B 108 -14.13 65.98 -33.00
CA ALA B 108 -13.20 66.37 -34.05
C ALA B 108 -13.16 67.89 -34.19
N GLY B 109 -11.96 68.44 -34.17
CA GLY B 109 -11.79 69.88 -34.30
C GLY B 109 -11.47 70.31 -35.71
N PHE B 110 -10.93 69.41 -36.53
CA PHE B 110 -10.56 69.71 -37.90
C PHE B 110 -11.50 69.01 -38.87
N HIS B 111 -12.03 69.76 -39.83
CA HIS B 111 -12.97 69.26 -40.82
C HIS B 111 -12.55 69.77 -42.19
N GLY B 112 -13.19 69.22 -43.22
CA GLY B 112 -13.00 69.70 -44.57
C GLY B 112 -11.62 69.42 -45.08
N PRO B 113 -11.21 70.12 -46.15
CA PRO B 113 -11.92 71.11 -46.96
C PRO B 113 -12.92 70.45 -47.91
N MET B 114 -14.13 71.00 -48.00
CA MET B 114 -15.20 70.45 -48.83
C MET B 114 -15.47 68.98 -48.52
N GLY B 115 -15.33 68.61 -47.25
CA GLY B 115 -15.55 67.23 -46.84
C GLY B 115 -14.65 66.20 -47.49
N THR B 116 -13.40 66.55 -47.76
CA THR B 116 -12.43 65.62 -48.34
C THR B 116 -11.53 64.97 -47.30
N GLY B 117 -11.69 65.31 -46.02
CA GLY B 117 -10.91 64.72 -44.95
C GLY B 117 -9.42 65.00 -45.01
N ILE B 118 -8.99 65.89 -45.90
CA ILE B 118 -7.57 66.21 -46.03
C ILE B 118 -7.09 66.96 -44.79
N SER B 119 -7.97 67.73 -44.16
CA SER B 119 -7.59 68.50 -42.97
C SER B 119 -7.20 67.58 -41.83
N GLN B 120 -8.00 66.55 -41.57
CA GLN B 120 -7.69 65.59 -40.53
C GLN B 120 -6.43 64.79 -40.84
N LEU B 121 -6.16 64.54 -42.13
CA LEU B 121 -5.02 63.72 -42.52
C LEU B 121 -3.68 64.32 -42.10
N PHE B 122 -3.60 65.65 -41.98
CA PHE B 122 -2.36 66.33 -41.66
C PHE B 122 -2.31 66.89 -40.26
N ASN B 123 -3.46 67.26 -39.69
CA ASN B 123 -3.54 67.88 -38.38
C ASN B 123 -4.11 66.97 -37.31
N GLY B 124 -4.51 65.74 -37.67
CA GLY B 124 -5.13 64.84 -36.73
C GLY B 124 -6.61 65.16 -36.59
N ILE B 125 -7.28 64.38 -35.74
CA ILE B 125 -8.72 64.56 -35.56
C ILE B 125 -9.00 65.86 -34.81
N GLY B 126 -8.17 66.20 -33.82
CA GLY B 126 -8.24 67.50 -33.20
C GLY B 126 -9.14 67.61 -31.99
N GLY B 127 -9.34 66.52 -31.24
CA GLY B 127 -10.17 66.57 -30.06
C GLY B 127 -9.62 67.44 -28.94
N PRO B 128 -8.36 67.24 -28.53
CA PRO B 128 -7.84 68.10 -27.46
C PRO B 128 -7.70 69.54 -27.91
N GLU B 129 -7.47 69.76 -29.21
CA GLU B 129 -7.49 71.12 -29.74
C GLU B 129 -8.89 71.69 -29.58
N TYR B 130 -9.92 70.88 -29.86
CA TYR B 130 -11.30 71.31 -29.70
C TYR B 130 -11.61 71.66 -28.25
N ILE B 131 -11.25 70.77 -27.32
CA ILE B 131 -11.46 71.03 -25.89
C ILE B 131 -10.82 72.35 -25.49
N TYR B 132 -9.57 72.56 -25.92
CA TYR B 132 -8.88 73.81 -25.59
C TYR B 132 -9.67 75.00 -26.08
N SER B 133 -10.20 74.92 -27.30
CA SER B 133 -10.95 76.06 -27.86
C SER B 133 -12.23 76.34 -27.09
N VAL B 134 -12.91 75.30 -26.61
CA VAL B 134 -14.13 75.52 -25.84
C VAL B 134 -13.80 76.19 -24.51
N LEU B 135 -12.77 75.72 -23.81
CA LEU B 135 -12.42 76.36 -22.56
C LEU B 135 -11.96 77.80 -22.77
N THR B 136 -11.43 78.08 -23.94
CA THR B 136 -10.90 79.40 -24.26
C THR B 136 -11.96 80.28 -24.91
N GLY B 137 -12.92 79.69 -25.60
CA GLY B 137 -13.80 80.44 -26.48
C GLY B 137 -15.03 81.04 -25.83
N PHE B 138 -14.89 81.45 -24.57
CA PHE B 138 -15.94 82.17 -23.84
C PHE B 138 -15.62 83.67 -23.87
N PRO B 139 -16.30 84.47 -24.68
CA PRO B 139 -16.03 85.92 -24.66
C PRO B 139 -16.82 86.62 -23.57
N GLU B 140 -16.26 87.72 -23.08
CA GLU B 140 -16.95 88.45 -22.01
C GLU B 140 -18.23 89.09 -22.50
N GLU B 141 -18.24 89.62 -23.75
CA GLU B 141 -19.42 90.19 -24.39
C GLU B 141 -19.93 89.28 -25.51
N PRO B 142 -21.24 89.04 -25.64
CA PRO B 142 -21.71 88.22 -26.77
C PRO B 142 -21.67 88.96 -28.11
N PRO B 143 -21.89 88.24 -29.21
CA PRO B 143 -22.00 88.88 -30.53
C PRO B 143 -23.15 89.87 -30.66
N LYS B 144 -22.94 90.91 -31.49
CA LYS B 144 -23.89 92.01 -31.60
C LYS B 144 -25.27 91.54 -32.05
N CYS B 145 -25.36 90.44 -32.81
CA CYS B 145 -26.65 90.01 -33.32
C CYS B 145 -27.58 89.49 -32.24
N ALA B 146 -27.10 89.24 -31.01
CA ALA B 146 -28.00 88.70 -30.00
C ALA B 146 -27.97 89.50 -28.71
N GLU B 147 -27.64 90.79 -28.81
CA GLU B 147 -27.60 91.67 -27.65
C GLU B 147 -29.00 91.75 -27.07
N GLY B 148 -29.29 90.86 -26.13
CA GLY B 148 -30.59 90.82 -25.47
C GLY B 148 -31.56 89.81 -26.03
N HIS B 149 -31.06 88.68 -26.52
CA HIS B 149 -31.86 87.61 -27.12
C HIS B 149 -31.23 86.26 -26.74
N GLU B 150 -30.36 86.27 -25.73
CA GLU B 150 -29.67 85.09 -25.25
C GLU B 150 -30.62 84.13 -24.52
N PRO B 151 -30.64 82.84 -24.85
CA PRO B 151 -31.47 81.93 -24.05
C PRO B 151 -30.96 81.89 -22.61
N ASP B 152 -31.89 81.83 -21.67
CA ASP B 152 -31.54 81.83 -20.26
C ASP B 152 -30.97 80.46 -19.88
N GLY B 153 -29.87 80.48 -19.13
CA GLY B 153 -29.20 79.26 -18.72
C GLY B 153 -28.17 78.75 -19.71
N PHE B 154 -27.86 79.53 -20.76
CA PHE B 154 -26.89 79.17 -21.78
C PHE B 154 -25.91 80.32 -21.95
N TYR B 155 -24.78 80.02 -22.58
CA TYR B 155 -23.66 80.94 -22.67
C TYR B 155 -23.03 80.83 -24.05
N TYR B 156 -22.69 81.97 -24.64
CA TYR B 156 -22.08 81.96 -25.97
C TYR B 156 -20.65 81.45 -25.90
N ASN B 157 -20.33 80.53 -26.81
CA ASN B 157 -18.98 80.00 -26.95
C ASN B 157 -18.58 80.02 -28.43
N ARG B 158 -17.36 80.50 -28.72
CA ARG B 158 -16.94 80.66 -30.11
C ARG B 158 -16.86 79.32 -30.82
N ALA B 159 -16.40 78.29 -30.12
CA ALA B 159 -16.07 77.01 -30.73
C ALA B 159 -17.21 76.02 -30.71
N PHE B 160 -18.15 76.13 -29.78
CA PHE B 160 -19.26 75.19 -29.72
C PHE B 160 -20.17 75.39 -30.92
N GLN B 161 -20.43 74.31 -31.65
CA GLN B 161 -21.16 74.33 -32.91
C GLN B 161 -22.51 73.63 -32.84
N ASN B 162 -22.79 72.90 -31.77
CA ASN B 162 -24.01 72.11 -31.69
C ASN B 162 -25.10 72.80 -30.87
N GLY B 163 -24.89 74.06 -30.50
CA GLY B 163 -25.85 74.77 -29.68
C GLY B 163 -26.89 75.51 -30.49
N SER B 164 -27.93 75.96 -29.79
CA SER B 164 -28.98 76.77 -30.37
C SER B 164 -28.45 78.17 -30.62
N VAL B 165 -29.17 78.94 -31.43
CA VAL B 165 -28.75 80.29 -31.76
C VAL B 165 -29.99 81.17 -31.91
N PRO B 166 -30.03 82.39 -31.33
CA PRO B 166 -31.20 83.26 -31.52
C PRO B 166 -31.53 83.51 -32.98
N ASP B 167 -32.82 83.79 -33.23
CA ASP B 167 -33.31 84.04 -34.58
C ASP B 167 -32.61 85.23 -35.24
N THR B 168 -32.18 86.22 -34.46
CA THR B 168 -31.51 87.40 -35.01
C THR B 168 -30.08 87.11 -35.48
N CYS B 169 -29.58 85.91 -35.27
CA CYS B 169 -28.22 85.47 -35.61
C CYS B 169 -28.21 84.49 -36.78
N LYS B 170 -29.33 84.39 -37.51
CA LYS B 170 -29.44 83.53 -38.67
C LYS B 170 -29.59 84.36 -39.95
N ASP B 171 -29.10 83.81 -41.06
CA ASP B 171 -29.21 84.48 -42.35
C ASP B 171 -30.58 84.21 -42.96
N ALA B 172 -30.77 84.63 -44.22
CA ALA B 172 -32.05 84.47 -44.89
C ALA B 172 -32.48 83.02 -45.07
N ASN B 173 -31.53 82.07 -45.04
CA ASN B 173 -31.83 80.65 -45.11
C ASN B 173 -31.83 79.98 -43.74
N GLY B 174 -31.70 80.74 -42.65
CA GLY B 174 -31.77 80.17 -41.33
C GLY B 174 -30.47 79.59 -40.78
N VAL B 175 -29.36 79.72 -41.53
CA VAL B 175 -28.05 79.24 -41.10
C VAL B 175 -27.41 80.29 -40.18
N LYS B 176 -26.74 79.85 -39.11
CA LYS B 176 -26.26 80.80 -38.13
C LYS B 176 -25.11 81.63 -38.66
N THR B 177 -25.08 82.90 -38.26
CA THR B 177 -24.06 83.86 -38.68
C THR B 177 -22.84 83.80 -37.78
N THR B 178 -23.04 83.48 -36.51
CA THR B 178 -22.00 83.52 -35.51
C THR B 178 -21.01 82.37 -35.73
N ALA B 179 -19.75 82.61 -35.32
CA ALA B 179 -18.75 81.56 -35.43
C ALA B 179 -19.14 80.35 -34.59
N GLY B 180 -19.73 80.56 -33.42
CA GLY B 180 -20.14 79.46 -32.56
C GLY B 180 -21.61 79.45 -32.20
N SER B 181 -21.95 79.00 -31.00
CA SER B 181 -23.35 78.94 -30.59
C SER B 181 -23.39 78.85 -29.07
N TRP B 182 -24.59 78.67 -28.53
CA TRP B 182 -24.79 78.75 -27.10
C TRP B 182 -24.75 77.38 -26.45
N ILE B 183 -23.88 77.27 -25.44
CA ILE B 183 -23.56 76.04 -24.73
C ILE B 183 -24.13 76.14 -23.33
N ALA B 184 -24.55 75.02 -22.77
CA ALA B 184 -25.12 75.03 -21.43
C ALA B 184 -24.06 75.06 -20.33
N MET B 185 -22.78 74.96 -20.68
CA MET B 185 -21.70 75.02 -19.69
C MET B 185 -21.30 76.46 -19.40
N PRO B 186 -21.43 76.95 -18.16
CA PRO B 186 -20.88 78.26 -17.84
C PRO B 186 -19.36 78.24 -17.92
N PRO B 187 -18.71 79.36 -18.18
CA PRO B 187 -17.24 79.40 -18.26
C PRO B 187 -16.59 78.83 -17.00
N PRO B 188 -15.93 77.65 -17.08
CA PRO B 188 -15.44 77.03 -15.84
C PRO B 188 -14.12 77.61 -15.34
N LEU B 189 -13.30 78.20 -16.22
CA LEU B 189 -11.97 78.64 -15.87
C LEU B 189 -11.88 80.16 -15.66
N MET B 190 -10.76 80.57 -15.04
CA MET B 190 -10.43 81.95 -14.75
C MET B 190 -9.00 82.00 -14.21
N ASP B 191 -8.25 83.06 -14.56
CA ASP B 191 -6.83 83.16 -14.23
C ASP B 191 -6.54 82.84 -12.76
N ASP B 192 -5.63 81.89 -12.57
CA ASP B 192 -5.16 81.48 -11.24
C ASP B 192 -6.29 80.91 -10.39
N LEU B 193 -7.21 80.19 -11.03
CA LEU B 193 -8.24 79.48 -10.30
C LEU B 193 -7.66 78.27 -9.59
N VAL B 194 -6.55 77.75 -10.11
CA VAL B 194 -5.83 76.60 -9.56
C VAL B 194 -4.44 77.06 -9.13
N GLU B 195 -3.97 76.52 -8.01
CA GLU B 195 -2.65 76.84 -7.47
C GLU B 195 -1.75 75.64 -7.72
N TYR B 196 -0.99 75.67 -8.82
CA TYR B 196 -0.05 74.59 -9.10
C TYR B 196 1.07 74.60 -8.08
N ALA B 197 1.48 73.41 -7.63
CA ALA B 197 2.47 73.32 -6.56
C ALA B 197 3.83 73.84 -7.01
N ASP B 198 4.23 73.52 -8.24
CA ASP B 198 5.55 73.93 -8.73
C ASP B 198 5.60 75.38 -9.20
N GLY B 199 4.51 76.13 -9.01
CA GLY B 199 4.42 77.54 -9.37
C GLY B 199 4.18 77.81 -10.84
N HIS B 200 3.86 76.78 -11.63
CA HIS B 200 3.52 76.94 -13.03
C HIS B 200 2.35 77.91 -13.17
N ASP B 201 2.36 78.69 -14.24
CA ASP B 201 1.33 79.72 -14.38
C ASP B 201 -0.02 79.04 -14.63
N ALA B 202 -1.06 79.60 -14.03
CA ALA B 202 -2.41 79.03 -14.10
C ALA B 202 -3.40 79.98 -14.76
N SER B 203 -2.94 80.65 -15.81
CA SER B 203 -3.80 81.45 -16.66
C SER B 203 -4.80 80.53 -17.36
N VAL B 204 -5.88 81.11 -17.87
CA VAL B 204 -6.85 80.30 -18.61
C VAL B 204 -6.14 79.59 -19.75
N HIS B 205 -5.15 80.24 -20.36
CA HIS B 205 -4.40 79.60 -21.43
C HIS B 205 -3.72 78.35 -20.90
N ALA B 206 -2.99 78.48 -19.80
CA ALA B 206 -2.22 77.36 -19.29
C ALA B 206 -3.14 76.22 -18.83
N MET B 207 -4.16 76.52 -18.02
CA MET B 207 -5.04 75.45 -17.56
C MET B 207 -5.77 74.79 -18.71
N ALA B 208 -6.19 75.56 -19.72
CA ALA B 208 -6.92 74.95 -20.82
C ALA B 208 -6.03 74.01 -21.60
N GLU B 209 -4.76 74.39 -21.80
CA GLU B 209 -3.85 73.51 -22.51
C GLU B 209 -3.45 72.31 -21.64
N ASP B 210 -3.20 72.54 -20.35
CA ASP B 210 -2.81 71.45 -19.46
C ASP B 210 -3.91 70.42 -19.32
N VAL B 211 -5.15 70.85 -19.08
CA VAL B 211 -6.22 69.89 -18.86
C VAL B 211 -6.60 69.20 -20.17
N SER B 212 -6.40 69.85 -21.32
CA SER B 212 -6.67 69.18 -22.58
C SER B 212 -5.70 68.03 -22.81
N ALA B 213 -4.45 68.19 -22.40
CA ALA B 213 -3.48 67.11 -22.51
C ALA B 213 -3.86 65.97 -21.56
N PHE B 214 -4.29 66.29 -20.34
CA PHE B 214 -4.72 65.26 -19.40
C PHE B 214 -5.91 64.49 -19.95
N LEU B 215 -6.85 65.21 -20.56
CA LEU B 215 -8.05 64.60 -21.12
C LEU B 215 -7.75 63.80 -22.38
N MET B 216 -6.63 64.11 -23.04
CA MET B 216 -6.19 63.29 -24.16
C MET B 216 -5.66 61.96 -23.63
N TRP B 217 -4.94 62.02 -22.51
CA TRP B 217 -4.43 60.80 -21.88
C TRP B 217 -5.56 59.95 -21.34
N ALA B 218 -6.59 60.57 -20.75
CA ALA B 218 -7.69 59.78 -20.21
C ALA B 218 -8.41 59.00 -21.31
N ALA B 219 -8.44 59.55 -22.52
CA ALA B 219 -9.10 58.89 -23.64
C ALA B 219 -8.21 57.86 -24.33
N GLU B 220 -6.91 58.16 -24.48
CA GLU B 220 -5.95 57.28 -25.15
C GLU B 220 -4.76 57.07 -24.23
N PRO B 221 -4.94 56.35 -23.13
CA PRO B 221 -3.82 56.15 -22.20
C PRO B 221 -2.66 55.38 -22.79
N LYS B 222 -2.91 54.54 -23.80
CA LYS B 222 -1.88 53.70 -24.41
C LYS B 222 -1.31 54.34 -25.67
N LEU B 223 -1.43 55.65 -25.79
CA LEU B 223 -0.99 56.35 -27.00
C LEU B 223 0.49 56.08 -27.26
N MET B 224 1.33 56.25 -26.25
CA MET B 224 2.76 56.06 -26.42
C MET B 224 3.12 54.62 -26.77
N ALA B 225 2.48 53.64 -26.13
CA ALA B 225 2.75 52.25 -26.48
C ALA B 225 2.37 51.97 -27.93
N ARG B 226 1.27 52.56 -28.38
CA ARG B 226 0.81 52.34 -29.75
C ARG B 226 1.81 52.85 -30.77
N LYS B 227 2.41 54.02 -30.52
CA LYS B 227 3.38 54.54 -31.47
C LYS B 227 4.66 53.73 -31.49
N GLN B 228 5.18 53.33 -30.32
CA GLN B 228 6.33 52.43 -30.32
C GLN B 228 6.06 51.21 -31.20
N ALA B 229 4.88 50.61 -31.05
CA ALA B 229 4.52 49.48 -31.89
C ALA B 229 4.46 49.90 -33.35
N GLY B 230 3.95 51.10 -33.61
CA GLY B 230 3.89 51.57 -34.99
C GLY B 230 5.28 51.71 -35.56
N PHE B 231 6.17 52.39 -34.83
CA PHE B 231 7.56 52.52 -35.26
C PHE B 231 8.19 51.15 -35.51
N THR B 232 8.07 50.23 -34.54
CA THR B 232 8.66 48.91 -34.66
C THR B 232 8.13 48.16 -35.88
N ALA B 233 6.80 48.13 -36.05
CA ALA B 233 6.20 47.41 -37.18
C ALA B 233 6.68 47.98 -38.50
N VAL B 234 6.83 49.31 -38.57
CA VAL B 234 7.26 49.96 -39.79
C VAL B 234 8.72 49.65 -40.08
N MET B 235 9.56 49.62 -39.04
CA MET B 235 10.96 49.30 -39.26
C MET B 235 11.14 47.85 -39.69
N PHE B 236 10.44 46.91 -39.04
CA PHE B 236 10.44 45.52 -39.48
C PHE B 236 10.05 45.44 -40.95
N LEU B 237 8.89 46.01 -41.29
CA LEU B 237 8.33 45.88 -42.64
C LEU B 237 9.11 46.69 -43.67
N THR B 238 9.81 47.75 -43.27
CA THR B 238 10.67 48.44 -44.23
C THR B 238 11.79 47.52 -44.67
N VAL B 239 12.50 46.93 -43.71
CA VAL B 239 13.55 45.97 -44.05
C VAL B 239 12.96 44.83 -44.86
N LEU B 240 11.82 44.30 -44.40
CA LEU B 240 11.24 43.14 -45.06
C LEU B 240 10.80 43.47 -46.48
N SER B 241 10.27 44.67 -46.72
CA SER B 241 9.85 45.03 -48.07
C SER B 241 11.05 45.14 -48.99
N VAL B 242 12.13 45.75 -48.50
CA VAL B 242 13.35 45.88 -49.29
C VAL B 242 13.89 44.50 -49.63
N LEU B 243 14.01 43.63 -48.62
CA LEU B 243 14.51 42.29 -48.87
C LEU B 243 13.62 41.52 -49.82
N LEU B 244 12.30 41.65 -49.67
CA LEU B 244 11.38 40.95 -50.54
C LEU B 244 11.38 41.54 -51.94
N TYR B 245 11.72 42.82 -52.06
CA TYR B 245 11.80 43.44 -53.37
C TYR B 245 12.98 42.86 -54.14
N LEU B 246 14.14 42.83 -53.49
CA LEU B 246 15.33 42.26 -54.09
C LEU B 246 15.12 40.79 -54.44
N THR B 247 14.48 40.03 -53.54
CA THR B 247 14.15 38.63 -53.80
C THR B 247 13.26 38.51 -55.03
N ASN B 248 12.21 39.33 -55.09
CA ASN B 248 11.30 39.26 -56.23
C ASN B 248 12.03 39.59 -57.52
N LYS B 249 12.97 40.54 -57.46
CA LYS B 249 13.68 40.96 -58.65
C LYS B 249 14.60 39.85 -59.15
N ARG B 250 15.41 39.28 -58.26
CA ARG B 250 16.35 38.24 -58.69
C ARG B 250 15.65 36.97 -59.16
N LEU B 251 14.37 36.79 -58.81
CA LEU B 251 13.64 35.60 -59.22
C LEU B 251 13.12 35.76 -60.64
N TRP B 252 12.42 36.86 -60.90
CA TRP B 252 11.84 37.11 -62.22
C TRP B 252 12.89 37.41 -63.29
N ALA B 253 14.16 37.54 -62.89
CA ALA B 253 15.25 37.74 -63.83
C ALA B 253 15.36 36.58 -64.81
N GLY B 254 15.06 35.37 -64.35
CA GLY B 254 15.09 34.17 -65.17
C GLY B 254 13.83 33.90 -65.95
N VAL B 255 13.17 34.96 -66.44
CA VAL B 255 11.93 34.87 -67.19
C VAL B 255 11.96 35.94 -68.29
N LYS B 256 12.40 37.15 -67.96
CA LYS B 256 12.48 38.25 -68.91
C LYS B 256 13.91 38.79 -68.99
N GLY C 9 27.02 31.70 -54.29
CA GLY C 9 28.05 32.53 -53.67
C GLY C 9 27.80 32.77 -52.19
N THR C 10 28.43 33.81 -51.64
CA THR C 10 28.28 34.16 -50.23
C THR C 10 27.14 35.16 -49.99
N ARG C 11 26.95 36.11 -50.91
CA ARG C 11 25.86 37.08 -50.80
C ARG C 11 24.54 36.58 -51.36
N ARG C 12 24.58 35.59 -52.27
CA ARG C 12 23.33 35.04 -52.80
C ARG C 12 22.55 34.33 -51.71
N ASP C 13 23.22 33.46 -50.95
CA ASP C 13 22.57 32.77 -49.85
C ASP C 13 22.19 33.74 -48.74
N PHE C 14 22.89 34.87 -48.63
CA PHE C 14 22.60 35.82 -47.56
C PHE C 14 21.24 36.49 -47.73
N LEU C 15 20.81 36.74 -48.97
CA LEU C 15 19.50 37.34 -49.16
C LEU C 15 18.44 36.37 -48.65
N TYR C 16 18.58 35.10 -49.03
CA TYR C 16 17.63 34.07 -48.61
C TYR C 16 17.68 33.85 -47.10
N TYR C 17 18.79 34.21 -46.44
CA TYR C 17 18.85 34.17 -44.99
C TYR C 17 18.12 35.36 -44.39
N ALA C 18 18.41 36.57 -44.87
CA ALA C 18 17.77 37.75 -44.31
C ALA C 18 16.26 37.67 -44.48
N THR C 19 15.80 37.19 -45.64
CA THR C 19 14.38 37.04 -45.88
C THR C 19 13.74 36.02 -44.94
N ALA C 20 14.34 34.83 -44.85
CA ALA C 20 13.79 33.81 -43.95
C ALA C 20 13.88 34.25 -42.50
N GLY C 21 14.98 34.90 -42.12
CA GLY C 21 15.12 35.38 -40.76
C GLY C 21 14.09 36.44 -40.41
N ALA C 22 13.81 37.34 -41.35
CA ALA C 22 12.80 38.35 -41.13
C ALA C 22 11.42 37.72 -40.99
N GLY C 23 11.13 36.71 -41.79
CA GLY C 23 9.84 36.05 -41.70
C GLY C 23 9.64 35.39 -40.34
N ALA C 24 10.71 34.82 -39.80
CA ALA C 24 10.62 34.19 -38.48
C ALA C 24 10.31 35.23 -37.41
N VAL C 25 10.99 36.37 -37.45
CA VAL C 25 10.73 37.46 -36.49
C VAL C 25 9.30 37.94 -36.62
N ALA C 26 8.85 38.19 -37.86
CA ALA C 26 7.50 38.70 -38.09
C ALA C 26 6.45 37.76 -37.52
N THR C 27 6.64 36.45 -37.68
CA THR C 27 5.68 35.52 -37.09
C THR C 27 5.74 35.62 -35.56
N GLY C 28 6.94 35.61 -34.99
CA GLY C 28 7.06 35.71 -33.55
C GLY C 28 6.45 36.97 -32.97
N ALA C 29 6.64 38.11 -33.65
CA ALA C 29 6.07 39.36 -33.15
C ALA C 29 4.55 39.35 -33.22
N ALA C 30 3.98 38.57 -34.13
CA ALA C 30 2.54 38.50 -34.27
C ALA C 30 1.91 37.46 -33.35
N VAL C 31 2.65 36.39 -33.05
CA VAL C 31 2.07 35.30 -32.27
C VAL C 31 2.13 35.61 -30.78
N TRP C 32 3.22 36.22 -30.30
CA TRP C 32 3.33 36.51 -28.86
C TRP C 32 2.19 37.35 -28.31
N PRO C 33 1.79 38.48 -28.92
CA PRO C 33 0.67 39.25 -28.35
C PRO C 33 -0.65 38.52 -28.41
N LEU C 34 -0.78 37.54 -29.31
CA LEU C 34 -2.01 36.75 -29.35
C LEU C 34 -2.05 35.80 -28.17
N ILE C 35 -0.89 35.44 -27.64
CA ILE C 35 -0.83 34.61 -26.43
C ILE C 35 -0.94 35.50 -25.20
N ASN C 36 -0.20 36.60 -25.18
CA ASN C 36 -0.07 37.43 -23.98
C ASN C 36 -1.35 38.17 -23.63
N GLN C 37 -2.27 38.34 -24.59
CA GLN C 37 -3.53 39.00 -24.30
C GLN C 37 -4.37 38.16 -23.34
N MET C 38 -4.08 36.87 -23.22
CA MET C 38 -4.79 35.97 -22.33
C MET C 38 -4.22 35.98 -20.92
N ASN C 39 -3.02 36.53 -20.74
CA ASN C 39 -2.45 36.70 -19.41
C ASN C 39 -3.26 37.77 -18.67
N PRO C 40 -3.18 37.79 -17.32
CA PRO C 40 -4.05 38.67 -16.53
C PRO C 40 -4.03 40.13 -16.95
N SER C 41 -5.22 40.68 -17.16
CA SER C 41 -5.33 42.07 -17.55
C SER C 41 -5.11 42.97 -16.34
N ALA C 42 -5.01 44.28 -16.60
CA ALA C 42 -4.61 45.22 -15.56
C ALA C 42 -5.64 45.31 -14.45
N ASP C 43 -6.91 45.03 -14.75
CA ASP C 43 -7.94 45.12 -13.72
C ASP C 43 -7.82 44.01 -12.68
N VAL C 44 -7.01 42.99 -12.92
CA VAL C 44 -6.86 41.87 -12.00
C VAL C 44 -5.91 42.29 -10.89
N GLN C 45 -6.35 42.13 -9.64
CA GLN C 45 -5.46 42.26 -8.49
C GLN C 45 -4.81 40.91 -8.24
N ALA C 46 -3.48 40.89 -8.20
CA ALA C 46 -2.75 39.67 -7.87
C ALA C 46 -2.80 39.40 -6.38
N LEU C 47 -2.32 40.37 -5.58
CA LEU C 47 -2.39 40.33 -4.13
C LEU C 47 -3.11 41.59 -3.65
N ALA C 48 -3.82 41.46 -2.53
CA ALA C 48 -4.47 42.59 -1.88
C ALA C 48 -4.39 42.37 -0.36
N SER C 49 -5.08 43.23 0.40
CA SER C 49 -5.04 43.15 1.85
C SER C 49 -6.43 43.43 2.43
N ILE C 50 -6.73 42.69 3.49
CA ILE C 50 -8.00 42.67 4.21
C ILE C 50 -7.86 42.32 5.68
N PHE C 51 -8.96 42.60 6.43
CA PHE C 51 -9.07 42.38 7.88
C PHE C 51 -10.32 41.57 8.22
N VAL C 52 -10.21 40.62 9.15
CA VAL C 52 -11.33 39.72 9.49
C VAL C 52 -11.64 39.84 10.99
N ASP C 53 -12.90 40.15 11.32
CA ASP C 53 -13.36 40.17 12.71
C ASP C 53 -13.65 38.73 13.19
N VAL C 54 -13.16 38.37 14.37
CA VAL C 54 -13.15 36.98 14.83
C VAL C 54 -13.81 36.82 16.18
N SER C 55 -14.23 37.91 16.83
CA SER C 55 -14.84 37.85 18.16
C SER C 55 -16.03 36.90 18.24
N SER C 56 -16.67 36.59 17.11
CA SER C 56 -17.89 35.80 17.08
C SER C 56 -17.60 34.31 16.92
N VAL C 57 -16.33 33.92 16.87
CA VAL C 57 -15.92 32.55 16.55
C VAL C 57 -15.74 31.76 17.85
N GLU C 58 -16.61 30.79 18.07
CA GLU C 58 -16.46 29.87 19.18
C GLU C 58 -15.56 28.71 18.77
N PRO C 59 -14.99 27.96 19.71
CA PRO C 59 -14.22 26.77 19.33
C PRO C 59 -15.09 25.77 18.59
N GLY C 60 -14.51 25.16 17.56
CA GLY C 60 -15.24 24.22 16.73
C GLY C 60 -15.93 24.86 15.55
N VAL C 61 -15.74 26.16 15.34
CA VAL C 61 -16.35 26.90 14.24
C VAL C 61 -15.29 27.25 13.21
N GLN C 62 -15.63 27.06 11.94
CA GLN C 62 -14.83 27.50 10.80
C GLN C 62 -15.52 28.67 10.12
N LEU C 63 -14.78 29.75 9.97
CA LEU C 63 -15.18 30.91 9.19
C LEU C 63 -14.58 30.78 7.80
N THR C 64 -15.42 30.93 6.78
CA THR C 64 -14.99 30.83 5.39
C THR C 64 -15.14 32.19 4.73
N VAL C 65 -14.04 32.71 4.19
CA VAL C 65 -13.93 34.08 3.71
C VAL C 65 -13.33 34.07 2.30
N LYS C 66 -13.77 35.00 1.46
CA LYS C 66 -13.29 35.08 0.08
C LYS C 66 -12.09 36.03 0.03
N PHE C 67 -11.03 35.60 -0.64
CA PHE C 67 -9.81 36.40 -0.76
C PHE C 67 -9.10 36.06 -2.06
N LEU C 68 -8.99 37.04 -2.96
CA LEU C 68 -8.41 36.83 -4.28
C LEU C 68 -9.14 35.72 -5.04
N GLY C 69 -10.47 35.73 -4.92
CA GLY C 69 -11.33 34.82 -5.65
C GLY C 69 -11.35 33.41 -5.16
N LYS C 70 -10.67 33.11 -4.05
CA LYS C 70 -10.60 31.77 -3.49
C LYS C 70 -11.02 31.78 -2.02
N PRO C 71 -11.45 30.64 -1.47
CA PRO C 71 -11.87 30.57 -0.07
C PRO C 71 -10.70 30.55 0.91
N ILE C 72 -10.86 31.24 2.03
CA ILE C 72 -9.96 31.13 3.17
C ILE C 72 -10.71 30.62 4.39
N PHE C 73 -10.16 29.57 5.02
CA PHE C 73 -10.73 28.94 6.21
C PHE C 73 -10.10 29.56 7.46
N ILE C 74 -10.95 29.99 8.40
CA ILE C 74 -10.50 30.42 9.73
C ILE C 74 -11.22 29.56 10.75
N ARG C 75 -10.54 28.55 11.28
CA ARG C 75 -11.11 27.65 12.27
C ARG C 75 -10.48 27.88 13.64
N ARG C 76 -11.32 28.10 14.65
CA ARG C 76 -10.89 28.09 16.04
C ARG C 76 -10.97 26.66 16.53
N ARG C 77 -9.82 26.01 16.67
CA ARG C 77 -9.78 24.58 16.93
C ARG C 77 -10.12 24.24 18.38
N THR C 78 -10.78 23.09 18.53
CA THR C 78 -11.14 22.55 19.84
C THR C 78 -9.94 21.86 20.48
N GLU C 79 -10.13 21.40 21.72
CA GLU C 79 -9.08 20.66 22.42
C GLU C 79 -8.73 19.39 21.66
N ALA C 80 -9.74 18.65 21.22
CA ALA C 80 -9.50 17.42 20.46
C ALA C 80 -8.70 17.68 19.19
N ASP C 81 -9.09 18.71 18.43
CA ASP C 81 -8.36 19.07 17.22
C ASP C 81 -6.87 19.34 17.49
N ILE C 82 -6.57 20.08 18.55
CA ILE C 82 -5.18 20.46 18.82
C ILE C 82 -4.36 19.26 19.25
N GLU C 83 -4.90 18.45 20.16
CA GLU C 83 -4.19 17.25 20.61
C GLU C 83 -3.91 16.31 19.46
N LEU C 84 -4.93 16.02 18.65
CA LEU C 84 -4.73 15.15 17.49
C LEU C 84 -3.63 15.69 16.60
N GLY C 85 -3.61 17.00 16.39
CA GLY C 85 -2.61 17.58 15.51
C GLY C 85 -1.20 17.39 16.04
N ARG C 86 -1.03 17.55 17.36
CA ARG C 86 0.29 17.44 17.97
C ARG C 86 0.75 16.00 18.14
N SER C 87 -0.16 15.03 18.10
CA SER C 87 0.22 13.63 18.31
C SER C 87 0.80 12.98 17.06
N VAL C 88 0.61 13.58 15.89
CA VAL C 88 1.12 13.02 14.63
C VAL C 88 2.61 13.28 14.52
N GLN C 89 3.35 12.21 14.22
CA GLN C 89 4.77 12.33 13.96
C GLN C 89 5.03 12.73 12.51
N LEU C 90 6.12 13.47 12.32
CA LEU C 90 6.48 14.03 11.01
C LEU C 90 6.56 12.95 9.95
N GLY C 91 7.16 11.81 10.26
CA GLY C 91 7.30 10.75 9.28
C GLY C 91 6.00 10.10 8.84
N GLN C 92 4.88 10.44 9.47
CA GLN C 92 3.59 9.88 9.08
C GLN C 92 2.87 10.80 8.11
N LEU C 93 3.44 11.96 7.82
CA LEU C 93 2.81 12.95 6.96
C LEU C 93 3.30 12.75 5.53
N VAL C 94 2.39 12.96 4.58
CA VAL C 94 2.76 12.98 3.17
C VAL C 94 3.69 14.14 2.86
N ASP C 95 3.35 15.32 3.37
CA ASP C 95 4.13 16.54 3.16
C ASP C 95 4.53 17.10 4.52
N THR C 96 5.84 17.15 4.75
CA THR C 96 6.39 17.55 6.05
C THR C 96 6.73 19.02 6.12
N ASN C 97 6.44 19.80 5.08
CA ASN C 97 6.67 21.24 5.10
C ASN C 97 5.44 21.95 5.64
N ALA C 98 5.69 23.01 6.42
CA ALA C 98 4.60 23.74 7.07
C ALA C 98 3.74 24.47 6.05
N ARG C 99 4.30 24.82 4.89
CA ARG C 99 3.59 25.59 3.87
C ARG C 99 3.00 26.86 4.46
N ASN C 100 3.84 27.58 5.21
CA ASN C 100 3.39 28.73 6.00
C ASN C 100 4.18 29.96 5.54
N ALA C 101 3.47 30.92 4.95
CA ALA C 101 4.09 32.13 4.43
C ALA C 101 4.62 33.03 5.53
N ASN C 102 4.18 32.83 6.78
CA ASN C 102 4.53 33.70 7.90
C ASN C 102 5.86 33.35 8.54
N ILE C 103 6.41 32.17 8.27
CA ILE C 103 7.65 31.71 8.86
C ILE C 103 8.56 31.20 7.75
N ASP C 104 9.70 30.67 8.14
CA ASP C 104 10.70 30.18 7.19
C ASP C 104 10.09 29.15 6.25
N ALA C 105 10.58 29.14 5.00
CA ALA C 105 10.04 28.25 3.99
C ALA C 105 10.37 26.79 4.27
N GLY C 106 11.46 26.52 5.01
CA GLY C 106 11.85 25.17 5.31
C GLY C 106 11.30 24.62 6.61
N ALA C 107 10.47 25.39 7.31
CA ALA C 107 9.92 24.95 8.59
C ALA C 107 9.13 23.66 8.43
N GLU C 108 9.17 22.83 9.46
CA GLU C 108 8.51 21.53 9.46
C GLU C 108 7.03 21.66 9.79
N ALA C 109 6.25 20.69 9.32
CA ALA C 109 4.79 20.69 9.45
C ALA C 109 4.31 20.22 10.81
N THR C 110 4.98 20.63 11.89
CA THR C 110 4.45 20.39 13.23
C THR C 110 3.21 21.21 13.45
N ASP C 111 2.33 20.72 14.32
CA ASP C 111 1.10 21.42 14.62
C ASP C 111 1.36 22.84 15.11
N GLN C 112 2.48 23.06 15.80
CA GLN C 112 2.81 24.41 16.28
C GLN C 112 3.06 25.35 15.12
N ASN C 113 3.72 24.87 14.06
CA ASN C 113 4.04 25.68 12.88
C ASN C 113 2.88 25.79 11.89
N ARG C 114 1.68 25.32 12.25
CA ARG C 114 0.52 25.35 11.39
C ARG C 114 -0.54 26.30 11.90
N THR C 115 -0.30 26.94 13.06
CA THR C 115 -1.25 27.84 13.69
C THR C 115 -0.60 29.20 13.87
N LEU C 116 -1.44 30.23 13.99
CA LEU C 116 -0.97 31.60 14.18
C LEU C 116 -0.49 31.87 15.59
N ASP C 117 -1.11 31.25 16.59
CA ASP C 117 -0.81 31.49 18.00
C ASP C 117 -0.02 30.34 18.59
N GLU C 118 0.61 30.62 19.74
CA GLU C 118 1.41 29.60 20.40
C GLU C 118 0.52 28.52 20.98
N ALA C 119 -0.67 28.89 21.45
CA ALA C 119 -1.62 27.91 21.98
C ALA C 119 -2.18 27.01 20.89
N GLY C 120 -2.05 27.39 19.62
CA GLY C 120 -2.48 26.56 18.52
C GLY C 120 -3.99 26.52 18.35
N GLU C 121 -4.70 27.54 18.82
CA GLU C 121 -6.15 27.57 18.75
C GLU C 121 -6.68 28.05 17.40
N TRP C 122 -5.95 28.95 16.73
CA TRP C 122 -6.42 29.63 15.52
C TRP C 122 -5.72 29.10 14.29
N LEU C 123 -6.44 28.28 13.53
CA LEU C 123 -5.97 27.71 12.27
C LEU C 123 -6.53 28.51 11.11
N VAL C 124 -5.65 29.26 10.43
CA VAL C 124 -6.00 30.07 9.28
C VAL C 124 -5.25 29.50 8.08
N MET C 125 -5.98 29.14 7.03
CA MET C 125 -5.33 28.55 5.86
C MET C 125 -6.22 28.73 4.63
N TRP C 126 -5.60 28.63 3.46
CA TRP C 126 -6.34 28.60 2.20
C TRP C 126 -7.21 27.36 2.12
N GLY C 127 -8.51 27.57 1.91
CA GLY C 127 -9.43 26.48 1.71
C GLY C 127 -9.42 26.02 0.25
N VAL C 128 -8.23 25.73 -0.28
CA VAL C 128 -8.04 25.40 -1.69
C VAL C 128 -7.23 24.12 -1.74
N CYS C 129 -7.89 23.01 -2.06
CA CYS C 129 -7.24 21.71 -2.17
C CYS C 129 -6.00 21.78 -3.06
N THR C 130 -4.91 21.23 -2.58
CA THR C 130 -3.65 21.33 -3.30
C THR C 130 -3.56 20.33 -4.45
N HIS C 131 -4.56 19.46 -4.62
CA HIS C 131 -4.65 18.60 -5.79
C HIS C 131 -5.02 19.41 -7.02
N LEU C 132 -6.31 19.71 -7.19
CA LEU C 132 -6.79 20.44 -8.37
C LEU C 132 -7.73 21.57 -7.99
N GLY C 133 -7.67 22.05 -6.75
CA GLY C 133 -8.22 23.34 -6.40
C GLY C 133 -9.62 23.35 -5.83
N CYS C 134 -10.28 22.21 -5.70
CA CYS C 134 -11.60 22.22 -5.08
C CYS C 134 -11.50 22.65 -3.60
N VAL C 135 -12.67 22.87 -3.00
CA VAL C 135 -12.79 23.38 -1.64
C VAL C 135 -13.03 22.20 -0.72
N PRO C 136 -12.09 21.84 0.17
CA PRO C 136 -12.35 20.68 1.02
C PRO C 136 -13.46 20.96 2.02
N ILE C 137 -14.19 19.91 2.37
CA ILE C 137 -15.31 20.00 3.28
C ILE C 137 -14.77 19.83 4.70
N GLY C 138 -15.09 20.77 5.58
CA GLY C 138 -14.59 20.78 6.95
C GLY C 138 -15.59 20.21 7.92
N GLY C 139 -15.63 20.79 9.11
CA GLY C 139 -16.47 20.25 10.17
C GLY C 139 -16.00 18.90 10.62
N VAL C 140 -14.69 18.70 10.71
CA VAL C 140 -14.11 17.42 11.11
C VAL C 140 -14.60 16.33 10.17
N SER C 141 -14.13 16.37 8.92
CA SER C 141 -14.50 15.41 7.89
C SER C 141 -13.28 14.58 7.51
N GLY C 142 -13.53 13.45 6.87
CA GLY C 142 -12.45 12.58 6.45
C GLY C 142 -12.07 11.60 7.54
N ASP C 143 -10.93 10.97 7.32
CA ASP C 143 -10.45 9.89 8.16
C ASP C 143 -9.41 10.35 9.18
N PHE C 144 -9.11 11.66 9.20
CA PHE C 144 -8.07 12.22 10.05
C PHE C 144 -8.59 13.43 10.82
N GLY C 145 -9.89 13.48 11.07
CA GLY C 145 -10.49 14.53 11.89
C GLY C 145 -10.20 15.93 11.39
N GLY C 146 -10.27 16.15 10.08
CA GLY C 146 -9.96 17.44 9.50
C GLY C 146 -10.86 17.84 8.35
N TRP C 147 -10.36 17.73 7.12
CA TRP C 147 -11.12 18.11 5.94
C TRP C 147 -11.10 16.98 4.92
N PHE C 148 -12.18 16.91 4.14
CA PHE C 148 -12.32 15.94 3.06
C PHE C 148 -12.65 16.68 1.76
N CYS C 149 -11.84 16.45 0.73
CA CYS C 149 -12.08 17.04 -0.59
C CYS C 149 -12.91 16.12 -1.47
N PRO C 150 -14.14 16.49 -1.88
CA PRO C 150 -14.98 15.53 -2.60
C PRO C 150 -14.60 15.34 -4.06
N CYS C 151 -13.61 16.10 -4.57
CA CYS C 151 -13.34 16.05 -6.00
C CYS C 151 -12.56 14.80 -6.39
N HIS C 152 -11.54 14.44 -5.62
CA HIS C 152 -10.81 13.19 -5.86
C HIS C 152 -10.41 12.51 -4.55
N GLY C 153 -10.98 12.91 -3.41
CA GLY C 153 -10.88 12.13 -2.21
C GLY C 153 -9.64 12.38 -1.39
N SER C 154 -9.19 13.63 -1.30
CA SER C 154 -8.07 13.94 -0.43
C SER C 154 -8.57 14.16 1.00
N HIS C 155 -7.80 13.63 1.96
CA HIS C 155 -8.08 13.80 3.39
C HIS C 155 -6.99 14.64 4.03
N TYR C 156 -7.40 15.69 4.73
CA TYR C 156 -6.53 16.54 5.51
C TYR C 156 -6.86 16.35 6.99
N ASP C 157 -5.86 16.54 7.85
CA ASP C 157 -6.03 16.34 9.29
C ASP C 157 -6.39 17.66 9.98
N SER C 158 -6.36 17.66 11.32
CA SER C 158 -6.84 18.78 12.12
C SER C 158 -5.96 20.03 12.01
N ALA C 159 -4.76 19.90 11.43
CA ALA C 159 -3.89 21.03 11.14
C ALA C 159 -3.89 21.37 9.66
N GLY C 160 -4.77 20.75 8.88
CA GLY C 160 -4.87 21.02 7.46
C GLY C 160 -3.78 20.38 6.64
N ARG C 161 -3.12 19.36 7.17
CA ARG C 161 -2.05 18.68 6.46
C ARG C 161 -2.57 17.50 5.67
N ILE C 162 -2.04 17.34 4.46
CA ILE C 162 -2.47 16.24 3.61
C ILE C 162 -1.96 14.92 4.18
N ARG C 163 -2.85 13.93 4.22
CA ARG C 163 -2.58 12.63 4.80
C ARG C 163 -2.89 11.48 3.87
N LYS C 164 -3.74 11.69 2.87
CA LYS C 164 -4.24 10.61 2.04
C LYS C 164 -4.84 11.22 0.76
N GLY C 165 -4.57 10.59 -0.37
CA GLY C 165 -5.12 11.02 -1.64
C GLY C 165 -4.11 11.55 -2.64
N PRO C 166 -4.59 12.14 -3.74
CA PRO C 166 -3.68 12.64 -4.78
C PRO C 166 -3.00 13.97 -4.46
N ALA C 167 -3.56 14.74 -3.53
CA ALA C 167 -3.03 16.07 -3.24
C ALA C 167 -1.59 15.98 -2.75
N PRO C 168 -0.66 16.78 -3.28
CA PRO C 168 0.75 16.61 -2.90
C PRO C 168 1.15 17.33 -1.62
N GLU C 169 0.43 18.40 -1.24
CA GLU C 169 0.88 19.29 -0.18
C GLU C 169 -0.22 19.64 0.82
N ASN C 170 0.24 20.11 1.97
CA ASN C 170 -0.62 20.69 3.00
C ASN C 170 -1.28 21.95 2.48
N LEU C 171 -2.49 22.21 2.97
CA LEU C 171 -3.20 23.43 2.59
C LEU C 171 -2.34 24.66 2.93
N PRO C 172 -2.07 25.55 1.96
CA PRO C 172 -1.15 26.66 2.26
C PRO C 172 -1.75 27.67 3.22
N ILE C 173 -0.88 28.26 4.03
CA ILE C 173 -1.26 29.28 5.00
C ILE C 173 -0.80 30.64 4.46
N PRO C 174 -1.69 31.61 4.26
CA PRO C 174 -1.27 32.89 3.69
C PRO C 174 -0.58 33.70 4.78
N LEU C 175 0.00 34.82 4.37
CA LEU C 175 0.46 35.78 5.35
C LEU C 175 -0.74 36.22 6.19
N ALA C 176 -0.69 35.93 7.50
CA ALA C 176 -1.80 36.21 8.39
C ALA C 176 -1.29 36.47 9.81
N LYS C 177 -1.87 37.49 10.45
CA LYS C 177 -1.45 37.89 11.79
C LYS C 177 -2.58 38.64 12.48
N PHE C 178 -2.67 38.47 13.81
CA PHE C 178 -3.64 39.24 14.59
C PHE C 178 -3.16 40.69 14.69
N ILE C 179 -3.99 41.60 14.16
CA ILE C 179 -3.68 43.03 14.26
C ILE C 179 -3.98 43.55 15.66
N ASP C 180 -5.01 43.01 16.30
CA ASP C 180 -5.27 43.32 17.71
C ASP C 180 -5.89 42.09 18.35
N GLU C 181 -6.53 42.26 19.51
CA GLU C 181 -7.05 41.13 20.27
C GLU C 181 -8.08 40.31 19.49
N THR C 182 -8.81 40.94 18.55
CA THR C 182 -10.00 40.34 17.96
C THR C 182 -10.04 40.43 16.44
N THR C 183 -8.97 40.88 15.78
CA THR C 183 -8.95 41.09 14.34
C THR C 183 -7.72 40.45 13.73
N ILE C 184 -7.93 39.64 12.67
CA ILE C 184 -6.84 39.04 11.92
C ILE C 184 -6.69 39.80 10.62
N GLN C 185 -5.46 40.17 10.29
CA GLN C 185 -5.13 40.77 9.00
C GLN C 185 -4.54 39.69 8.10
N LEU C 186 -5.24 39.39 7.01
CA LEU C 186 -4.71 38.47 6.01
C LEU C 186 -3.99 39.33 4.97
N GLY C 187 -2.84 38.87 4.51
CA GLY C 187 -2.06 39.62 3.54
C GLY C 187 -1.09 40.57 4.22
N GLY D 3 -9.37 4.53 -54.83
CA GLY D 3 -8.79 4.03 -56.07
C GLY D 3 -9.47 2.80 -56.65
N ILE D 4 -10.75 2.63 -56.34
CA ILE D 4 -11.56 1.52 -56.84
C ILE D 4 -12.09 1.88 -58.23
N PRO D 5 -12.20 0.94 -59.17
CA PRO D 5 -12.76 1.27 -60.49
C PRO D 5 -14.26 1.59 -60.40
N HIS D 6 -14.66 2.70 -61.03
CA HIS D 6 -16.05 3.13 -60.95
C HIS D 6 -16.32 4.08 -62.10
N ASP D 7 -17.60 4.32 -62.37
CA ASP D 7 -17.99 5.25 -63.41
C ASP D 7 -18.02 6.67 -62.85
N HIS D 8 -17.75 7.62 -63.73
CA HIS D 8 -17.62 9.03 -63.37
C HIS D 8 -18.85 9.81 -63.82
N TYR D 9 -18.90 11.06 -63.37
CA TYR D 9 -20.03 11.93 -63.69
C TYR D 9 -19.98 12.36 -65.16
N GLU D 10 -21.16 12.64 -65.71
CA GLU D 10 -21.29 13.15 -67.07
C GLU D 10 -22.45 14.14 -67.15
N PRO D 11 -22.22 15.41 -67.53
CA PRO D 11 -23.33 16.37 -67.61
C PRO D 11 -24.33 16.01 -68.70
N ARG D 12 -25.61 16.14 -68.39
CA ARG D 12 -26.69 15.78 -69.29
C ARG D 12 -27.51 17.00 -69.70
N THR D 13 -28.07 17.72 -68.74
CA THR D 13 -28.82 18.94 -69.05
C THR D 13 -27.86 20.02 -69.53
N GLY D 14 -28.41 20.97 -70.29
CA GLY D 14 -27.61 22.11 -70.72
C GLY D 14 -27.06 22.92 -69.57
N ILE D 15 -27.81 23.02 -68.47
CA ILE D 15 -27.34 23.76 -67.29
C ILE D 15 -26.17 23.02 -66.65
N GLU D 16 -26.18 21.69 -66.69
CA GLU D 16 -25.10 20.91 -66.09
C GLU D 16 -23.83 21.02 -66.93
N LYS D 17 -23.97 20.96 -68.25
CA LYS D 17 -22.81 21.13 -69.12
C LYS D 17 -22.18 22.50 -68.90
N TRP D 18 -23.03 23.52 -68.69
CA TRP D 18 -22.55 24.88 -68.47
C TRP D 18 -21.76 24.99 -67.17
N LEU D 19 -22.32 24.48 -66.08
CA LEU D 19 -21.66 24.58 -64.78
C LEU D 19 -20.43 23.69 -64.68
N HIS D 20 -20.48 22.47 -65.23
CA HIS D 20 -19.38 21.53 -65.06
C HIS D 20 -18.09 22.02 -65.72
N SER D 21 -18.19 22.80 -66.79
CA SER D 21 -17.01 23.32 -67.44
C SER D 21 -16.43 24.55 -66.74
N ARG D 22 -17.02 24.95 -65.61
CA ARG D 22 -16.63 26.13 -64.85
C ARG D 22 -16.33 25.77 -63.39
N LEU D 23 -17.23 24.99 -62.79
CA LEU D 23 -17.05 24.52 -61.41
C LEU D 23 -17.62 23.11 -61.30
N PRO D 24 -16.74 22.05 -61.24
CA PRO D 24 -17.23 20.66 -61.22
C PRO D 24 -17.78 20.24 -59.85
N ILE D 25 -18.63 21.09 -59.25
CA ILE D 25 -19.16 20.80 -57.92
C ILE D 25 -20.14 19.64 -57.96
N VAL D 26 -20.89 19.50 -59.06
CA VAL D 26 -21.79 18.36 -59.18
C VAL D 26 -20.98 17.09 -59.34
N ALA D 27 -19.88 17.14 -60.10
CA ALA D 27 -19.02 15.97 -60.26
C ALA D 27 -18.48 15.51 -58.91
N LEU D 28 -18.17 16.45 -58.03
CA LEU D 28 -17.63 16.09 -56.73
C LEU D 28 -18.70 15.46 -55.84
N ALA D 29 -19.90 16.05 -55.85
CA ALA D 29 -21.00 15.47 -55.07
C ALA D 29 -21.41 14.11 -55.60
N TYR D 30 -21.37 13.93 -56.93
CA TYR D 30 -21.74 12.65 -57.53
C TYR D 30 -20.72 11.57 -57.15
N ASP D 31 -19.44 11.84 -57.39
CA ASP D 31 -18.39 10.87 -57.09
C ASP D 31 -18.35 10.55 -55.60
N THR D 32 -18.79 11.48 -54.76
CA THR D 32 -18.84 11.22 -53.32
C THR D 32 -20.00 10.32 -52.98
N ILE D 33 -21.20 10.66 -53.46
CA ILE D 33 -22.40 9.97 -53.00
C ILE D 33 -22.61 8.63 -53.71
N MET D 34 -21.87 8.35 -54.79
CA MET D 34 -22.03 7.10 -55.56
C MET D 34 -20.84 6.16 -55.42
N ILE D 35 -19.97 6.41 -54.45
CA ILE D 35 -18.79 5.55 -54.23
C ILE D 35 -19.25 4.10 -54.02
N PRO D 36 -18.69 3.11 -54.71
CA PRO D 36 -19.08 1.72 -54.41
C PRO D 36 -18.61 1.35 -53.01
N THR D 37 -19.57 0.97 -52.15
CA THR D 37 -19.37 0.66 -50.75
C THR D 37 -19.61 -0.82 -50.54
N PRO D 38 -18.82 -1.52 -49.71
CA PRO D 38 -19.08 -2.95 -49.50
C PRO D 38 -20.52 -3.25 -49.13
N ARG D 39 -21.09 -4.24 -49.80
CA ARG D 39 -22.49 -4.60 -49.63
C ARG D 39 -22.80 -5.14 -48.23
N ASN D 40 -21.81 -5.65 -47.50
CA ASN D 40 -22.04 -6.46 -46.31
C ASN D 40 -21.85 -5.66 -45.02
N LEU D 41 -22.00 -4.33 -45.07
CA LEU D 41 -21.89 -3.53 -43.86
C LEU D 41 -23.07 -3.79 -42.95
N ASN D 42 -22.79 -3.95 -41.66
CA ASN D 42 -23.83 -4.18 -40.66
C ASN D 42 -24.15 -2.87 -39.95
N TRP D 43 -24.97 -2.96 -38.90
CA TRP D 43 -25.50 -1.79 -38.23
C TRP D 43 -24.46 -1.02 -37.45
N MET D 44 -23.24 -1.53 -37.32
CA MET D 44 -22.22 -0.76 -36.64
C MET D 44 -21.58 0.29 -37.54
N TRP D 45 -21.96 0.36 -38.81
CA TRP D 45 -21.40 1.35 -39.71
C TRP D 45 -22.28 2.60 -39.81
N ILE D 46 -23.33 2.71 -38.99
CA ILE D 46 -24.26 3.84 -39.05
C ILE D 46 -23.78 5.02 -38.21
N TRP D 47 -22.88 4.80 -37.26
CA TRP D 47 -22.57 5.80 -36.25
C TRP D 47 -21.83 7.00 -36.85
N GLY D 48 -21.28 6.87 -38.05
CA GLY D 48 -20.69 8.02 -38.71
C GLY D 48 -21.73 9.08 -39.05
N VAL D 49 -22.89 8.65 -39.55
CA VAL D 49 -23.97 9.60 -39.88
C VAL D 49 -24.56 10.18 -38.60
N VAL D 50 -24.66 9.37 -37.54
CA VAL D 50 -25.17 9.89 -36.27
C VAL D 50 -24.24 11.00 -35.78
N LEU D 51 -22.93 10.76 -35.86
CA LEU D 51 -21.98 11.79 -35.48
C LEU D 51 -22.14 13.00 -36.36
N ALA D 52 -22.37 12.78 -37.64
CA ALA D 52 -22.57 13.87 -38.58
C ALA D 52 -23.79 14.70 -38.21
N PHE D 53 -24.89 14.02 -37.90
CA PHE D 53 -26.11 14.72 -37.48
C PHE D 53 -25.84 15.53 -36.23
N CYS D 54 -25.18 14.91 -35.25
CA CYS D 54 -24.89 15.59 -34.00
C CYS D 54 -24.10 16.86 -34.22
N LEU D 55 -23.09 16.82 -35.08
CA LEU D 55 -22.27 18.01 -35.29
C LEU D 55 -23.13 19.15 -35.83
N VAL D 56 -24.05 18.84 -36.76
CA VAL D 56 -24.94 19.87 -37.28
C VAL D 56 -25.94 20.31 -36.22
N LEU D 57 -26.53 19.35 -35.49
CA LEU D 57 -27.47 19.70 -34.43
C LEU D 57 -26.83 20.62 -33.41
N GLN D 58 -25.62 20.27 -32.94
CA GLN D 58 -24.95 21.10 -31.95
C GLN D 58 -24.67 22.48 -32.51
N ILE D 59 -24.25 22.53 -33.77
CA ILE D 59 -23.87 23.80 -34.40
C ILE D 59 -25.09 24.68 -34.59
N VAL D 60 -26.19 24.12 -35.11
CA VAL D 60 -27.35 24.94 -35.42
C VAL D 60 -28.04 25.40 -34.14
N THR D 61 -28.17 24.50 -33.15
CA THR D 61 -28.73 24.93 -31.88
C THR D 61 -27.76 25.82 -31.11
N GLY D 62 -26.46 25.59 -31.28
CA GLY D 62 -25.47 26.40 -30.61
C GLY D 62 -25.50 27.84 -31.05
N ILE D 63 -25.45 28.07 -32.37
CA ILE D 63 -25.49 29.43 -32.92
C ILE D 63 -26.75 30.12 -32.43
N VAL D 64 -27.85 29.38 -32.43
CA VAL D 64 -29.14 29.92 -31.99
C VAL D 64 -29.09 30.25 -30.50
N LEU D 65 -28.56 29.34 -29.68
CA LEU D 65 -28.45 29.61 -28.25
C LEU D 65 -27.58 30.82 -27.96
N ALA D 66 -26.50 31.00 -28.72
CA ALA D 66 -25.60 32.12 -28.50
C ALA D 66 -26.23 33.46 -28.82
N MET D 67 -27.39 33.47 -29.50
CA MET D 67 -28.12 34.70 -29.78
C MET D 67 -28.86 35.23 -28.57
N HIS D 68 -28.96 34.45 -27.50
CA HIS D 68 -29.72 34.78 -26.31
C HIS D 68 -28.92 34.60 -25.03
N TYR D 69 -27.68 34.16 -25.13
CA TYR D 69 -26.82 33.86 -23.99
C TYR D 69 -25.86 35.02 -23.76
N THR D 70 -25.55 35.28 -22.50
CA THR D 70 -24.63 36.35 -22.10
C THR D 70 -23.40 35.82 -21.37
N PRO D 71 -22.07 35.92 -22.02
CA PRO D 71 -20.84 35.43 -21.33
C PRO D 71 -20.31 36.40 -20.29
N HIS D 72 -21.06 36.56 -19.21
CA HIS D 72 -20.62 37.36 -18.08
C HIS D 72 -21.11 36.67 -16.81
N VAL D 73 -20.24 36.60 -15.81
CA VAL D 73 -20.52 35.82 -14.60
C VAL D 73 -21.77 36.31 -13.89
N ASP D 74 -22.05 37.61 -13.99
CA ASP D 74 -23.23 38.19 -13.37
C ASP D 74 -24.51 37.90 -14.14
N LEU D 75 -24.40 37.46 -15.40
CA LEU D 75 -25.53 37.31 -16.30
C LEU D 75 -25.65 35.93 -16.95
N ALA D 76 -24.58 35.14 -16.93
CA ALA D 76 -24.56 33.87 -17.65
C ALA D 76 -25.66 32.91 -17.19
N PHE D 77 -25.70 32.59 -15.89
CA PHE D 77 -26.71 31.67 -15.38
C PHE D 77 -28.12 32.19 -15.65
N ALA D 78 -28.34 33.48 -15.40
CA ALA D 78 -29.64 34.08 -15.65
C ALA D 78 -30.05 34.05 -17.12
N SER D 79 -29.09 34.19 -18.05
CA SER D 79 -29.45 34.24 -19.46
C SER D 79 -29.93 32.90 -19.95
N VAL D 80 -29.44 31.81 -19.34
CA VAL D 80 -29.91 30.48 -19.71
C VAL D 80 -31.33 30.28 -19.20
N GLU D 81 -31.64 30.77 -18.01
CA GLU D 81 -33.01 30.70 -17.53
C GLU D 81 -33.90 31.59 -18.37
N HIS D 82 -33.35 32.68 -18.89
CA HIS D 82 -34.11 33.51 -19.80
C HIS D 82 -34.48 32.71 -21.05
N ILE D 83 -33.50 31.96 -21.60
CA ILE D 83 -33.72 31.03 -22.71
C ILE D 83 -34.80 30.00 -22.35
N MET D 84 -34.65 29.36 -21.20
CA MET D 84 -35.59 28.30 -20.81
C MET D 84 -37.01 28.81 -20.69
N ARG D 85 -37.18 30.04 -20.20
CA ARG D 85 -38.51 30.55 -19.85
C ARG D 85 -39.11 31.46 -20.91
N ASN D 86 -38.31 32.27 -21.60
CA ASN D 86 -38.82 33.35 -22.43
C ASN D 86 -38.64 33.15 -23.94
N VAL D 87 -37.50 32.63 -24.40
CA VAL D 87 -37.30 32.49 -25.84
C VAL D 87 -38.25 31.41 -26.34
N ASN D 88 -38.93 31.70 -27.44
CA ASN D 88 -39.83 30.73 -28.06
C ASN D 88 -39.11 29.43 -28.35
N GLY D 89 -39.59 28.37 -27.71
CA GLY D 89 -38.97 27.08 -27.87
C GLY D 89 -37.60 27.00 -27.28
N GLY D 90 -37.21 27.98 -26.45
CA GLY D 90 -35.85 28.03 -25.95
C GLY D 90 -35.54 26.85 -25.06
N PHE D 91 -36.53 26.43 -24.26
CA PHE D 91 -36.33 25.28 -23.38
C PHE D 91 -35.97 24.04 -24.20
N MET D 92 -36.60 23.90 -25.37
CA MET D 92 -36.42 22.74 -26.21
C MET D 92 -35.09 22.82 -26.93
N LEU D 93 -34.69 24.03 -27.36
CA LEU D 93 -33.41 24.17 -28.02
C LEU D 93 -32.25 23.89 -27.06
N ARG D 94 -32.38 24.31 -25.80
CA ARG D 94 -31.35 24.02 -24.80
C ARG D 94 -31.23 22.53 -24.52
N TYR D 95 -32.36 21.87 -24.28
CA TYR D 95 -32.32 20.46 -23.97
C TYR D 95 -31.80 19.69 -25.18
N LEU D 96 -32.10 20.17 -26.38
CA LEU D 96 -31.57 19.52 -27.56
C LEU D 96 -30.05 19.68 -27.59
N HIS D 97 -29.56 20.88 -27.27
CA HIS D 97 -28.12 21.14 -27.29
C HIS D 97 -27.41 20.33 -26.21
N ALA D 98 -27.99 20.28 -25.01
CA ALA D 98 -27.37 19.58 -23.88
C ALA D 98 -27.38 18.07 -24.09
N ASN D 99 -28.59 17.51 -24.30
CA ASN D 99 -28.67 16.07 -24.57
C ASN D 99 -28.02 15.73 -25.89
N GLY D 100 -27.94 16.69 -26.82
CA GLY D 100 -27.26 16.43 -28.07
C GLY D 100 -25.79 16.13 -27.83
N ALA D 101 -25.20 16.74 -26.82
CA ALA D 101 -23.82 16.44 -26.46
C ALA D 101 -23.66 14.99 -26.01
N SER D 102 -24.63 14.46 -25.25
CA SER D 102 -24.54 13.07 -24.81
C SER D 102 -24.64 12.12 -26.00
N LEU D 103 -25.60 12.36 -26.89
CA LEU D 103 -25.71 11.54 -28.09
C LEU D 103 -24.43 11.59 -28.88
N PHE D 104 -23.80 12.77 -28.95
CA PHE D 104 -22.54 12.94 -29.66
C PHE D 104 -21.51 11.98 -29.10
N PHE D 105 -21.50 11.81 -27.77
CA PHE D 105 -20.45 11.02 -27.14
C PHE D 105 -20.80 9.54 -27.11
N ILE D 106 -22.08 9.19 -26.99
CA ILE D 106 -22.49 7.80 -27.17
C ILE D 106 -22.03 7.30 -28.53
N ALA D 107 -22.15 8.14 -29.56
CA ALA D 107 -21.83 7.72 -30.92
C ALA D 107 -20.34 7.50 -31.13
N VAL D 108 -19.47 8.38 -30.61
CA VAL D 108 -18.02 8.14 -30.82
C VAL D 108 -17.58 6.86 -30.13
N TYR D 109 -18.09 6.59 -28.94
CA TYR D 109 -17.58 5.42 -28.23
C TYR D 109 -17.97 4.15 -28.98
N LEU D 110 -19.20 4.10 -29.51
CA LEU D 110 -19.59 2.98 -30.37
C LEU D 110 -18.80 3.01 -31.69
N HIS D 111 -18.66 4.19 -32.28
CA HIS D 111 -17.84 4.40 -33.48
C HIS D 111 -16.41 3.92 -33.24
N ILE D 112 -15.82 4.33 -32.11
CA ILE D 112 -14.43 3.99 -31.79
C ILE D 112 -14.27 2.50 -31.57
N PHE D 113 -15.14 1.91 -30.75
CA PHE D 113 -15.02 0.49 -30.44
C PHE D 113 -15.32 -0.37 -31.66
N ARG D 114 -16.15 0.15 -32.57
CA ARG D 114 -16.31 -0.53 -33.86
C ARG D 114 -14.96 -0.65 -34.53
N GLY D 115 -14.23 0.46 -34.62
CA GLY D 115 -12.92 0.45 -35.24
C GLY D 115 -11.96 -0.50 -34.57
N LEU D 116 -11.98 -0.54 -33.23
CA LEU D 116 -11.05 -1.40 -32.52
C LEU D 116 -11.31 -2.88 -32.77
N TYR D 117 -12.57 -3.24 -33.03
CA TYR D 117 -12.92 -4.63 -33.24
C TYR D 117 -12.58 -5.08 -34.66
N TYR D 118 -12.95 -4.29 -35.66
CA TYR D 118 -12.83 -4.67 -37.06
C TYR D 118 -11.50 -4.25 -37.68
N GLY D 119 -10.62 -3.64 -36.90
CA GLY D 119 -9.32 -3.24 -37.41
C GLY D 119 -9.37 -2.15 -38.45
N SER D 120 -10.29 -1.20 -38.29
CA SER D 120 -10.42 -0.07 -39.21
C SER D 120 -9.29 0.95 -39.03
N TYR D 121 -8.45 0.76 -38.01
CA TYR D 121 -7.29 1.60 -37.77
C TYR D 121 -6.04 1.04 -38.43
N LYS D 122 -6.05 -0.25 -38.78
CA LYS D 122 -4.90 -0.89 -39.37
C LYS D 122 -4.68 -0.39 -40.79
N ALA D 123 -3.44 -0.56 -41.26
CA ALA D 123 -3.05 -0.11 -42.59
C ALA D 123 -4.07 -0.57 -43.64
N PRO D 124 -4.42 0.30 -44.62
CA PRO D 124 -3.91 1.64 -44.90
C PRO D 124 -4.68 2.78 -44.23
N ARG D 125 -5.33 2.53 -43.10
CA ARG D 125 -6.28 3.49 -42.54
C ARG D 125 -5.75 4.22 -41.32
N GLU D 126 -4.43 4.31 -41.15
CA GLU D 126 -3.87 5.00 -40.00
C GLU D 126 -4.29 6.47 -39.98
N VAL D 127 -4.26 7.12 -41.16
CA VAL D 127 -4.57 8.54 -41.21
C VAL D 127 -6.02 8.76 -40.82
N THR D 128 -6.92 7.89 -41.31
CA THR D 128 -8.31 7.98 -40.90
C THR D 128 -8.43 7.91 -39.37
N TRP D 129 -7.65 7.01 -38.76
CA TRP D 129 -7.74 6.82 -37.32
C TRP D 129 -7.20 8.02 -36.55
N ILE D 130 -6.06 8.56 -36.98
CA ILE D 130 -5.42 9.68 -36.30
C ILE D 130 -6.26 10.94 -36.41
N VAL D 131 -6.86 11.21 -37.59
CA VAL D 131 -7.75 12.35 -37.70
C VAL D 131 -8.91 12.18 -36.75
N GLY D 132 -9.41 10.96 -36.62
CA GLY D 132 -10.44 10.69 -35.65
C GLY D 132 -10.00 11.04 -34.24
N MET D 133 -8.76 10.67 -33.88
CA MET D 133 -8.28 10.98 -32.54
C MET D 133 -8.19 12.48 -32.32
N LEU D 134 -7.79 13.23 -33.35
CA LEU D 134 -7.75 14.69 -33.20
C LEU D 134 -9.15 15.24 -32.99
N ILE D 135 -10.12 14.71 -33.73
CA ILE D 135 -11.52 15.11 -33.55
C ILE D 135 -11.95 14.82 -32.13
N TYR D 136 -11.53 13.66 -31.61
CA TYR D 136 -11.96 13.25 -30.28
C TYR D 136 -11.45 14.20 -29.20
N LEU D 137 -10.18 14.62 -29.29
CA LEU D 137 -9.67 15.61 -28.35
C LEU D 137 -10.44 16.92 -28.47
N ALA D 138 -10.75 17.33 -29.70
CA ALA D 138 -11.46 18.57 -29.90
C ALA D 138 -12.86 18.47 -29.31
N MET D 139 -13.50 17.31 -29.48
CA MET D 139 -14.83 17.11 -28.91
C MET D 139 -14.81 17.29 -27.40
N MET D 140 -13.83 16.69 -26.73
CA MET D 140 -13.77 16.80 -25.28
C MET D 140 -13.56 18.24 -24.84
N ALA D 141 -12.62 18.93 -25.48
CA ALA D 141 -12.38 20.33 -25.13
C ALA D 141 -13.62 21.17 -25.39
N THR D 142 -14.32 20.92 -26.50
CA THR D 142 -15.54 21.68 -26.80
C THR D 142 -16.62 21.42 -25.76
N ALA D 143 -16.89 20.14 -25.46
CA ALA D 143 -17.98 19.82 -24.54
C ALA D 143 -17.69 20.31 -23.13
N PHE D 144 -16.43 20.26 -22.73
CA PHE D 144 -16.04 20.76 -21.42
C PHE D 144 -16.39 22.24 -21.32
N MET D 145 -15.93 23.05 -22.28
CA MET D 145 -16.13 24.49 -22.22
C MET D 145 -17.60 24.86 -22.33
N GLY D 146 -18.38 24.11 -23.12
CA GLY D 146 -19.81 24.36 -23.19
C GLY D 146 -20.47 24.19 -21.85
N TYR D 147 -20.07 23.17 -21.11
CA TYR D 147 -20.68 22.87 -19.83
C TYR D 147 -20.36 23.96 -18.83
N VAL D 148 -19.28 24.71 -19.07
CA VAL D 148 -18.91 25.82 -18.19
C VAL D 148 -19.83 27.02 -18.40
N LEU D 149 -20.38 27.19 -19.60
CA LEU D 149 -21.08 28.43 -19.91
C LEU D 149 -22.27 28.74 -19.01
N PRO D 150 -23.13 27.81 -18.60
CA PRO D 150 -24.22 28.16 -17.68
C PRO D 150 -23.74 28.72 -16.34
N TRP D 151 -22.49 28.44 -15.97
CA TRP D 151 -21.91 28.98 -14.74
C TRP D 151 -22.67 28.52 -13.50
N GLY D 152 -23.03 27.23 -13.49
CA GLY D 152 -23.56 26.57 -12.33
C GLY D 152 -22.43 26.07 -11.45
N GLN D 153 -22.80 25.27 -10.43
CA GLN D 153 -21.78 24.77 -9.52
C GLN D 153 -20.86 23.76 -10.21
N MET D 154 -21.42 22.88 -11.03
CA MET D 154 -20.59 21.93 -11.76
C MET D 154 -19.75 22.65 -12.81
N SER D 155 -20.33 23.68 -13.44
CA SER D 155 -19.60 24.49 -14.40
C SER D 155 -18.35 25.07 -13.76
N PHE D 156 -18.51 25.75 -12.63
CA PHE D 156 -17.41 26.46 -12.01
C PHE D 156 -16.34 25.50 -11.50
N TRP D 157 -16.73 24.42 -10.83
CA TRP D 157 -15.73 23.56 -10.21
C TRP D 157 -15.12 22.61 -11.23
N GLY D 158 -15.87 22.24 -12.28
CA GLY D 158 -15.27 21.52 -13.37
C GLY D 158 -14.19 22.34 -14.04
N ALA D 159 -14.44 23.65 -14.19
CA ALA D 159 -13.46 24.54 -14.80
C ALA D 159 -12.25 24.68 -13.89
N THR D 160 -12.47 24.76 -12.58
CA THR D 160 -11.37 24.80 -11.62
C THR D 160 -10.48 23.57 -11.74
N VAL D 161 -11.10 22.40 -11.78
CA VAL D 161 -10.35 21.14 -11.79
C VAL D 161 -9.58 20.98 -13.09
N ILE D 162 -10.25 21.25 -14.22
CA ILE D 162 -9.68 20.94 -15.52
C ILE D 162 -8.59 21.94 -15.86
N THR D 163 -8.74 23.19 -15.43
CA THR D 163 -7.62 24.13 -15.55
C THR D 163 -6.49 23.73 -14.61
N GLY D 164 -6.84 23.05 -13.51
CA GLY D 164 -5.82 22.56 -12.60
C GLY D 164 -4.96 21.45 -13.19
N LEU D 165 -5.51 20.70 -14.16
CA LEU D 165 -4.74 19.64 -14.82
C LEU D 165 -3.44 20.18 -15.38
N PHE D 166 -3.47 21.38 -15.94
CA PHE D 166 -2.31 21.95 -16.59
C PHE D 166 -1.33 22.50 -15.57
N GLY D 167 -1.79 22.79 -14.36
CA GLY D 167 -0.93 23.18 -13.26
C GLY D 167 -0.04 22.06 -12.76
N ALA D 168 -0.34 20.81 -13.13
CA ALA D 168 0.44 19.66 -12.68
C ALA D 168 1.71 19.45 -13.48
N ILE D 169 1.88 20.17 -14.58
CA ILE D 169 3.10 20.03 -15.39
C ILE D 169 4.28 20.66 -14.64
N PRO D 170 5.37 19.94 -14.42
CA PRO D 170 6.51 20.54 -13.70
C PRO D 170 7.06 21.75 -14.41
N GLY D 171 7.49 22.75 -13.63
CA GLY D 171 8.14 23.91 -14.20
C GLY D 171 7.19 24.94 -14.77
N ILE D 172 6.47 24.57 -15.82
CA ILE D 172 5.64 25.49 -16.59
C ILE D 172 4.17 25.41 -16.20
N GLY D 173 3.80 24.52 -15.28
CA GLY D 173 2.40 24.29 -14.99
C GLY D 173 1.66 25.53 -14.53
N HIS D 174 2.24 26.30 -13.60
CA HIS D 174 1.52 27.45 -13.09
C HIS D 174 1.34 28.54 -14.15
N SER D 175 2.33 28.70 -15.04
CA SER D 175 2.19 29.69 -16.11
C SER D 175 1.05 29.34 -17.04
N ILE D 176 0.98 28.09 -17.48
CA ILE D 176 -0.11 27.65 -18.35
C ILE D 176 -1.43 27.87 -17.62
N GLN D 177 -1.46 27.55 -16.33
CA GLN D 177 -2.68 27.67 -15.56
C GLN D 177 -3.12 29.14 -15.46
N THR D 178 -2.20 30.05 -15.13
CA THR D 178 -2.53 31.47 -15.07
C THR D 178 -2.97 31.98 -16.43
N TRP D 179 -2.28 31.55 -17.48
CA TRP D 179 -2.59 31.94 -18.84
C TRP D 179 -3.99 31.48 -19.25
N LEU D 180 -4.34 30.24 -18.93
CA LEU D 180 -5.69 29.75 -19.23
C LEU D 180 -6.75 30.50 -18.43
N LEU D 181 -6.46 30.84 -17.17
CA LEU D 181 -7.48 31.45 -16.31
C LEU D 181 -7.63 32.94 -16.57
N GLY D 182 -6.55 33.61 -16.93
CA GLY D 182 -6.56 35.05 -17.03
C GLY D 182 -6.53 35.74 -15.69
N GLY D 183 -6.09 35.02 -14.65
CA GLY D 183 -6.06 35.56 -13.31
C GLY D 183 -5.72 34.51 -12.25
N PRO D 184 -5.88 34.88 -10.97
CA PRO D 184 -5.59 33.93 -9.89
C PRO D 184 -6.62 32.85 -9.71
N ALA D 185 -7.81 32.98 -10.30
CA ALA D 185 -8.86 32.01 -10.08
C ALA D 185 -9.80 32.02 -11.27
N VAL D 186 -10.63 30.98 -11.34
CA VAL D 186 -11.71 30.96 -12.32
C VAL D 186 -12.63 32.15 -12.03
N ASP D 187 -12.74 33.03 -13.01
CA ASP D 187 -13.53 34.26 -12.88
C ASP D 187 -14.09 34.63 -14.25
N ASN D 188 -14.43 35.91 -14.42
CA ASN D 188 -15.07 36.35 -15.66
C ASN D 188 -14.16 36.18 -16.86
N ALA D 189 -12.88 36.55 -16.72
CA ALA D 189 -11.92 36.38 -17.80
C ALA D 189 -11.92 34.94 -18.30
N THR D 190 -12.11 34.00 -17.38
CA THR D 190 -12.13 32.60 -17.78
C THR D 190 -13.40 32.28 -18.54
N LEU D 191 -14.55 32.73 -18.02
CA LEU D 191 -15.81 32.49 -18.70
C LEU D 191 -15.81 33.12 -20.09
N ASN D 192 -15.30 34.34 -20.19
CA ASN D 192 -15.36 35.08 -21.45
C ASN D 192 -14.56 34.38 -22.55
N ARG D 193 -13.38 33.86 -22.21
CA ARG D 193 -12.55 33.22 -23.23
C ARG D 193 -13.04 31.82 -23.55
N PHE D 194 -13.60 31.11 -22.57
CA PHE D 194 -14.18 29.79 -22.87
C PHE D 194 -15.32 29.91 -23.85
N PHE D 195 -16.07 31.01 -23.80
CA PHE D 195 -17.18 31.21 -24.73
C PHE D 195 -16.67 31.36 -26.15
N SER D 196 -15.63 32.18 -26.34
CA SER D 196 -15.09 32.37 -27.67
C SER D 196 -14.58 31.07 -28.26
N LEU D 197 -13.90 30.26 -27.45
CA LEU D 197 -13.33 29.01 -27.93
C LEU D 197 -14.37 27.93 -28.12
N HIS D 198 -15.44 27.93 -27.33
CA HIS D 198 -16.51 26.95 -27.52
C HIS D 198 -17.19 27.13 -28.87
N TYR D 199 -17.23 28.37 -29.37
CA TYR D 199 -17.80 28.68 -30.66
C TYR D 199 -16.87 28.24 -31.78
N LEU D 200 -15.57 28.52 -31.60
CA LEU D 200 -14.57 28.26 -32.62
C LEU D 200 -14.40 26.76 -32.90
N LEU D 201 -14.17 25.95 -31.86
CA LEU D 201 -13.72 24.58 -32.08
C LEU D 201 -14.67 23.73 -32.91
N PRO D 202 -15.99 23.84 -32.78
CA PRO D 202 -16.88 23.08 -33.66
C PRO D 202 -16.60 23.30 -35.15
N PHE D 203 -16.07 24.46 -35.53
CA PHE D 203 -15.71 24.67 -36.93
C PHE D 203 -14.42 23.94 -37.27
N VAL D 204 -13.50 23.83 -36.31
CA VAL D 204 -12.30 23.03 -36.52
C VAL D 204 -12.67 21.56 -36.66
N ILE D 205 -13.61 21.08 -35.83
CA ILE D 205 -14.10 19.72 -35.96
C ILE D 205 -14.68 19.51 -37.35
N ALA D 206 -15.46 20.47 -37.83
CA ALA D 206 -16.04 20.35 -39.16
C ALA D 206 -14.94 20.23 -40.20
N ALA D 207 -13.88 21.01 -40.05
CA ALA D 207 -12.76 20.91 -40.98
C ALA D 207 -12.08 19.56 -40.85
N LEU D 208 -11.91 19.08 -39.62
CA LEU D 208 -11.31 17.76 -39.43
C LEU D 208 -12.20 16.67 -40.02
N VAL D 209 -13.52 16.80 -39.87
CA VAL D 209 -14.40 15.79 -40.43
C VAL D 209 -14.25 15.75 -41.95
N ALA D 210 -14.02 16.91 -42.57
CA ALA D 210 -13.81 16.93 -44.02
C ALA D 210 -12.57 16.12 -44.40
N ILE D 211 -11.50 16.27 -43.63
CA ILE D 211 -10.28 15.50 -43.87
C ILE D 211 -10.51 14.03 -43.54
N HIS D 212 -11.23 13.76 -42.45
CA HIS D 212 -11.63 12.41 -42.07
C HIS D 212 -12.34 11.68 -43.22
N ILE D 213 -13.30 12.34 -43.86
CA ILE D 213 -14.04 11.73 -44.95
C ILE D 213 -13.16 11.55 -46.16
N TRP D 214 -12.33 12.54 -46.43
CA TRP D 214 -11.40 12.43 -47.53
C TRP D 214 -10.47 11.25 -47.30
N ALA D 215 -10.15 10.98 -46.03
CA ALA D 215 -9.20 9.92 -45.71
C ALA D 215 -9.78 8.55 -46.04
N PHE D 216 -11.02 8.27 -45.61
CA PHE D 216 -11.57 6.93 -45.88
C PHE D 216 -12.19 6.82 -47.26
N HIS D 217 -12.34 7.94 -47.98
CA HIS D 217 -12.72 7.88 -49.38
C HIS D 217 -11.52 7.49 -50.24
N SER D 218 -10.31 7.89 -49.85
CA SER D 218 -9.13 7.51 -50.63
C SER D 218 -8.90 6.00 -50.56
N THR D 219 -9.08 5.40 -49.39
CA THR D 219 -8.83 3.97 -49.19
C THR D 219 -10.07 3.10 -49.39
N GLY D 220 -11.25 3.63 -49.21
CA GLY D 220 -12.47 2.83 -49.19
C GLY D 220 -12.80 2.31 -47.81
N ASN D 221 -14.11 2.19 -47.56
CA ASN D 221 -14.60 1.74 -46.26
C ASN D 221 -14.18 0.31 -45.94
N ASN D 222 -13.87 0.09 -44.68
CA ASN D 222 -13.71 -1.25 -44.16
C ASN D 222 -15.08 -1.92 -44.08
N ASN D 223 -15.07 -3.24 -43.97
CA ASN D 223 -16.29 -4.03 -43.82
C ASN D 223 -16.07 -5.14 -42.78
N PRO D 224 -17.15 -5.80 -42.30
CA PRO D 224 -16.98 -6.79 -41.23
C PRO D 224 -15.98 -7.91 -41.46
N THR D 225 -15.67 -8.24 -42.71
CA THR D 225 -14.73 -9.33 -42.98
C THR D 225 -13.28 -8.88 -42.99
N GLY D 226 -13.04 -7.58 -43.14
CA GLY D 226 -11.70 -7.06 -43.28
C GLY D 226 -11.07 -7.34 -44.63
N VAL D 227 -11.80 -7.95 -45.56
CA VAL D 227 -11.30 -8.25 -46.89
C VAL D 227 -11.66 -7.09 -47.83
N GLU D 228 -10.65 -6.55 -48.50
CA GLU D 228 -10.85 -5.37 -49.33
C GLU D 228 -11.58 -5.71 -50.62
N VAL D 229 -12.25 -4.69 -51.16
CA VAL D 229 -12.94 -4.80 -52.43
C VAL D 229 -11.96 -5.10 -53.54
N ARG D 230 -12.33 -6.02 -54.42
CA ARG D 230 -11.51 -6.34 -55.58
C ARG D 230 -11.45 -5.15 -56.53
N ARG D 231 -10.22 -4.82 -56.95
CA ARG D 231 -9.98 -3.64 -57.77
C ARG D 231 -9.40 -3.96 -59.14
N THR D 232 -9.25 -5.23 -59.48
CA THR D 232 -8.65 -5.60 -60.76
C THR D 232 -9.53 -5.26 -61.96
N SER D 233 -10.84 -5.12 -61.76
CA SER D 233 -11.74 -4.74 -62.84
C SER D 233 -13.06 -4.24 -62.27
N LYS D 234 -13.79 -3.45 -63.07
CA LYS D 234 -15.08 -2.93 -62.63
C LYS D 234 -16.08 -4.07 -62.46
N ALA D 235 -15.91 -5.15 -63.22
CA ALA D 235 -16.82 -6.29 -63.18
C ALA D 235 -16.91 -6.88 -61.78
N GLU D 236 -15.77 -7.15 -61.15
CA GLU D 236 -15.72 -7.81 -59.84
C GLU D 236 -15.82 -6.84 -58.65
N ALA D 237 -15.66 -5.53 -58.87
CA ALA D 237 -15.93 -4.57 -57.81
C ALA D 237 -17.41 -4.49 -57.47
N GLN D 238 -18.28 -4.68 -58.46
CA GLN D 238 -19.72 -4.58 -58.24
C GLN D 238 -20.26 -5.80 -57.51
N LYS D 239 -19.60 -6.95 -57.63
CA LYS D 239 -20.03 -8.10 -56.86
C LYS D 239 -19.72 -7.95 -55.38
N ASP D 240 -18.75 -7.11 -55.03
CA ASP D 240 -18.38 -6.83 -53.64
C ASP D 240 -19.08 -5.60 -53.08
N THR D 241 -19.72 -4.77 -53.91
CA THR D 241 -20.17 -3.44 -53.52
C THR D 241 -21.56 -3.16 -54.06
N VAL D 242 -22.17 -2.12 -53.51
CA VAL D 242 -23.31 -1.43 -54.13
C VAL D 242 -23.01 0.06 -54.02
N PRO D 243 -23.55 0.90 -54.88
CA PRO D 243 -23.26 2.34 -54.77
C PRO D 243 -23.84 2.90 -53.48
N PHE D 244 -23.08 3.83 -52.89
CA PHE D 244 -23.48 4.46 -51.63
C PHE D 244 -24.91 4.99 -51.73
N TRP D 245 -25.19 5.83 -52.80
CA TRP D 245 -26.56 6.24 -53.15
C TRP D 245 -27.12 5.25 -54.15
N PRO D 246 -28.37 4.77 -53.97
CA PRO D 246 -29.36 4.98 -52.91
C PRO D 246 -29.23 4.00 -51.73
N TYR D 247 -28.52 2.89 -51.97
CA TYR D 247 -28.56 1.73 -51.08
C TYR D 247 -28.22 2.06 -49.62
N PHE D 248 -27.15 2.82 -49.39
CA PHE D 248 -26.74 3.16 -48.03
C PHE D 248 -27.20 4.53 -47.56
N ILE D 249 -27.59 5.41 -48.47
CA ILE D 249 -28.25 6.65 -48.07
C ILE D 249 -29.55 6.33 -47.36
N ILE D 250 -30.37 5.51 -48.00
CA ILE D 250 -31.68 5.18 -47.43
C ILE D 250 -31.48 4.41 -46.13
N LYS D 251 -30.48 3.52 -46.10
CA LYS D 251 -30.20 2.78 -44.88
C LYS D 251 -29.76 3.73 -43.77
N ASP D 252 -29.01 4.79 -44.12
CA ASP D 252 -28.58 5.74 -43.11
C ASP D 252 -29.76 6.56 -42.60
N VAL D 253 -30.58 7.05 -43.53
CA VAL D 253 -31.75 7.84 -43.16
C VAL D 253 -32.70 7.04 -42.30
N PHE D 254 -32.88 5.76 -42.61
CA PHE D 254 -33.72 4.92 -41.76
C PHE D 254 -33.16 4.80 -40.36
N ALA D 255 -31.90 4.40 -40.23
CA ALA D 255 -31.27 4.26 -38.94
C ALA D 255 -31.30 5.57 -38.15
N LEU D 256 -31.07 6.68 -38.86
CA LEU D 256 -31.08 7.99 -38.23
C LEU D 256 -32.47 8.30 -37.65
N ALA D 257 -33.54 7.96 -38.38
CA ALA D 257 -34.89 8.20 -37.88
C ALA D 257 -35.15 7.44 -36.59
N VAL D 258 -34.54 6.25 -36.45
CA VAL D 258 -34.73 5.42 -35.26
C VAL D 258 -33.94 6.01 -34.09
N VAL D 259 -32.72 6.48 -34.35
CA VAL D 259 -31.92 7.13 -33.32
C VAL D 259 -32.65 8.36 -32.81
N LEU D 260 -33.22 9.14 -33.72
CA LEU D 260 -33.88 10.35 -33.28
C LEU D 260 -35.17 10.03 -32.55
N LEU D 261 -35.81 8.91 -32.88
CA LEU D 261 -36.97 8.51 -32.10
C LEU D 261 -36.60 8.37 -30.63
N VAL D 262 -35.53 7.63 -30.34
CA VAL D 262 -35.08 7.51 -28.96
C VAL D 262 -34.62 8.84 -28.40
N PHE D 263 -33.77 9.55 -29.16
CA PHE D 263 -33.21 10.83 -28.68
C PHE D 263 -34.30 11.84 -28.35
N PHE D 264 -35.31 11.96 -29.22
CA PHE D 264 -36.37 12.91 -28.95
C PHE D 264 -37.29 12.46 -27.82
N ALA D 265 -37.37 11.16 -27.57
CA ALA D 265 -38.12 10.72 -26.40
C ALA D 265 -37.40 11.15 -25.13
N ILE D 266 -36.07 11.01 -25.10
CA ILE D 266 -35.27 11.46 -23.96
C ILE D 266 -35.49 12.95 -23.75
N VAL D 267 -35.28 13.75 -24.81
CA VAL D 267 -35.37 15.20 -24.68
C VAL D 267 -36.78 15.59 -24.25
N GLY D 268 -37.78 14.88 -24.75
CA GLY D 268 -39.15 15.26 -24.45
C GLY D 268 -39.63 14.87 -23.07
N PHE D 269 -39.14 13.75 -22.53
CA PHE D 269 -39.73 13.15 -21.34
C PHE D 269 -38.77 12.92 -20.18
N MET D 270 -37.47 12.95 -20.42
CA MET D 270 -36.52 12.87 -19.31
C MET D 270 -35.24 13.59 -19.71
N PRO D 271 -35.34 14.89 -19.98
CA PRO D 271 -34.19 15.65 -20.51
C PRO D 271 -33.05 15.85 -19.52
N ASN D 272 -33.29 15.67 -18.21
CA ASN D 272 -32.27 15.94 -17.20
C ASN D 272 -31.64 14.67 -16.63
N TYR D 273 -32.05 13.49 -17.11
CA TYR D 273 -31.52 12.24 -16.57
C TYR D 273 -30.01 12.17 -16.68
N LEU D 274 -29.44 12.59 -17.81
CA LEU D 274 -28.00 12.48 -18.00
C LEU D 274 -27.25 13.68 -17.46
N GLY D 275 -27.92 14.56 -16.72
CA GLY D 275 -27.32 15.75 -16.17
C GLY D 275 -27.09 15.63 -14.68
N HIS D 276 -26.44 16.67 -14.14
CA HIS D 276 -26.16 16.79 -12.73
C HIS D 276 -27.05 17.86 -12.11
N PRO D 277 -27.92 17.54 -11.14
CA PRO D 277 -28.81 18.59 -10.59
C PRO D 277 -28.08 19.80 -10.04
N ASP D 278 -26.83 19.64 -9.60
CA ASP D 278 -26.13 20.76 -8.98
C ASP D 278 -25.78 21.87 -9.94
N ASN D 279 -25.91 21.66 -11.26
CA ASN D 279 -25.61 22.75 -12.18
C ASN D 279 -26.82 23.67 -12.34
N TYR D 280 -27.94 23.35 -11.70
CA TYR D 280 -29.06 24.26 -11.52
C TYR D 280 -28.88 25.11 -10.26
N ILE D 281 -27.69 25.05 -9.65
CA ILE D 281 -27.30 25.90 -8.53
C ILE D 281 -26.23 26.86 -9.04
N GLU D 282 -26.38 28.14 -8.74
CA GLU D 282 -25.41 29.13 -9.19
C GLU D 282 -24.02 28.84 -8.65
N ALA D 283 -23.02 29.10 -9.50
CA ALA D 283 -21.61 28.96 -9.12
C ALA D 283 -21.32 29.64 -7.80
N ASN D 284 -20.69 28.90 -6.89
CA ASN D 284 -20.25 29.39 -5.58
C ASN D 284 -18.77 29.17 -5.38
N PRO D 285 -17.91 30.20 -5.54
CA PRO D 285 -16.47 29.97 -5.42
C PRO D 285 -16.00 29.61 -4.01
N LEU D 286 -16.89 29.60 -3.01
CA LEU D 286 -16.53 29.29 -1.64
C LEU D 286 -17.00 27.92 -1.18
N SER D 287 -17.66 27.15 -2.03
CA SER D 287 -18.21 25.86 -1.61
C SER D 287 -18.30 24.94 -2.81
N THR D 288 -17.60 23.79 -2.73
CA THR D 288 -17.73 22.73 -3.71
C THR D 288 -18.82 21.74 -3.28
N PRO D 289 -19.81 21.43 -4.11
CA PRO D 289 -20.82 20.45 -3.71
C PRO D 289 -20.18 19.13 -3.33
N ALA D 290 -20.79 18.45 -2.36
CA ALA D 290 -20.28 17.18 -1.87
C ALA D 290 -20.39 16.09 -2.92
N HIS D 291 -21.43 16.12 -3.74
CA HIS D 291 -21.72 15.07 -4.72
C HIS D 291 -21.36 15.54 -6.12
N ILE D 292 -20.26 16.28 -6.18
CA ILE D 292 -19.70 16.71 -7.45
C ILE D 292 -19.31 15.49 -8.26
N VAL D 293 -19.76 15.43 -9.50
CA VAL D 293 -19.42 14.31 -10.38
C VAL D 293 -19.25 14.84 -11.80
N PRO D 294 -18.27 14.36 -12.57
CA PRO D 294 -18.14 14.83 -13.96
C PRO D 294 -19.30 14.37 -14.82
N GLU D 295 -19.38 14.99 -15.99
CA GLU D 295 -20.30 14.56 -17.02
C GLU D 295 -20.04 13.09 -17.33
N TRP D 296 -21.11 12.33 -17.56
CA TRP D 296 -20.98 10.88 -17.62
C TRP D 296 -19.97 10.44 -18.67
N TYR D 297 -19.88 11.18 -19.80
CA TYR D 297 -18.99 10.81 -20.89
C TYR D 297 -17.53 11.08 -20.57
N PHE D 298 -17.24 11.76 -19.46
CA PHE D 298 -15.89 11.97 -18.96
C PHE D 298 -15.50 10.98 -17.86
N LEU D 299 -16.44 10.21 -17.33
CA LEU D 299 -16.18 9.40 -16.14
C LEU D 299 -15.04 8.39 -16.30
N PRO D 300 -14.88 7.68 -17.43
CA PRO D 300 -13.79 6.70 -17.49
C PRO D 300 -12.41 7.32 -17.29
N PHE D 301 -12.18 8.50 -17.85
CA PHE D 301 -10.87 9.14 -17.74
C PHE D 301 -10.70 9.76 -16.37
N TYR D 302 -11.80 10.22 -15.77
CA TYR D 302 -11.78 10.67 -14.39
C TYR D 302 -11.44 9.53 -13.43
N ALA D 303 -12.03 8.34 -13.64
CA ALA D 303 -11.75 7.20 -12.77
C ALA D 303 -10.29 6.81 -12.80
N ILE D 304 -9.67 6.88 -13.97
CA ILE D 304 -8.25 6.55 -14.13
C ILE D 304 -7.38 7.54 -13.36
N LEU D 305 -7.67 8.83 -13.51
CA LEU D 305 -6.85 9.87 -12.88
C LEU D 305 -6.83 9.71 -11.37
N ARG D 306 -8.01 9.58 -10.75
CA ARG D 306 -8.06 9.59 -9.30
C ARG D 306 -7.69 8.23 -8.69
N ALA D 307 -7.56 7.18 -9.50
CA ALA D 307 -7.12 5.88 -9.02
C ALA D 307 -5.69 5.89 -8.51
N PHE D 308 -4.87 6.84 -8.95
CA PHE D 308 -3.44 6.87 -8.66
C PHE D 308 -3.22 7.85 -7.51
N THR D 309 -3.40 7.33 -6.30
CA THR D 309 -3.20 8.02 -5.04
C THR D 309 -1.78 7.84 -4.53
N ALA D 310 -1.48 8.46 -3.39
CA ALA D 310 -0.15 8.38 -2.80
C ALA D 310 0.23 6.95 -2.39
N ASP D 311 -0.76 6.12 -2.04
CA ASP D 311 -0.47 4.76 -1.56
C ASP D 311 -0.07 3.80 -2.66
N VAL D 312 -0.47 4.08 -3.91
CA VAL D 312 -0.22 3.15 -5.01
C VAL D 312 1.28 2.95 -5.18
N TRP D 313 1.71 1.70 -5.28
CA TRP D 313 3.15 1.44 -5.23
C TRP D 313 3.85 1.93 -6.50
N VAL D 314 3.22 1.83 -7.67
CA VAL D 314 3.89 2.33 -8.87
C VAL D 314 4.05 3.84 -8.79
N VAL D 315 3.15 4.52 -8.07
CA VAL D 315 3.33 5.95 -7.83
C VAL D 315 4.53 6.16 -6.92
N GLN D 316 4.67 5.32 -5.90
CA GLN D 316 5.78 5.47 -4.97
C GLN D 316 7.11 5.18 -5.66
N ILE D 317 7.13 4.25 -6.62
CA ILE D 317 8.32 4.02 -7.42
C ILE D 317 8.57 5.21 -8.34
N ALA D 318 7.52 5.66 -9.03
CA ALA D 318 7.66 6.83 -9.91
C ALA D 318 8.17 8.05 -9.16
N ASN D 319 7.64 8.30 -7.96
CA ASN D 319 8.07 9.47 -7.19
C ASN D 319 9.52 9.36 -6.77
N PHE D 320 9.96 8.16 -6.36
CA PHE D 320 11.32 7.96 -5.89
C PHE D 320 12.32 8.08 -7.03
N ILE D 321 12.08 7.35 -8.11
CA ILE D 321 12.97 7.35 -9.27
C ILE D 321 13.05 8.73 -9.91
N SER D 322 11.94 9.45 -9.94
CA SER D 322 11.91 10.77 -10.57
C SER D 322 12.30 11.90 -9.62
N PHE D 323 12.86 11.60 -8.46
CA PHE D 323 13.31 12.62 -7.51
C PHE D 323 12.16 13.57 -7.12
N GLY D 324 10.93 13.07 -7.11
CA GLY D 324 9.78 13.82 -6.64
C GLY D 324 8.98 14.55 -7.72
N ILE D 325 9.49 14.62 -8.96
CA ILE D 325 8.77 15.29 -10.03
C ILE D 325 7.41 14.65 -10.28
N ILE D 326 7.37 13.33 -10.39
CA ILE D 326 6.13 12.61 -10.66
C ILE D 326 5.57 12.15 -9.32
N ASP D 327 4.70 12.96 -8.75
CA ASP D 327 3.96 12.57 -7.55
C ASP D 327 2.61 12.01 -8.01
N ALA D 328 1.75 11.65 -7.07
CA ALA D 328 0.46 11.06 -7.43
C ALA D 328 -0.34 12.02 -8.30
N LYS D 329 -0.22 13.32 -8.01
CA LYS D 329 -0.97 14.33 -8.76
C LYS D 329 -0.59 14.32 -10.24
N PHE D 330 0.70 14.46 -10.53
CA PHE D 330 1.14 14.50 -11.91
C PHE D 330 1.04 13.13 -12.56
N PHE D 331 1.24 12.08 -11.78
CA PHE D 331 1.14 10.73 -12.29
C PHE D 331 -0.28 10.49 -12.78
N GLY D 332 -1.28 10.94 -12.01
CA GLY D 332 -2.66 10.75 -12.39
C GLY D 332 -3.00 11.49 -13.68
N VAL D 333 -2.39 12.65 -13.89
CA VAL D 333 -2.62 13.39 -15.13
C VAL D 333 -1.98 12.67 -16.31
N LEU D 334 -0.75 12.17 -16.11
CA LEU D 334 -0.08 11.40 -17.14
C LEU D 334 -0.87 10.14 -17.45
N ALA D 335 -1.40 9.48 -16.42
CA ALA D 335 -2.17 8.27 -16.64
C ALA D 335 -3.41 8.54 -17.48
N MET D 336 -4.08 9.66 -17.23
CA MET D 336 -5.32 9.96 -17.93
C MET D 336 -5.11 10.27 -19.42
N PHE D 337 -4.22 11.23 -19.72
CA PHE D 337 -3.90 11.52 -21.12
C PHE D 337 -3.14 10.37 -21.78
N GLY D 338 -2.39 9.60 -21.00
CA GLY D 338 -1.70 8.45 -21.56
C GLY D 338 -2.66 7.38 -22.03
N ALA D 339 -3.80 7.24 -21.35
CA ALA D 339 -4.80 6.25 -21.74
C ALA D 339 -5.36 6.57 -23.11
N ILE D 340 -5.52 7.86 -23.42
CA ILE D 340 -6.01 8.26 -24.74
C ILE D 340 -4.91 8.08 -25.77
N LEU D 341 -3.66 8.37 -25.38
CA LEU D 341 -2.55 8.29 -26.33
C LEU D 341 -2.31 6.86 -26.78
N VAL D 342 -2.35 5.88 -25.86
CA VAL D 342 -2.08 4.51 -26.29
C VAL D 342 -3.16 4.04 -27.24
N MET D 343 -4.37 4.57 -27.11
CA MET D 343 -5.43 4.24 -28.04
C MET D 343 -5.19 4.88 -29.40
N ALA D 344 -4.55 6.05 -29.40
CA ALA D 344 -4.19 6.67 -30.66
C ALA D 344 -3.11 5.88 -31.36
N LEU D 345 -2.28 5.17 -30.59
CA LEU D 345 -1.15 4.44 -31.11
C LEU D 345 -1.47 3.00 -31.48
N VAL D 346 -2.74 2.58 -31.38
CA VAL D 346 -3.10 1.18 -31.59
C VAL D 346 -2.74 0.70 -32.99
N PRO D 347 -2.65 1.53 -34.05
CA PRO D 347 -2.19 0.96 -35.33
C PRO D 347 -0.77 0.42 -35.26
N TRP D 348 0.06 0.99 -34.39
CA TRP D 348 1.47 0.60 -34.30
C TRP D 348 1.74 -0.33 -33.12
N LEU D 349 0.73 -0.60 -32.30
CA LEU D 349 0.83 -1.54 -31.20
C LEU D 349 0.23 -2.89 -31.56
N ASP D 350 -0.78 -2.88 -32.43
CA ASP D 350 -1.40 -4.12 -32.92
C ASP D 350 -0.52 -4.68 -34.04
N THR D 351 0.23 -5.73 -33.72
CA THR D 351 1.21 -6.30 -34.63
C THR D 351 0.63 -7.44 -35.47
N SER D 352 -0.67 -7.75 -35.33
CA SER D 352 -1.32 -8.80 -36.10
C SER D 352 -1.57 -8.37 -37.54
N PRO D 353 -1.33 -9.24 -38.53
CA PRO D 353 -1.64 -8.87 -39.93
C PRO D 353 -3.10 -9.10 -40.30
N VAL D 354 -3.87 -9.76 -39.43
CA VAL D 354 -5.28 -9.99 -39.69
C VAL D 354 -6.04 -8.72 -39.35
N ARG D 355 -6.78 -8.18 -40.33
CA ARG D 355 -7.44 -6.91 -40.08
C ARG D 355 -8.64 -7.09 -39.15
N SER D 356 -9.63 -7.88 -39.55
CA SER D 356 -10.86 -8.00 -38.77
C SER D 356 -10.69 -8.91 -37.57
N GLY D 357 -11.13 -8.43 -36.41
CA GLY D 357 -11.11 -9.21 -35.20
C GLY D 357 -12.10 -10.35 -35.20
N ARG D 358 -13.01 -10.39 -36.19
CA ARG D 358 -13.97 -11.48 -36.30
C ARG D 358 -13.28 -12.83 -36.46
N TYR D 359 -12.07 -12.84 -37.04
CA TYR D 359 -11.32 -14.06 -37.34
C TYR D 359 -10.06 -14.19 -36.48
N ARG D 360 -10.07 -13.57 -35.28
CA ARG D 360 -8.96 -13.60 -34.34
C ARG D 360 -9.52 -14.12 -33.01
N PRO D 361 -9.48 -15.44 -32.77
CA PRO D 361 -10.14 -16.00 -31.57
C PRO D 361 -9.67 -15.43 -30.24
N MET D 362 -8.36 -15.31 -30.03
CA MET D 362 -7.90 -14.76 -28.76
C MET D 362 -8.18 -13.26 -28.67
N PHE D 363 -8.04 -12.53 -29.78
CA PHE D 363 -8.29 -11.09 -29.76
C PHE D 363 -9.71 -10.78 -29.28
N LYS D 364 -10.71 -11.55 -29.75
CA LYS D 364 -12.10 -11.29 -29.34
C LYS D 364 -12.25 -11.27 -27.82
N ILE D 365 -11.58 -12.20 -27.13
CA ILE D 365 -11.67 -12.26 -25.67
C ILE D 365 -11.18 -10.96 -25.06
N TYR D 366 -9.97 -10.54 -25.43
CA TYR D 366 -9.39 -9.37 -24.80
C TYR D 366 -10.11 -8.09 -25.22
N PHE D 367 -10.70 -8.08 -26.41
CA PHE D 367 -11.47 -6.91 -26.82
C PHE D 367 -12.71 -6.74 -25.97
N TRP D 368 -13.47 -7.81 -25.78
CA TRP D 368 -14.71 -7.69 -25.02
C TRP D 368 -14.44 -7.40 -23.55
N LEU D 369 -13.28 -7.81 -23.06
CA LEU D 369 -12.88 -7.37 -21.73
C LEU D 369 -12.63 -5.88 -21.71
N LEU D 370 -12.07 -5.34 -22.81
CA LEU D 370 -11.84 -3.91 -22.89
C LEU D 370 -13.16 -3.16 -22.93
N ALA D 371 -14.14 -3.67 -23.67
CA ALA D 371 -15.45 -3.03 -23.69
C ALA D 371 -16.06 -3.06 -22.29
N ALA D 372 -16.00 -4.20 -21.62
CA ALA D 372 -16.49 -4.29 -20.25
C ALA D 372 -15.70 -3.36 -19.35
N ASP D 373 -14.38 -3.27 -19.55
CA ASP D 373 -13.54 -2.39 -18.75
C ASP D 373 -13.97 -0.92 -18.91
N PHE D 374 -14.33 -0.53 -20.13
CA PHE D 374 -14.73 0.85 -20.37
C PHE D 374 -16.02 1.17 -19.62
N VAL D 375 -16.96 0.22 -19.63
CA VAL D 375 -18.20 0.39 -18.85
C VAL D 375 -17.90 0.40 -17.36
N ILE D 376 -17.00 -0.50 -16.91
CA ILE D 376 -16.64 -0.54 -15.49
C ILE D 376 -16.03 0.79 -15.08
N LEU D 377 -15.06 1.27 -15.88
CA LEU D 377 -14.43 2.55 -15.61
C LEU D 377 -15.47 3.68 -15.53
N THR D 378 -16.47 3.66 -16.42
CA THR D 378 -17.53 4.66 -16.36
C THR D 378 -18.29 4.56 -15.04
N TRP D 379 -18.60 3.34 -14.62
CA TRP D 379 -19.38 3.11 -13.42
C TRP D 379 -18.61 3.50 -12.15
N VAL D 380 -17.34 3.11 -12.05
CA VAL D 380 -16.58 3.43 -10.85
C VAL D 380 -16.34 4.92 -10.74
N GLY D 381 -16.30 5.63 -11.87
CA GLY D 381 -16.15 7.08 -11.82
C GLY D 381 -17.22 7.74 -10.96
N ALA D 382 -18.42 7.13 -10.92
CA ALA D 382 -19.52 7.69 -10.15
C ALA D 382 -19.59 7.19 -8.71
N GLN D 383 -18.71 6.27 -8.30
CA GLN D 383 -18.69 5.77 -6.94
C GLN D 383 -17.68 6.53 -6.11
N GLN D 384 -17.70 6.26 -4.81
CA GLN D 384 -16.72 6.86 -3.91
C GLN D 384 -15.36 6.23 -4.13
N THR D 385 -14.33 6.86 -3.56
CA THR D 385 -12.96 6.39 -3.70
C THR D 385 -12.56 5.45 -2.57
N THR D 386 -13.51 5.00 -1.76
CA THR D 386 -13.28 4.07 -0.67
C THR D 386 -13.19 2.64 -1.21
N PHE D 387 -12.76 1.73 -0.35
CA PHE D 387 -12.76 0.31 -0.70
C PHE D 387 -14.19 -0.16 -1.01
N PRO D 388 -14.39 -1.00 -2.05
CA PRO D 388 -13.45 -1.61 -3.00
C PRO D 388 -13.22 -0.83 -4.29
N TYR D 389 -13.96 0.28 -4.45
CA TYR D 389 -13.91 1.04 -5.70
C TYR D 389 -12.50 1.51 -6.02
N ASP D 390 -11.68 1.80 -5.00
CA ASP D 390 -10.30 2.20 -5.23
C ASP D 390 -9.52 1.10 -5.92
N TRP D 391 -9.79 -0.15 -5.58
CA TRP D 391 -9.14 -1.27 -6.25
C TRP D 391 -9.75 -1.51 -7.63
N ILE D 392 -11.09 -1.44 -7.75
CA ILE D 392 -11.72 -1.64 -9.05
C ILE D 392 -11.17 -0.66 -10.06
N SER D 393 -10.93 0.58 -9.65
CA SER D 393 -10.43 1.57 -10.60
C SER D 393 -8.96 1.38 -10.93
N LEU D 394 -8.17 0.85 -10.00
CA LEU D 394 -6.77 0.57 -10.32
C LEU D 394 -6.64 -0.64 -11.24
N ILE D 395 -7.39 -1.71 -10.97
CA ILE D 395 -7.31 -2.91 -11.82
C ILE D 395 -7.80 -2.56 -13.23
N ALA D 396 -8.87 -1.77 -13.30
CA ALA D 396 -9.44 -1.38 -14.59
C ALA D 396 -8.46 -0.52 -15.37
N SER D 397 -7.80 0.44 -14.71
CA SER D 397 -6.81 1.24 -15.40
C SER D 397 -5.68 0.37 -15.91
N ALA D 398 -5.25 -0.60 -15.09
CA ALA D 398 -4.15 -1.49 -15.47
C ALA D 398 -4.50 -2.27 -16.74
N TYR D 399 -5.72 -2.78 -16.83
CA TYR D 399 -6.09 -3.57 -18.00
C TYR D 399 -6.14 -2.71 -19.26
N TRP D 400 -6.59 -1.46 -19.14
CA TRP D 400 -6.67 -0.58 -20.30
C TRP D 400 -5.28 -0.45 -20.94
N PHE D 401 -4.26 -0.19 -20.12
CA PHE D 401 -2.91 -0.04 -20.64
C PHE D 401 -2.34 -1.39 -21.06
N ALA D 402 -2.74 -2.46 -20.39
CA ALA D 402 -2.24 -3.78 -20.76
C ALA D 402 -2.71 -4.15 -22.16
N TYR D 403 -3.96 -3.82 -22.49
CA TYR D 403 -4.50 -4.17 -23.80
C TYR D 403 -3.67 -3.56 -24.92
N PHE D 404 -3.38 -2.26 -24.84
CA PHE D 404 -2.67 -1.61 -25.92
C PHE D 404 -1.17 -1.87 -25.87
N LEU D 405 -0.60 -1.92 -24.68
CA LEU D 405 0.86 -1.96 -24.56
C LEU D 405 1.42 -3.36 -24.44
N VAL D 406 0.59 -4.34 -24.06
CA VAL D 406 1.09 -5.71 -23.84
C VAL D 406 0.37 -6.75 -24.67
N ILE D 407 -0.95 -6.84 -24.53
CA ILE D 407 -1.70 -7.90 -25.21
C ILE D 407 -1.57 -7.78 -26.72
N LEU D 408 -1.88 -6.61 -27.27
CA LEU D 408 -1.92 -6.47 -28.72
C LEU D 408 -0.55 -6.73 -29.36
N PRO D 409 0.56 -6.21 -28.84
CA PRO D 409 1.86 -6.60 -29.42
C PRO D 409 2.13 -8.10 -29.32
N ILE D 410 1.80 -8.69 -28.17
CA ILE D 410 2.06 -10.11 -27.95
C ILE D 410 1.12 -10.96 -28.81
N LEU D 411 -0.14 -10.56 -28.91
CA LEU D 411 -1.13 -11.33 -29.66
C LEU D 411 -0.74 -11.51 -31.12
N GLY D 412 -0.13 -10.49 -31.73
CA GLY D 412 0.17 -10.56 -33.14
C GLY D 412 1.28 -11.53 -33.48
N ALA D 413 1.94 -12.11 -32.48
CA ALA D 413 3.04 -13.05 -32.66
C ALA D 413 2.74 -14.39 -32.02
N ILE D 414 1.46 -14.69 -31.72
CA ILE D 414 1.13 -15.92 -31.00
C ILE D 414 -0.17 -16.49 -31.57
N GLU D 415 -1.13 -15.61 -31.85
CA GLU D 415 -2.48 -16.02 -32.25
C GLU D 415 -2.47 -16.87 -33.52
N LYS D 416 -3.42 -17.81 -33.57
CA LYS D 416 -3.69 -18.61 -34.77
C LYS D 416 -5.05 -18.22 -35.36
N PRO D 417 -5.08 -17.30 -36.33
CA PRO D 417 -6.37 -16.81 -36.85
C PRO D 417 -7.08 -17.80 -37.77
N VAL D 418 -8.41 -17.61 -37.86
CA VAL D 418 -9.24 -18.38 -38.78
C VAL D 418 -9.16 -17.73 -40.16
N ALA D 419 -9.35 -18.53 -41.20
CA ALA D 419 -9.33 -18.00 -42.56
C ALA D 419 -10.54 -17.11 -42.82
N PRO D 420 -10.37 -15.88 -43.30
CA PRO D 420 -11.54 -15.08 -43.68
C PRO D 420 -12.08 -15.54 -45.02
N PRO D 421 -13.24 -15.04 -45.45
CA PRO D 421 -13.74 -15.39 -46.78
C PRO D 421 -12.79 -14.91 -47.87
N ALA D 422 -12.93 -15.53 -49.04
CA ALA D 422 -12.12 -15.13 -50.19
C ALA D 422 -12.51 -13.72 -50.65
N THR D 423 -13.81 -13.41 -50.64
CA THR D 423 -14.31 -12.15 -51.14
C THR D 423 -15.50 -11.72 -50.28
N ILE D 424 -15.89 -10.45 -50.46
CA ILE D 424 -17.09 -9.89 -49.83
C ILE D 424 -18.35 -10.58 -50.34
N GLU D 425 -18.38 -10.94 -51.62
CA GLU D 425 -19.54 -11.61 -52.21
C GLU D 425 -19.87 -12.88 -51.45
N GLU D 426 -18.85 -13.67 -51.11
CA GLU D 426 -19.07 -14.91 -50.37
C GLU D 426 -19.79 -14.65 -49.06
N ASP D 427 -19.34 -13.64 -48.29
CA ASP D 427 -19.93 -13.34 -46.99
C ASP D 427 -21.37 -12.86 -47.12
N PHE D 428 -21.67 -12.07 -48.14
CA PHE D 428 -23.01 -11.51 -48.30
C PHE D 428 -24.04 -12.60 -48.56
N ASN D 429 -23.76 -13.51 -49.49
CA ASN D 429 -24.71 -14.59 -49.78
C ASN D 429 -24.94 -15.48 -48.56
N ALA D 430 -23.94 -15.67 -47.73
CA ALA D 430 -24.11 -16.47 -46.51
C ALA D 430 -24.98 -15.75 -45.49
N ALA E 1 -21.85 13.98 3.18
CA ALA E 1 -23.30 13.80 2.94
C ALA E 1 -23.54 12.61 2.00
N GLY E 2 -24.80 12.42 1.61
CA GLY E 2 -25.17 11.31 0.75
C GLY E 2 -26.62 11.43 0.32
N GLY E 3 -27.11 10.36 -0.30
CA GLY E 3 -28.50 10.26 -0.64
C GLY E 3 -29.29 9.47 0.39
N GLY E 4 -30.61 9.53 0.27
CA GLY E 4 -31.48 8.90 1.23
C GLY E 4 -32.83 8.51 0.66
N HIS E 5 -33.73 8.06 1.54
CA HIS E 5 -35.04 7.59 1.13
C HIS E 5 -35.97 8.78 1.13
N VAL E 6 -36.77 8.89 0.07
CA VAL E 6 -37.80 9.90 -0.06
C VAL E 6 -39.15 9.20 -0.22
N GLU E 7 -40.21 9.85 0.26
CA GLU E 7 -41.56 9.34 0.10
C GLU E 7 -42.05 9.54 -1.33
N ASP E 8 -42.41 8.44 -2.00
CA ASP E 8 -42.81 8.45 -3.40
C ASP E 8 -44.23 9.00 -3.51
N VAL E 9 -44.33 10.31 -3.73
CA VAL E 9 -45.63 10.98 -3.87
C VAL E 9 -46.13 10.79 -5.30
N PRO E 10 -47.45 10.56 -5.52
CA PRO E 10 -47.96 10.50 -6.90
C PRO E 10 -48.41 11.86 -7.40
N PHE E 11 -47.48 12.63 -7.92
CA PHE E 11 -47.80 13.95 -8.43
C PHE E 11 -48.46 13.80 -9.79
N SER E 12 -49.42 14.69 -10.07
CA SER E 12 -50.17 14.63 -11.31
C SER E 12 -49.28 14.78 -12.53
N PHE E 13 -48.20 15.54 -12.41
CA PHE E 13 -47.33 15.86 -13.55
C PHE E 13 -46.37 14.73 -13.93
N GLU E 14 -46.38 13.62 -13.21
CA GLU E 14 -45.49 12.50 -13.47
C GLU E 14 -46.11 11.56 -14.50
N GLY E 15 -45.24 10.82 -15.18
CA GLY E 15 -45.67 9.98 -16.28
C GLY E 15 -45.61 10.75 -17.58
N PRO E 16 -45.51 10.05 -18.73
CA PRO E 16 -45.39 10.80 -20.00
C PRO E 16 -46.59 11.68 -20.31
N PHE E 17 -47.78 11.29 -19.86
CA PHE E 17 -49.01 12.06 -20.06
C PHE E 17 -49.38 12.89 -18.84
N GLY E 18 -48.46 13.01 -17.87
CA GLY E 18 -48.75 13.77 -16.66
C GLY E 18 -48.83 15.26 -16.93
N THR E 19 -49.74 15.92 -16.20
CA THR E 19 -49.93 17.36 -16.33
C THR E 19 -50.20 17.98 -14.96
N PHE E 20 -49.90 19.28 -14.87
CA PHE E 20 -50.15 20.04 -13.66
C PHE E 20 -51.65 20.20 -13.38
N ASP E 21 -52.01 20.17 -12.11
CA ASP E 21 -53.35 20.51 -11.65
C ASP E 21 -53.38 22.01 -11.38
N GLN E 22 -54.15 22.75 -12.18
CA GLN E 22 -54.12 24.21 -12.12
C GLN E 22 -54.46 24.72 -10.73
N HIS E 23 -55.50 24.14 -10.09
CA HIS E 23 -55.88 24.59 -8.76
C HIS E 23 -54.80 24.27 -7.73
N GLN E 24 -54.13 23.11 -7.87
CA GLN E 24 -53.06 22.78 -6.95
C GLN E 24 -51.93 23.79 -7.02
N LEU E 25 -51.56 24.21 -8.22
CA LEU E 25 -50.48 25.19 -8.36
C LEU E 25 -50.88 26.51 -7.70
N GLN E 26 -52.15 26.87 -7.78
CA GLN E 26 -52.61 28.09 -7.13
C GLN E 26 -52.55 27.95 -5.62
N ARG E 27 -52.97 26.79 -5.09
CA ARG E 27 -52.83 26.56 -3.65
C ARG E 27 -51.37 26.60 -3.24
N GLY E 28 -50.50 26.00 -4.06
CA GLY E 28 -49.07 26.03 -3.77
C GLY E 28 -48.52 27.44 -3.83
N LEU E 29 -49.04 28.25 -4.76
CA LEU E 29 -48.63 29.65 -4.85
C LEU E 29 -49.04 30.42 -3.60
N GLN E 30 -50.22 30.11 -3.06
CA GLN E 30 -50.66 30.76 -1.84
C GLN E 30 -49.76 30.40 -0.68
N VAL E 31 -49.36 29.13 -0.60
CA VAL E 31 -48.46 28.69 0.46
C VAL E 31 -47.12 29.40 0.36
N TYR E 32 -46.57 29.47 -0.85
CA TYR E 32 -45.27 30.15 -1.01
C TYR E 32 -45.36 31.59 -0.51
N THR E 33 -46.41 32.30 -0.89
CA THR E 33 -46.51 33.73 -0.55
C THR E 33 -46.70 33.90 0.94
N GLU E 34 -47.50 33.06 1.57
CA GLU E 34 -47.89 33.23 2.96
C GLU E 34 -46.88 32.62 3.93
N VAL E 35 -46.04 31.68 3.49
CA VAL E 35 -45.11 30.98 4.38
C VAL E 35 -43.66 31.11 3.91
N CYS E 36 -43.35 30.53 2.76
CA CYS E 36 -41.97 30.41 2.30
C CYS E 36 -41.35 31.76 1.98
N ALA E 37 -42.15 32.68 1.41
CA ALA E 37 -41.63 33.94 0.89
C ALA E 37 -40.98 34.80 1.97
N ALA E 38 -41.30 34.56 3.25
CA ALA E 38 -40.68 35.30 4.34
C ALA E 38 -39.17 35.15 4.34
N CYS E 39 -38.67 34.02 3.85
CA CYS E 39 -37.25 33.69 3.83
C CYS E 39 -36.73 33.40 2.42
N HIS E 40 -37.50 32.67 1.61
CA HIS E 40 -37.09 32.23 0.29
C HIS E 40 -37.56 33.15 -0.82
N GLY E 41 -36.70 33.36 -1.83
CA GLY E 41 -37.02 34.11 -3.01
C GLY E 41 -37.12 33.19 -4.22
N MET E 42 -37.53 33.77 -5.37
CA MET E 42 -37.56 33.09 -6.66
C MET E 42 -37.04 34.04 -7.75
N LYS E 43 -35.75 34.36 -7.67
CA LYS E 43 -35.21 35.47 -8.42
C LYS E 43 -35.23 35.26 -9.94
N PHE E 44 -35.47 34.05 -10.41
CA PHE E 44 -35.52 33.74 -11.83
C PHE E 44 -36.92 33.62 -12.41
N VAL E 45 -37.97 33.68 -11.58
CA VAL E 45 -39.35 33.53 -12.05
C VAL E 45 -39.95 34.90 -12.34
N PRO E 46 -40.33 35.21 -13.58
CA PRO E 46 -41.08 36.45 -13.81
C PRO E 46 -42.47 36.30 -13.24
N ILE E 47 -42.95 37.32 -12.53
CA ILE E 47 -44.27 37.24 -11.91
C ILE E 47 -45.34 37.04 -12.98
N ARG E 48 -45.14 37.62 -14.16
CA ARG E 48 -46.10 37.51 -15.27
C ARG E 48 -46.32 36.08 -15.69
N SER E 49 -45.40 35.17 -15.37
CA SER E 49 -45.53 33.79 -15.80
C SER E 49 -46.65 33.07 -15.06
N LEU E 50 -47.21 33.68 -14.02
CA LEU E 50 -48.40 33.12 -13.38
C LEU E 50 -49.62 33.12 -14.29
N SER E 51 -49.59 33.91 -15.38
CA SER E 51 -50.67 33.96 -16.36
C SER E 51 -50.46 33.01 -17.54
N GLU E 52 -49.19 32.68 -17.85
CA GLU E 52 -48.85 31.91 -19.04
C GLU E 52 -49.57 30.56 -19.01
N PRO E 53 -49.93 30.00 -20.16
CA PRO E 53 -50.59 28.70 -20.16
C PRO E 53 -49.65 27.61 -19.67
N GLY E 54 -50.23 26.64 -18.97
CA GLY E 54 -49.46 25.53 -18.43
C GLY E 54 -48.97 25.74 -17.01
N GLY E 55 -49.56 26.69 -16.29
CA GLY E 55 -49.18 27.00 -14.93
C GLY E 55 -50.40 27.33 -14.10
N PRO E 56 -50.24 28.18 -13.08
CA PRO E 56 -51.43 28.59 -12.31
C PRO E 56 -52.48 29.28 -13.16
N GLU E 57 -52.06 29.95 -14.23
CA GLU E 57 -52.95 30.64 -15.17
C GLU E 57 -53.94 31.54 -14.42
N LEU E 58 -53.39 32.50 -13.69
CA LEU E 58 -54.23 33.48 -13.03
C LEU E 58 -54.62 34.57 -14.03
N PRO E 59 -55.81 35.15 -13.91
CA PRO E 59 -56.14 36.30 -14.76
C PRO E 59 -55.10 37.39 -14.62
N GLU E 60 -54.85 38.11 -15.71
CA GLU E 60 -53.77 39.08 -15.73
C GLU E 60 -54.01 40.20 -14.73
N ASP E 61 -55.28 40.46 -14.37
CA ASP E 61 -55.58 41.47 -13.36
C ASP E 61 -55.20 41.01 -11.96
N GLN E 62 -55.43 39.72 -11.63
CA GLN E 62 -54.99 39.22 -10.34
C GLN E 62 -53.48 39.29 -10.21
N VAL E 63 -52.78 38.92 -11.28
CA VAL E 63 -51.31 38.93 -11.26
C VAL E 63 -50.82 40.36 -11.11
N ARG E 64 -51.52 41.30 -11.75
CA ARG E 64 -51.15 42.71 -11.61
C ARG E 64 -51.33 43.15 -10.17
N ALA E 65 -52.41 42.70 -9.53
CA ALA E 65 -52.63 43.02 -8.13
C ALA E 65 -51.60 42.34 -7.25
N TYR E 66 -51.25 41.10 -7.57
CA TYR E 66 -50.27 40.36 -6.78
C TYR E 66 -48.91 41.03 -6.82
N ALA E 67 -48.48 41.48 -8.00
CA ALA E 67 -47.17 42.11 -8.12
C ALA E 67 -47.03 43.39 -7.30
N THR E 68 -48.14 44.05 -6.95
CA THR E 68 -48.05 45.33 -6.24
C THR E 68 -47.37 45.18 -4.88
N GLN E 69 -47.59 44.06 -4.20
CA GLN E 69 -47.11 43.90 -2.83
C GLN E 69 -45.59 43.99 -2.75
N PHE E 70 -44.88 43.71 -3.84
CA PHE E 70 -43.43 43.74 -3.84
C PHE E 70 -42.93 45.15 -4.08
N THR E 71 -41.87 45.52 -3.36
CA THR E 71 -41.17 46.79 -3.59
C THR E 71 -39.92 46.52 -4.41
N VAL E 72 -39.93 47.02 -5.64
CA VAL E 72 -38.87 46.83 -6.61
C VAL E 72 -38.15 48.15 -6.79
N THR E 73 -36.83 48.09 -6.94
CA THR E 73 -36.05 49.28 -7.28
C THR E 73 -36.07 49.39 -8.79
N ASP E 74 -36.72 50.44 -9.31
CA ASP E 74 -36.79 50.63 -10.76
C ASP E 74 -35.40 50.86 -11.33
N GLU E 75 -35.14 50.26 -12.49
CA GLU E 75 -33.81 50.31 -13.08
C GLU E 75 -33.44 51.72 -13.54
N GLU E 76 -34.29 52.36 -14.34
CA GLU E 76 -34.00 53.73 -14.78
C GLU E 76 -34.08 54.71 -13.61
N THR E 77 -35.20 54.71 -12.89
CA THR E 77 -35.41 55.69 -11.82
C THR E 77 -34.42 55.48 -10.69
N GLY E 78 -34.21 54.22 -10.30
CA GLY E 78 -33.39 53.90 -9.16
C GLY E 78 -34.12 54.06 -7.84
N GLU E 79 -35.33 54.62 -7.86
CA GLU E 79 -36.17 54.81 -6.69
C GLU E 79 -37.15 53.64 -6.60
N ASP E 80 -37.64 53.39 -5.39
CA ASP E 80 -38.54 52.27 -5.16
C ASP E 80 -39.92 52.52 -5.74
N ARG E 81 -40.61 51.43 -6.08
CA ARG E 81 -41.96 51.49 -6.62
C ARG E 81 -42.65 50.16 -6.35
N GLU E 82 -43.95 50.12 -6.60
CA GLU E 82 -44.69 48.88 -6.51
C GLU E 82 -44.29 47.94 -7.63
N GLY E 83 -44.44 46.63 -7.39
CA GLY E 83 -44.03 45.65 -8.36
C GLY E 83 -45.01 45.56 -9.51
N LYS E 84 -44.48 45.20 -10.67
CA LYS E 84 -45.26 44.92 -11.86
C LYS E 84 -45.18 43.44 -12.19
N PRO E 85 -46.05 42.94 -13.07
CA PRO E 85 -45.89 41.53 -13.51
C PRO E 85 -44.60 41.30 -14.25
N THR E 86 -43.99 42.33 -14.84
CA THR E 86 -42.74 42.17 -15.57
C THR E 86 -41.55 42.03 -14.64
N ASP E 87 -41.72 42.28 -13.35
CA ASP E 87 -40.66 42.09 -12.39
C ASP E 87 -40.57 40.62 -12.01
N HIS E 88 -39.38 40.20 -11.59
CA HIS E 88 -39.19 38.89 -11.00
C HIS E 88 -39.58 38.91 -9.53
N PHE E 89 -39.82 37.73 -8.99
CA PHE E 89 -39.95 37.59 -7.55
C PHE E 89 -38.67 38.09 -6.86
N PRO E 90 -38.76 38.58 -5.63
CA PRO E 90 -37.57 39.11 -4.96
C PRO E 90 -36.53 38.05 -4.65
N HIS E 91 -35.32 38.52 -4.37
CA HIS E 91 -34.27 37.67 -3.84
C HIS E 91 -34.68 37.16 -2.45
N SER E 92 -33.96 36.15 -1.99
CA SER E 92 -34.21 35.63 -0.64
C SER E 92 -33.97 36.73 0.38
N ALA E 93 -34.98 36.98 1.23
CA ALA E 93 -34.81 37.93 2.31
C ALA E 93 -33.78 37.44 3.33
N LEU E 94 -33.76 36.14 3.58
CA LEU E 94 -32.82 35.54 4.52
C LEU E 94 -31.61 35.01 3.74
N GLU E 95 -30.42 35.49 4.12
CA GLU E 95 -29.22 35.32 3.30
C GLU E 95 -28.87 33.84 3.08
N ASN E 96 -29.09 32.98 4.08
CA ASN E 96 -28.77 31.56 3.96
C ASN E 96 -29.97 30.72 3.57
N ALA E 97 -31.09 31.32 3.21
CA ALA E 97 -32.24 30.60 2.69
C ALA E 97 -32.06 30.44 1.18
N PRO E 98 -31.88 29.23 0.64
CA PRO E 98 -31.59 29.12 -0.79
C PRO E 98 -32.75 29.59 -1.65
N ASP E 99 -32.41 30.08 -2.84
CA ASP E 99 -33.39 30.47 -3.83
C ASP E 99 -34.16 29.26 -4.31
N LEU E 100 -35.49 29.39 -4.45
CA LEU E 100 -36.33 28.25 -4.78
C LEU E 100 -36.76 28.18 -6.23
N SER E 101 -36.25 29.06 -7.10
CA SER E 101 -36.63 29.04 -8.51
C SER E 101 -36.44 27.66 -9.13
N LEU E 102 -35.29 27.03 -8.86
CA LEU E 102 -34.93 25.78 -9.50
C LEU E 102 -34.75 24.64 -8.50
N MET E 103 -35.29 24.79 -7.29
CA MET E 103 -35.07 23.78 -6.26
C MET E 103 -35.64 22.44 -6.68
N ALA E 104 -36.81 22.43 -7.32
CA ALA E 104 -37.42 21.16 -7.68
C ALA E 104 -36.64 20.40 -8.76
N LYS E 105 -35.65 21.05 -9.40
CA LYS E 105 -34.76 20.38 -10.34
C LYS E 105 -33.33 20.28 -9.84
N ALA E 106 -32.95 21.06 -8.84
CA ALA E 106 -31.59 21.07 -8.29
C ALA E 106 -31.42 20.06 -7.16
N ARG E 107 -32.42 19.21 -6.91
CA ARG E 107 -32.35 18.16 -5.89
C ARG E 107 -32.83 16.86 -6.50
N ALA E 108 -32.12 15.77 -6.19
CA ALA E 108 -32.53 14.41 -6.56
C ALA E 108 -32.92 13.63 -5.32
N GLY E 109 -34.11 13.03 -5.36
CA GLY E 109 -34.59 12.22 -4.26
C GLY E 109 -34.34 10.74 -4.43
N PHE E 110 -34.17 10.28 -5.68
CA PHE E 110 -33.95 8.88 -6.00
C PHE E 110 -32.52 8.69 -6.50
N HIS E 111 -31.82 7.71 -5.93
CA HIS E 111 -30.44 7.39 -6.27
C HIS E 111 -30.28 5.88 -6.42
N GLY E 112 -29.11 5.46 -6.91
CA GLY E 112 -28.78 4.06 -7.00
C GLY E 112 -29.62 3.30 -7.99
N PRO E 113 -29.66 1.95 -7.89
CA PRO E 113 -28.99 1.04 -6.96
C PRO E 113 -27.52 0.80 -7.28
N MET E 114 -26.67 0.83 -6.25
CA MET E 114 -25.21 0.65 -6.41
C MET E 114 -24.65 1.62 -7.45
N GLY E 115 -25.21 2.83 -7.50
CA GLY E 115 -24.76 3.84 -8.43
C GLY E 115 -24.91 3.49 -9.89
N THR E 116 -25.95 2.73 -10.26
CA THR E 116 -26.24 2.41 -11.66
C THR E 116 -27.28 3.32 -12.29
N GLY E 117 -27.83 4.27 -11.53
CA GLY E 117 -28.81 5.20 -12.06
C GLY E 117 -30.12 4.62 -12.51
N ILE E 118 -30.37 3.33 -12.25
CA ILE E 118 -31.63 2.71 -12.67
C ILE E 118 -32.82 3.30 -11.90
N SER E 119 -32.59 3.74 -10.66
CA SER E 119 -33.68 4.29 -9.86
C SER E 119 -34.26 5.56 -10.46
N GLN E 120 -33.40 6.48 -10.92
CA GLN E 120 -33.90 7.69 -11.55
C GLN E 120 -34.60 7.39 -12.87
N LEU E 121 -34.14 6.35 -13.58
CA LEU E 121 -34.70 6.02 -14.89
C LEU E 121 -36.17 5.63 -14.82
N PHE E 122 -36.64 5.08 -13.69
CA PHE E 122 -38.01 4.61 -13.55
C PHE E 122 -38.88 5.47 -12.66
N ASN E 123 -38.30 6.13 -11.65
CA ASN E 123 -39.03 6.92 -10.68
C ASN E 123 -38.85 8.43 -10.88
N GLY E 124 -38.03 8.84 -11.85
CA GLY E 124 -37.74 10.23 -12.07
C GLY E 124 -36.64 10.70 -11.13
N ILE E 125 -36.28 11.97 -11.26
CA ILE E 125 -35.20 12.51 -10.44
C ILE E 125 -35.66 12.66 -8.99
N GLY E 126 -36.90 13.09 -8.79
CA GLY E 126 -37.51 13.09 -7.47
C GLY E 126 -37.33 14.36 -6.68
N GLY E 127 -37.19 15.50 -7.35
CA GLY E 127 -37.02 16.78 -6.70
C GLY E 127 -38.24 17.22 -5.91
N PRO E 128 -39.43 17.22 -6.53
CA PRO E 128 -40.61 17.62 -5.75
C PRO E 128 -40.95 16.61 -4.66
N GLU E 129 -40.61 15.34 -4.87
CA GLU E 129 -40.76 14.34 -3.80
C GLU E 129 -39.83 14.68 -2.64
N TYR E 130 -38.61 15.11 -2.95
CA TYR E 130 -37.64 15.51 -1.92
C TYR E 130 -38.16 16.69 -1.11
N ILE E 131 -38.63 17.74 -1.79
CA ILE E 131 -39.18 18.91 -1.11
C ILE E 131 -40.29 18.47 -0.16
N TYR E 132 -41.19 17.61 -0.65
CA TYR E 132 -42.27 17.12 0.20
C TYR E 132 -41.72 16.45 1.45
N SER E 133 -40.68 15.64 1.30
CA SER E 133 -40.12 14.92 2.43
C SER E 133 -39.50 15.87 3.46
N VAL E 134 -38.87 16.95 3.01
CA VAL E 134 -38.29 17.90 3.95
C VAL E 134 -39.40 18.61 4.73
N LEU E 135 -40.44 19.06 4.01
CA LEU E 135 -41.54 19.73 4.68
C LEU E 135 -42.28 18.78 5.61
N THR E 136 -42.21 17.49 5.33
CA THR E 136 -42.91 16.48 6.12
C THR E 136 -42.03 15.99 7.26
N GLY E 137 -40.71 16.02 7.08
CA GLY E 137 -39.80 15.31 7.96
C GLY E 137 -39.31 16.04 9.20
N PHE E 138 -40.12 16.91 9.79
CA PHE E 138 -39.79 17.57 11.05
C PHE E 138 -40.52 16.85 12.21
N PRO E 139 -39.84 16.03 13.02
CA PRO E 139 -40.53 15.38 14.15
C PRO E 139 -40.55 16.28 15.38
N GLU E 140 -41.58 16.10 16.21
CA GLU E 140 -41.72 16.91 17.42
C GLU E 140 -40.63 16.63 18.45
N GLU E 141 -40.21 15.35 18.57
CA GLU E 141 -39.12 14.96 19.47
C GLU E 141 -37.90 14.59 18.63
N PRO E 142 -36.68 15.01 18.99
CA PRO E 142 -35.53 14.57 18.20
C PRO E 142 -35.21 13.11 18.45
N PRO E 143 -34.31 12.52 17.66
CA PRO E 143 -33.87 11.16 17.92
C PRO E 143 -33.19 11.02 19.27
N LYS E 144 -33.36 9.84 19.88
CA LYS E 144 -32.91 9.62 21.26
C LYS E 144 -31.40 9.86 21.39
N CYS E 145 -30.64 9.67 20.32
CA CYS E 145 -29.18 9.78 20.40
C CYS E 145 -28.69 11.20 20.64
N ALA E 146 -29.55 12.22 20.55
CA ALA E 146 -29.09 13.59 20.73
C ALA E 146 -29.95 14.30 21.75
N GLU E 147 -30.50 13.54 22.69
CA GLU E 147 -31.37 14.08 23.73
C GLU E 147 -30.54 15.07 24.53
N GLY E 148 -30.59 16.34 24.16
CA GLY E 148 -29.86 17.38 24.85
C GLY E 148 -28.51 17.72 24.27
N HIS E 149 -28.37 17.64 22.94
CA HIS E 149 -27.11 17.87 22.24
C HIS E 149 -27.40 18.58 20.92
N GLU E 150 -28.58 19.15 20.78
CA GLU E 150 -28.99 19.84 19.57
C GLU E 150 -28.20 21.13 19.39
N PRO E 151 -27.58 21.37 18.22
CA PRO E 151 -26.95 22.67 18.01
C PRO E 151 -28.00 23.76 18.05
N ASP E 152 -27.65 24.90 18.65
CA ASP E 152 -28.61 25.98 18.74
C ASP E 152 -28.73 26.64 17.38
N GLY E 153 -29.98 26.89 16.99
CA GLY E 153 -30.32 27.47 15.71
C GLY E 153 -30.49 26.45 14.60
N PHE E 154 -30.50 25.15 14.92
CA PHE E 154 -30.68 24.09 13.94
C PHE E 154 -31.78 23.14 14.41
N TYR E 155 -32.31 22.36 13.48
CA TYR E 155 -33.48 21.53 13.70
C TYR E 155 -33.34 20.20 12.98
N TYR E 156 -33.71 19.12 13.64
CA TYR E 156 -33.63 17.80 13.03
C TYR E 156 -34.69 17.63 11.95
N ASN E 157 -34.28 17.13 10.80
CA ASN E 157 -35.19 16.82 9.69
C ASN E 157 -34.89 15.43 9.16
N ARG E 158 -35.95 14.64 8.96
CA ARG E 158 -35.79 13.23 8.56
C ARG E 158 -35.14 13.10 7.19
N ALA E 159 -35.48 13.97 6.24
CA ALA E 159 -35.06 13.80 4.85
C ALA E 159 -33.78 14.55 4.51
N PHE E 160 -33.44 15.61 5.25
CA PHE E 160 -32.25 16.40 4.97
C PHE E 160 -31.00 15.59 5.29
N GLN E 161 -30.09 15.49 4.31
CA GLN E 161 -28.92 14.64 4.40
C GLN E 161 -27.61 15.39 4.47
N ASN E 162 -27.59 16.70 4.20
CA ASN E 162 -26.34 17.44 4.13
C ASN E 162 -26.03 18.24 5.39
N GLY E 163 -26.80 18.03 6.48
CA GLY E 163 -26.60 18.77 7.70
C GLY E 163 -25.62 18.10 8.65
N SER E 164 -25.23 18.87 9.67
CA SER E 164 -24.35 18.36 10.72
C SER E 164 -25.13 17.41 11.62
N VAL E 165 -24.40 16.62 12.41
CA VAL E 165 -25.02 15.64 13.29
C VAL E 165 -24.18 15.54 14.57
N PRO E 166 -24.79 15.55 15.77
CA PRO E 166 -23.99 15.41 16.99
C PRO E 166 -23.12 14.16 17.01
N ASP E 167 -22.03 14.24 17.76
CA ASP E 167 -21.09 13.13 17.89
C ASP E 167 -21.76 11.87 18.43
N THR E 168 -22.78 12.02 19.28
CA THR E 168 -23.48 10.89 19.87
C THR E 168 -24.39 10.14 18.90
N CYS E 169 -24.54 10.62 17.67
CA CYS E 169 -25.39 10.05 16.63
C CYS E 169 -24.60 9.40 15.51
N LYS E 170 -23.31 9.15 15.72
CA LYS E 170 -22.44 8.49 14.76
C LYS E 170 -22.00 7.13 15.28
N ASP E 171 -21.77 6.20 14.36
CA ASP E 171 -21.33 4.88 14.74
C ASP E 171 -19.80 4.89 14.95
N ALA E 172 -19.23 3.70 15.16
CA ALA E 172 -17.80 3.56 15.42
C ALA E 172 -16.95 4.02 14.25
N ASN E 173 -17.51 4.04 13.03
CA ASN E 173 -16.83 4.52 11.84
C ASN E 173 -17.18 5.96 11.48
N GLY E 174 -17.95 6.66 12.32
CA GLY E 174 -18.26 8.06 12.13
C GLY E 174 -19.44 8.36 11.22
N VAL E 175 -20.13 7.33 10.73
CA VAL E 175 -21.31 7.51 9.89
C VAL E 175 -22.53 7.74 10.76
N LYS E 176 -23.40 8.66 10.33
CA LYS E 176 -24.51 9.07 11.16
C LYS E 176 -25.54 7.94 11.26
N THR E 177 -26.15 7.82 12.44
CA THR E 177 -27.14 6.78 12.70
C THR E 177 -28.53 7.21 12.27
N THR E 178 -28.83 8.49 12.34
CA THR E 178 -30.15 9.02 12.09
C THR E 178 -30.49 8.98 10.61
N ALA E 179 -31.79 8.85 10.31
CA ALA E 179 -32.24 8.84 8.92
C ALA E 179 -31.88 10.14 8.22
N GLY E 180 -31.95 11.27 8.94
CA GLY E 180 -31.63 12.57 8.39
C GLY E 180 -30.54 13.32 9.13
N SER E 181 -30.65 14.64 9.22
CA SER E 181 -29.64 15.45 9.89
C SER E 181 -30.26 16.80 10.25
N TRP E 182 -29.42 17.71 10.78
CA TRP E 182 -29.90 18.97 11.33
C TRP E 182 -29.80 20.09 10.31
N ILE E 183 -30.94 20.74 10.08
CA ILE E 183 -31.14 21.77 9.06
C ILE E 183 -31.34 23.11 9.74
N ALA E 184 -30.90 24.17 9.07
CA ALA E 184 -31.03 25.52 9.62
C ALA E 184 -32.44 26.09 9.43
N MET E 185 -33.32 25.38 8.70
CA MET E 185 -34.68 25.83 8.48
C MET E 185 -35.58 25.39 9.62
N PRO E 186 -36.20 26.29 10.38
CA PRO E 186 -37.21 25.86 11.35
C PRO E 186 -38.41 25.30 10.64
N PRO E 187 -39.18 24.39 11.27
CA PRO E 187 -40.38 23.82 10.63
C PRO E 187 -41.32 24.90 10.12
N PRO E 188 -41.47 25.09 8.79
CA PRO E 188 -42.26 26.23 8.32
C PRO E 188 -43.77 26.01 8.34
N LEU E 189 -44.22 24.75 8.29
CA LEU E 189 -45.63 24.44 8.16
C LEU E 189 -46.24 24.01 9.49
N MET E 190 -47.57 24.00 9.52
CA MET E 190 -48.37 23.59 10.67
C MET E 190 -49.82 23.57 10.20
N ASP E 191 -50.60 22.60 10.70
CA ASP E 191 -51.98 22.40 10.22
C ASP E 191 -52.79 23.68 10.17
N ASP E 192 -53.34 23.95 8.99
CA ASP E 192 -54.21 25.09 8.74
C ASP E 192 -53.51 26.41 9.02
N LEU E 193 -52.22 26.47 8.67
CA LEU E 193 -51.49 27.73 8.72
C LEU E 193 -51.94 28.65 7.60
N VAL E 194 -52.45 28.05 6.52
CA VAL E 194 -52.96 28.75 5.35
C VAL E 194 -54.44 28.43 5.23
N GLU E 195 -55.23 29.42 4.84
CA GLU E 195 -56.68 29.28 4.65
C GLU E 195 -56.91 29.28 3.14
N TYR E 196 -56.99 28.10 2.55
CA TYR E 196 -57.27 28.01 1.12
C TYR E 196 -58.68 28.47 0.78
N ALA E 197 -58.77 29.20 -0.34
CA ALA E 197 -60.03 29.80 -0.75
C ALA E 197 -61.03 28.73 -1.13
N ASP E 198 -60.60 27.68 -1.83
CA ASP E 198 -61.51 26.64 -2.29
C ASP E 198 -61.88 25.64 -1.20
N GLY E 199 -61.43 25.84 0.03
CA GLY E 199 -61.78 24.96 1.12
C GLY E 199 -61.00 23.67 1.12
N HIS E 200 -59.98 23.57 0.28
CA HIS E 200 -59.12 22.42 0.25
C HIS E 200 -58.50 22.27 1.64
N ASP E 201 -58.28 21.03 2.05
CA ASP E 201 -57.78 20.82 3.41
C ASP E 201 -56.35 21.37 3.44
N ALA E 202 -55.98 21.98 4.57
CA ALA E 202 -54.68 22.62 4.67
C ALA E 202 -53.82 21.98 5.75
N SER E 203 -53.89 20.67 5.81
CA SER E 203 -53.00 19.87 6.64
C SER E 203 -51.59 20.04 6.09
N VAL E 204 -50.59 19.69 6.91
CA VAL E 204 -49.21 19.77 6.45
C VAL E 204 -49.05 18.92 5.20
N HIS E 205 -49.77 17.80 5.11
CA HIS E 205 -49.70 16.96 3.93
C HIS E 205 -50.13 17.73 2.69
N ALA E 206 -51.28 18.38 2.75
CA ALA E 206 -51.79 19.06 1.58
C ALA E 206 -50.88 20.21 1.18
N MET E 207 -50.50 21.07 2.15
CA MET E 207 -49.63 22.18 1.80
C MET E 207 -48.27 21.71 1.28
N ALA E 208 -47.73 20.62 1.85
CA ALA E 208 -46.42 20.17 1.38
C ALA E 208 -46.50 19.64 -0.05
N GLU E 209 -47.58 18.93 -0.36
CA GLU E 209 -47.74 18.41 -1.71
C GLU E 209 -48.10 19.54 -2.68
N ASP E 210 -48.94 20.47 -2.24
CA ASP E 210 -49.35 21.60 -3.09
C ASP E 210 -48.17 22.48 -3.42
N VAL E 211 -47.37 22.84 -2.42
CA VAL E 211 -46.26 23.76 -2.67
C VAL E 211 -45.17 23.07 -3.47
N SER E 212 -45.05 21.74 -3.34
CA SER E 212 -44.08 21.01 -4.14
C SER E 212 -44.47 21.05 -5.62
N ALA E 213 -45.78 20.99 -5.91
CA ALA E 213 -46.22 21.08 -7.29
C ALA E 213 -45.97 22.49 -7.83
N PHE E 214 -46.22 23.51 -7.03
CA PHE E 214 -45.95 24.88 -7.46
C PHE E 214 -44.47 25.07 -7.73
N LEU E 215 -43.62 24.52 -6.87
CA LEU E 215 -42.18 24.66 -7.02
C LEU E 215 -41.65 23.83 -8.18
N MET E 216 -42.40 22.80 -8.59
CA MET E 216 -42.01 22.08 -9.79
C MET E 216 -42.31 22.92 -11.02
N TRP E 217 -43.45 23.61 -11.02
CA TRP E 217 -43.79 24.49 -12.12
C TRP E 217 -42.84 25.69 -12.21
N ALA E 218 -42.48 26.28 -11.07
CA ALA E 218 -41.58 27.44 -11.10
C ALA E 218 -40.23 27.05 -11.69
N ALA E 219 -39.82 25.81 -11.49
CA ALA E 219 -38.55 25.33 -12.01
C ALA E 219 -38.68 24.89 -13.46
N GLU E 220 -39.79 24.25 -13.81
CA GLU E 220 -40.02 23.74 -15.17
C GLU E 220 -41.37 24.26 -15.66
N PRO E 221 -41.49 25.57 -15.92
CA PRO E 221 -42.79 26.13 -16.36
C PRO E 221 -43.26 25.61 -17.70
N LYS E 222 -42.34 25.19 -18.57
CA LYS E 222 -42.64 24.71 -19.91
C LYS E 222 -42.73 23.19 -19.96
N LEU E 223 -42.97 22.54 -18.81
CA LEU E 223 -43.01 21.08 -18.75
C LEU E 223 -44.04 20.53 -19.73
N MET E 224 -45.26 21.06 -19.69
CA MET E 224 -46.33 20.56 -20.54
C MET E 224 -46.02 20.82 -22.01
N ALA E 225 -45.46 21.99 -22.33
CA ALA E 225 -45.08 22.26 -23.71
C ALA E 225 -44.02 21.26 -24.17
N ARG E 226 -43.08 20.92 -23.27
CA ARG E 226 -42.00 20.01 -23.60
C ARG E 226 -42.52 18.61 -23.94
N LYS E 227 -43.52 18.14 -23.20
CA LYS E 227 -44.07 16.82 -23.46
C LYS E 227 -44.89 16.78 -24.75
N GLN E 228 -45.73 17.78 -25.00
CA GLN E 228 -46.45 17.84 -26.28
C GLN E 228 -45.48 17.70 -27.45
N ALA E 229 -44.36 18.43 -27.40
CA ALA E 229 -43.36 18.32 -28.44
C ALA E 229 -42.78 16.92 -28.49
N GLY E 230 -42.57 16.30 -27.33
CA GLY E 230 -42.04 14.95 -27.30
C GLY E 230 -42.97 13.96 -27.98
N PHE E 231 -44.26 13.99 -27.59
CA PHE E 231 -45.25 13.13 -28.23
C PHE E 231 -45.24 13.32 -29.74
N THR E 232 -45.30 14.58 -30.20
CA THR E 232 -45.34 14.85 -31.63
C THR E 232 -44.12 14.27 -32.33
N ALA E 233 -42.93 14.55 -31.79
CA ALA E 233 -41.70 14.05 -32.40
C ALA E 233 -41.66 12.54 -32.43
N VAL E 234 -42.14 11.89 -31.36
CA VAL E 234 -42.09 10.43 -31.32
C VAL E 234 -43.09 9.83 -32.31
N MET E 235 -44.28 10.41 -32.41
CA MET E 235 -45.25 9.88 -33.35
C MET E 235 -44.82 10.13 -34.80
N PHE E 236 -44.32 11.32 -35.09
CA PHE E 236 -43.74 11.59 -36.41
C PHE E 236 -42.70 10.54 -36.75
N LEU E 237 -41.71 10.38 -35.87
CA LEU E 237 -40.57 9.51 -36.14
C LEU E 237 -40.95 8.03 -36.11
N THR E 238 -42.00 7.66 -35.39
CA THR E 238 -42.45 6.26 -35.44
C THR E 238 -42.96 5.95 -36.85
N VAL E 239 -43.88 6.78 -37.35
CA VAL E 239 -44.40 6.64 -38.71
C VAL E 239 -43.26 6.69 -39.71
N LEU E 240 -42.39 7.69 -39.55
CA LEU E 240 -41.31 7.89 -40.50
C LEU E 240 -40.36 6.70 -40.48
N SER E 241 -40.13 6.12 -39.30
CA SER E 241 -39.23 4.99 -39.19
C SER E 241 -39.83 3.77 -39.90
N VAL E 242 -41.13 3.55 -39.73
CA VAL E 242 -41.80 2.45 -40.40
C VAL E 242 -41.72 2.62 -41.90
N LEU E 243 -42.04 3.82 -42.39
CA LEU E 243 -41.97 4.06 -43.83
C LEU E 243 -40.54 3.88 -44.34
N LEU E 244 -39.56 4.33 -43.57
CA LEU E 244 -38.19 4.18 -43.97
C LEU E 244 -37.73 2.72 -43.89
N TYR E 245 -38.36 1.93 -43.00
CA TYR E 245 -38.02 0.52 -42.90
C TYR E 245 -38.47 -0.23 -44.13
N LEU E 246 -39.74 -0.05 -44.51
CA LEU E 246 -40.26 -0.69 -45.71
C LEU E 246 -39.51 -0.22 -46.95
N THR E 247 -39.22 1.08 -47.02
CA THR E 247 -38.45 1.62 -48.14
C THR E 247 -37.06 0.98 -48.22
N ASN E 248 -36.37 0.88 -47.09
CA ASN E 248 -35.04 0.28 -47.08
C ASN E 248 -35.11 -1.17 -47.50
N LYS E 249 -36.16 -1.88 -47.08
CA LYS E 249 -36.28 -3.30 -47.39
C LYS E 249 -36.52 -3.51 -48.88
N ARG E 250 -37.47 -2.77 -49.45
CA ARG E 250 -37.79 -2.93 -50.86
C ARG E 250 -36.66 -2.50 -51.77
N LEU E 251 -35.70 -1.72 -51.25
CA LEU E 251 -34.58 -1.29 -52.06
C LEU E 251 -33.53 -2.39 -52.13
N TRP E 252 -33.12 -2.89 -50.96
CA TRP E 252 -32.11 -3.93 -50.81
C TRP E 252 -32.59 -5.30 -51.28
N ALA E 253 -33.88 -5.42 -51.62
CA ALA E 253 -34.48 -6.65 -52.13
C ALA E 253 -33.83 -7.11 -53.44
N GLY E 254 -33.43 -6.17 -54.28
CA GLY E 254 -32.78 -6.45 -55.55
C GLY E 254 -31.28 -6.66 -55.44
N VAL E 255 -30.87 -7.30 -54.35
CA VAL E 255 -29.46 -7.57 -54.05
C VAL E 255 -29.38 -8.96 -53.41
N LYS E 256 -30.30 -9.28 -52.50
CA LYS E 256 -30.33 -10.57 -51.82
C LYS E 256 -31.67 -11.26 -52.04
N GLY F 9 -46.65 -0.87 -59.39
CA GLY F 9 -48.10 -0.81 -59.23
C GLY F 9 -48.57 0.45 -58.51
N THR F 10 -49.77 0.37 -57.96
CA THR F 10 -50.37 1.47 -57.21
C THR F 10 -50.02 1.41 -55.72
N ARG F 11 -49.86 0.21 -55.16
CA ARG F 11 -49.43 0.08 -53.77
C ARG F 11 -47.93 0.29 -53.63
N ARG F 12 -47.17 0.05 -54.70
CA ARG F 12 -45.73 0.24 -54.65
C ARG F 12 -45.35 1.72 -54.62
N ASP F 13 -45.92 2.52 -55.53
CA ASP F 13 -45.60 3.95 -55.59
C ASP F 13 -46.09 4.71 -54.37
N PHE F 14 -47.08 4.18 -53.65
CA PHE F 14 -47.62 4.91 -52.50
C PHE F 14 -46.58 5.05 -51.40
N LEU F 15 -45.71 4.06 -51.23
CA LEU F 15 -44.67 4.17 -50.21
C LEU F 15 -43.71 5.31 -50.52
N TYR F 16 -43.26 5.40 -51.78
CA TYR F 16 -42.32 6.44 -52.14
C TYR F 16 -42.91 7.84 -52.04
N TYR F 17 -44.24 7.98 -52.13
CA TYR F 17 -44.87 9.27 -51.87
C TYR F 17 -45.00 9.54 -50.38
N ALA F 18 -45.54 8.57 -49.64
CA ALA F 18 -45.76 8.76 -48.20
C ALA F 18 -44.45 9.02 -47.46
N THR F 19 -43.39 8.31 -47.84
CA THR F 19 -42.08 8.52 -47.21
C THR F 19 -41.57 9.92 -47.49
N ALA F 20 -41.60 10.33 -48.76
CA ALA F 20 -41.12 11.66 -49.11
C ALA F 20 -41.97 12.74 -48.46
N GLY F 21 -43.28 12.52 -48.37
CA GLY F 21 -44.14 13.51 -47.71
C GLY F 21 -43.80 13.66 -46.24
N ALA F 22 -43.52 12.53 -45.57
CA ALA F 22 -43.12 12.59 -44.17
C ALA F 22 -41.77 13.29 -44.03
N GLY F 23 -40.84 13.04 -44.96
CA GLY F 23 -39.55 13.70 -44.91
C GLY F 23 -39.66 15.20 -45.06
N ALA F 24 -40.58 15.65 -45.91
CA ALA F 24 -40.80 17.08 -46.12
C ALA F 24 -41.30 17.75 -44.85
N VAL F 25 -42.25 17.10 -44.16
CA VAL F 25 -42.81 17.62 -42.92
C VAL F 25 -41.70 17.78 -41.89
N ALA F 26 -40.86 16.76 -41.75
CA ALA F 26 -39.78 16.78 -40.76
C ALA F 26 -38.87 18.00 -40.94
N THR F 27 -38.55 18.36 -42.19
CA THR F 27 -37.72 19.54 -42.38
C THR F 27 -38.47 20.79 -41.89
N GLY F 28 -39.73 20.93 -42.29
CA GLY F 28 -40.51 22.08 -41.87
C GLY F 28 -40.68 22.21 -40.36
N ALA F 29 -40.90 21.08 -39.68
CA ALA F 29 -41.07 21.13 -38.23
C ALA F 29 -39.79 21.57 -37.52
N ALA F 30 -38.65 21.35 -38.15
CA ALA F 30 -37.36 21.72 -37.59
C ALA F 30 -36.96 23.15 -37.92
N VAL F 31 -37.40 23.66 -39.07
CA VAL F 31 -36.96 24.98 -39.51
C VAL F 31 -37.76 26.08 -38.82
N TRP F 32 -39.07 25.90 -38.64
CA TRP F 32 -39.88 26.94 -38.02
C TRP F 32 -39.38 27.34 -36.65
N PRO F 33 -39.08 26.42 -35.71
CA PRO F 33 -38.57 26.87 -34.41
C PRO F 33 -37.22 27.54 -34.48
N LEU F 34 -36.41 27.27 -35.53
CA LEU F 34 -35.14 27.98 -35.67
C LEU F 34 -35.36 29.42 -36.08
N ILE F 35 -36.48 29.71 -36.74
CA ILE F 35 -36.84 31.07 -37.10
C ILE F 35 -37.54 31.76 -35.94
N ASN F 36 -38.49 31.06 -35.30
CA ASN F 36 -39.34 31.69 -34.31
C ASN F 36 -38.61 32.05 -33.03
N GLN F 37 -37.44 31.45 -32.77
CA GLN F 37 -36.70 31.83 -31.57
C GLN F 37 -36.20 33.27 -31.64
N MET F 38 -36.10 33.82 -32.84
CA MET F 38 -35.65 35.19 -33.04
C MET F 38 -36.80 36.17 -32.91
N ASN F 39 -38.04 35.68 -32.94
CA ASN F 39 -39.18 36.53 -32.69
C ASN F 39 -39.19 36.94 -31.23
N PRO F 40 -39.89 38.04 -30.90
CA PRO F 40 -39.83 38.60 -29.55
C PRO F 40 -40.11 37.58 -28.45
N SER F 41 -39.20 37.53 -27.48
CA SER F 41 -39.35 36.61 -26.37
C SER F 41 -40.40 37.13 -25.38
N ALA F 42 -40.74 36.29 -24.41
CA ALA F 42 -41.86 36.60 -23.52
C ALA F 42 -41.56 37.81 -22.66
N ASP F 43 -40.28 38.12 -22.41
CA ASP F 43 -39.93 39.29 -21.63
C ASP F 43 -40.19 40.60 -22.37
N VAL F 44 -40.43 40.55 -23.67
CA VAL F 44 -40.65 41.75 -24.46
C VAL F 44 -42.09 42.20 -24.32
N GLN F 45 -42.27 43.46 -23.93
CA GLN F 45 -43.59 44.10 -23.93
C GLN F 45 -43.85 44.72 -25.30
N ALA F 46 -44.99 44.37 -25.90
CA ALA F 46 -45.40 45.01 -27.15
C ALA F 46 -45.93 46.42 -26.90
N LEU F 47 -46.95 46.54 -26.04
CA LEU F 47 -47.50 47.81 -25.60
C LEU F 47 -47.45 47.90 -24.08
N ALA F 48 -47.30 49.13 -23.58
CA ALA F 48 -47.37 49.40 -22.15
C ALA F 48 -48.02 50.76 -21.95
N SER F 49 -48.04 51.23 -20.71
CA SER F 49 -48.65 52.51 -20.37
C SER F 49 -47.83 53.19 -19.28
N ILE F 50 -47.67 54.52 -19.40
CA ILE F 50 -46.92 55.33 -18.46
C ILE F 50 -47.58 56.71 -18.37
N PHE F 51 -47.17 57.49 -17.38
CA PHE F 51 -47.71 58.84 -17.13
C PHE F 51 -46.58 59.86 -17.06
N VAL F 52 -46.79 61.03 -17.67
CA VAL F 52 -45.77 62.08 -17.78
C VAL F 52 -46.28 63.36 -17.14
N ASP F 53 -45.51 63.89 -16.18
CA ASP F 53 -45.79 65.19 -15.56
C ASP F 53 -45.32 66.34 -16.45
N VAL F 54 -46.18 67.34 -16.65
CA VAL F 54 -45.96 68.38 -17.66
C VAL F 54 -46.05 69.79 -17.08
N SER F 55 -46.39 69.95 -15.80
CA SER F 55 -46.55 71.27 -15.19
C SER F 55 -45.33 72.18 -15.34
N SER F 56 -44.14 71.63 -15.56
CA SER F 56 -42.92 72.42 -15.59
C SER F 56 -42.56 72.86 -17.00
N VAL F 57 -43.40 72.53 -17.98
CA VAL F 57 -43.09 72.76 -19.39
C VAL F 57 -43.69 74.09 -19.81
N GLU F 58 -42.83 75.05 -20.08
CA GLU F 58 -43.26 76.33 -20.63
C GLU F 58 -43.39 76.21 -22.14
N PRO F 59 -44.11 77.13 -22.78
CA PRO F 59 -44.18 77.10 -24.25
C PRO F 59 -42.80 77.24 -24.87
N GLY F 60 -42.59 76.49 -25.96
CA GLY F 60 -41.31 76.45 -26.64
C GLY F 60 -40.39 75.36 -26.14
N VAL F 61 -40.85 74.54 -25.20
CA VAL F 61 -40.07 73.44 -24.63
C VAL F 61 -40.60 72.12 -25.16
N GLN F 62 -39.68 71.25 -25.55
CA GLN F 62 -40.00 69.87 -25.94
C GLN F 62 -39.48 68.93 -24.85
N LEU F 63 -40.36 68.09 -24.32
CA LEU F 63 -39.98 67.01 -23.43
C LEU F 63 -39.84 65.74 -24.23
N THR F 64 -38.71 65.05 -24.05
CA THR F 64 -38.41 63.83 -24.76
C THR F 64 -38.37 62.68 -23.75
N VAL F 65 -39.19 61.67 -24.01
CA VAL F 65 -39.47 60.61 -23.05
C VAL F 65 -39.29 59.28 -23.77
N LYS F 66 -38.79 58.28 -23.05
CA LYS F 66 -38.55 56.96 -23.61
C LYS F 66 -39.80 56.11 -23.41
N PHE F 67 -40.24 55.44 -24.46
CA PHE F 67 -41.43 54.59 -24.39
C PHE F 67 -41.28 53.48 -25.42
N LEU F 68 -41.23 52.23 -24.95
CA LEU F 68 -40.98 51.07 -25.81
C LEU F 68 -39.65 51.21 -26.56
N GLY F 69 -38.64 51.71 -25.88
CA GLY F 69 -37.31 51.80 -26.43
C GLY F 69 -37.11 52.89 -27.46
N LYS F 70 -38.11 53.72 -27.71
CA LYS F 70 -38.06 54.79 -28.68
C LYS F 70 -38.44 56.11 -28.05
N PRO F 71 -38.03 57.24 -28.63
CA PRO F 71 -38.36 58.56 -28.07
C PRO F 71 -39.79 58.96 -28.37
N ILE F 72 -40.43 59.59 -27.38
CA ILE F 72 -41.70 60.28 -27.58
C ILE F 72 -41.47 61.75 -27.26
N PHE F 73 -41.88 62.61 -28.19
CA PHE F 73 -41.75 64.06 -28.06
C PHE F 73 -43.05 64.58 -27.47
N ILE F 74 -42.94 65.38 -26.42
CA ILE F 74 -44.07 66.12 -25.85
C ILE F 74 -43.65 67.58 -25.89
N ARG F 75 -44.14 68.32 -26.90
CA ARG F 75 -43.81 69.72 -27.06
C ARG F 75 -45.03 70.59 -26.75
N ARG F 76 -44.84 71.56 -25.87
CA ARG F 76 -45.84 72.61 -25.67
C ARG F 76 -45.54 73.71 -26.67
N ARG F 77 -46.37 73.79 -27.71
CA ARG F 77 -46.10 74.63 -28.85
C ARG F 77 -46.36 76.11 -28.55
N THR F 78 -45.54 76.95 -29.18
CA THR F 78 -45.70 78.40 -29.06
C THR F 78 -46.83 78.86 -29.97
N GLU F 79 -47.11 80.16 -29.89
CA GLU F 79 -48.12 80.77 -30.76
C GLU F 79 -47.73 80.63 -32.22
N ALA F 80 -46.46 80.92 -32.54
CA ALA F 80 -45.97 80.80 -33.91
C ALA F 80 -46.12 79.38 -34.45
N ASP F 81 -45.71 78.37 -33.66
CA ASP F 81 -45.86 76.98 -34.08
C ASP F 81 -47.29 76.67 -34.47
N ILE F 82 -48.26 77.11 -33.66
CA ILE F 82 -49.66 76.77 -33.91
C ILE F 82 -50.16 77.46 -35.17
N GLU F 83 -49.84 78.75 -35.30
CA GLU F 83 -50.26 79.50 -36.48
C GLU F 83 -49.71 78.91 -37.77
N LEU F 84 -48.41 78.62 -37.81
CA LEU F 84 -47.82 78.00 -39.01
C LEU F 84 -48.51 76.69 -39.36
N GLY F 85 -48.80 75.86 -38.37
CA GLY F 85 -49.40 74.56 -38.66
C GLY F 85 -50.76 74.72 -39.29
N ARG F 86 -51.55 75.68 -38.81
CA ARG F 86 -52.91 75.87 -39.32
C ARG F 86 -52.91 76.58 -40.67
N SER F 87 -51.81 77.24 -41.05
CA SER F 87 -51.81 77.96 -42.31
C SER F 87 -51.57 77.03 -43.50
N VAL F 88 -51.07 75.83 -43.26
CA VAL F 88 -50.81 74.88 -44.32
C VAL F 88 -52.12 74.25 -44.78
N GLN F 89 -52.34 74.27 -46.09
CA GLN F 89 -53.48 73.59 -46.67
C GLN F 89 -53.15 72.11 -46.92
N LEU F 90 -54.20 71.30 -46.83
CA LEU F 90 -54.08 69.86 -46.95
C LEU F 90 -53.34 69.46 -48.22
N GLY F 91 -53.66 70.09 -49.35
CA GLY F 91 -53.04 69.74 -50.62
C GLY F 91 -51.57 70.10 -50.75
N GLN F 92 -51.00 70.81 -49.76
CA GLN F 92 -49.58 71.17 -49.79
C GLN F 92 -48.72 70.18 -49.02
N LEU F 93 -49.36 69.18 -48.38
CA LEU F 93 -48.71 68.20 -47.54
C LEU F 93 -48.34 66.95 -48.31
N VAL F 94 -47.20 66.36 -47.95
CA VAL F 94 -46.82 65.06 -48.50
C VAL F 94 -47.80 63.98 -48.06
N ASP F 95 -48.14 63.97 -46.77
CA ASP F 95 -49.04 62.99 -46.19
C ASP F 95 -50.23 63.71 -45.56
N THR F 96 -51.42 63.47 -46.11
CA THR F 96 -52.61 64.18 -45.70
C THR F 96 -53.39 63.43 -44.64
N ASN F 97 -52.88 62.28 -44.18
CA ASN F 97 -53.52 61.52 -43.11
C ASN F 97 -52.96 62.00 -41.78
N ALA F 98 -53.83 62.09 -40.77
CA ALA F 98 -53.42 62.62 -39.47
C ALA F 98 -52.45 61.69 -38.75
N ARG F 99 -52.48 60.39 -39.05
CA ARG F 99 -51.65 59.40 -38.36
C ARG F 99 -51.79 59.51 -36.85
N ASN F 100 -53.04 59.55 -36.40
CA ASN F 100 -53.38 59.82 -35.01
C ASN F 100 -54.16 58.64 -34.44
N ALA F 101 -53.56 57.96 -33.47
CA ALA F 101 -54.17 56.78 -32.87
C ALA F 101 -55.38 57.14 -32.03
N ASN F 102 -55.55 58.40 -31.65
CA ASN F 102 -56.59 58.85 -30.75
C ASN F 102 -57.93 59.12 -31.44
N ILE F 103 -57.95 59.25 -32.76
CA ILE F 103 -59.17 59.57 -33.51
C ILE F 103 -59.30 58.58 -34.67
N ASP F 104 -60.33 58.80 -35.50
CA ASP F 104 -60.63 57.93 -36.64
C ASP F 104 -59.42 57.79 -37.58
N ALA F 105 -59.31 56.62 -38.19
CA ALA F 105 -58.18 56.30 -39.05
C ALA F 105 -58.19 57.13 -40.33
N GLY F 106 -59.34 57.60 -40.78
CA GLY F 106 -59.42 58.39 -41.99
C GLY F 106 -59.32 59.89 -41.81
N ALA F 107 -59.10 60.37 -40.58
CA ALA F 107 -59.01 61.79 -40.32
C ALA F 107 -57.91 62.46 -41.13
N GLU F 108 -58.16 63.72 -41.49
CA GLU F 108 -57.24 64.52 -42.31
C GLU F 108 -56.14 65.14 -41.43
N ALA F 109 -54.98 65.42 -42.05
CA ALA F 109 -53.81 65.93 -41.34
C ALA F 109 -53.86 67.44 -41.09
N THR F 110 -55.02 67.97 -40.74
CA THR F 110 -55.09 69.35 -40.28
C THR F 110 -54.40 69.48 -38.93
N ASP F 111 -53.91 70.68 -38.65
CA ASP F 111 -53.21 70.94 -37.39
C ASP F 111 -54.12 70.61 -36.20
N GLN F 112 -55.43 70.77 -36.36
CA GLN F 112 -56.35 70.45 -35.27
C GLN F 112 -56.31 68.95 -34.97
N ASN F 113 -56.21 68.11 -36.01
CA ASN F 113 -56.17 66.67 -35.83
C ASN F 113 -54.78 66.12 -35.46
N ARG F 114 -53.82 67.00 -35.17
CA ARG F 114 -52.45 66.61 -34.84
C ARG F 114 -52.09 66.92 -33.39
N THR F 115 -53.02 67.53 -32.62
CA THR F 115 -52.79 67.91 -31.24
C THR F 115 -53.84 67.27 -30.34
N LEU F 116 -53.50 67.17 -29.06
CA LEU F 116 -54.38 66.58 -28.06
C LEU F 116 -55.50 67.52 -27.64
N ASP F 117 -55.25 68.82 -27.59
CA ASP F 117 -56.19 69.81 -27.11
C ASP F 117 -56.80 70.61 -28.25
N GLU F 118 -57.93 71.28 -27.92
CA GLU F 118 -58.63 72.10 -28.90
C GLU F 118 -57.84 73.36 -29.23
N ALA F 119 -57.13 73.89 -28.24
CA ALA F 119 -56.28 75.06 -28.44
C ALA F 119 -55.07 74.74 -29.30
N GLY F 120 -54.75 73.46 -29.48
CA GLY F 120 -53.65 73.05 -30.34
C GLY F 120 -52.30 73.31 -29.72
N GLU F 121 -52.24 73.36 -28.39
CA GLU F 121 -51.01 73.65 -27.66
C GLU F 121 -50.11 72.43 -27.44
N TRP F 122 -50.68 71.24 -27.31
CA TRP F 122 -49.94 70.04 -26.90
C TRP F 122 -49.74 69.06 -28.05
N LEU F 123 -48.52 69.04 -28.59
CA LEU F 123 -48.14 68.12 -29.66
C LEU F 123 -47.37 66.94 -29.06
N VAL F 124 -48.00 65.77 -29.04
CA VAL F 124 -47.40 64.53 -28.54
C VAL F 124 -47.27 63.57 -29.71
N MET F 125 -46.05 63.11 -29.98
CA MET F 125 -45.86 62.21 -31.11
C MET F 125 -44.59 61.40 -30.90
N TRP F 126 -44.51 60.29 -31.62
CA TRP F 126 -43.28 59.49 -31.67
C TRP F 126 -42.17 60.28 -32.33
N GLY F 127 -41.05 60.45 -31.63
CA GLY F 127 -39.89 61.10 -32.21
C GLY F 127 -39.09 60.12 -33.03
N VAL F 128 -39.74 59.42 -33.96
CA VAL F 128 -39.14 58.35 -34.73
C VAL F 128 -39.43 58.64 -36.19
N CYS F 129 -38.41 59.10 -36.90
CA CYS F 129 -38.52 59.40 -38.31
C CYS F 129 -39.14 58.23 -39.05
N THR F 130 -40.12 58.53 -39.88
CA THR F 130 -40.87 57.48 -40.54
C THR F 130 -40.11 56.93 -41.74
N HIS F 131 -38.94 57.51 -42.05
CA HIS F 131 -38.07 56.95 -43.06
C HIS F 131 -37.45 55.68 -42.52
N LEU F 132 -36.40 55.78 -41.69
CA LEU F 132 -35.70 54.60 -41.19
C LEU F 132 -35.42 54.69 -39.67
N GLY F 133 -36.19 55.51 -38.95
CA GLY F 133 -36.29 55.40 -37.50
C GLY F 133 -35.38 56.28 -36.68
N CYS F 134 -34.54 57.10 -37.30
CA CYS F 134 -33.73 58.01 -36.51
C CYS F 134 -34.61 59.02 -35.78
N VAL F 135 -33.99 59.78 -34.87
CA VAL F 135 -34.70 60.74 -34.03
C VAL F 135 -34.56 62.10 -34.68
N PRO F 136 -35.64 62.71 -35.17
CA PRO F 136 -35.47 64.04 -35.77
C PRO F 136 -35.10 65.06 -34.71
N ILE F 137 -34.34 66.05 -35.15
CA ILE F 137 -33.85 67.10 -34.26
C ILE F 137 -34.90 68.20 -34.24
N GLY F 138 -35.31 68.58 -33.04
CA GLY F 138 -36.34 69.57 -32.86
C GLY F 138 -35.73 70.91 -32.59
N GLY F 139 -36.40 71.68 -31.74
CA GLY F 139 -35.96 73.04 -31.51
C GLY F 139 -36.13 73.91 -32.74
N VAL F 140 -37.22 73.71 -33.47
CA VAL F 140 -37.47 74.46 -34.70
C VAL F 140 -36.32 74.27 -35.68
N SER F 141 -36.19 73.06 -36.23
CA SER F 141 -35.12 72.75 -37.18
C SER F 141 -35.71 72.47 -38.55
N GLY F 142 -34.84 72.53 -39.55
CA GLY F 142 -35.28 72.27 -40.90
C GLY F 142 -35.79 73.53 -41.58
N ASP F 143 -36.43 73.28 -42.72
CA ASP F 143 -36.88 74.31 -43.63
C ASP F 143 -38.36 74.62 -43.45
N PHE F 144 -39.03 73.96 -42.48
CA PHE F 144 -40.46 74.10 -42.26
C PHE F 144 -40.77 74.34 -40.79
N GLY F 145 -39.83 74.92 -40.04
CA GLY F 145 -40.07 75.29 -38.66
C GLY F 145 -40.53 74.16 -37.76
N GLY F 146 -39.93 72.98 -37.89
CA GLY F 146 -40.34 71.82 -37.10
C GLY F 146 -39.18 70.98 -36.66
N TRP F 147 -38.99 69.86 -37.34
CA TRP F 147 -37.94 68.89 -37.02
C TRP F 147 -37.13 68.58 -38.29
N PHE F 148 -35.86 68.25 -38.09
CA PHE F 148 -34.95 67.84 -39.15
C PHE F 148 -34.34 66.50 -38.79
N CYS F 149 -34.47 65.51 -39.65
CA CYS F 149 -33.86 64.21 -39.41
C CYS F 149 -32.47 64.17 -40.01
N PRO F 150 -31.40 64.05 -39.22
CA PRO F 150 -30.06 64.17 -39.81
C PRO F 150 -29.60 62.93 -40.56
N CYS F 151 -30.39 61.87 -40.57
CA CYS F 151 -29.93 60.61 -41.14
C CYS F 151 -30.01 60.62 -42.66
N HIS F 152 -31.12 61.11 -43.24
CA HIS F 152 -31.23 61.26 -44.68
C HIS F 152 -31.97 62.53 -45.09
N GLY F 153 -32.17 63.48 -44.17
CA GLY F 153 -32.59 64.82 -44.52
C GLY F 153 -34.07 65.02 -44.68
N SER F 154 -34.90 64.39 -43.85
CA SER F 154 -36.32 64.66 -43.88
C SER F 154 -36.63 65.89 -43.03
N HIS F 155 -37.53 66.73 -43.54
CA HIS F 155 -37.99 67.92 -42.83
C HIS F 155 -39.45 67.76 -42.48
N TYR F 156 -39.76 67.95 -41.20
CA TYR F 156 -41.12 67.95 -40.68
C TYR F 156 -41.45 69.36 -40.20
N ASP F 157 -42.73 69.73 -40.27
CA ASP F 157 -43.14 71.08 -39.89
C ASP F 157 -43.55 71.12 -38.40
N SER F 158 -44.15 72.24 -37.99
CA SER F 158 -44.44 72.52 -36.59
C SER F 158 -45.55 71.63 -36.04
N ALA F 159 -46.26 70.90 -36.89
CA ALA F 159 -47.24 69.90 -36.48
C ALA F 159 -46.70 68.49 -36.66
N GLY F 160 -45.42 68.35 -36.99
CA GLY F 160 -44.81 67.05 -37.15
C GLY F 160 -45.15 66.34 -38.44
N ARG F 161 -45.61 67.08 -39.44
CA ARG F 161 -45.98 66.49 -40.73
C ARG F 161 -44.80 66.51 -41.67
N ILE F 162 -44.63 65.41 -42.41
CA ILE F 162 -43.53 65.31 -43.35
C ILE F 162 -43.79 66.24 -44.53
N ARG F 163 -42.78 66.99 -44.91
CA ARG F 163 -42.88 68.01 -45.96
C ARG F 163 -41.83 67.87 -47.05
N LYS F 164 -40.72 67.20 -46.78
CA LYS F 164 -39.56 67.16 -47.66
C LYS F 164 -38.69 65.99 -47.23
N GLY F 165 -38.17 65.27 -48.21
CA GLY F 165 -37.26 64.17 -47.97
C GLY F 165 -37.81 62.80 -48.32
N PRO F 166 -37.07 61.75 -47.91
CA PRO F 166 -37.50 60.38 -48.24
C PRO F 166 -38.62 59.83 -47.37
N ALA F 167 -38.84 60.38 -46.19
CA ALA F 167 -39.81 59.84 -45.25
C ALA F 167 -41.23 59.86 -45.83
N PRO F 168 -41.99 58.76 -45.75
CA PRO F 168 -43.29 58.73 -46.42
C PRO F 168 -44.43 59.35 -45.63
N GLU F 169 -44.34 59.40 -44.29
CA GLU F 169 -45.48 59.76 -43.45
C GLU F 169 -45.11 60.75 -42.36
N ASN F 170 -46.17 61.39 -41.84
CA ASN F 170 -46.09 62.24 -40.68
C ASN F 170 -45.69 61.42 -39.47
N LEU F 171 -44.98 62.04 -38.54
CA LEU F 171 -44.61 61.37 -37.30
C LEU F 171 -45.86 60.87 -36.58
N PRO F 172 -45.95 59.58 -36.23
CA PRO F 172 -47.20 59.07 -35.66
C PRO F 172 -47.46 59.60 -34.25
N ILE F 173 -48.74 59.74 -33.94
CA ILE F 173 -49.19 60.23 -32.64
C ILE F 173 -49.71 59.02 -31.85
N PRO F 174 -49.14 58.72 -30.67
CA PRO F 174 -49.58 57.53 -29.94
C PRO F 174 -50.91 57.81 -29.23
N LEU F 175 -51.50 56.76 -28.68
CA LEU F 175 -52.60 56.96 -27.78
C LEU F 175 -52.12 57.80 -26.61
N ALA F 176 -52.70 58.99 -26.45
CA ALA F 176 -52.28 59.93 -25.43
C ALA F 176 -53.49 60.78 -25.05
N LYS F 177 -53.64 61.00 -23.74
CA LYS F 177 -54.76 61.78 -23.24
C LYS F 177 -54.39 62.34 -21.88
N PHE F 178 -54.88 63.53 -21.59
CA PHE F 178 -54.67 64.11 -20.25
C PHE F 178 -55.55 63.37 -19.25
N ILE F 179 -54.90 62.73 -18.27
CA ILE F 179 -55.64 62.05 -17.20
C ILE F 179 -56.16 63.10 -16.22
N ASP F 180 -55.41 64.18 -16.03
CA ASP F 180 -55.88 65.31 -15.24
C ASP F 180 -55.25 66.58 -15.83
N GLU F 181 -55.27 67.67 -15.05
CA GLU F 181 -54.83 68.97 -15.55
C GLU F 181 -53.38 68.98 -16.02
N THR F 182 -52.53 68.12 -15.45
CA THR F 182 -51.08 68.24 -15.62
C THR F 182 -50.39 66.93 -15.97
N THR F 183 -51.13 65.86 -16.24
CA THR F 183 -50.56 64.54 -16.47
C THR F 183 -51.12 63.93 -17.75
N ILE F 184 -50.23 63.46 -18.62
CA ILE F 184 -50.61 62.77 -19.85
C ILE F 184 -50.37 61.28 -19.67
N GLN F 185 -51.37 60.48 -20.04
CA GLN F 185 -51.25 59.03 -20.08
C GLN F 185 -50.97 58.57 -21.51
N LEU F 186 -49.80 57.99 -21.74
CA LEU F 186 -49.48 57.40 -23.03
C LEU F 186 -49.88 55.93 -23.00
N GLY F 187 -50.45 55.45 -24.10
CA GLY F 187 -50.88 54.06 -24.17
C GLY F 187 -52.31 53.89 -23.71
N GLY G 3 30.34 -46.25 -10.84
CA GLY G 3 30.49 -47.17 -11.96
C GLY G 3 31.67 -46.87 -12.89
N ILE G 4 32.67 -46.19 -12.34
CA ILE G 4 33.89 -45.85 -13.07
C ILE G 4 34.83 -47.06 -13.01
N PRO G 5 35.60 -47.37 -14.05
CA PRO G 5 36.54 -48.51 -13.96
C PRO G 5 37.67 -48.24 -12.99
N HIS G 6 37.94 -49.19 -12.11
CA HIS G 6 38.96 -49.04 -11.08
C HIS G 6 39.35 -50.42 -10.57
N ASP G 7 40.48 -50.49 -9.86
CA ASP G 7 40.92 -51.73 -9.26
C ASP G 7 40.28 -51.91 -7.88
N HIS G 8 40.09 -53.16 -7.50
CA HIS G 8 39.40 -53.52 -6.27
C HIS G 8 40.38 -53.98 -5.21
N TYR G 9 39.87 -54.14 -4.00
CA TYR G 9 40.68 -54.53 -2.86
C TYR G 9 41.10 -56.00 -2.98
N GLU G 10 42.25 -56.32 -2.38
CA GLU G 10 42.76 -57.67 -2.32
C GLU G 10 43.47 -57.87 -0.98
N PRO G 11 43.05 -58.80 -0.13
CA PRO G 11 43.72 -58.99 1.16
C PRO G 11 45.15 -59.50 0.97
N ARG G 12 46.07 -58.94 1.75
CA ARG G 12 47.49 -59.26 1.65
C ARG G 12 48.02 -59.95 2.90
N THR G 13 47.89 -59.33 4.08
CA THR G 13 48.33 -59.98 5.31
C THR G 13 47.44 -61.17 5.62
N GLY G 14 47.99 -62.12 6.38
CA GLY G 14 47.19 -63.26 6.81
C GLY G 14 45.99 -62.87 7.63
N ILE G 15 46.11 -61.80 8.42
CA ILE G 15 44.99 -61.31 9.21
C ILE G 15 43.91 -60.74 8.30
N GLU G 16 44.31 -60.11 7.20
CA GLU G 16 43.34 -59.51 6.27
C GLU G 16 42.58 -60.58 5.50
N LYS G 17 43.27 -61.62 5.03
CA LYS G 17 42.58 -62.71 4.35
C LYS G 17 41.58 -63.34 5.30
N TRP G 18 41.93 -63.44 6.58
CA TRP G 18 41.05 -64.03 7.58
C TRP G 18 39.81 -63.17 7.77
N LEU G 19 40.01 -61.87 7.96
CA LEU G 19 38.88 -60.98 8.19
C LEU G 19 38.03 -60.80 6.93
N HIS G 20 38.66 -60.69 5.76
CA HIS G 20 37.91 -60.42 4.52
C HIS G 20 36.96 -61.54 4.14
N SER G 21 37.28 -62.78 4.49
CA SER G 21 36.41 -63.89 4.16
C SER G 21 35.24 -64.04 5.15
N ARG G 22 35.13 -63.12 6.10
CA ARG G 22 34.12 -63.14 7.15
C ARG G 22 33.35 -61.81 7.18
N LEU G 23 34.09 -60.70 7.14
CA LEU G 23 33.51 -59.37 7.11
C LEU G 23 34.37 -58.46 6.25
N PRO G 24 33.93 -58.13 4.97
CA PRO G 24 34.74 -57.32 4.06
C PRO G 24 34.75 -55.83 4.40
N ILE G 25 34.97 -55.53 5.69
CA ILE G 25 34.92 -54.13 6.11
C ILE G 25 36.12 -53.36 5.59
N VAL G 26 37.28 -54.00 5.45
CA VAL G 26 38.43 -53.30 4.87
C VAL G 26 38.18 -53.05 3.39
N ALA G 27 37.56 -54.00 2.70
CA ALA G 27 37.24 -53.82 1.29
C ALA G 27 36.32 -52.61 1.09
N LEU G 28 35.40 -52.39 2.03
CA LEU G 28 34.47 -51.28 1.92
C LEU G 28 35.20 -49.96 2.13
N ALA G 29 36.08 -49.89 3.12
CA ALA G 29 36.86 -48.68 3.35
C ALA G 29 37.80 -48.40 2.18
N TYR G 30 38.35 -49.46 1.57
CA TYR G 30 39.26 -49.29 0.44
C TYR G 30 38.52 -48.71 -0.76
N ASP G 31 37.42 -49.35 -1.14
CA ASP G 31 36.64 -48.91 -2.30
C ASP G 31 36.09 -47.51 -2.08
N THR G 32 35.89 -47.10 -0.84
CA THR G 32 35.44 -45.75 -0.55
C THR G 32 36.56 -44.74 -0.71
N ILE G 33 37.71 -45.01 -0.08
CA ILE G 33 38.77 -44.01 -0.02
C ILE G 33 39.61 -43.96 -1.29
N MET G 34 39.46 -44.92 -2.20
CA MET G 34 40.25 -45.00 -3.42
C MET G 34 39.41 -44.73 -4.67
N ILE G 35 38.20 -44.19 -4.49
CA ILE G 35 37.31 -43.88 -5.60
C ILE G 35 38.02 -42.94 -6.57
N PRO G 36 38.06 -43.21 -7.88
CA PRO G 36 38.65 -42.24 -8.81
C PRO G 36 37.78 -40.97 -8.84
N THR G 37 38.38 -39.85 -8.48
CA THR G 37 37.72 -38.55 -8.35
C THR G 37 38.23 -37.63 -9.45
N PRO G 38 37.38 -36.81 -10.10
CA PRO G 38 37.90 -35.92 -11.15
C PRO G 38 39.09 -35.10 -10.71
N ARG G 39 40.11 -35.08 -11.56
CA ARG G 39 41.36 -34.40 -11.26
C ARG G 39 41.25 -32.90 -11.14
N ASN G 40 40.23 -32.28 -11.72
CA ASN G 40 40.19 -30.83 -11.93
C ASN G 40 39.32 -30.11 -10.89
N LEU G 41 39.13 -30.71 -9.70
CA LEU G 41 38.36 -30.07 -8.64
C LEU G 41 39.12 -28.88 -8.06
N ASN G 42 38.40 -27.78 -7.86
CA ASN G 42 38.95 -26.56 -7.29
C ASN G 42 38.62 -26.50 -5.81
N TRP G 43 38.94 -25.36 -5.19
CA TRP G 43 38.84 -25.22 -3.75
C TRP G 43 37.41 -25.19 -3.25
N MET G 44 36.41 -25.13 -4.13
CA MET G 44 35.02 -25.16 -3.68
C MET G 44 34.54 -26.56 -3.37
N TRP G 45 35.37 -27.59 -3.58
CA TRP G 45 34.95 -28.95 -3.28
C TRP G 45 35.38 -29.38 -1.88
N ILE G 46 35.94 -28.46 -1.07
CA ILE G 46 36.43 -28.80 0.27
C ILE G 46 35.35 -28.70 1.34
N TRP G 47 34.24 -28.00 1.07
CA TRP G 47 33.30 -27.67 2.14
C TRP G 47 32.58 -28.90 2.67
N GLY G 48 32.61 -30.00 1.92
CA GLY G 48 32.07 -31.26 2.42
C GLY G 48 32.84 -31.79 3.61
N VAL G 49 34.18 -31.73 3.57
CA VAL G 49 35.00 -32.19 4.69
C VAL G 49 34.84 -31.24 5.87
N VAL G 50 34.73 -29.94 5.60
CA VAL G 50 34.52 -28.98 6.68
C VAL G 50 33.20 -29.31 7.36
N LEU G 51 32.16 -29.57 6.58
CA LEU G 51 30.90 -29.96 7.16
C LEU G 51 31.05 -31.24 7.95
N ALA G 52 31.83 -32.18 7.41
CA ALA G 52 32.05 -33.45 8.10
C ALA G 52 32.75 -33.20 9.43
N PHE G 53 33.80 -32.38 9.42
CA PHE G 53 34.50 -32.04 10.66
C PHE G 53 33.56 -31.38 11.67
N CYS G 54 32.79 -30.40 11.20
CA CYS G 54 31.86 -29.69 12.07
C CYS G 54 30.91 -30.65 12.76
N LEU G 55 30.35 -31.60 12.00
CA LEU G 55 29.39 -32.52 12.60
C LEU G 55 30.02 -33.32 13.74
N VAL G 56 31.27 -33.76 13.56
CA VAL G 56 31.95 -34.48 14.63
C VAL G 56 32.29 -33.54 15.79
N LEU G 57 32.81 -32.36 15.48
CA LEU G 57 33.14 -31.39 16.52
C LEU G 57 31.93 -31.07 17.37
N GLN G 58 30.79 -30.80 16.73
CA GLN G 58 29.59 -30.47 17.49
C GLN G 58 29.19 -31.65 18.36
N ILE G 59 29.31 -32.86 17.82
CA ILE G 59 28.87 -34.05 18.53
C ILE G 59 29.77 -34.29 19.73
N VAL G 60 31.09 -34.21 19.54
CA VAL G 60 31.99 -34.55 20.64
C VAL G 60 31.94 -33.48 21.72
N THR G 61 31.90 -32.21 21.34
CA THR G 61 31.74 -31.18 22.36
C THR G 61 30.34 -31.22 22.93
N GLY G 62 29.37 -31.62 22.11
CA GLY G 62 28.00 -31.70 22.60
C GLY G 62 27.86 -32.73 23.68
N ILE G 63 28.35 -33.96 23.42
CA ILE G 63 28.28 -35.03 24.42
C ILE G 63 28.97 -34.59 25.70
N VAL G 64 30.12 -33.94 25.55
CA VAL G 64 30.89 -33.45 26.68
C VAL G 64 30.13 -32.36 27.43
N LEU G 65 29.56 -31.40 26.70
CA LEU G 65 28.79 -30.35 27.35
C LEU G 65 27.59 -30.90 28.09
N ALA G 66 26.93 -31.93 27.54
CA ALA G 66 25.76 -32.47 28.22
C ALA G 66 26.13 -33.17 29.51
N MET G 67 27.42 -33.43 29.77
CA MET G 67 27.87 -34.00 31.03
C MET G 67 27.86 -33.00 32.17
N HIS G 68 27.69 -31.71 31.86
CA HIS G 68 27.78 -30.64 32.85
C HIS G 68 26.60 -29.69 32.78
N TYR G 69 25.68 -29.90 31.85
CA TYR G 69 24.55 -29.02 31.61
C TYR G 69 23.31 -29.62 32.27
N THR G 70 22.45 -28.75 32.79
CA THR G 70 21.21 -29.16 33.44
C THR G 70 19.97 -28.60 32.72
N PRO G 71 19.07 -29.50 32.03
CA PRO G 71 17.86 -28.99 31.35
C PRO G 71 16.72 -28.69 32.32
N HIS G 72 16.90 -27.67 33.13
CA HIS G 72 15.85 -27.18 34.02
C HIS G 72 15.96 -25.67 34.07
N VAL G 73 14.81 -25.00 34.00
CA VAL G 73 14.77 -23.53 33.85
C VAL G 73 15.47 -22.85 35.02
N ASP G 74 15.42 -23.46 36.21
CA ASP G 74 16.08 -22.91 37.39
C ASP G 74 17.59 -23.15 37.36
N LEU G 75 18.08 -24.05 36.50
CA LEU G 75 19.48 -24.48 36.53
C LEU G 75 20.19 -24.37 35.19
N ALA G 76 19.48 -24.23 34.08
CA ALA G 76 20.09 -24.25 32.75
C ALA G 76 21.14 -23.16 32.59
N PHE G 77 20.73 -21.90 32.77
CA PHE G 77 21.65 -20.77 32.61
C PHE G 77 22.83 -20.89 33.57
N ALA G 78 22.56 -21.23 34.83
CA ALA G 78 23.63 -21.39 35.81
C ALA G 78 24.58 -22.53 35.44
N SER G 79 24.05 -23.61 34.84
CA SER G 79 24.91 -24.75 34.55
C SER G 79 25.89 -24.42 33.43
N VAL G 80 25.51 -23.51 32.53
CA VAL G 80 26.42 -23.08 31.48
C VAL G 80 27.52 -22.18 32.06
N GLU G 81 27.18 -21.31 33.00
CA GLU G 81 28.21 -20.53 33.68
C GLU G 81 29.08 -21.43 34.53
N HIS G 82 28.50 -22.50 35.06
CA HIS G 82 29.29 -23.45 35.81
C HIS G 82 30.35 -24.06 34.89
N ILE G 83 29.92 -24.44 33.67
CA ILE G 83 30.82 -24.91 32.61
C ILE G 83 31.90 -23.88 32.30
N MET G 84 31.49 -22.63 32.07
CA MET G 84 32.44 -21.58 31.72
C MET G 84 33.48 -21.34 32.80
N ARG G 85 33.09 -21.44 34.06
CA ARG G 85 33.96 -21.04 35.16
C ARG G 85 34.65 -22.20 35.85
N ASN G 86 33.99 -23.35 35.97
CA ASN G 86 34.47 -24.44 36.83
C ASN G 86 34.97 -25.66 36.07
N VAL G 87 34.29 -26.08 35.00
CA VAL G 87 34.70 -27.28 34.29
C VAL G 87 36.04 -27.02 33.61
N ASN G 88 36.96 -27.98 33.77
CA ASN G 88 38.26 -27.92 33.13
C ASN G 88 38.12 -27.73 31.62
N GLY G 89 38.63 -26.61 31.13
CA GLY G 89 38.53 -26.32 29.73
C GLY G 89 37.11 -26.06 29.27
N GLY G 90 36.18 -25.86 30.20
CA GLY G 90 34.78 -25.74 29.83
C GLY G 90 34.52 -24.52 28.99
N PHE G 91 35.21 -23.41 29.30
CA PHE G 91 35.02 -22.19 28.52
C PHE G 91 35.36 -22.42 27.06
N MET G 92 36.42 -23.20 26.81
CA MET G 92 36.89 -23.42 25.45
C MET G 92 35.98 -24.42 24.75
N LEU G 93 35.50 -25.42 25.48
CA LEU G 93 34.59 -26.40 24.89
C LEU G 93 33.26 -25.76 24.50
N ARG G 94 32.76 -24.82 25.33
CA ARG G 94 31.53 -24.11 25.00
C ARG G 94 31.69 -23.23 23.78
N TYR G 95 32.76 -22.44 23.74
CA TYR G 95 32.97 -21.56 22.62
C TYR G 95 33.20 -22.38 21.35
N LEU G 96 33.81 -23.56 21.47
CA LEU G 96 33.98 -24.39 20.28
C LEU G 96 32.63 -24.88 19.78
N HIS G 97 31.75 -25.30 20.68
CA HIS G 97 30.43 -25.80 20.28
C HIS G 97 29.59 -24.70 19.68
N ALA G 98 29.63 -23.51 20.28
CA ALA G 98 28.83 -22.38 19.83
C ALA G 98 29.34 -21.86 18.49
N ASN G 99 30.62 -21.48 18.45
CA ASN G 99 31.20 -21.02 17.19
C ASN G 99 31.26 -22.14 16.16
N GLY G 100 31.32 -23.40 16.61
CA GLY G 100 31.30 -24.50 15.68
C GLY G 100 30.01 -24.53 14.89
N ALA G 101 28.91 -24.11 15.51
CA ALA G 101 27.65 -24.02 14.79
C ALA G 101 27.73 -22.97 13.69
N SER G 102 28.42 -21.85 13.94
CA SER G 102 28.55 -20.83 12.90
C SER G 102 29.38 -21.36 11.74
N LEU G 103 30.51 -21.99 12.04
CA LEU G 103 31.33 -22.57 10.99
C LEU G 103 30.50 -23.59 10.23
N PHE G 104 29.68 -24.36 10.94
CA PHE G 104 28.83 -25.36 10.34
C PHE G 104 27.95 -24.72 9.27
N PHE G 105 27.44 -23.53 9.54
CA PHE G 105 26.49 -22.88 8.66
C PHE G 105 27.18 -22.08 7.56
N ILE G 106 28.34 -21.50 7.85
CA ILE G 106 29.15 -20.89 6.80
C ILE G 106 29.44 -21.92 5.71
N ALA G 107 29.72 -23.15 6.14
CA ALA G 107 30.10 -24.21 5.21
C ALA G 107 28.95 -24.67 4.32
N VAL G 108 27.73 -24.85 4.88
CA VAL G 108 26.62 -25.29 4.01
C VAL G 108 26.31 -24.24 2.95
N TYR G 109 26.33 -22.97 3.31
CA TYR G 109 25.91 -21.99 2.31
C TYR G 109 26.91 -21.98 1.16
N LEU G 110 28.20 -22.08 1.48
CA LEU G 110 29.22 -22.22 0.44
C LEU G 110 29.07 -23.54 -0.30
N HIS G 111 28.84 -24.63 0.45
CA HIS G 111 28.55 -25.94 -0.13
C HIS G 111 27.35 -25.86 -1.07
N ILE G 112 26.27 -25.23 -0.61
CA ILE G 112 25.03 -25.14 -1.40
C ILE G 112 25.24 -24.28 -2.64
N PHE G 113 25.84 -23.11 -2.47
CA PHE G 113 26.00 -22.21 -3.60
C PHE G 113 27.01 -22.76 -4.60
N ARG G 114 27.94 -23.59 -4.14
CA ARG G 114 28.79 -24.33 -5.07
C ARG G 114 27.91 -25.18 -5.97
N GLY G 115 27.01 -25.94 -5.36
CA GLY G 115 26.11 -26.80 -6.11
C GLY G 115 25.23 -26.04 -7.08
N LEU G 116 24.73 -24.87 -6.65
CA LEU G 116 23.82 -24.13 -7.51
C LEU G 116 24.49 -23.60 -8.78
N TYR G 117 25.80 -23.33 -8.71
CA TYR G 117 26.53 -22.79 -9.86
C TYR G 117 26.91 -23.90 -10.84
N TYR G 118 27.43 -25.02 -10.32
CA TYR G 118 27.98 -26.08 -11.16
C TYR G 118 26.97 -27.16 -11.52
N GLY G 119 25.72 -27.01 -11.10
CA GLY G 119 24.70 -27.98 -11.46
C GLY G 119 24.90 -29.36 -10.85
N SER G 120 25.39 -29.42 -9.61
CA SER G 120 25.58 -30.69 -8.93
C SER G 120 24.26 -31.31 -8.50
N TYR G 121 23.14 -30.58 -8.66
CA TYR G 121 21.80 -31.04 -8.36
C TYR G 121 21.11 -31.66 -9.57
N LYS G 122 21.60 -31.36 -10.78
CA LYS G 122 20.98 -31.86 -12.00
C LYS G 122 21.24 -33.35 -12.13
N ALA G 123 20.39 -34.01 -12.92
CA ALA G 123 20.49 -35.44 -13.15
C ALA G 123 21.93 -35.83 -13.49
N PRO G 124 22.44 -36.96 -12.95
CA PRO G 124 21.78 -37.97 -12.09
C PRO G 124 21.87 -37.73 -10.57
N ARG G 125 22.00 -36.48 -10.13
CA ARG G 125 22.34 -36.19 -8.75
C ARG G 125 21.16 -35.64 -7.94
N GLU G 126 19.93 -35.92 -8.36
CA GLU G 126 18.78 -35.41 -7.62
C GLU G 126 18.73 -35.96 -6.19
N VAL G 127 19.02 -37.26 -6.02
CA VAL G 127 18.93 -37.86 -4.68
C VAL G 127 19.95 -37.21 -3.76
N THR G 128 21.17 -37.00 -4.25
CA THR G 128 22.17 -36.32 -3.44
C THR G 128 21.65 -34.98 -2.96
N TRP G 129 20.98 -34.23 -3.85
CA TRP G 129 20.51 -32.90 -3.52
C TRP G 129 19.38 -32.94 -2.51
N ILE G 130 18.41 -33.85 -2.69
CA ILE G 130 17.28 -33.93 -1.78
C ILE G 130 17.74 -34.40 -0.40
N VAL G 131 18.66 -35.37 -0.36
CA VAL G 131 19.20 -35.78 0.92
C VAL G 131 19.90 -34.61 1.57
N GLY G 132 20.59 -33.80 0.78
CA GLY G 132 21.19 -32.60 1.30
C GLY G 132 20.16 -31.67 1.92
N MET G 133 19.02 -31.50 1.24
CA MET G 133 17.97 -30.61 1.77
C MET G 133 17.41 -31.12 3.08
N LEU G 134 17.25 -32.44 3.23
CA LEU G 134 16.77 -32.96 4.52
C LEU G 134 17.77 -32.67 5.62
N ILE G 135 19.06 -32.84 5.33
CA ILE G 135 20.09 -32.51 6.30
C ILE G 135 19.98 -31.04 6.68
N TYR G 136 19.73 -30.19 5.69
CA TYR G 136 19.68 -28.76 5.95
C TYR G 136 18.54 -28.42 6.90
N LEU G 137 17.36 -29.02 6.69
CA LEU G 137 16.26 -28.81 7.63
C LEU G 137 16.62 -29.31 9.01
N ALA G 138 17.29 -30.46 9.08
CA ALA G 138 17.64 -31.02 10.38
C ALA G 138 18.65 -30.11 11.08
N MET G 139 19.61 -29.57 10.32
CA MET G 139 20.58 -28.65 10.89
C MET G 139 19.91 -27.45 11.52
N MET G 140 18.95 -26.86 10.80
CA MET G 140 18.28 -25.67 11.32
C MET G 140 17.51 -26.00 12.60
N ALA G 141 16.74 -27.09 12.58
CA ALA G 141 16.01 -27.49 13.78
C ALA G 141 16.97 -27.80 14.93
N THR G 142 18.09 -28.48 14.63
CA THR G 142 19.06 -28.78 15.69
C THR G 142 19.68 -27.51 16.26
N ALA G 143 20.15 -26.61 15.42
CA ALA G 143 20.83 -25.42 15.93
C ALA G 143 19.87 -24.54 16.71
N PHE G 144 18.61 -24.46 16.27
CA PHE G 144 17.62 -23.70 16.99
C PHE G 144 17.48 -24.22 18.41
N MET G 145 17.26 -25.54 18.55
CA MET G 145 17.04 -26.09 19.88
C MET G 145 18.28 -25.97 20.76
N GLY G 146 19.46 -26.09 20.18
CA GLY G 146 20.67 -25.89 20.94
C GLY G 146 20.73 -24.49 21.53
N TYR G 147 20.33 -23.50 20.75
CA TYR G 147 20.40 -22.11 21.17
C TYR G 147 19.43 -21.85 22.31
N VAL G 148 18.39 -22.68 22.43
CA VAL G 148 17.42 -22.53 23.52
C VAL G 148 18.01 -22.98 24.84
N LEU G 149 18.96 -23.93 24.82
CA LEU G 149 19.39 -24.55 26.07
C LEU G 149 19.99 -23.61 27.10
N PRO G 150 20.84 -22.62 26.76
CA PRO G 150 21.34 -21.71 27.81
C PRO G 150 20.23 -20.94 28.52
N TRP G 151 19.07 -20.78 27.89
CA TRP G 151 17.91 -20.13 28.51
C TRP G 151 18.22 -18.68 28.87
N GLY G 152 18.91 -18.00 27.95
CA GLY G 152 19.11 -16.57 28.03
C GLY G 152 17.92 -15.86 27.41
N GLN G 153 18.06 -14.55 27.23
CA GLN G 153 16.93 -13.81 26.68
C GLN G 153 16.67 -14.18 25.22
N MET G 154 17.72 -14.34 24.43
CA MET G 154 17.51 -14.75 23.04
C MET G 154 17.01 -16.18 22.97
N SER G 155 17.51 -17.04 23.86
CA SER G 155 17.03 -18.42 23.94
C SER G 155 15.53 -18.46 24.13
N PHE G 156 15.04 -17.76 25.15
CA PHE G 156 13.64 -17.84 25.53
C PHE G 156 12.75 -17.25 24.44
N TRP G 157 13.11 -16.07 23.92
CA TRP G 157 12.20 -15.41 22.99
C TRP G 157 12.32 -15.97 21.58
N GLY G 158 13.49 -16.51 21.22
CA GLY G 158 13.58 -17.23 19.96
C GLY G 158 12.68 -18.45 19.98
N ALA G 159 12.61 -19.14 21.12
CA ALA G 159 11.73 -20.29 21.22
C ALA G 159 10.27 -19.88 21.13
N THR G 160 9.94 -18.74 21.74
CA THR G 160 8.58 -18.21 21.65
C THR G 160 8.18 -17.94 20.20
N VAL G 161 9.07 -17.28 19.44
CA VAL G 161 8.74 -16.89 18.07
C VAL G 161 8.63 -18.12 17.17
N ILE G 162 9.59 -19.04 17.29
CA ILE G 162 9.71 -20.15 16.37
C ILE G 162 8.64 -21.19 16.67
N THR G 163 8.26 -21.35 17.93
CA THR G 163 7.10 -22.18 18.21
C THR G 163 5.83 -21.51 17.70
N GLY G 164 5.84 -20.18 17.63
CA GLY G 164 4.70 -19.45 17.09
C GLY G 164 4.46 -19.68 15.62
N LEU G 165 5.52 -20.01 14.86
CA LEU G 165 5.39 -20.29 13.43
C LEU G 165 4.34 -21.35 13.18
N PHE G 166 4.31 -22.37 14.02
CA PHE G 166 3.41 -23.49 13.84
C PHE G 166 2.00 -23.11 14.27
N GLY G 167 1.87 -22.07 15.10
CA GLY G 167 0.57 -21.54 15.45
C GLY G 167 -0.14 -20.84 14.29
N ALA G 168 0.59 -20.53 13.20
CA ALA G 168 0.03 -19.83 12.07
C ALA G 168 -0.74 -20.75 11.11
N ILE G 169 -0.66 -22.06 11.28
CA ILE G 169 -1.42 -22.94 10.39
C ILE G 169 -2.90 -22.86 10.75
N PRO G 170 -3.79 -22.58 9.79
CA PRO G 170 -5.22 -22.47 10.11
C PRO G 170 -5.77 -23.76 10.71
N GLY G 171 -6.69 -23.60 11.66
CA GLY G 171 -7.37 -24.75 12.21
C GLY G 171 -6.55 -25.48 13.26
N ILE G 172 -5.42 -26.06 12.83
CA ILE G 172 -4.62 -26.94 13.67
C ILE G 172 -3.43 -26.23 14.30
N GLY G 173 -3.23 -24.95 13.99
CA GLY G 173 -2.04 -24.26 14.43
C GLY G 173 -1.89 -24.27 15.94
N HIS G 174 -2.98 -23.98 16.66
CA HIS G 174 -2.87 -23.90 18.10
C HIS G 174 -2.57 -25.26 18.73
N SER G 175 -3.10 -26.34 18.15
CA SER G 175 -2.80 -27.68 18.67
C SER G 175 -1.34 -28.03 18.55
N ILE G 176 -0.76 -27.81 17.36
CA ILE G 176 0.65 -28.09 17.16
C ILE G 176 1.49 -27.27 18.13
N GLN G 177 1.11 -26.00 18.30
CA GLN G 177 1.85 -25.10 19.18
C GLN G 177 1.79 -25.58 20.62
N THR G 178 0.59 -25.95 21.09
CA THR G 178 0.45 -26.48 22.44
C THR G 178 1.24 -27.77 22.60
N TRP G 179 1.18 -28.63 21.59
CA TRP G 179 1.89 -29.90 21.62
C TRP G 179 3.40 -29.69 21.69
N LEU G 180 3.92 -28.74 20.92
CA LEU G 180 5.34 -28.43 20.98
C LEU G 180 5.73 -27.82 22.31
N LEU G 181 4.86 -26.99 22.89
CA LEU G 181 5.21 -26.27 24.11
C LEU G 181 5.05 -27.15 25.35
N GLY G 182 4.08 -28.06 25.32
CA GLY G 182 3.73 -28.83 26.49
C GLY G 182 2.94 -28.02 27.50
N GLY G 183 2.33 -26.93 27.06
CA GLY G 183 1.59 -26.07 27.94
C GLY G 183 1.17 -24.79 27.25
N PRO G 184 0.67 -23.81 28.02
CA PRO G 184 0.24 -22.54 27.44
C PRO G 184 1.38 -21.63 27.04
N ALA G 185 2.60 -21.89 27.47
CA ALA G 185 3.71 -20.98 27.18
C ALA G 185 5.02 -21.75 27.21
N VAL G 186 6.06 -21.11 26.68
CA VAL G 186 7.42 -21.61 26.81
C VAL G 186 7.79 -21.67 28.28
N ASP G 187 8.07 -22.88 28.77
CA ASP G 187 8.41 -23.12 30.17
C ASP G 187 9.37 -24.31 30.24
N ASN G 188 9.43 -24.96 31.40
CA ASN G 188 10.38 -26.04 31.62
C ASN G 188 10.10 -27.22 30.70
N ALA G 189 8.82 -27.59 30.54
CA ALA G 189 8.46 -28.68 29.64
C ALA G 189 9.03 -28.45 28.25
N THR G 190 9.08 -27.19 27.82
CA THR G 190 9.61 -26.88 26.50
C THR G 190 11.13 -27.08 26.49
N LEU G 191 11.81 -26.56 27.52
CA LEU G 191 13.26 -26.72 27.61
C LEU G 191 13.64 -28.19 27.68
N ASN G 192 12.89 -28.97 28.48
CA ASN G 192 13.23 -30.37 28.73
C ASN G 192 13.14 -31.20 27.45
N ARG G 193 12.13 -30.96 26.63
CA ARG G 193 11.99 -31.75 25.42
C ARG G 193 12.93 -31.27 24.33
N PHE G 194 13.22 -29.96 24.29
CA PHE G 194 14.19 -29.48 23.33
C PHE G 194 15.56 -30.08 23.59
N PHE G 195 15.88 -30.35 24.86
CA PHE G 195 17.16 -30.96 25.18
C PHE G 195 17.26 -32.36 24.60
N SER G 196 16.20 -33.15 24.78
CA SER G 196 16.20 -34.51 24.26
C SER G 196 16.35 -34.51 22.75
N LEU G 197 15.65 -33.60 22.06
CA LEU G 197 15.68 -33.57 20.60
C LEU G 197 16.97 -32.97 20.06
N HIS G 198 17.59 -32.04 20.79
CA HIS G 198 18.87 -31.51 20.34
C HIS G 198 19.93 -32.59 20.33
N TYR G 199 19.80 -33.57 21.23
CA TYR G 199 20.73 -34.69 21.30
C TYR G 199 20.46 -35.67 20.16
N LEU G 200 19.19 -35.96 19.92
CA LEU G 200 18.78 -36.96 18.94
C LEU G 200 19.14 -36.56 17.50
N LEU G 201 18.76 -35.35 17.08
CA LEU G 201 18.80 -35.03 15.66
C LEU G 201 20.19 -35.14 15.04
N PRO G 202 21.28 -34.74 15.70
CA PRO G 202 22.61 -34.95 15.11
C PRO G 202 22.88 -36.40 14.76
N PHE G 203 22.24 -37.35 15.42
CA PHE G 203 22.43 -38.73 15.00
C PHE G 203 21.66 -38.99 13.73
N VAL G 204 20.51 -38.35 13.56
CA VAL G 204 19.81 -38.46 12.27
C VAL G 204 20.62 -37.81 11.17
N ILE G 205 21.21 -36.63 11.46
CA ILE G 205 22.07 -35.96 10.48
C ILE G 205 23.23 -36.86 10.09
N ALA G 206 23.85 -37.52 11.07
CA ALA G 206 24.96 -38.40 10.75
C ALA G 206 24.48 -39.52 9.84
N ALA G 207 23.29 -40.04 10.10
CA ALA G 207 22.71 -41.09 9.26
C ALA G 207 22.40 -40.54 7.88
N LEU G 208 21.87 -39.32 7.81
CA LEU G 208 21.61 -38.73 6.50
C LEU G 208 22.90 -38.50 5.74
N VAL G 209 23.95 -38.08 6.43
CA VAL G 209 25.22 -37.87 5.75
C VAL G 209 25.73 -39.17 5.16
N ALA G 210 25.47 -40.29 5.83
CA ALA G 210 25.91 -41.57 5.28
C ALA G 210 25.22 -41.86 3.94
N ILE G 211 23.93 -41.55 3.85
CA ILE G 211 23.20 -41.74 2.60
C ILE G 211 23.67 -40.75 1.56
N HIS G 212 23.92 -39.52 1.98
CA HIS G 212 24.48 -38.47 1.15
C HIS G 212 25.76 -38.95 0.46
N ILE G 213 26.65 -39.59 1.24
CA ILE G 213 27.92 -40.07 0.71
C ILE G 213 27.69 -41.25 -0.22
N TRP G 214 26.80 -42.14 0.15
CA TRP G 214 26.46 -43.26 -0.70
C TRP G 214 25.89 -42.75 -2.01
N ALA G 215 25.17 -41.64 -1.96
CA ALA G 215 24.50 -41.10 -3.14
C ALA G 215 25.50 -40.60 -4.16
N PHE G 216 26.49 -39.80 -3.73
CA PHE G 216 27.44 -39.27 -4.71
C PHE G 216 28.57 -40.25 -5.01
N HIS G 217 28.68 -41.34 -4.25
CA HIS G 217 29.60 -42.40 -4.63
C HIS G 217 29.02 -43.24 -5.75
N SER G 218 27.69 -43.40 -5.77
CA SER G 218 27.04 -44.16 -6.83
C SER G 218 27.14 -43.47 -8.19
N THR G 219 26.99 -42.13 -8.22
CA THR G 219 27.02 -41.38 -9.46
C THR G 219 28.40 -40.86 -9.82
N GLY G 220 29.26 -40.67 -8.84
CA GLY G 220 30.52 -40.01 -9.02
C GLY G 220 30.41 -38.52 -8.82
N ASN G 221 31.48 -37.93 -8.31
CA ASN G 221 31.49 -36.51 -8.02
C ASN G 221 31.35 -35.68 -9.27
N ASN G 222 30.61 -34.58 -9.16
CA ASN G 222 30.60 -33.57 -10.20
C ASN G 222 31.95 -32.84 -10.16
N ASN G 223 32.25 -32.15 -11.25
CA ASN G 223 33.47 -31.34 -11.35
C ASN G 223 33.18 -30.00 -12.03
N PRO G 224 34.11 -29.04 -11.97
CA PRO G 224 33.83 -27.71 -12.52
C PRO G 224 33.37 -27.62 -13.97
N THR G 225 33.70 -28.61 -14.80
CA THR G 225 33.31 -28.57 -16.21
C THR G 225 31.93 -29.14 -16.44
N GLY G 226 31.41 -29.92 -15.50
CA GLY G 226 30.16 -30.58 -15.70
C GLY G 226 30.24 -31.75 -16.65
N VAL G 227 31.44 -32.08 -17.17
CA VAL G 227 31.63 -33.20 -18.08
C VAL G 227 31.98 -34.44 -17.26
N GLU G 228 31.23 -35.51 -17.45
CA GLU G 228 31.41 -36.69 -16.64
C GLU G 228 32.68 -37.44 -17.05
N VAL G 229 33.21 -38.19 -16.08
CA VAL G 229 34.37 -39.03 -16.30
C VAL G 229 34.07 -40.10 -17.33
N ARG G 230 35.03 -40.32 -18.24
CA ARG G 230 34.90 -41.39 -19.22
C ARG G 230 34.95 -42.74 -18.52
N ARG G 231 34.01 -43.61 -18.85
CA ARG G 231 33.87 -44.89 -18.17
C ARG G 231 34.06 -46.06 -19.12
N THR G 232 34.38 -45.81 -20.39
CA THR G 232 34.53 -46.85 -21.40
C THR G 232 35.75 -47.75 -21.18
N SER G 233 36.77 -47.28 -20.45
CA SER G 233 37.94 -48.11 -20.15
C SER G 233 38.71 -47.49 -18.99
N LYS G 234 39.50 -48.33 -18.29
CA LYS G 234 40.30 -47.85 -17.16
C LYS G 234 41.39 -46.90 -17.63
N ALA G 235 41.88 -47.10 -18.85
CA ALA G 235 42.95 -46.29 -19.43
C ALA G 235 42.58 -44.81 -19.44
N GLU G 236 41.39 -44.50 -19.98
CA GLU G 236 40.94 -43.13 -20.17
C GLU G 236 40.25 -42.57 -18.94
N ALA G 237 39.85 -43.42 -17.99
CA ALA G 237 39.36 -42.97 -16.70
C ALA G 237 40.47 -42.33 -15.88
N GLN G 238 41.70 -42.81 -16.01
CA GLN G 238 42.80 -42.27 -15.23
C GLN G 238 43.25 -40.90 -15.72
N LYS G 239 43.06 -40.60 -17.00
CA LYS G 239 43.39 -39.26 -17.46
C LYS G 239 42.39 -38.23 -16.96
N ASP G 240 41.18 -38.66 -16.59
CA ASP G 240 40.15 -37.79 -16.05
C ASP G 240 40.17 -37.71 -14.52
N THR G 241 40.90 -38.60 -13.85
CA THR G 241 40.79 -38.81 -12.41
C THR G 241 42.17 -38.97 -11.81
N VAL G 242 42.21 -38.87 -10.48
CA VAL G 242 43.32 -39.37 -9.67
C VAL G 242 42.64 -40.11 -8.54
N PRO G 243 43.28 -41.11 -7.91
CA PRO G 243 42.62 -41.81 -6.80
C PRO G 243 42.40 -40.86 -5.64
N PHE G 244 41.25 -41.03 -4.98
CA PHE G 244 40.88 -40.16 -3.87
C PHE G 244 42.01 -40.13 -2.84
N TRP G 245 42.48 -41.34 -2.37
CA TRP G 245 43.70 -41.45 -1.56
C TRP G 245 44.90 -41.66 -2.47
N PRO G 246 46.00 -40.92 -2.28
CA PRO G 246 46.31 -39.86 -1.31
C PRO G 246 45.94 -38.44 -1.76
N TYR G 247 45.75 -38.28 -3.07
CA TYR G 247 45.71 -36.95 -3.70
C TYR G 247 44.70 -35.98 -3.07
N PHE G 248 43.48 -36.43 -2.81
CA PHE G 248 42.46 -35.53 -2.24
C PHE G 248 42.33 -35.66 -0.73
N ILE G 249 42.83 -36.75 -0.14
CA ILE G 249 42.93 -36.83 1.31
C ILE G 249 43.85 -35.74 1.80
N ILE G 250 45.05 -35.68 1.22
CA ILE G 250 46.04 -34.71 1.68
C ILE G 250 45.55 -33.29 1.37
N LYS G 251 44.92 -33.09 0.20
CA LYS G 251 44.40 -31.76 -0.15
C LYS G 251 43.31 -31.35 0.82
N ASP G 252 42.48 -32.30 1.29
CA ASP G 252 41.43 -31.94 2.23
C ASP G 252 42.02 -31.60 3.59
N VAL G 253 42.96 -32.43 4.07
CA VAL G 253 43.59 -32.19 5.36
C VAL G 253 44.33 -30.86 5.37
N PHE G 254 44.98 -30.51 4.26
CA PHE G 254 45.62 -29.20 4.20
C PHE G 254 44.59 -28.09 4.31
N ALA G 255 43.56 -28.15 3.46
CA ALA G 255 42.51 -27.13 3.49
C ALA G 255 41.85 -27.08 4.86
N LEU G 256 41.64 -28.25 5.45
CA LEU G 256 41.02 -28.33 6.77
C LEU G 256 41.89 -27.60 7.81
N ALA G 257 43.20 -27.79 7.75
CA ALA G 257 44.10 -27.11 8.68
C ALA G 257 44.00 -25.60 8.55
N VAL G 258 43.75 -25.09 7.34
CA VAL G 258 43.65 -23.64 7.14
C VAL G 258 42.33 -23.12 7.69
N VAL G 259 41.25 -23.86 7.47
CA VAL G 259 39.96 -23.49 8.04
C VAL G 259 40.04 -23.46 9.56
N LEU G 260 40.69 -24.47 10.15
CA LEU G 260 40.75 -24.47 11.61
C LEU G 260 41.67 -23.40 12.13
N LEU G 261 42.68 -23.01 11.35
CA LEU G 261 43.52 -21.89 11.74
C LEU G 261 42.66 -20.65 11.97
N VAL G 262 41.79 -20.33 11.01
CA VAL G 262 40.89 -19.18 11.19
C VAL G 262 39.93 -19.43 12.35
N PHE G 263 39.29 -20.59 12.35
CA PHE G 263 38.29 -20.92 13.37
C PHE G 263 38.88 -20.85 14.78
N PHE G 264 40.09 -21.37 14.96
CA PHE G 264 40.69 -21.34 16.30
C PHE G 264 41.17 -19.94 16.66
N ALA G 265 41.46 -19.09 15.69
CA ALA G 265 41.74 -17.70 16.02
C ALA G 265 40.48 -17.00 16.50
N ILE G 266 39.34 -17.27 15.83
CA ILE G 266 38.06 -16.72 16.27
C ILE G 266 37.74 -17.17 17.69
N VAL G 267 37.76 -18.47 17.92
CA VAL G 267 37.38 -18.98 19.23
C VAL G 267 38.33 -18.47 20.30
N GLY G 268 39.61 -18.34 19.96
CA GLY G 268 40.58 -17.94 20.94
C GLY G 268 40.58 -16.46 21.27
N PHE G 269 40.24 -15.62 20.30
CA PHE G 269 40.46 -14.18 20.43
C PHE G 269 39.23 -13.32 20.23
N MET G 270 38.17 -13.84 19.62
CA MET G 270 36.93 -13.10 19.51
C MET G 270 35.75 -14.08 19.43
N PRO G 271 35.57 -14.88 20.49
CA PRO G 271 34.55 -15.94 20.45
C PRO G 271 33.12 -15.44 20.47
N ASN G 272 32.89 -14.18 20.84
CA ASN G 272 31.54 -13.65 20.96
C ASN G 272 31.12 -12.74 19.81
N TYR G 273 31.99 -12.53 18.81
CA TYR G 273 31.66 -11.63 17.71
C TYR G 273 30.37 -12.06 17.01
N LEU G 274 30.23 -13.36 16.77
CA LEU G 274 29.06 -13.87 16.05
C LEU G 274 27.89 -14.15 16.98
N GLY G 275 27.95 -13.73 18.24
CA GLY G 275 26.89 -13.99 19.19
C GLY G 275 26.08 -12.74 19.48
N HIS G 276 25.03 -12.96 20.28
CA HIS G 276 24.17 -11.88 20.72
C HIS G 276 24.40 -11.61 22.19
N PRO G 277 24.86 -10.43 22.61
CA PRO G 277 25.10 -10.21 24.05
C PRO G 277 23.89 -10.45 24.92
N ASP G 278 22.68 -10.29 24.40
CA ASP G 278 21.52 -10.45 25.27
C ASP G 278 21.31 -11.87 25.74
N ASN G 279 21.98 -12.87 25.16
CA ASN G 279 21.81 -14.23 25.66
C ASN G 279 22.70 -14.48 26.86
N TYR G 280 23.53 -13.51 27.24
CA TYR G 280 24.23 -13.52 28.52
C TYR G 280 23.36 -12.87 29.60
N ILE G 281 22.09 -12.62 29.28
CA ILE G 281 21.08 -12.16 30.23
C ILE G 281 20.09 -13.30 30.42
N GLU G 282 19.77 -13.57 31.67
CA GLU G 282 18.83 -14.65 31.98
C GLU G 282 17.47 -14.40 31.34
N ALA G 283 16.84 -15.47 30.88
CA ALA G 283 15.50 -15.41 30.30
C ALA G 283 14.56 -14.65 31.20
N ASN G 284 13.84 -13.70 30.62
CA ASN G 284 12.83 -12.91 31.30
C ASN G 284 11.50 -13.04 30.56
N PRO G 285 10.56 -13.86 31.02
CA PRO G 285 9.31 -14.04 30.25
C PRO G 285 8.43 -12.80 30.23
N LEU G 286 8.80 -11.73 30.93
CA LEU G 286 7.99 -10.51 30.99
C LEU G 286 8.55 -9.36 30.18
N SER G 287 9.69 -9.53 29.51
CA SER G 287 10.31 -8.43 28.77
C SER G 287 11.12 -9.02 27.62
N THR G 288 10.78 -8.61 26.38
CA THR G 288 11.58 -8.93 25.18
C THR G 288 12.61 -7.82 24.93
N PRO G 289 13.90 -8.14 24.80
CA PRO G 289 14.88 -7.08 24.51
C PRO G 289 14.52 -6.31 23.25
N ALA G 290 14.85 -5.02 23.27
CA ALA G 290 14.54 -4.15 22.14
C ALA G 290 15.36 -4.51 20.93
N HIS G 291 16.59 -4.97 21.11
CA HIS G 291 17.52 -5.25 20.03
C HIS G 291 17.65 -6.75 19.81
N ILE G 292 16.51 -7.44 19.97
CA ILE G 292 16.41 -8.86 19.67
C ILE G 292 16.70 -9.09 18.21
N VAL G 293 17.61 -10.03 17.92
CA VAL G 293 17.97 -10.36 16.54
C VAL G 293 18.24 -11.87 16.45
N PRO G 294 17.81 -12.55 15.39
CA PRO G 294 18.11 -13.97 15.26
C PRO G 294 19.60 -14.22 15.07
N GLU G 295 19.97 -15.49 15.23
CA GLU G 295 21.31 -15.94 14.89
C GLU G 295 21.61 -15.60 13.44
N TRP G 296 22.85 -15.18 13.15
CA TRP G 296 23.16 -14.62 11.84
C TRP G 296 22.83 -15.59 10.70
N TYR G 297 23.01 -16.88 10.93
CA TYR G 297 22.77 -17.86 9.87
C TYR G 297 21.28 -18.09 9.63
N PHE G 298 20.41 -17.52 10.46
CA PHE G 298 18.97 -17.54 10.25
C PHE G 298 18.43 -16.26 9.61
N LEU G 299 19.26 -15.20 9.54
CA LEU G 299 18.76 -13.89 9.13
C LEU G 299 18.10 -13.85 7.75
N PRO G 300 18.62 -14.52 6.69
CA PRO G 300 17.96 -14.39 5.38
C PRO G 300 16.52 -14.83 5.38
N PHE G 301 16.22 -15.93 6.07
CA PHE G 301 14.87 -16.45 6.11
C PHE G 301 14.00 -15.61 7.02
N TYR G 302 14.61 -15.04 8.06
CA TYR G 302 13.90 -14.08 8.91
C TYR G 302 13.53 -12.83 8.12
N ALA G 303 14.44 -12.33 7.28
CA ALA G 303 14.16 -11.13 6.47
C ALA G 303 13.00 -11.35 5.53
N ILE G 304 12.89 -12.55 4.94
CA ILE G 304 11.79 -12.85 4.02
C ILE G 304 10.46 -12.83 4.76
N LEU G 305 10.40 -13.48 5.93
CA LEU G 305 9.15 -13.59 6.67
C LEU G 305 8.60 -12.23 7.07
N ARG G 306 9.43 -11.39 7.68
CA ARG G 306 8.87 -10.15 8.21
C ARG G 306 8.68 -9.11 7.12
N ALA G 307 9.18 -9.37 5.92
CA ALA G 307 8.95 -8.47 4.80
C ALA G 307 7.48 -8.44 4.39
N PHE G 308 6.71 -9.47 4.73
CA PHE G 308 5.33 -9.60 4.26
C PHE G 308 4.41 -9.12 5.38
N THR G 309 4.22 -7.80 5.38
CA THR G 309 3.35 -7.06 6.28
C THR G 309 1.95 -6.87 5.69
N ALA G 310 1.09 -6.22 6.50
CA ALA G 310 -0.29 -5.96 6.09
C ALA G 310 -0.37 -5.03 4.89
N ASP G 311 0.60 -4.12 4.72
CA ASP G 311 0.58 -3.14 3.65
C ASP G 311 0.93 -3.73 2.28
N VAL G 312 1.44 -4.95 2.23
CA VAL G 312 1.96 -5.55 1.01
C VAL G 312 0.80 -5.97 0.13
N TRP G 313 0.82 -5.58 -1.15
CA TRP G 313 -0.37 -5.79 -1.96
C TRP G 313 -0.60 -7.27 -2.26
N VAL G 314 0.46 -8.05 -2.51
CA VAL G 314 0.25 -9.48 -2.79
C VAL G 314 -0.33 -10.16 -1.56
N VAL G 315 -0.03 -9.64 -0.37
CA VAL G 315 -0.65 -10.12 0.86
C VAL G 315 -2.13 -9.71 0.88
N GLN G 316 -2.42 -8.48 0.47
CA GLN G 316 -3.81 -8.04 0.52
C GLN G 316 -4.66 -8.81 -0.49
N ILE G 317 -4.07 -9.18 -1.64
CA ILE G 317 -4.78 -10.04 -2.59
C ILE G 317 -4.91 -11.45 -2.01
N ALA G 318 -3.82 -12.00 -1.47
CA ALA G 318 -3.86 -13.32 -0.85
C ALA G 318 -4.93 -13.39 0.23
N ASN G 319 -5.01 -12.37 1.08
CA ASN G 319 -5.99 -12.36 2.17
C ASN G 319 -7.42 -12.33 1.63
N PHE G 320 -7.64 -11.53 0.59
CA PHE G 320 -8.97 -11.35 0.01
C PHE G 320 -9.43 -12.62 -0.69
N ILE G 321 -8.59 -13.16 -1.58
CA ILE G 321 -8.96 -14.35 -2.34
C ILE G 321 -9.19 -15.55 -1.43
N SER G 322 -8.40 -15.68 -0.36
CA SER G 322 -8.51 -16.80 0.56
C SER G 322 -9.52 -16.60 1.69
N PHE G 323 -10.39 -15.60 1.61
CA PHE G 323 -11.41 -15.36 2.65
C PHE G 323 -10.80 -15.20 4.05
N GLY G 324 -9.57 -14.68 4.14
CA GLY G 324 -8.96 -14.35 5.41
C GLY G 324 -8.03 -15.42 5.98
N ILE G 325 -8.02 -16.62 5.40
CA ILE G 325 -7.14 -17.69 5.87
C ILE G 325 -5.68 -17.28 5.80
N ILE G 326 -5.26 -16.73 4.66
CA ILE G 326 -3.87 -16.32 4.46
C ILE G 326 -3.81 -14.83 4.79
N ASP G 327 -3.47 -14.52 6.04
CA ASP G 327 -3.21 -13.14 6.39
C ASP G 327 -1.70 -12.90 6.28
N ALA G 328 -1.27 -11.70 6.62
CA ALA G 328 0.15 -11.37 6.49
C ALA G 328 0.98 -12.32 7.35
N LYS G 329 0.44 -12.70 8.51
CA LYS G 329 1.15 -13.59 9.41
C LYS G 329 1.43 -14.94 8.76
N PHE G 330 0.38 -15.59 8.24
CA PHE G 330 0.54 -16.91 7.63
C PHE G 330 1.23 -16.80 6.27
N PHE G 331 1.01 -15.69 5.57
CA PHE G 331 1.67 -15.48 4.28
C PHE G 331 3.17 -15.45 4.50
N GLY G 332 3.62 -14.74 5.54
CA GLY G 332 5.03 -14.63 5.83
C GLY G 332 5.65 -15.96 6.18
N VAL G 333 4.90 -16.84 6.86
CA VAL G 333 5.41 -18.17 7.18
C VAL G 333 5.52 -19.01 5.92
N LEU G 334 4.50 -18.92 5.07
CA LEU G 334 4.54 -19.63 3.79
C LEU G 334 5.70 -19.15 2.95
N ALA G 335 5.93 -17.85 2.92
CA ALA G 335 7.04 -17.31 2.13
C ALA G 335 8.37 -17.85 2.63
N MET G 336 8.54 -17.96 3.95
CA MET G 336 9.83 -18.37 4.49
C MET G 336 10.13 -19.84 4.21
N PHE G 337 9.20 -20.75 4.55
CA PHE G 337 9.42 -22.15 4.20
C PHE G 337 9.33 -22.36 2.70
N GLY G 338 8.57 -21.53 2.00
CA GLY G 338 8.51 -21.65 0.56
C GLY G 338 9.82 -21.31 -0.11
N ALA G 339 10.58 -20.39 0.48
CA ALA G 339 11.88 -20.03 -0.08
C ALA G 339 12.83 -21.21 -0.03
N ILE G 340 12.75 -22.02 1.02
CA ILE G 340 13.59 -23.22 1.13
C ILE G 340 13.08 -24.30 0.18
N LEU G 341 11.75 -24.44 0.04
CA LEU G 341 11.19 -25.50 -0.78
C LEU G 341 11.55 -25.31 -2.26
N VAL G 342 11.46 -24.08 -2.77
CA VAL G 342 11.75 -23.87 -4.18
C VAL G 342 13.20 -24.19 -4.46
N MET G 343 14.07 -24.01 -3.46
CA MET G 343 15.47 -24.37 -3.62
C MET G 343 15.64 -25.88 -3.64
N ALA G 344 14.78 -26.61 -2.93
CA ALA G 344 14.80 -28.06 -2.97
C ALA G 344 14.33 -28.57 -4.32
N LEU G 345 13.48 -27.82 -5.00
CA LEU G 345 12.89 -28.23 -6.26
C LEU G 345 13.70 -27.79 -7.46
N VAL G 346 14.87 -27.18 -7.26
CA VAL G 346 15.64 -26.62 -8.36
C VAL G 346 16.06 -27.68 -9.40
N PRO G 347 16.21 -28.97 -9.09
CA PRO G 347 16.50 -29.90 -10.20
C PRO G 347 15.40 -29.97 -11.22
N TRP G 348 14.15 -29.72 -10.83
CA TRP G 348 12.99 -29.81 -11.72
C TRP G 348 12.55 -28.44 -12.22
N LEU G 349 13.17 -27.37 -11.73
CA LEU G 349 12.88 -26.02 -12.19
C LEU G 349 13.92 -25.54 -13.19
N ASP G 350 15.16 -26.01 -13.07
CA ASP G 350 16.22 -25.71 -14.02
C ASP G 350 16.04 -26.61 -15.24
N THR G 351 15.53 -26.05 -16.32
CA THR G 351 15.18 -26.83 -17.50
C THR G 351 16.32 -26.90 -18.51
N SER G 352 17.49 -26.31 -18.20
CA SER G 352 18.62 -26.33 -19.12
C SER G 352 19.29 -27.72 -19.10
N PRO G 353 19.69 -28.25 -20.27
CA PRO G 353 20.41 -29.52 -20.27
C PRO G 353 21.90 -29.37 -20.01
N VAL G 354 22.41 -28.15 -19.97
CA VAL G 354 23.82 -27.90 -19.69
C VAL G 354 24.02 -27.98 -18.19
N ARG G 355 24.93 -28.86 -17.75
CA ARG G 355 25.08 -29.06 -16.32
C ARG G 355 25.79 -27.88 -15.68
N SER G 356 27.03 -27.59 -16.07
CA SER G 356 27.82 -26.56 -15.40
C SER G 356 27.45 -25.15 -15.83
N GLY G 357 27.25 -24.27 -14.84
CA GLY G 357 26.97 -22.88 -15.11
C GLY G 357 28.14 -22.12 -15.68
N ARG G 358 29.33 -22.72 -15.67
CA ARG G 358 30.51 -22.08 -16.23
C ARG G 358 30.33 -21.76 -17.70
N TYR G 359 29.49 -22.54 -18.40
CA TYR G 359 29.27 -22.41 -19.83
C TYR G 359 27.86 -21.89 -20.14
N ARG G 360 27.27 -21.16 -19.19
CA ARG G 360 25.93 -20.58 -19.33
C ARG G 360 26.02 -19.08 -19.08
N PRO G 361 26.24 -18.27 -20.15
CA PRO G 361 26.47 -16.82 -19.95
C PRO G 361 25.37 -16.07 -19.22
N MET G 362 24.10 -16.27 -19.60
CA MET G 362 23.03 -15.56 -18.90
C MET G 362 22.87 -16.08 -17.48
N PHE G 363 23.01 -17.39 -17.29
CA PHE G 363 22.86 -17.98 -15.96
C PHE G 363 23.82 -17.35 -14.96
N LYS G 364 25.07 -17.12 -15.36
CA LYS G 364 26.05 -16.53 -14.45
C LYS G 364 25.55 -15.22 -13.84
N ILE G 365 24.91 -14.37 -14.65
CA ILE G 365 24.40 -13.10 -14.13
C ILE G 365 23.41 -13.35 -13.01
N TYR G 366 22.40 -14.18 -13.27
CA TYR G 366 21.34 -14.36 -12.29
C TYR G 366 21.83 -15.13 -11.08
N PHE G 367 22.83 -16.00 -11.26
CA PHE G 367 23.36 -16.70 -10.10
C PHE G 367 24.06 -15.71 -9.17
N TRP G 368 24.92 -14.86 -9.72
CA TRP G 368 25.66 -13.94 -8.87
C TRP G 368 24.74 -12.90 -8.27
N LEU G 369 23.62 -12.63 -8.93
CA LEU G 369 22.60 -11.80 -8.31
C LEU G 369 22.01 -12.53 -7.11
N LEU G 370 21.83 -13.86 -7.23
CA LEU G 370 21.27 -14.64 -6.13
C LEU G 370 22.23 -14.66 -4.95
N ALA G 371 23.53 -14.81 -5.21
CA ALA G 371 24.49 -14.77 -4.11
C ALA G 371 24.43 -13.40 -3.45
N ALA G 372 24.41 -12.34 -4.25
CA ALA G 372 24.28 -11.00 -3.69
C ALA G 372 22.97 -10.87 -2.94
N ASP G 373 21.89 -11.45 -3.50
CA ASP G 373 20.60 -11.40 -2.84
C ASP G 373 20.64 -12.07 -1.49
N PHE G 374 21.35 -13.20 -1.39
CA PHE G 374 21.41 -13.94 -0.15
C PHE G 374 22.14 -13.12 0.91
N VAL G 375 23.22 -12.45 0.51
CA VAL G 375 23.94 -11.57 1.41
C VAL G 375 23.08 -10.36 1.80
N ILE G 376 22.35 -9.80 0.82
CA ILE G 376 21.47 -8.66 1.12
C ILE G 376 20.41 -9.06 2.12
N LEU G 377 19.76 -10.20 1.88
CA LEU G 377 18.76 -10.71 2.81
C LEU G 377 19.33 -10.88 4.21
N THR G 378 20.58 -11.37 4.30
CA THR G 378 21.23 -11.49 5.60
C THR G 378 21.41 -10.13 6.26
N TRP G 379 21.85 -9.15 5.47
CA TRP G 379 22.13 -7.82 5.99
C TRP G 379 20.87 -7.11 6.44
N VAL G 380 19.80 -7.17 5.65
CA VAL G 380 18.57 -6.48 6.01
C VAL G 380 17.95 -7.13 7.24
N GLY G 381 18.18 -8.42 7.44
CA GLY G 381 17.67 -9.09 8.62
C GLY G 381 18.08 -8.40 9.91
N ALA G 382 19.26 -7.78 9.93
CA ALA G 382 19.75 -7.10 11.12
C ALA G 382 19.35 -5.63 11.20
N GLN G 383 18.67 -5.08 10.19
CA GLN G 383 18.25 -3.68 10.20
C GLN G 383 16.82 -3.57 10.70
N GLN G 384 16.39 -2.33 10.92
CA GLN G 384 15.02 -2.06 11.31
C GLN G 384 14.08 -2.30 10.14
N THR G 385 12.79 -2.35 10.43
CA THR G 385 11.76 -2.59 9.42
C THR G 385 11.20 -1.30 8.82
N THR G 386 11.85 -0.17 9.08
CA THR G 386 11.46 1.12 8.54
C THR G 386 11.95 1.25 7.10
N PHE G 387 11.48 2.29 6.41
CA PHE G 387 11.97 2.58 5.07
C PHE G 387 13.47 2.88 5.14
N PRO G 388 14.27 2.38 4.17
CA PRO G 388 13.99 1.60 2.96
C PRO G 388 14.08 0.09 3.16
N TYR G 389 14.47 -0.33 4.37
CA TYR G 389 14.70 -1.75 4.61
C TYR G 389 13.45 -2.58 4.31
N ASP G 390 12.26 -2.01 4.53
CA ASP G 390 11.03 -2.72 4.21
C ASP G 390 10.94 -3.00 2.71
N TRP G 391 11.41 -2.05 1.89
CA TRP G 391 11.44 -2.26 0.44
C TRP G 391 12.60 -3.17 0.03
N ILE G 392 13.79 -2.97 0.63
CA ILE G 392 14.94 -3.82 0.31
C ILE G 392 14.60 -5.29 0.56
N SER G 393 13.86 -5.57 1.63
CA SER G 393 13.57 -6.98 1.91
C SER G 393 12.50 -7.55 0.99
N LEU G 394 11.57 -6.72 0.52
CA LEU G 394 10.59 -7.22 -0.44
C LEU G 394 11.19 -7.47 -1.82
N ILE G 395 12.01 -6.53 -2.30
CA ILE G 395 12.64 -6.71 -3.61
C ILE G 395 13.57 -7.93 -3.58
N ALA G 396 14.30 -8.09 -2.48
CA ALA G 396 15.23 -9.22 -2.33
C ALA G 396 14.46 -10.53 -2.27
N SER G 397 13.36 -10.57 -1.50
CA SER G 397 12.55 -11.78 -1.45
C SER G 397 11.99 -12.09 -2.84
N ALA G 398 11.55 -11.05 -3.55
CA ALA G 398 10.98 -11.25 -4.88
C ALA G 398 11.99 -11.90 -5.82
N TYR G 399 13.25 -11.43 -5.77
CA TYR G 399 14.24 -12.00 -6.67
C TYR G 399 14.53 -13.45 -6.32
N TRP G 400 14.53 -13.80 -5.03
CA TRP G 400 14.81 -15.17 -4.62
C TRP G 400 13.82 -16.12 -5.29
N PHE G 401 12.53 -15.79 -5.23
CA PHE G 401 11.51 -16.65 -5.84
C PHE G 401 11.53 -16.54 -7.36
N ALA G 402 11.88 -15.38 -7.89
CA ALA G 402 11.93 -15.25 -9.35
C ALA G 402 13.00 -16.13 -9.95
N TYR G 403 14.14 -16.23 -9.28
CA TYR G 403 15.25 -17.05 -9.77
C TYR G 403 14.82 -18.50 -9.96
N PHE G 404 14.20 -19.09 -8.95
CA PHE G 404 13.86 -20.51 -9.04
C PHE G 404 12.61 -20.75 -9.87
N LEU G 405 11.60 -19.89 -9.76
CA LEU G 405 10.31 -20.18 -10.36
C LEU G 405 10.14 -19.60 -11.76
N VAL G 406 10.94 -18.60 -12.14
CA VAL G 406 10.76 -17.92 -13.41
C VAL G 406 12.03 -17.96 -14.24
N ILE G 407 13.13 -17.45 -13.72
CA ILE G 407 14.35 -17.35 -14.54
C ILE G 407 14.82 -18.74 -14.95
N LEU G 408 15.01 -19.64 -13.99
CA LEU G 408 15.59 -20.94 -14.34
C LEU G 408 14.73 -21.73 -15.32
N PRO G 409 13.41 -21.83 -15.16
CA PRO G 409 12.62 -22.50 -16.20
C PRO G 409 12.74 -21.80 -17.55
N ILE G 410 12.70 -20.47 -17.55
CA ILE G 410 12.76 -19.71 -18.80
C ILE G 410 14.16 -19.80 -19.42
N LEU G 411 15.19 -19.72 -18.58
CA LEU G 411 16.57 -19.74 -19.09
C LEU G 411 16.88 -21.01 -19.87
N GLY G 412 16.38 -22.15 -19.42
CA GLY G 412 16.72 -23.40 -20.08
C GLY G 412 16.12 -23.59 -21.45
N ALA G 413 15.23 -22.67 -21.87
CA ALA G 413 14.57 -22.73 -23.16
C ALA G 413 14.86 -21.50 -24.00
N ILE G 414 15.91 -20.75 -23.65
CA ILE G 414 16.20 -19.49 -24.34
C ILE G 414 17.71 -19.34 -24.50
N GLU G 415 18.45 -19.70 -23.45
CA GLU G 415 19.89 -19.47 -23.39
C GLU G 415 20.60 -20.17 -24.54
N LYS G 416 21.68 -19.54 -25.01
CA LYS G 416 22.59 -20.14 -25.99
C LYS G 416 23.91 -20.47 -25.29
N PRO G 417 24.08 -21.70 -24.79
CA PRO G 417 25.28 -22.04 -24.02
C PRO G 417 26.54 -22.22 -24.85
N VAL G 418 27.68 -22.07 -24.18
CA VAL G 418 29.00 -22.30 -24.76
C VAL G 418 29.33 -23.79 -24.68
N ALA G 419 30.16 -24.27 -25.62
CA ALA G 419 30.59 -25.67 -25.65
C ALA G 419 31.51 -26.01 -24.48
N PRO G 420 31.24 -27.06 -23.70
CA PRO G 420 32.20 -27.47 -22.66
C PRO G 420 33.36 -28.23 -23.28
N PRO G 421 34.41 -28.53 -22.50
CA PRO G 421 35.51 -29.35 -23.02
C PRO G 421 35.02 -30.73 -23.42
N ALA G 422 35.80 -31.40 -24.25
CA ALA G 422 35.44 -32.76 -24.63
C ALA G 422 35.55 -33.70 -23.44
N THR G 423 36.57 -33.52 -22.61
CA THR G 423 36.83 -34.40 -21.47
C THR G 423 37.40 -33.57 -20.32
N ILE G 424 37.45 -34.19 -19.14
CA ILE G 424 38.08 -33.56 -17.98
C ILE G 424 39.57 -33.36 -18.20
N GLU G 425 40.21 -34.31 -18.89
CA GLU G 425 41.64 -34.20 -19.17
C GLU G 425 41.95 -32.91 -19.90
N GLU G 426 41.13 -32.57 -20.90
CA GLU G 426 41.34 -31.35 -21.65
C GLU G 426 41.35 -30.14 -20.72
N ASP G 427 40.36 -30.07 -19.83
CA ASP G 427 40.25 -28.95 -18.92
C ASP G 427 41.41 -28.90 -17.94
N PHE G 428 41.85 -30.06 -17.47
CA PHE G 428 42.93 -30.11 -16.48
C PHE G 428 44.23 -29.59 -17.07
N ASN G 429 44.59 -30.06 -18.27
CA ASN G 429 45.82 -29.62 -18.92
C ASN G 429 45.83 -28.12 -19.19
N ALA G 430 44.67 -27.51 -19.44
CA ALA G 430 44.63 -26.06 -19.64
C ALA G 430 44.90 -25.30 -18.34
N ALA H 1 15.03 1.91 21.80
CA ALA H 1 16.46 2.20 22.14
C ALA H 1 17.35 2.06 20.91
N GLY H 2 18.66 2.17 21.12
CA GLY H 2 19.61 2.09 20.04
C GLY H 2 21.02 2.08 20.57
N GLY H 3 21.97 2.23 19.66
CA GLY H 3 23.36 2.38 20.03
C GLY H 3 23.78 3.84 20.07
N GLY H 4 24.96 4.06 20.63
CA GLY H 4 25.47 5.41 20.83
C GLY H 4 26.98 5.45 20.89
N HIS H 5 27.54 6.61 21.21
CA HIS H 5 28.98 6.79 21.23
C HIS H 5 29.49 6.40 22.61
N VAL H 6 30.58 5.63 22.63
CA VAL H 6 31.27 5.24 23.85
C VAL H 6 32.72 5.73 23.80
N GLU H 7 33.27 6.05 24.97
CA GLU H 7 34.67 6.45 25.08
C GLU H 7 35.60 5.24 24.96
N ASP H 8 36.50 5.28 23.98
CA ASP H 8 37.41 4.17 23.68
C ASP H 8 38.52 4.14 24.72
N VAL H 9 38.32 3.36 25.78
CA VAL H 9 39.32 3.23 26.84
C VAL H 9 40.38 2.21 26.39
N PRO H 10 41.68 2.43 26.66
CA PRO H 10 42.68 1.39 26.35
C PRO H 10 42.89 0.45 27.51
N PHE H 11 42.06 -0.59 27.61
CA PHE H 11 42.19 -1.56 28.67
C PHE H 11 43.34 -2.49 28.37
N SER H 12 44.05 -2.90 29.43
CA SER H 12 45.21 -3.76 29.28
C SER H 12 44.85 -5.10 28.65
N PHE H 13 43.64 -5.58 28.91
CA PHE H 13 43.24 -6.92 28.48
C PHE H 13 42.84 -6.98 27.01
N GLU H 14 42.86 -5.85 26.30
CA GLU H 14 42.47 -5.83 24.90
C GLU H 14 43.66 -6.13 24.01
N GLY H 15 43.39 -6.64 22.81
CA GLY H 15 44.41 -7.09 21.90
C GLY H 15 44.73 -8.56 22.10
N PRO H 16 45.29 -9.23 21.08
CA PRO H 16 45.56 -10.67 21.22
C PRO H 16 46.54 -11.00 22.34
N PHE H 17 47.48 -10.10 22.63
CA PHE H 17 48.45 -10.26 23.70
C PHE H 17 48.04 -9.52 24.96
N GLY H 18 46.80 -9.04 25.03
CA GLY H 18 46.36 -8.30 26.18
C GLY H 18 46.20 -9.18 27.40
N THR H 19 46.53 -8.62 28.57
CA THR H 19 46.42 -9.33 29.84
C THR H 19 45.92 -8.38 30.91
N PHE H 20 45.30 -8.98 31.94
CA PHE H 20 44.82 -8.24 33.09
C PHE H 20 45.97 -7.67 33.91
N ASP H 21 45.76 -6.48 34.46
CA ASP H 21 46.65 -5.90 35.45
C ASP H 21 46.15 -6.34 36.82
N GLN H 22 46.95 -7.16 37.52
CA GLN H 22 46.49 -7.77 38.78
C GLN H 22 46.07 -6.72 39.79
N HIS H 23 46.87 -5.66 39.96
CA HIS H 23 46.53 -4.63 40.93
C HIS H 23 45.28 -3.87 40.52
N GLN H 24 45.09 -3.63 39.22
CA GLN H 24 43.86 -2.95 38.78
C GLN H 24 42.63 -3.76 39.13
N LEU H 25 42.67 -5.07 38.93
CA LEU H 25 41.51 -5.90 39.25
C LEU H 25 41.22 -5.85 40.75
N GLN H 26 42.28 -5.78 41.56
CA GLN H 26 42.11 -5.69 43.01
C GLN H 26 41.48 -4.36 43.40
N ARG H 27 41.94 -3.27 42.77
CA ARG H 27 41.32 -1.97 43.05
C ARG H 27 39.85 -2.00 42.67
N GLY H 28 39.53 -2.62 41.53
CA GLY H 28 38.16 -2.72 41.10
C GLY H 28 37.32 -3.54 42.06
N LEU H 29 37.91 -4.57 42.66
CA LEU H 29 37.18 -5.36 43.65
C LEU H 29 36.84 -4.49 44.85
N GLN H 30 37.77 -3.61 45.24
CA GLN H 30 37.51 -2.71 46.36
C GLN H 30 36.37 -1.76 46.02
N VAL H 31 36.37 -1.26 44.78
CA VAL H 31 35.30 -0.37 44.34
C VAL H 31 33.98 -1.11 44.35
N TYR H 32 33.96 -2.32 43.79
CA TYR H 32 32.72 -3.08 43.77
C TYR H 32 32.19 -3.32 45.18
N THR H 33 33.08 -3.70 46.11
CA THR H 33 32.66 -4.05 47.46
C THR H 33 32.15 -2.83 48.22
N GLU H 34 32.81 -1.69 48.06
CA GLU H 34 32.51 -0.50 48.84
C GLU H 34 31.40 0.34 48.23
N VAL H 35 31.13 0.19 46.93
CA VAL H 35 30.16 1.04 46.23
C VAL H 35 29.05 0.24 45.55
N CYS H 36 29.42 -0.56 44.53
CA CYS H 36 28.40 -1.21 43.71
C CYS H 36 27.64 -2.26 44.49
N ALA H 37 28.31 -2.98 45.38
CA ALA H 37 27.73 -4.15 46.05
C ALA H 37 26.49 -3.77 46.87
N ALA H 38 26.35 -2.50 47.24
CA ALA H 38 25.18 -2.04 47.99
C ALA H 38 23.88 -2.33 47.24
N CYS H 39 23.93 -2.34 45.91
CA CYS H 39 22.77 -2.54 45.05
C CYS H 39 22.95 -3.72 44.12
N HIS H 40 24.15 -3.90 43.55
CA HIS H 40 24.42 -4.93 42.57
C HIS H 40 25.02 -6.19 43.20
N GLY H 41 24.59 -7.35 42.68
CA GLY H 41 25.12 -8.63 43.07
C GLY H 41 25.94 -9.21 41.93
N MET H 42 26.58 -10.36 42.21
CA MET H 42 27.29 -11.15 41.21
C MET H 42 26.99 -12.63 41.43
N LYS H 43 25.75 -13.03 41.19
CA LYS H 43 25.27 -14.31 41.67
C LYS H 43 25.96 -15.51 41.02
N PHE H 44 26.72 -15.32 39.94
CA PHE H 44 27.41 -16.42 39.28
C PHE H 44 28.89 -16.51 39.60
N VAL H 45 29.47 -15.57 40.35
CA VAL H 45 30.89 -15.55 40.65
C VAL H 45 31.15 -16.24 41.99
N PRO H 46 31.87 -17.37 42.03
CA PRO H 46 32.25 -17.93 43.33
C PRO H 46 33.30 -17.02 43.96
N ILE H 47 33.15 -16.74 45.26
CA ILE H 47 34.10 -15.83 45.92
C ILE H 47 35.51 -16.43 45.83
N ARG H 48 35.62 -17.76 45.86
CA ARG H 48 36.92 -18.43 45.80
C ARG H 48 37.69 -18.11 44.53
N SER H 49 37.01 -17.65 43.48
CA SER H 49 37.69 -17.37 42.23
C SER H 49 38.59 -16.14 42.34
N LEU H 50 38.50 -15.38 43.43
CA LEU H 50 39.43 -14.30 43.68
C LEU H 50 40.86 -14.81 43.91
N SER H 51 41.03 -16.09 44.21
CA SER H 51 42.35 -16.70 44.39
C SER H 51 42.89 -17.33 43.11
N GLU H 52 42.00 -17.74 42.20
CA GLU H 52 42.37 -18.49 41.01
C GLU H 52 43.37 -17.70 40.18
N PRO H 53 44.30 -18.37 39.49
CA PRO H 53 45.25 -17.63 38.64
C PRO H 53 44.54 -16.96 37.48
N GLY H 54 45.05 -15.79 37.10
CA GLY H 54 44.48 -15.01 36.02
C GLY H 54 43.47 -13.97 36.46
N GLY H 55 43.44 -13.60 37.73
CA GLY H 55 42.52 -12.63 38.26
C GLY H 55 43.21 -11.76 39.31
N PRO H 56 42.46 -11.26 40.29
CA PRO H 56 43.11 -10.51 41.37
C PRO H 56 44.13 -11.34 42.13
N GLU H 57 43.93 -12.66 42.19
CA GLU H 57 44.84 -13.59 42.86
C GLU H 57 45.17 -13.13 44.28
N LEU H 58 44.14 -13.00 45.09
CA LEU H 58 44.38 -12.69 46.48
C LEU H 58 44.77 -13.96 47.24
N PRO H 59 45.64 -13.86 48.25
CA PRO H 59 45.93 -15.03 49.08
C PRO H 59 44.65 -15.61 49.66
N GLU H 60 44.64 -16.94 49.81
CA GLU H 60 43.41 -17.62 50.21
C GLU H 60 42.96 -17.19 51.59
N ASP H 61 43.87 -16.70 52.43
CA ASP H 61 43.47 -16.19 53.74
C ASP H 61 42.74 -14.86 53.61
N GLN H 62 43.20 -13.97 52.73
CA GLN H 62 42.46 -12.73 52.51
C GLN H 62 41.07 -13.02 51.96
N VAL H 63 40.99 -13.96 51.02
CA VAL H 63 39.68 -14.29 50.43
C VAL H 63 38.78 -14.88 51.49
N ARG H 64 39.37 -15.67 52.39
CA ARG H 64 38.60 -16.24 53.48
C ARG H 64 38.09 -15.12 54.38
N ALA H 65 38.94 -14.13 54.62
CA ALA H 65 38.56 -12.97 55.42
C ALA H 65 37.53 -12.13 54.69
N TYR H 66 37.69 -11.98 53.37
CA TYR H 66 36.75 -11.19 52.59
C TYR H 66 35.35 -11.80 52.61
N ALA H 67 35.27 -13.12 52.47
CA ALA H 67 33.97 -13.80 52.45
C ALA H 67 33.18 -13.62 53.73
N THR H 68 33.85 -13.34 54.86
CA THR H 68 33.15 -13.25 56.14
C THR H 68 32.10 -12.15 56.16
N GLN H 69 32.36 -11.03 55.48
CA GLN H 69 31.47 -9.88 55.59
C GLN H 69 30.06 -10.20 55.08
N PHE H 70 29.91 -11.20 54.24
CA PHE H 70 28.60 -11.55 53.69
C PHE H 70 27.86 -12.46 54.66
N THR H 71 26.55 -12.22 54.82
CA THR H 71 25.68 -13.12 55.57
C THR H 71 24.94 -14.01 54.59
N VAL H 72 25.28 -15.29 54.60
CA VAL H 72 24.76 -16.30 53.68
C VAL H 72 23.82 -17.23 54.43
N THR H 73 22.73 -17.64 53.79
CA THR H 73 21.85 -18.66 54.35
C THR H 73 22.40 -20.02 53.92
N ASP H 74 22.87 -20.80 54.88
CA ASP H 74 23.41 -22.13 54.61
C ASP H 74 22.33 -23.05 54.02
N GLU H 75 22.71 -23.87 53.04
CA GLU H 75 21.73 -24.68 52.34
C GLU H 75 21.14 -25.76 53.25
N GLU H 76 22.00 -26.56 53.89
CA GLU H 76 21.50 -27.58 54.81
C GLU H 76 20.88 -26.98 56.06
N THR H 77 21.63 -26.13 56.75
CA THR H 77 21.17 -25.59 58.04
C THR H 77 19.94 -24.72 57.87
N GLY H 78 19.93 -23.86 56.85
CA GLY H 78 18.86 -22.92 56.66
C GLY H 78 19.01 -21.68 57.53
N GLU H 79 19.97 -21.68 58.45
CA GLU H 79 20.26 -20.56 59.33
C GLU H 79 21.39 -19.74 58.72
N ASP H 80 21.44 -18.47 59.10
CA ASP H 80 22.44 -17.56 58.54
C ASP H 80 23.83 -17.87 59.09
N ARG H 81 24.85 -17.54 58.30
CA ARG H 81 26.23 -17.75 58.70
C ARG H 81 27.11 -16.77 57.93
N GLU H 82 28.38 -16.72 58.33
CA GLU H 82 29.36 -15.92 57.61
C GLU H 82 29.65 -16.59 56.27
N GLY H 83 30.07 -15.78 55.30
CA GLY H 83 30.33 -16.30 53.98
C GLY H 83 31.61 -17.09 53.95
N LYS H 84 31.64 -18.07 53.07
CA LYS H 84 32.83 -18.85 52.78
C LYS H 84 33.32 -18.53 51.38
N PRO H 85 34.55 -18.92 51.04
CA PRO H 85 34.99 -18.76 49.65
C PRO H 85 34.17 -19.60 48.67
N THR H 86 33.56 -20.69 49.15
CA THR H 86 32.76 -21.56 48.30
C THR H 86 31.40 -20.97 47.97
N ASP H 87 31.01 -19.90 48.66
CA ASP H 87 29.77 -19.22 48.35
C ASP H 87 29.97 -18.31 47.16
N HIS H 88 28.88 -18.04 46.46
CA HIS H 88 28.86 -17.03 45.44
C HIS H 88 28.66 -15.64 46.06
N PHE H 89 29.01 -14.60 45.31
CA PHE H 89 28.59 -13.26 45.71
C PHE H 89 27.07 -13.21 45.82
N PRO H 90 26.52 -12.36 46.68
CA PRO H 90 25.07 -12.33 46.84
C PRO H 90 24.36 -11.81 45.61
N HIS H 91 23.06 -12.11 45.57
CA HIS H 91 22.18 -11.51 44.59
C HIS H 91 22.10 -10.00 44.82
N SER H 92 21.57 -9.29 43.82
CA SER H 92 21.37 -7.85 43.98
C SER H 92 20.44 -7.57 45.14
N ALA H 93 20.90 -6.72 46.07
CA ALA H 93 20.07 -6.29 47.17
C ALA H 93 18.91 -5.45 46.67
N LEU H 94 19.14 -4.64 45.65
CA LEU H 94 18.13 -3.81 45.04
C LEU H 94 17.51 -4.54 43.86
N GLU H 95 16.20 -4.73 43.91
CA GLU H 95 15.51 -5.66 43.01
C GLU H 95 15.69 -5.29 41.54
N ASN H 96 15.72 -3.99 41.23
CA ASN H 96 15.87 -3.55 39.85
C ASN H 96 17.31 -3.19 39.48
N ALA H 97 18.27 -3.49 40.36
CA ALA H 97 19.69 -3.33 40.02
C ALA H 97 20.17 -4.61 39.34
N PRO H 98 20.51 -4.60 38.05
CA PRO H 98 20.86 -5.85 37.39
C PRO H 98 22.12 -6.47 37.97
N ASP H 99 22.18 -7.80 37.88
CA ASP H 99 23.35 -8.57 38.27
C ASP H 99 24.51 -8.25 37.35
N LEU H 100 25.70 -8.08 37.92
CA LEU H 100 26.87 -7.63 37.17
C LEU H 100 27.83 -8.75 36.79
N SER H 101 27.47 -10.01 37.06
CA SER H 101 28.36 -11.13 36.73
C SER H 101 28.80 -11.10 35.28
N LEU H 102 27.86 -10.86 34.36
CA LEU H 102 28.12 -10.95 32.92
C LEU H 102 27.88 -9.63 32.20
N MET H 103 27.83 -8.53 32.93
CA MET H 103 27.49 -7.24 32.33
C MET H 103 28.50 -6.85 31.25
N ALA H 104 29.79 -7.11 31.49
CA ALA H 104 30.82 -6.70 30.54
C ALA H 104 30.75 -7.50 29.25
N LYS H 105 29.94 -8.58 29.21
CA LYS H 105 29.70 -9.34 27.99
C LYS H 105 28.26 -9.20 27.50
N ALA H 106 27.35 -8.76 28.36
CA ALA H 106 25.94 -8.61 28.02
C ALA H 106 25.63 -7.23 27.45
N ARG H 107 26.65 -6.41 27.21
CA ARG H 107 26.50 -5.08 26.62
C ARG H 107 27.50 -4.90 25.49
N ALA H 108 27.04 -4.31 24.40
CA ALA H 108 27.89 -3.92 23.30
C ALA H 108 27.94 -2.40 23.22
N GLY H 109 29.15 -1.85 23.18
CA GLY H 109 29.34 -0.43 23.09
C GLY H 109 29.58 0.02 21.66
N PHE H 110 30.05 -0.89 20.81
CA PHE H 110 30.36 -0.57 19.41
C PHE H 110 29.35 -1.27 18.50
N HIS H 111 28.76 -0.51 17.57
CA HIS H 111 27.76 -1.00 16.62
C HIS H 111 28.09 -0.46 15.23
N GLY H 112 27.38 -0.97 14.23
CA GLY H 112 27.49 -0.47 12.88
C GLY H 112 28.84 -0.76 12.25
N PRO H 113 29.19 -0.04 11.18
CA PRO H 113 28.47 1.00 10.45
C PRO H 113 27.37 0.43 9.54
N MET H 114 26.20 1.07 9.56
CA MET H 114 25.03 0.63 8.80
C MET H 114 24.70 -0.83 9.07
N GLY H 115 24.92 -1.26 10.32
CA GLY H 115 24.64 -2.64 10.72
C GLY H 115 25.43 -3.70 9.98
N THR H 116 26.68 -3.42 9.61
CA THR H 116 27.55 -4.39 8.95
C THR H 116 28.48 -5.12 9.91
N GLY H 117 28.42 -4.80 11.20
CA GLY H 117 29.24 -5.45 12.20
C GLY H 117 30.74 -5.21 12.06
N ILE H 118 31.16 -4.32 11.17
CA ILE H 118 32.58 -4.06 11.00
C ILE H 118 33.14 -3.36 12.24
N SER H 119 32.31 -2.58 12.94
CA SER H 119 32.76 -1.87 14.13
C SER H 119 33.18 -2.82 15.24
N GLN H 120 32.37 -3.85 15.51
CA GLN H 120 32.75 -4.80 16.53
C GLN H 120 33.98 -5.60 16.15
N LEU H 121 34.17 -5.86 14.86
CA LEU H 121 35.30 -6.66 14.39
C LEU H 121 36.65 -6.04 14.71
N PHE H 122 36.71 -4.71 14.80
CA PHE H 122 37.97 -4.00 15.02
C PHE H 122 38.13 -3.40 16.39
N ASN H 123 37.03 -3.03 17.05
CA ASN H 123 37.06 -2.36 18.34
C ASN H 123 36.62 -3.27 19.48
N GLY H 124 36.23 -4.51 19.18
CA GLY H 124 35.71 -5.42 20.17
C GLY H 124 34.25 -5.14 20.42
N ILE H 125 33.64 -5.92 21.30
CA ILE H 125 32.21 -5.74 21.56
C ILE H 125 31.99 -4.44 22.34
N GLY H 126 32.88 -4.14 23.29
CA GLY H 126 32.89 -2.85 23.96
C GLY H 126 32.08 -2.79 25.24
N GLY H 127 31.92 -3.91 25.93
CA GLY H 127 31.17 -3.95 27.17
C GLY H 127 31.82 -3.16 28.29
N PRO H 128 33.11 -3.40 28.58
CA PRO H 128 33.73 -2.60 29.64
C PRO H 128 33.88 -1.14 29.26
N GLU H 129 34.01 -0.84 27.96
CA GLU H 129 34.00 0.55 27.51
C GLU H 129 32.65 1.18 27.81
N TYR H 130 31.57 0.42 27.57
CA TYR H 130 30.23 0.90 27.87
C TYR H 130 30.04 1.19 29.36
N ILE H 131 30.41 0.23 30.21
CA ILE H 131 30.32 0.41 31.66
C ILE H 131 31.08 1.66 32.08
N TYR H 132 32.31 1.82 31.59
CA TYR H 132 33.10 3.00 31.93
C TYR H 132 32.35 4.26 31.54
N SER H 133 31.73 4.26 30.36
CA SER H 133 31.02 5.44 29.87
C SER H 133 29.81 5.77 30.74
N VAL H 134 29.11 4.75 31.25
CA VAL H 134 27.96 5.03 32.11
C VAL H 134 28.42 5.65 33.43
N LEU H 135 29.45 5.07 34.05
CA LEU H 135 29.93 5.62 35.31
C LEU H 135 30.49 7.02 35.14
N THR H 136 30.96 7.34 33.93
CA THR H 136 31.57 8.62 33.65
C THR H 136 30.52 9.61 33.15
N GLY H 137 29.47 9.11 32.53
CA GLY H 137 28.55 9.93 31.77
C GLY H 137 27.42 10.52 32.57
N PHE H 138 27.65 10.85 33.85
CA PHE H 138 26.67 11.54 34.68
C PHE H 138 27.03 13.03 34.74
N PRO H 139 26.33 13.91 34.03
CA PRO H 139 26.65 15.35 34.12
C PRO H 139 25.94 16.01 35.28
N GLU H 140 26.58 17.07 35.81
CA GLU H 140 26.01 17.80 36.95
C GLU H 140 24.73 18.55 36.58
N GLU H 141 24.66 19.10 35.36
CA GLU H 141 23.48 19.78 34.86
C GLU H 141 22.82 18.92 33.78
N PRO H 142 21.49 18.78 33.77
CA PRO H 142 20.86 18.03 32.69
C PRO H 142 20.86 18.81 31.39
N PRO H 143 20.49 18.18 30.28
CA PRO H 143 20.36 18.91 29.02
C PRO H 143 19.28 19.98 29.11
N LYS H 144 19.50 21.08 28.38
CA LYS H 144 18.63 22.25 28.52
C LYS H 144 17.18 21.90 28.18
N CYS H 145 16.95 20.89 27.33
CA CYS H 145 15.62 20.54 26.88
C CYS H 145 14.72 19.96 27.97
N ALA H 146 15.25 19.61 29.14
CA ALA H 146 14.40 19.01 30.16
C ALA H 146 14.53 19.75 31.48
N GLU H 147 14.86 21.05 31.41
CA GLU H 147 15.03 21.87 32.58
C GLU H 147 13.71 21.90 33.32
N GLY H 148 13.51 20.97 34.24
CA GLY H 148 12.30 20.89 35.03
C GLY H 148 11.23 19.96 34.50
N HIS H 149 11.63 18.86 33.86
CA HIS H 149 10.72 17.88 33.26
C HIS H 149 11.31 16.49 33.43
N GLU H 150 12.28 16.36 34.34
CA GLU H 150 12.98 15.12 34.65
C GLU H 150 12.06 14.14 35.37
N PRO H 151 11.96 12.88 34.95
CA PRO H 151 11.17 11.94 35.74
C PRO H 151 11.81 11.78 37.11
N ASP H 152 10.96 11.70 38.14
CA ASP H 152 11.46 11.58 39.50
C ASP H 152 11.98 10.17 39.72
N GLY H 153 13.15 10.08 40.35
CA GLY H 153 13.80 8.82 40.59
C GLY H 153 14.70 8.38 39.45
N PHE H 154 14.92 9.24 38.46
CA PHE H 154 15.78 8.93 37.33
C PHE H 154 16.80 10.04 37.17
N TYR H 155 17.86 9.74 36.41
CA TYR H 155 18.99 10.65 36.31
C TYR H 155 19.51 10.59 34.88
N TYR H 156 19.85 11.75 34.32
CA TYR H 156 20.35 11.76 32.95
C TYR H 156 21.77 11.20 32.90
N ASN H 157 21.98 10.30 31.94
CA ASN H 157 23.29 9.72 31.68
C ASN H 157 23.57 9.77 30.18
N ARG H 158 24.77 10.22 29.80
CA ARG H 158 25.10 10.42 28.40
C ARG H 158 25.09 9.12 27.61
N ALA H 159 25.55 8.03 28.22
CA ALA H 159 25.78 6.77 27.52
C ALA H 159 24.60 5.83 27.57
N PHE H 160 23.73 5.95 28.57
CA PHE H 160 22.59 5.07 28.68
C PHE H 160 21.61 5.38 27.56
N GLN H 161 21.24 4.35 26.79
CA GLN H 161 20.42 4.51 25.61
C GLN H 161 19.04 3.87 25.73
N ASN H 162 18.79 3.07 26.76
CA ASN H 162 17.54 2.34 26.85
C ASN H 162 16.54 2.99 27.79
N GLY H 163 16.82 4.22 28.25
CA GLY H 163 15.94 4.89 29.17
C GLY H 163 14.89 5.75 28.47
N SER H 164 13.91 6.19 29.26
CA SER H 164 12.88 7.10 28.79
C SER H 164 13.48 8.49 28.65
N VAL H 165 12.77 9.36 27.93
CA VAL H 165 13.25 10.72 27.70
C VAL H 165 12.03 11.64 27.70
N PRO H 166 12.07 12.80 28.39
CA PRO H 166 10.92 13.71 28.37
C PRO H 166 10.47 14.14 26.98
N ASP H 167 9.18 14.48 26.88
CA ASP H 167 8.58 14.92 25.62
C ASP H 167 9.29 16.15 25.06
N THR H 168 9.82 17.03 25.92
CA THR H 168 10.50 18.23 25.45
C THR H 168 11.87 17.97 24.84
N CYS H 169 12.34 16.72 24.87
CA CYS H 169 13.64 16.30 24.37
C CYS H 169 13.53 15.44 23.11
N LYS H 170 12.36 15.41 22.47
CA LYS H 170 12.15 14.68 21.25
C LYS H 170 11.90 15.63 20.08
N ASP H 171 12.30 15.20 18.88
CA ASP H 171 12.10 16.03 17.70
C ASP H 171 10.67 15.79 17.18
N ALA H 172 10.37 16.37 16.01
CA ALA H 172 9.05 16.28 15.41
C ALA H 172 8.66 14.84 15.05
N ASN H 173 9.64 13.96 14.89
CA ASN H 173 9.40 12.55 14.61
C ASN H 173 9.49 11.66 15.85
N GLY H 174 9.64 12.25 17.04
CA GLY H 174 9.64 11.53 18.29
C GLY H 174 10.96 10.92 18.71
N VAL H 175 12.03 11.15 17.94
CA VAL H 175 13.36 10.64 18.28
C VAL H 175 14.03 11.59 19.26
N LYS H 176 14.73 11.02 20.23
CA LYS H 176 15.28 11.82 21.31
C LYS H 176 16.42 12.68 20.78
N THR H 177 16.52 13.88 21.32
CA THR H 177 17.53 14.85 20.93
C THR H 177 18.82 14.63 21.71
N THR H 178 18.70 14.17 22.94
CA THR H 178 19.83 14.05 23.86
C THR H 178 20.74 12.90 23.44
N ALA H 179 22.02 13.04 23.76
CA ALA H 179 22.98 11.98 23.46
C ALA H 179 22.61 10.69 24.17
N GLY H 180 22.11 10.79 25.40
CA GLY H 180 21.71 9.65 26.20
C GLY H 180 20.27 9.67 26.66
N SER H 181 20.00 9.15 27.84
CA SER H 181 18.63 9.11 28.34
C SER H 181 18.67 8.94 29.86
N TRP H 182 17.50 8.78 30.47
CA TRP H 182 17.37 8.80 31.91
C TRP H 182 17.38 7.39 32.49
N ILE H 183 18.31 7.18 33.43
CA ILE H 183 18.62 5.89 34.04
C ILE H 183 18.17 5.90 35.50
N ALA H 184 17.76 4.75 36.00
CA ALA H 184 17.30 4.65 37.38
C ALA H 184 18.45 4.57 38.38
N MET H 185 19.70 4.47 37.92
CA MET H 185 20.86 4.43 38.81
C MET H 185 21.35 5.83 39.16
N PRO H 186 21.35 6.23 40.44
CA PRO H 186 21.99 7.51 40.79
C PRO H 186 23.48 7.43 40.56
N PRO H 187 24.16 8.56 40.30
CA PRO H 187 25.62 8.55 40.09
C PRO H 187 26.35 7.86 41.23
N PRO H 188 26.96 6.69 41.01
CA PRO H 188 27.54 5.96 42.14
C PRO H 188 28.91 6.47 42.56
N LEU H 189 29.66 7.10 41.66
CA LEU H 189 31.05 7.47 41.95
C LEU H 189 31.17 8.95 42.28
N MET H 190 32.33 9.28 42.84
CA MET H 190 32.69 10.64 43.22
C MET H 190 34.14 10.62 43.67
N ASP H 191 34.89 11.69 43.35
CA ASP H 191 36.33 11.74 43.61
C ASP H 191 36.69 11.30 45.03
N ASP H 192 37.57 10.31 45.11
CA ASP H 192 38.09 9.78 46.37
C ASP H 192 36.98 9.20 47.24
N LEU H 193 36.00 8.55 46.60
CA LEU H 193 35.00 7.85 47.39
C LEU H 193 35.61 6.59 48.00
N VAL H 194 36.65 6.07 47.38
CA VAL H 194 37.38 4.91 47.84
C VAL H 194 38.81 5.32 48.13
N GLU H 195 39.37 4.77 49.20
CA GLU H 195 40.75 5.05 49.60
C GLU H 195 41.50 3.78 49.23
N TYR H 196 42.13 3.79 48.05
CA TYR H 196 42.92 2.65 47.62
C TYR H 196 44.17 2.46 48.47
N ALA H 197 44.45 1.19 48.77
CA ALA H 197 45.55 0.87 49.66
C ALA H 197 46.89 1.22 49.03
N ASP H 198 47.05 0.96 47.73
CA ASP H 198 48.33 1.25 47.07
C ASP H 198 48.51 2.72 46.73
N GLY H 199 47.58 3.58 47.11
CA GLY H 199 47.67 5.01 46.86
C GLY H 199 47.33 5.43 45.46
N HIS H 200 46.81 4.52 44.64
CA HIS H 200 46.38 4.84 43.29
C HIS H 200 45.32 5.94 43.37
N ASP H 201 45.30 6.83 42.38
CA ASP H 201 44.38 7.96 42.46
C ASP H 201 42.98 7.42 42.32
N ALA H 202 42.03 8.02 43.06
CA ALA H 202 40.66 7.53 43.09
C ALA H 202 39.67 8.54 42.56
N SER H 203 40.06 9.23 41.50
CA SER H 203 39.15 10.09 40.78
C SER H 203 38.06 9.20 40.18
N VAL H 204 36.94 9.82 39.79
CA VAL H 204 35.87 9.06 39.16
C VAL H 204 36.40 8.35 37.92
N HIS H 205 37.34 8.97 37.21
CA HIS H 205 37.92 8.35 36.03
C HIS H 205 38.59 7.04 36.41
N ALA H 206 39.46 7.07 37.42
CA ALA H 206 40.22 5.88 37.78
C ALA H 206 39.32 4.78 38.31
N MET H 207 38.41 5.09 39.23
CA MET H 207 37.53 4.04 39.75
C MET H 207 36.65 3.45 38.66
N ALA H 208 36.19 4.28 37.72
CA ALA H 208 35.32 3.74 36.67
C ALA H 208 36.12 2.79 35.78
N GLU H 209 37.38 3.13 35.52
CA GLU H 209 38.22 2.27 34.70
C GLU H 209 38.63 1.03 35.48
N ASP H 210 38.96 1.19 36.77
CA ASP H 210 39.37 0.05 37.59
C ASP H 210 38.24 -0.95 37.75
N VAL H 211 37.04 -0.47 38.08
CA VAL H 211 35.94 -1.40 38.31
C VAL H 211 35.47 -2.00 37.00
N SER H 212 35.64 -1.30 35.88
CA SER H 212 35.28 -1.89 34.59
C SER H 212 36.21 -3.04 34.24
N ALA H 213 37.48 -2.93 34.60
CA ALA H 213 38.40 -4.04 34.37
C ALA H 213 38.03 -5.22 35.26
N PHE H 214 37.68 -4.94 36.51
CA PHE H 214 37.25 -6.00 37.42
C PHE H 214 36.00 -6.71 36.90
N LEU H 215 35.06 -5.94 36.36
CA LEU H 215 33.81 -6.49 35.86
C LEU H 215 33.99 -7.27 34.58
N MET H 216 35.08 -7.00 33.85
CA MET H 216 35.41 -7.81 32.69
C MET H 216 35.89 -9.18 33.13
N TRP H 217 36.70 -9.21 34.19
CA TRP H 217 37.20 -10.46 34.75
C TRP H 217 36.08 -11.28 35.36
N ALA H 218 35.13 -10.65 36.05
CA ALA H 218 34.06 -11.43 36.65
C ALA H 218 33.23 -12.12 35.57
N ALA H 219 33.13 -11.50 34.39
CA ALA H 219 32.37 -12.06 33.28
C ALA H 219 33.18 -13.07 32.47
N GLU H 220 34.48 -12.81 32.26
CA GLU H 220 35.35 -13.69 31.47
C GLU H 220 36.59 -14.00 32.32
N PRO H 221 36.44 -14.79 33.39
CA PRO H 221 37.59 -15.09 34.25
C PRO H 221 38.68 -15.87 33.55
N LYS H 222 38.32 -16.63 32.52
CA LYS H 222 39.26 -17.49 31.80
C LYS H 222 39.78 -16.81 30.55
N LEU H 223 39.74 -15.48 30.50
CA LEU H 223 40.16 -14.73 29.32
C LEU H 223 41.60 -15.08 28.95
N MET H 224 42.50 -15.02 29.92
CA MET H 224 43.92 -15.29 29.67
C MET H 224 44.15 -16.74 29.27
N ALA H 225 43.45 -17.68 29.90
CA ALA H 225 43.59 -19.08 29.48
C ALA H 225 43.11 -19.25 28.05
N ARG H 226 42.03 -18.56 27.68
CA ARG H 226 41.48 -18.69 26.34
C ARG H 226 42.45 -18.18 25.28
N LYS H 227 43.13 -17.07 25.56
CA LYS H 227 44.08 -16.55 24.58
C LYS H 227 45.32 -17.41 24.47
N GLN H 228 45.89 -17.87 25.60
CA GLN H 228 47.01 -18.81 25.52
C GLN H 228 46.67 -19.98 24.61
N ALA H 229 45.48 -20.54 24.79
CA ALA H 229 45.04 -21.63 23.93
C ALA H 229 44.94 -21.15 22.50
N GLY H 230 44.46 -19.92 22.30
CA GLY H 230 44.36 -19.38 20.96
C GLY H 230 45.72 -19.26 20.32
N PHE H 231 46.67 -18.66 21.04
CA PHE H 231 48.04 -18.56 20.53
C PHE H 231 48.58 -19.95 20.17
N THR H 232 48.46 -20.91 21.10
CA THR H 232 48.98 -22.25 20.84
C THR H 232 48.35 -22.86 19.59
N ALA H 233 47.01 -22.82 19.50
CA ALA H 233 46.33 -23.42 18.35
C ALA H 233 46.75 -22.75 17.06
N VAL H 234 46.93 -21.44 17.07
CA VAL H 234 47.30 -20.73 15.86
C VAL H 234 48.73 -21.07 15.48
N MET H 235 49.62 -21.16 16.45
CA MET H 235 51.01 -21.50 16.13
C MET H 235 51.14 -22.94 15.64
N PHE H 236 50.48 -23.90 16.29
CA PHE H 236 50.44 -25.27 15.80
C PHE H 236 49.98 -25.31 14.35
N LEU H 237 48.81 -24.72 14.09
CA LEU H 237 48.17 -24.81 12.77
C LEU H 237 48.89 -23.98 11.73
N THR H 238 49.63 -22.93 12.10
CA THR H 238 50.43 -22.23 11.11
C THR H 238 51.52 -23.15 10.58
N VAL H 239 52.29 -23.77 11.48
CA VAL H 239 53.31 -24.73 11.09
C VAL H 239 52.68 -25.86 10.30
N LEU H 240 51.57 -26.39 10.83
CA LEU H 240 50.93 -27.54 10.20
C LEU H 240 50.40 -27.19 8.82
N SER H 241 49.89 -25.96 8.63
CA SER H 241 49.36 -25.59 7.34
C SER H 241 50.49 -25.50 6.31
N VAL H 242 51.62 -24.92 6.69
CA VAL H 242 52.77 -24.83 5.79
C VAL H 242 53.25 -26.22 5.40
N LEU H 243 53.43 -27.09 6.39
CA LEU H 243 53.91 -28.44 6.10
C LEU H 243 52.92 -29.19 5.21
N LEU H 244 51.63 -29.02 5.47
CA LEU H 244 50.62 -29.69 4.65
C LEU H 244 50.54 -29.06 3.28
N TYR H 245 50.92 -27.79 3.17
CA TYR H 245 50.93 -27.13 1.88
C TYR H 245 52.03 -27.69 1.00
N LEU H 246 53.23 -27.78 1.55
CA LEU H 246 54.35 -28.34 0.81
C LEU H 246 54.08 -29.80 0.45
N THR H 247 53.50 -30.56 1.38
CA THR H 247 53.12 -31.95 1.10
C THR H 247 52.10 -32.01 -0.02
N ASN H 248 51.08 -31.17 0.03
CA ASN H 248 50.06 -31.18 -1.00
C ASN H 248 50.66 -30.83 -2.35
N LYS H 249 51.63 -29.89 -2.36
CA LYS H 249 52.22 -29.46 -3.61
C LYS H 249 53.07 -30.57 -4.21
N ARG H 250 53.95 -31.20 -3.43
CA ARG H 250 54.81 -32.24 -3.98
C ARG H 250 54.04 -33.46 -4.43
N LEU H 251 52.83 -33.64 -3.96
CA LEU H 251 52.06 -34.79 -4.37
C LEU H 251 51.44 -34.51 -5.72
N TRP H 252 50.73 -33.38 -5.82
CA TRP H 252 50.06 -33.00 -7.05
C TRP H 252 51.07 -32.57 -8.13
N ALA H 253 52.35 -32.45 -7.76
CA ALA H 253 53.42 -32.11 -8.69
C ALA H 253 53.57 -33.16 -9.79
N GLY H 254 53.36 -34.43 -9.46
CA GLY H 254 53.45 -35.52 -10.41
C GLY H 254 52.16 -35.78 -11.17
N VAL H 255 51.45 -34.70 -11.49
CA VAL H 255 50.18 -34.75 -12.20
C VAL H 255 50.14 -33.56 -13.16
N LYS H 256 50.57 -32.38 -12.69
CA LYS H 256 50.59 -31.15 -13.48
C LYS H 256 52.00 -30.58 -13.50
N GLY I 9 65.69 -39.23 0.52
CA GLY I 9 66.83 -38.44 0.98
C GLY I 9 66.63 -37.90 2.38
N THR I 10 67.38 -36.86 2.73
CA THR I 10 67.29 -36.25 4.07
C THR I 10 66.26 -35.12 4.12
N ARG I 11 66.14 -34.32 3.05
CA ARG I 11 65.09 -33.29 3.00
C ARG I 11 63.75 -33.85 2.55
N ARG I 12 63.75 -34.94 1.77
CA ARG I 12 62.48 -35.52 1.32
C ARG I 12 61.75 -36.22 2.45
N ASP I 13 62.44 -37.10 3.18
CA ASP I 13 61.80 -37.81 4.27
C ASP I 13 61.45 -36.91 5.43
N PHE I 14 62.13 -35.75 5.57
CA PHE I 14 61.89 -34.88 6.70
C PHE I 14 60.50 -34.25 6.65
N LEU I 15 59.99 -33.92 5.46
CA LEU I 15 58.65 -33.36 5.38
C LEU I 15 57.61 -34.35 5.86
N TYR I 16 57.72 -35.60 5.41
CA TYR I 16 56.76 -36.64 5.80
C TYR I 16 56.82 -36.95 7.28
N TYR I 17 57.96 -36.69 7.94
CA TYR I 17 58.01 -36.83 9.40
C TYR I 17 57.38 -35.64 10.10
N ALA I 18 57.74 -34.42 9.71
CA ALA I 18 57.20 -33.24 10.39
C ALA I 18 55.68 -33.20 10.25
N THR I 19 55.16 -33.56 9.08
CA THR I 19 53.72 -33.56 8.89
C THR I 19 53.07 -34.61 9.79
N ALA I 20 53.57 -35.85 9.77
CA ALA I 20 52.98 -36.87 10.61
C ALA I 20 53.18 -36.56 12.10
N GLY I 21 54.36 -36.02 12.44
CA GLY I 21 54.62 -35.66 13.83
C GLY I 21 53.70 -34.53 14.30
N ALA I 22 53.47 -33.56 13.44
CA ALA I 22 52.55 -32.47 13.76
C ALA I 22 51.14 -33.02 13.90
N GLY I 23 50.76 -33.96 13.04
CA GLY I 23 49.44 -34.56 13.13
C GLY I 23 49.26 -35.29 14.44
N ALA I 24 50.32 -35.96 14.90
CA ALA I 24 50.26 -36.69 16.17
C ALA I 24 50.04 -35.73 17.33
N VAL I 25 50.76 -34.62 17.34
CA VAL I 25 50.61 -33.61 18.40
C VAL I 25 49.18 -33.07 18.40
N ALA I 26 48.67 -32.73 17.22
CA ALA I 26 47.32 -32.17 17.11
C ALA I 26 46.27 -33.11 17.71
N THR I 27 46.39 -34.41 17.46
CA THR I 27 45.43 -35.34 18.05
C THR I 27 45.55 -35.33 19.57
N GLY I 28 46.79 -35.42 20.08
CA GLY I 28 46.99 -35.42 21.52
C GLY I 28 46.46 -34.16 22.19
N ALA I 29 46.65 -33.01 21.56
CA ALA I 29 46.17 -31.76 22.14
C ALA I 29 44.65 -31.71 22.20
N ALA I 30 43.99 -32.46 21.32
CA ALA I 30 42.54 -32.51 21.28
C ALA I 30 41.96 -33.56 22.21
N VAL I 31 42.69 -34.65 22.46
CA VAL I 31 42.14 -35.74 23.25
C VAL I 31 42.24 -35.46 24.75
N TRP I 32 43.36 -34.87 25.22
CA TRP I 32 43.51 -34.62 26.65
C TRP I 32 42.37 -33.79 27.22
N PRO I 33 41.98 -32.64 26.63
CA PRO I 33 40.86 -31.87 27.21
C PRO I 33 39.53 -32.60 27.17
N LEU I 34 39.33 -33.57 26.27
CA LEU I 34 38.09 -34.33 26.29
C LEU I 34 38.06 -35.28 27.47
N ILE I 35 39.23 -35.69 27.95
CA ILE I 35 39.32 -36.52 29.15
C ILE I 35 39.28 -35.66 30.39
N ASN I 36 40.04 -34.57 30.39
CA ASN I 36 40.23 -33.78 31.60
C ASN I 36 38.97 -33.03 32.02
N GLN I 37 38.01 -32.83 31.12
CA GLN I 37 36.78 -32.15 31.52
C GLN I 37 35.97 -32.99 32.49
N MET I 38 36.21 -34.29 32.53
CA MET I 38 35.52 -35.19 33.43
C MET I 38 36.18 -35.25 34.80
N ASN I 39 37.40 -34.77 34.94
CA ASN I 39 38.02 -34.67 36.23
C ASN I 39 37.32 -33.61 37.08
N PRO I 40 37.46 -33.69 38.41
CA PRO I 40 36.70 -32.80 39.31
C PRO I 40 36.82 -31.32 38.99
N SER I 41 35.67 -30.66 38.87
CA SER I 41 35.66 -29.23 38.57
C SER I 41 35.99 -28.42 39.82
N ALA I 42 36.18 -27.11 39.61
CA ALA I 42 36.68 -26.24 40.67
C ALA I 42 35.70 -26.12 41.82
N ASP I 43 34.41 -26.32 41.56
CA ASP I 43 33.41 -26.28 42.63
C ASP I 43 33.54 -27.46 43.58
N VAL I 44 34.28 -28.49 43.21
CA VAL I 44 34.45 -29.68 44.04
C VAL I 44 35.55 -29.41 45.06
N GLN I 45 35.23 -29.59 46.34
CA GLN I 45 36.21 -29.54 47.40
C GLN I 45 36.83 -30.91 47.59
N ALA I 46 38.17 -30.96 47.54
CA ALA I 46 38.88 -32.20 47.82
C ALA I 46 38.92 -32.49 49.31
N LEU I 47 39.45 -31.55 50.09
CA LEU I 47 39.44 -31.60 51.55
C LEU I 47 38.79 -30.33 52.08
N ALA I 48 38.12 -30.47 53.23
CA ALA I 48 37.54 -29.35 53.95
C ALA I 48 37.66 -29.65 55.43
N SER I 49 37.04 -28.81 56.25
CA SER I 49 37.12 -28.96 57.70
C SER I 49 35.78 -28.60 58.31
N ILE I 50 35.36 -29.38 59.31
CA ILE I 50 34.07 -29.20 59.99
C ILE I 50 34.24 -29.54 61.46
N PHE I 51 33.24 -29.17 62.27
CA PHE I 51 33.25 -29.39 63.72
C PHE I 51 31.99 -30.11 64.13
N VAL I 52 32.11 -31.10 65.04
CA VAL I 52 30.99 -31.94 65.44
C VAL I 52 30.81 -31.84 66.95
N ASP I 53 29.60 -31.47 67.37
CA ASP I 53 29.24 -31.47 68.79
C ASP I 53 28.90 -32.89 69.24
N VAL I 54 29.46 -33.31 70.38
CA VAL I 54 29.42 -34.70 70.82
C VAL I 54 28.87 -34.84 72.24
N SER I 55 28.59 -33.72 72.92
CA SER I 55 28.11 -33.75 74.30
C SER I 55 26.86 -34.60 74.51
N SER I 56 26.07 -34.84 73.47
CA SER I 56 24.80 -35.56 73.62
C SER I 56 24.96 -37.05 73.42
N VAL I 57 26.17 -37.52 73.18
CA VAL I 57 26.43 -38.91 72.80
C VAL I 57 26.76 -39.72 74.04
N GLU I 58 25.88 -40.64 74.40
CA GLU I 58 26.13 -41.57 75.48
C GLU I 58 26.90 -42.77 74.94
N PRO I 59 27.54 -43.56 75.81
CA PRO I 59 28.21 -44.77 75.31
C PRO I 59 27.20 -45.70 74.66
N GLY I 60 27.65 -46.32 73.56
CA GLY I 60 26.81 -47.19 72.77
C GLY I 60 26.09 -46.48 71.64
N VAL I 61 26.34 -45.18 71.43
CA VAL I 61 25.71 -44.40 70.38
C VAL I 61 26.73 -44.11 69.29
N GLN I 62 26.31 -44.30 68.03
CA GLN I 62 27.08 -43.91 66.85
C GLN I 62 26.44 -42.71 66.17
N LEU I 63 27.23 -41.67 65.96
CA LEU I 63 26.83 -40.52 65.18
C LEU I 63 27.33 -40.69 63.75
N THR I 64 26.43 -40.52 62.79
CA THR I 64 26.76 -40.66 61.38
C THR I 64 26.61 -39.28 60.76
N VAL I 65 27.70 -38.81 60.15
CA VAL I 65 27.85 -37.43 59.71
C VAL I 65 28.35 -37.44 58.26
N LYS I 66 27.90 -36.47 57.47
CA LYS I 66 28.30 -36.39 56.07
C LYS I 66 29.54 -35.50 55.94
N PHE I 67 30.54 -35.98 55.20
CA PHE I 67 31.78 -35.22 55.01
C PHE I 67 32.37 -35.63 53.67
N LEU I 68 32.48 -34.69 52.72
CA LEU I 68 32.95 -34.98 51.37
C LEU I 68 32.07 -36.02 50.69
N GLY I 69 30.76 -35.93 50.90
CA GLY I 69 29.82 -36.79 50.24
C GLY I 69 29.77 -38.20 50.76
N LYS I 70 30.53 -38.50 51.82
CA LYS I 70 30.61 -39.83 52.39
C LYS I 70 30.30 -39.81 53.89
N PRO I 71 29.89 -40.95 54.46
CA PRO I 71 29.59 -40.99 55.90
C PRO I 71 30.84 -41.04 56.74
N ILE I 72 30.80 -40.34 57.87
CA ILE I 72 31.80 -40.47 58.92
C ILE I 72 31.10 -40.95 60.17
N PHE I 73 31.63 -42.02 60.76
CA PHE I 73 31.11 -42.61 61.98
C PHE I 73 31.85 -42.04 63.19
N ILE I 74 31.10 -41.57 64.17
CA ILE I 74 31.63 -41.17 65.47
C ILE I 74 30.90 -42.01 66.50
N ARG I 75 31.53 -43.07 66.99
CA ARG I 75 30.93 -43.95 67.99
C ARG I 75 31.64 -43.74 69.32
N ARG I 76 30.86 -43.47 70.36
CA ARG I 76 31.37 -43.50 71.73
C ARG I 76 31.23 -44.93 72.20
N ARG I 77 32.34 -45.64 72.25
CA ARG I 77 32.35 -47.07 72.46
C ARG I 77 32.06 -47.41 73.92
N THR I 78 31.38 -48.53 74.11
CA THR I 78 31.10 -49.03 75.44
C THR I 78 32.34 -49.72 76.01
N GLU I 79 32.22 -50.14 77.27
CA GLU I 79 33.30 -50.87 77.91
C GLU I 79 33.58 -52.18 77.18
N ALA I 80 32.52 -52.92 76.83
CA ALA I 80 32.69 -54.17 76.11
C ALA I 80 33.42 -53.96 74.78
N ASP I 81 32.98 -52.95 74.02
CA ASP I 81 33.61 -52.61 72.74
C ASP I 81 35.12 -52.41 72.90
N ILE I 82 35.54 -51.68 73.93
CA ILE I 82 36.94 -51.35 74.10
C ILE I 82 37.75 -52.58 74.47
N GLU I 83 37.24 -53.39 75.39
CA GLU I 83 37.94 -54.62 75.77
C GLU I 83 38.13 -55.56 74.60
N LEU I 84 37.05 -55.82 73.84
CA LEU I 84 37.15 -56.69 72.68
C LEU I 84 38.20 -56.19 71.70
N GLY I 85 38.25 -54.89 71.47
CA GLY I 85 39.20 -54.37 70.50
C GLY I 85 40.62 -54.63 70.93
N ARG I 86 40.88 -54.49 72.24
CA ARG I 86 42.23 -54.68 72.78
C ARG I 86 42.61 -56.16 72.91
N SER I 87 41.64 -57.07 72.90
CA SER I 87 41.96 -58.48 73.08
C SER I 87 42.49 -59.13 71.80
N VAL I 88 42.27 -58.51 70.65
CA VAL I 88 42.73 -59.08 69.39
C VAL I 88 44.23 -58.86 69.25
N GLN I 89 44.95 -59.94 68.95
CA GLN I 89 46.36 -59.87 68.66
C GLN I 89 46.59 -59.52 67.20
N LEU I 90 47.71 -58.84 66.94
CA LEU I 90 48.05 -58.35 65.61
C LEU I 90 47.98 -59.45 64.56
N GLY I 91 48.52 -60.62 64.87
CA GLY I 91 48.53 -61.70 63.89
C GLY I 91 47.16 -62.27 63.55
N GLN I 92 46.11 -61.86 64.24
CA GLN I 92 44.76 -62.34 63.95
C GLN I 92 44.01 -61.42 63.01
N LEU I 93 44.61 -60.28 62.64
CA LEU I 93 43.97 -59.28 61.82
C LEU I 93 44.31 -59.48 60.34
N VAL I 94 43.32 -59.22 59.49
CA VAL I 94 43.54 -59.20 58.04
C VAL I 94 44.48 -58.07 57.67
N ASP I 95 44.22 -56.88 58.22
CA ASP I 95 45.00 -55.69 57.95
C ASP I 95 45.57 -55.15 59.25
N THR I 96 46.90 -55.16 59.34
CA THR I 96 47.62 -54.81 60.56
C THR I 96 48.05 -53.35 60.58
N ASN I 97 47.67 -52.56 59.57
CA ASN I 97 47.98 -51.14 59.55
C ASN I 97 46.86 -50.37 60.23
N ALA I 98 47.24 -49.34 60.98
CA ALA I 98 46.28 -48.55 61.76
C ALA I 98 45.33 -47.76 60.87
N ARG I 99 45.76 -47.43 59.66
CA ARG I 99 44.99 -46.60 58.73
C ARG I 99 44.55 -45.31 59.40
N ASN I 100 45.50 -44.65 60.06
CA ASN I 100 45.20 -43.48 60.89
C ASN I 100 45.99 -42.27 60.41
N ALA I 101 45.26 -41.27 59.91
CA ALA I 101 45.88 -40.06 59.37
C ALA I 101 46.52 -39.20 60.46
N ASN I 102 46.16 -39.40 61.73
CA ASN I 102 46.59 -38.57 62.85
C ASN I 102 47.94 -38.96 63.42
N ILE I 103 48.44 -40.13 63.09
CA ILE I 103 49.70 -40.65 63.61
C ILE I 103 50.54 -41.15 62.43
N ASP I 104 51.69 -41.74 62.74
CA ASP I 104 52.62 -42.23 61.74
C ASP I 104 51.94 -43.20 60.78
N ALA I 105 52.40 -43.18 59.52
CA ALA I 105 51.78 -44.01 58.47
C ALA I 105 52.02 -45.50 58.69
N GLY I 106 53.09 -45.86 59.40
CA GLY I 106 53.45 -47.23 59.67
C GLY I 106 52.91 -47.80 60.96
N ALA I 107 52.13 -47.04 61.71
CA ALA I 107 51.61 -47.50 63.00
C ALA I 107 50.79 -48.78 62.86
N GLU I 108 50.86 -49.61 63.90
CA GLU I 108 50.18 -50.90 63.91
C GLU I 108 48.72 -50.75 64.30
N ALA I 109 47.89 -51.70 63.84
CA ALA I 109 46.44 -51.63 64.06
C ALA I 109 46.01 -52.14 65.44
N THR I 110 46.77 -51.82 66.49
CA THR I 110 46.32 -52.08 67.84
C THR I 110 45.14 -51.15 68.15
N ASP I 111 44.28 -51.60 69.07
CA ASP I 111 43.12 -50.79 69.42
C ASP I 111 43.52 -49.39 69.90
N GLN I 112 44.69 -49.26 70.53
CA GLN I 112 45.13 -47.94 70.99
C GLN I 112 45.39 -47.01 69.81
N ASN I 113 45.96 -47.53 68.71
CA ASN I 113 46.24 -46.70 67.55
C ASN I 113 45.02 -46.47 66.63
N ARG I 114 43.83 -46.88 67.07
CA ARG I 114 42.61 -46.76 66.28
C ARG I 114 41.62 -45.77 66.87
N THR I 115 41.92 -45.19 68.04
CA THR I 115 41.04 -44.25 68.73
C THR I 115 41.75 -42.93 68.96
N LEU I 116 40.96 -41.87 69.15
CA LEU I 116 41.51 -40.54 69.39
C LEU I 116 42.03 -40.36 70.81
N ASP I 117 41.39 -40.99 71.80
CA ASP I 117 41.72 -40.82 73.21
C ASP I 117 42.47 -42.03 73.76
N GLU I 118 43.11 -41.84 74.91
CA GLU I 118 43.87 -42.90 75.53
C GLU I 118 42.95 -43.98 76.10
N ALA I 119 41.78 -43.59 76.59
CA ALA I 119 40.80 -44.54 77.11
C ALA I 119 40.18 -45.37 76.01
N GLY I 120 40.32 -44.96 74.75
CA GLY I 120 39.80 -45.74 73.64
C GLY I 120 38.29 -45.66 73.54
N GLU I 121 37.71 -44.58 74.05
CA GLU I 121 36.26 -44.41 74.06
C GLU I 121 35.71 -43.86 72.75
N TRP I 122 36.49 -43.03 72.04
CA TRP I 122 36.02 -42.29 70.88
C TRP I 122 36.60 -42.88 69.59
N LEU I 123 35.76 -43.60 68.85
CA LEU I 123 36.11 -44.18 67.56
C LEU I 123 35.56 -43.31 66.43
N VAL I 124 36.45 -42.62 65.72
CA VAL I 124 36.09 -41.77 64.60
C VAL I 124 36.70 -42.36 63.34
N MET I 125 35.87 -42.67 62.35
CA MET I 125 36.39 -43.28 61.13
C MET I 125 35.41 -43.06 59.99
N TRP I 126 35.93 -43.18 58.76
CA TRP I 126 35.09 -43.18 57.57
C TRP I 126 34.18 -44.40 57.56
N GLY I 127 32.87 -44.16 57.48
CA GLY I 127 31.93 -45.27 57.36
C GLY I 127 31.81 -45.73 55.91
N VAL I 128 32.94 -46.02 55.28
CA VAL I 128 33.00 -46.34 53.85
C VAL I 128 33.77 -47.64 53.72
N CYS I 129 33.04 -48.72 53.45
CA CYS I 129 33.64 -50.03 53.27
C CYS I 129 34.79 -49.97 52.29
N THR I 130 35.91 -50.58 52.67
CA THR I 130 37.11 -50.50 51.87
C THR I 130 37.07 -51.46 50.69
N HIS I 131 36.02 -52.29 50.58
CA HIS I 131 35.82 -53.11 49.40
C HIS I 131 35.38 -52.21 48.26
N LEU I 132 34.09 -51.84 48.21
CA LEU I 132 33.57 -51.05 47.10
C LEU I 132 32.69 -49.88 47.57
N GLY I 133 32.86 -49.43 48.81
CA GLY I 133 32.39 -48.12 49.22
C GLY I 133 31.03 -48.07 49.89
N CYS I 134 30.34 -49.20 50.04
CA CYS I 134 29.07 -49.15 50.75
C CYS I 134 29.30 -48.76 52.22
N VAL I 135 28.20 -48.47 52.91
CA VAL I 135 28.22 -47.98 54.28
C VAL I 135 27.97 -49.17 55.19
N PRO I 136 28.94 -49.60 56.01
CA PRO I 136 28.68 -50.76 56.87
C PRO I 136 27.65 -50.45 57.93
N ILE I 137 26.89 -51.47 58.31
CA ILE I 137 25.84 -51.33 59.32
C ILE I 137 26.46 -51.57 60.69
N GLY I 138 26.23 -50.63 61.59
CA GLY I 138 26.81 -50.67 62.91
C GLY I 138 25.82 -51.20 63.92
N GLY I 139 25.89 -50.65 65.13
CA GLY I 139 25.07 -51.16 66.21
C GLY I 139 25.48 -52.56 66.59
N VAL I 140 26.78 -52.84 66.57
CA VAL I 140 27.31 -54.16 66.88
C VAL I 140 26.71 -55.21 65.95
N SER I 141 27.08 -55.17 64.67
CA SER I 141 26.58 -56.11 63.68
C SER I 141 27.74 -56.98 63.21
N GLY I 142 27.39 -58.08 62.59
CA GLY I 142 28.39 -58.99 62.09
C GLY I 142 28.83 -59.98 63.15
N ASP I 143 29.92 -60.66 62.83
CA ASP I 143 30.45 -61.77 63.60
C ASP I 143 31.60 -61.33 64.51
N PHE I 144 31.94 -60.04 64.52
CA PHE I 144 33.08 -59.53 65.28
C PHE I 144 32.68 -58.31 66.11
N GLY I 145 31.41 -58.22 66.47
CA GLY I 145 30.93 -57.16 67.33
C GLY I 145 31.23 -55.77 66.84
N GLY I 146 31.06 -55.51 65.55
CA GLY I 146 31.37 -54.22 64.98
C GLY I 146 30.39 -53.74 63.93
N TRP I 147 30.80 -53.86 62.68
CA TRP I 147 30.02 -53.40 61.54
C TRP I 147 29.90 -54.52 60.51
N PHE I 148 28.79 -54.52 59.77
CA PHE I 148 28.55 -55.46 58.68
C PHE I 148 28.21 -54.68 57.42
N CYS I 149 28.97 -54.92 56.36
CA CYS I 149 28.70 -54.27 55.08
C CYS I 149 27.75 -55.14 54.25
N PRO I 150 26.54 -54.70 53.96
CA PRO I 150 25.57 -55.59 53.31
C PRO I 150 25.81 -55.81 51.83
N CYS I 151 26.79 -55.13 51.25
CA CYS I 151 26.97 -55.19 49.81
C CYS I 151 27.64 -56.47 49.35
N HIS I 152 28.71 -56.91 50.04
CA HIS I 152 29.35 -58.19 49.75
C HIS I 152 29.83 -58.93 50.99
N GLY I 153 29.40 -58.51 52.18
CA GLY I 153 29.58 -59.33 53.37
C GLY I 153 30.90 -59.18 54.11
N SER I 154 31.43 -57.98 54.18
CA SER I 154 32.62 -57.75 54.99
C SER I 154 32.21 -57.52 56.43
N HIS I 155 32.98 -58.10 57.36
CA HIS I 155 32.77 -57.92 58.78
C HIS I 155 33.94 -57.14 59.38
N TYR I 156 33.60 -56.08 60.09
CA TYR I 156 34.54 -55.25 60.83
C TYR I 156 34.27 -55.43 62.31
N ASP I 157 35.32 -55.28 63.11
CA ASP I 157 35.21 -55.46 64.55
C ASP I 157 34.93 -54.13 65.28
N SER I 158 35.03 -54.16 66.61
CA SER I 158 34.64 -53.04 67.45
C SER I 158 35.61 -51.86 67.34
N ALA I 159 36.77 -52.06 66.73
CA ALA I 159 37.71 -50.99 66.43
C ALA I 159 37.68 -50.63 64.95
N GLY I 160 36.74 -51.18 64.19
CA GLY I 160 36.61 -50.87 62.79
C GLY I 160 37.62 -51.57 61.92
N ARG I 161 38.23 -52.64 62.41
CA ARG I 161 39.23 -53.37 61.65
C ARG I 161 38.59 -54.49 60.87
N ILE I 162 39.05 -54.67 59.64
CA ILE I 162 38.51 -55.72 58.78
C ILE I 162 38.96 -57.08 59.29
N ARG I 163 38.01 -58.01 59.37
CA ARG I 163 38.20 -59.34 59.93
C ARG I 163 37.78 -60.46 59.01
N LYS I 164 36.90 -60.20 58.05
CA LYS I 164 36.28 -61.23 57.23
C LYS I 164 35.68 -60.56 56.00
N GLY I 165 35.83 -61.20 54.85
CA GLY I 165 35.25 -60.74 53.61
C GLY I 165 36.22 -60.27 52.54
N PRO I 166 35.69 -59.64 51.48
CA PRO I 166 36.56 -59.19 50.39
C PRO I 166 37.31 -57.91 50.69
N ALA I 167 36.84 -57.12 51.64
CA ALA I 167 37.44 -55.82 51.90
C ALA I 167 38.91 -55.97 52.32
N PRO I 168 39.85 -55.21 51.73
CA PRO I 168 41.25 -55.43 52.04
C PRO I 168 41.76 -54.73 53.29
N GLU I 169 41.11 -53.65 53.72
CA GLU I 169 41.67 -52.79 54.76
C GLU I 169 40.65 -52.40 55.82
N ASN I 170 41.21 -51.97 56.96
CA ASN I 170 40.45 -51.38 58.04
C ASN I 170 39.81 -50.07 57.58
N LEU I 171 38.64 -49.75 58.14
CA LEU I 171 37.98 -48.49 57.81
C LEU I 171 38.93 -47.32 58.11
N PRO I 172 39.19 -46.42 57.15
CA PRO I 172 40.20 -45.38 57.39
C PRO I 172 39.72 -44.35 58.40
N ILE I 173 40.68 -43.81 59.14
CA ILE I 173 40.43 -42.80 60.16
C ILE I 173 40.88 -41.44 59.59
N PRO I 174 39.99 -40.45 59.49
CA PRO I 174 40.41 -39.16 58.91
C PRO I 174 41.19 -38.36 59.96
N LEU I 175 41.77 -37.25 59.50
CA LEU I 175 42.31 -36.30 60.46
C LEU I 175 41.18 -35.79 61.36
N ALA I 176 41.29 -36.07 62.65
CA ALA I 176 40.26 -35.72 63.62
C ALA I 176 40.92 -35.51 64.97
N LYS I 177 40.49 -34.46 65.68
CA LYS I 177 41.08 -34.16 66.99
C LYS I 177 40.08 -33.36 67.79
N PHE I 178 40.09 -33.56 69.11
CA PHE I 178 39.25 -32.75 69.98
C PHE I 178 39.84 -31.35 70.06
N ILE I 179 39.07 -30.36 69.62
CA ILE I 179 39.49 -28.96 69.72
C ILE I 179 39.29 -28.46 71.14
N ASP I 180 38.27 -28.94 71.84
CA ASP I 180 38.07 -28.64 73.25
C ASP I 180 37.41 -29.86 73.90
N GLU I 181 36.83 -29.66 75.09
CA GLU I 181 36.30 -30.77 75.88
C GLU I 181 35.20 -31.54 75.14
N THR I 182 34.46 -30.89 74.23
CA THR I 182 33.23 -31.47 73.69
C THR I 182 33.11 -31.36 72.17
N THR I 183 34.16 -30.92 71.46
CA THR I 183 34.08 -30.68 70.02
C THR I 183 35.24 -31.34 69.30
N ILE I 184 34.93 -32.11 68.25
CA ILE I 184 35.92 -32.75 67.40
C ILE I 184 36.00 -31.97 66.08
N GLN I 185 37.22 -31.66 65.66
CA GLN I 185 37.49 -31.05 64.36
C GLN I 185 37.94 -32.12 63.37
N LEU I 186 37.15 -32.35 62.32
CA LEU I 186 37.53 -33.25 61.25
C LEU I 186 38.25 -32.45 60.17
N GLY I 187 39.32 -33.01 59.64
CA GLY I 187 40.08 -32.32 58.61
C GLY I 187 41.17 -31.48 59.25
N GLY J 3 27.32 -65.03 0.47
CA GLY J 3 27.90 -65.56 -0.76
C GLY J 3 27.20 -66.80 -1.30
N ILE J 4 25.93 -66.95 -0.94
CA ILE J 4 25.09 -68.07 -1.38
C ILE J 4 24.56 -67.71 -2.77
N PRO J 5 24.39 -68.65 -3.70
CA PRO J 5 23.82 -68.28 -5.00
C PRO J 5 22.36 -67.89 -4.84
N HIS J 6 21.99 -66.75 -5.43
CA HIS J 6 20.64 -66.23 -5.30
C HIS J 6 20.41 -65.23 -6.43
N ASP J 7 19.16 -64.89 -6.65
CA ASP J 7 18.78 -63.89 -7.65
C ASP J 7 18.87 -62.49 -7.06
N HIS J 8 19.15 -61.52 -7.92
CA HIS J 8 19.40 -60.15 -7.53
C HIS J 8 18.19 -59.26 -7.86
N TYR J 9 18.25 -58.03 -7.36
CA TYR J 9 17.16 -57.07 -7.56
C TYR J 9 17.12 -56.59 -9.00
N GLU J 10 15.92 -56.22 -9.44
CA GLU J 10 15.72 -55.65 -10.76
C GLU J 10 14.61 -54.59 -10.69
N PRO J 11 14.88 -53.33 -11.05
CA PRO J 11 13.83 -52.30 -10.98
C PRO J 11 12.73 -52.57 -11.98
N ARG J 12 11.48 -52.38 -11.53
CA ARG J 12 10.31 -52.66 -12.35
C ARG J 12 9.51 -51.38 -12.65
N THR J 13 9.07 -50.67 -11.62
CA THR J 13 8.35 -49.41 -11.79
C THR J 13 9.28 -48.33 -12.34
N GLY J 14 8.69 -47.33 -12.99
CA GLY J 14 9.49 -46.21 -13.46
C GLY J 14 10.18 -45.49 -12.33
N ILE J 15 9.54 -45.43 -11.16
CA ILE J 15 10.19 -44.80 -10.00
C ILE J 15 11.35 -45.65 -9.52
N GLU J 16 11.24 -46.98 -9.63
CA GLU J 16 12.32 -47.84 -9.18
C GLU J 16 13.50 -47.76 -10.13
N LYS J 17 13.25 -47.78 -11.45
CA LYS J 17 14.34 -47.63 -12.41
C LYS J 17 15.03 -46.29 -12.21
N TRP J 18 14.26 -45.26 -11.93
CA TRP J 18 14.82 -43.93 -11.74
C TRP J 18 15.71 -43.89 -10.50
N LEU J 19 15.19 -44.39 -9.39
CA LEU J 19 15.94 -44.35 -8.14
C LEU J 19 17.13 -45.31 -8.16
N HIS J 20 16.96 -46.51 -8.73
CA HIS J 20 18.03 -47.52 -8.69
C HIS J 20 19.28 -47.07 -9.43
N SER J 21 19.12 -46.26 -10.48
CA SER J 21 20.27 -45.78 -11.24
C SER J 21 20.98 -44.61 -10.56
N ARG J 22 20.54 -44.20 -9.37
CA ARG J 22 21.11 -43.05 -8.65
C ARG J 22 21.52 -43.48 -7.25
N LEU J 23 20.62 -44.20 -6.57
CA LEU J 23 20.90 -44.72 -5.23
C LEU J 23 20.21 -46.08 -5.11
N PRO J 24 21.00 -47.24 -5.21
CA PRO J 24 20.41 -48.59 -5.19
C PRO J 24 20.00 -49.03 -3.77
N ILE J 25 19.31 -48.14 -3.06
CA ILE J 25 18.92 -48.44 -1.67
C ILE J 25 17.84 -49.51 -1.63
N VAL J 26 16.98 -49.57 -2.65
CA VAL J 26 15.98 -50.63 -2.68
C VAL J 26 16.70 -51.94 -2.96
N ALA J 27 17.71 -51.92 -3.83
CA ALA J 27 18.50 -53.12 -4.11
C ALA J 27 19.15 -53.64 -2.83
N LEU J 28 19.59 -52.72 -1.96
CA LEU J 28 20.23 -53.13 -0.72
C LEU J 28 19.21 -53.75 0.21
N ALA J 29 18.02 -53.14 0.31
CA ALA J 29 16.95 -53.68 1.12
C ALA J 29 16.49 -55.03 0.58
N TYR J 30 16.51 -55.20 -0.75
CA TYR J 30 16.11 -56.47 -1.34
C TYR J 30 17.08 -57.57 -0.95
N ASP J 31 18.37 -57.35 -1.18
CA ASP J 31 19.39 -58.35 -0.86
C ASP J 31 19.42 -58.68 0.62
N THR J 32 19.00 -57.75 1.49
CA THR J 32 18.96 -58.04 2.91
C THR J 32 17.77 -58.93 3.25
N ILE J 33 16.58 -58.53 2.81
CA ILE J 33 15.36 -59.21 3.25
C ILE J 33 15.07 -60.49 2.49
N MET J 34 15.78 -60.76 1.38
CA MET J 34 15.56 -61.92 0.53
C MET J 34 16.69 -62.94 0.60
N ILE J 35 17.56 -62.83 1.60
CA ILE J 35 18.68 -63.75 1.75
C ILE J 35 18.13 -65.18 1.85
N PRO J 36 18.64 -66.15 1.08
CA PRO J 36 18.16 -67.52 1.28
C PRO J 36 18.61 -67.99 2.65
N THR J 37 17.65 -68.33 3.50
CA THR J 37 17.89 -68.71 4.88
C THR J 37 17.56 -70.19 5.05
N PRO J 38 18.36 -70.95 5.82
CA PRO J 38 18.05 -72.38 5.99
C PRO J 38 16.60 -72.62 6.41
N ARG J 39 15.96 -73.58 5.75
CA ARG J 39 14.56 -73.88 5.99
C ARG J 39 14.27 -74.43 7.38
N ASN J 40 15.27 -74.99 8.06
CA ASN J 40 15.05 -75.82 9.25
C ASN J 40 15.32 -75.06 10.55
N LEU J 41 15.22 -73.73 10.54
CA LEU J 41 15.41 -72.96 11.76
C LEU J 41 14.25 -73.21 12.72
N ASN J 42 14.58 -73.43 14.00
CA ASN J 42 13.59 -73.66 15.04
C ASN J 42 13.34 -72.38 15.84
N TRP J 43 12.57 -72.51 16.93
CA TRP J 43 12.11 -71.35 17.67
C TRP J 43 13.23 -70.64 18.43
N MET J 44 14.43 -71.21 18.49
CA MET J 44 15.54 -70.51 19.14
C MET J 44 16.18 -69.47 18.24
N TRP J 45 15.74 -69.33 16.99
CA TRP J 45 16.29 -68.34 16.07
C TRP J 45 15.47 -67.04 16.07
N ILE J 46 14.47 -66.92 16.96
CA ILE J 46 13.62 -65.73 17.01
C ILE J 46 14.23 -64.62 17.86
N TRP J 47 15.20 -64.95 18.73
CA TRP J 47 15.65 -64.00 19.75
C TRP J 47 16.43 -62.85 19.13
N GLY J 48 16.87 -62.97 17.88
CA GLY J 48 17.49 -61.84 17.21
C GLY J 48 16.50 -60.70 16.98
N VAL J 49 15.28 -61.03 16.54
CA VAL J 49 14.27 -60.00 16.30
C VAL J 49 13.79 -59.41 17.62
N VAL J 50 13.69 -60.23 18.65
CA VAL J 50 13.28 -59.72 19.96
C VAL J 50 14.29 -58.69 20.44
N LEU J 51 15.58 -58.99 20.29
CA LEU J 51 16.59 -58.02 20.68
C LEU J 51 16.45 -56.74 19.87
N ALA J 52 16.17 -56.87 18.57
CA ALA J 52 16.00 -55.70 17.72
C ALA J 52 14.81 -54.87 18.19
N PHE J 53 13.69 -55.53 18.49
CA PHE J 53 12.52 -54.82 19.00
C PHE J 53 12.85 -54.10 20.29
N CYS J 54 13.52 -54.80 21.20
CA CYS J 54 13.89 -54.21 22.49
C CYS J 54 14.69 -52.94 22.27
N LEU J 55 15.66 -52.99 21.36
CA LEU J 55 16.50 -51.82 21.14
C LEU J 55 15.68 -50.63 20.67
N VAL J 56 14.70 -50.88 19.79
CA VAL J 56 13.84 -49.80 19.33
C VAL J 56 12.92 -49.34 20.47
N LEU J 57 12.33 -50.29 21.19
CA LEU J 57 11.46 -49.95 22.31
C LEU J 57 12.19 -49.09 23.34
N GLN J 58 13.40 -49.52 23.72
CA GLN J 58 14.15 -48.78 24.72
C GLN J 58 14.47 -47.39 24.19
N ILE J 59 14.82 -47.30 22.91
CA ILE J 59 15.21 -46.03 22.31
C ILE J 59 14.03 -45.09 22.23
N VAL J 60 12.87 -45.59 21.78
CA VAL J 60 11.75 -44.69 21.57
C VAL J 60 11.18 -44.22 22.89
N THR J 61 11.07 -45.12 23.86
CA THR J 61 10.62 -44.70 25.19
C THR J 61 11.69 -43.89 25.90
N GLY J 62 12.95 -44.18 25.61
CA GLY J 62 14.04 -43.44 26.24
C GLY J 62 14.03 -41.97 25.84
N ILE J 63 13.95 -41.70 24.53
CA ILE J 63 13.92 -40.34 24.04
C ILE J 63 12.75 -39.59 24.68
N VAL J 64 11.61 -40.28 24.76
CA VAL J 64 10.41 -39.70 25.36
C VAL J 64 10.63 -39.41 26.84
N LEU J 65 11.20 -40.36 27.56
CA LEU J 65 11.48 -40.14 28.98
C LEU J 65 12.45 -38.98 29.18
N ALA J 66 13.43 -38.84 28.29
CA ALA J 66 14.39 -37.75 28.46
C ALA J 66 13.75 -36.38 28.24
N MET J 67 12.54 -36.33 27.68
CA MET J 67 11.81 -35.08 27.52
C MET J 67 11.21 -34.59 28.83
N HIS J 68 11.18 -35.42 29.87
CA HIS J 68 10.52 -35.09 31.13
C HIS J 68 11.39 -35.33 32.35
N TYR J 69 12.62 -35.84 32.16
CA TYR J 69 13.51 -36.20 33.23
C TYR J 69 14.54 -35.09 33.42
N THR J 70 14.94 -34.87 34.67
CA THR J 70 15.92 -33.85 35.01
C THR J 70 17.16 -34.50 35.65
N PRO J 71 18.41 -34.49 34.92
CA PRO J 71 19.63 -35.08 35.51
C PRO J 71 20.28 -34.15 36.53
N HIS J 72 19.61 -33.97 37.65
CA HIS J 72 20.15 -33.21 38.77
C HIS J 72 19.70 -33.90 40.05
N VAL J 73 20.63 -34.00 41.01
CA VAL J 73 20.41 -34.79 42.23
C VAL J 73 19.19 -34.29 43.01
N ASP J 74 18.92 -32.99 42.96
CA ASP J 74 17.79 -32.42 43.67
C ASP J 74 16.45 -32.67 42.98
N LEU J 75 16.47 -33.07 41.70
CA LEU J 75 15.26 -33.15 40.88
C LEU J 75 15.07 -34.49 40.20
N ALA J 76 16.11 -35.32 40.09
CA ALA J 76 16.02 -36.55 39.31
C ALA J 76 14.91 -37.47 39.82
N PHE J 77 14.98 -37.85 41.09
CA PHE J 77 13.97 -38.74 41.66
C PHE J 77 12.59 -38.13 41.56
N ALA J 78 12.47 -36.85 41.88
CA ALA J 78 11.17 -36.17 41.79
C ALA J 78 10.65 -36.14 40.36
N SER J 79 11.54 -35.99 39.38
CA SER J 79 11.09 -35.85 38.00
C SER J 79 10.52 -37.16 37.45
N VAL J 80 11.00 -38.29 37.95
CA VAL J 80 10.45 -39.58 37.54
C VAL J 80 9.06 -39.77 38.14
N GLU J 81 8.87 -39.35 39.40
CA GLU J 81 7.54 -39.40 39.96
C GLU J 81 6.62 -38.44 39.24
N HIS J 82 7.17 -37.34 38.74
CA HIS J 82 6.37 -36.44 37.93
C HIS J 82 5.88 -37.15 36.67
N ILE J 83 6.78 -37.89 36.01
CA ILE J 83 6.41 -38.73 34.87
C ILE J 83 5.32 -39.72 35.26
N MET J 84 5.52 -40.45 36.34
CA MET J 84 4.56 -41.48 36.76
C MET J 84 3.18 -40.90 37.02
N ARG J 85 3.12 -39.71 37.60
CA ARG J 85 1.87 -39.16 38.08
C ARG J 85 1.25 -38.14 37.15
N ASN J 86 2.07 -37.34 36.47
CA ASN J 86 1.59 -36.18 35.73
C ASN J 86 1.68 -36.31 34.22
N VAL J 87 2.75 -36.89 33.67
CA VAL J 87 2.91 -36.99 32.22
C VAL J 87 1.88 -37.96 31.66
N ASN J 88 1.21 -37.54 30.58
CA ASN J 88 0.25 -38.39 29.90
C ASN J 88 0.87 -39.72 29.51
N GLY J 89 0.33 -40.81 30.06
CA GLY J 89 0.85 -42.14 29.81
C GLY J 89 2.24 -42.38 30.36
N GLY J 90 2.73 -41.50 31.22
CA GLY J 90 4.11 -41.60 31.69
C GLY J 90 4.35 -42.84 32.52
N PHE J 91 3.36 -43.22 33.33
CA PHE J 91 3.50 -44.42 34.16
C PHE J 91 3.74 -45.64 33.28
N MET J 92 3.05 -45.69 32.14
CA MET J 92 3.12 -46.83 31.25
C MET J 92 4.42 -46.77 30.45
N LEU J 93 4.83 -45.57 30.05
CA LEU J 93 6.08 -45.43 29.31
C LEU J 93 7.28 -45.78 30.16
N ARG J 94 7.25 -45.39 31.44
CA ARG J 94 8.35 -45.74 32.34
C ARG J 94 8.44 -47.25 32.54
N TYR J 95 7.31 -47.89 32.83
CA TYR J 95 7.33 -49.33 33.06
C TYR J 95 7.73 -50.07 31.80
N LEU J 96 7.38 -49.54 30.62
CA LEU J 96 7.80 -50.19 29.40
C LEU J 96 9.32 -50.11 29.25
N HIS J 97 9.91 -48.95 29.57
CA HIS J 97 11.35 -48.77 29.46
C HIS J 97 12.09 -49.63 30.49
N ALA J 98 11.56 -49.66 31.71
CA ALA J 98 12.21 -50.41 32.78
C ALA J 98 12.09 -51.91 32.55
N ASN J 99 10.85 -52.41 32.40
CA ASN J 99 10.67 -53.82 32.11
C ASN J 99 11.22 -54.18 30.74
N GLY J 100 11.29 -53.22 29.82
CA GLY J 100 11.87 -53.51 28.53
C GLY J 100 13.34 -53.88 28.66
N ALA J 101 14.03 -53.29 29.63
CA ALA J 101 15.41 -53.67 29.89
C ALA J 101 15.51 -55.13 30.35
N SER J 102 14.56 -55.58 31.17
CA SER J 102 14.58 -56.98 31.60
C SER J 102 14.35 -57.90 30.42
N LEU J 103 13.36 -57.57 29.59
CA LEU J 103 13.11 -58.36 28.38
C LEU J 103 14.35 -58.34 27.50
N PHE J 104 15.01 -57.19 27.44
CA PHE J 104 16.22 -57.06 26.65
C PHE J 104 17.25 -58.09 27.10
N PHE J 105 17.35 -58.32 28.41
CA PHE J 105 18.39 -59.18 28.97
C PHE J 105 17.97 -60.65 28.97
N ILE J 106 16.69 -60.97 29.14
CA ILE J 106 16.21 -62.33 28.93
C ILE J 106 16.57 -62.80 27.52
N ALA J 107 16.42 -61.91 26.53
CA ALA J 107 16.65 -62.28 25.14
C ALA J 107 18.11 -62.59 24.84
N VAL J 108 19.05 -61.78 25.34
CA VAL J 108 20.47 -62.07 25.06
C VAL J 108 20.87 -63.39 25.69
N TYR J 109 20.42 -63.68 26.90
CA TYR J 109 20.90 -64.90 27.53
C TYR J 109 20.40 -66.12 26.77
N LEU J 110 19.14 -66.08 26.31
CA LEU J 110 18.66 -67.13 25.43
C LEU J 110 19.37 -67.10 24.09
N HIS J 111 19.56 -65.91 23.52
CA HIS J 111 20.33 -65.71 22.29
C HIS J 111 21.74 -66.28 22.44
N ILE J 112 22.42 -65.96 23.55
CA ILE J 112 23.80 -66.40 23.79
C ILE J 112 23.87 -67.92 23.94
N PHE J 113 23.00 -68.49 24.76
CA PHE J 113 23.04 -69.92 25.01
C PHE J 113 22.64 -70.71 23.78
N ARG J 114 21.81 -70.11 22.91
CA ARG J 114 21.56 -70.71 21.60
C ARG J 114 22.87 -70.89 20.86
N GLY J 115 23.66 -69.82 20.78
CA GLY J 115 24.93 -69.88 20.09
C GLY J 115 25.88 -70.91 20.69
N LEU J 116 25.91 -71.00 22.02
CA LEU J 116 26.84 -71.92 22.66
C LEU J 116 26.47 -73.38 22.37
N TYR J 117 25.19 -73.67 22.15
CA TYR J 117 24.74 -75.03 21.91
C TYR J 117 24.98 -75.46 20.47
N TYR J 118 24.64 -74.59 19.51
CA TYR J 118 24.67 -74.95 18.10
C TYR J 118 25.98 -74.59 17.42
N GLY J 119 26.95 -74.06 18.15
CA GLY J 119 28.25 -73.73 17.59
C GLY J 119 28.20 -72.59 16.59
N SER J 120 27.33 -71.61 16.83
CA SER J 120 27.19 -70.42 15.99
C SER J 120 28.36 -69.46 16.14
N TYR J 121 29.26 -69.73 17.10
CA TYR J 121 30.47 -68.95 17.33
C TYR J 121 31.67 -69.49 16.58
N LYS J 122 31.61 -70.75 16.15
CA LYS J 122 32.70 -71.41 15.46
C LYS J 122 32.87 -70.86 14.05
N ALA J 123 34.07 -71.06 13.51
CA ALA J 123 34.43 -70.59 12.17
C ALA J 123 33.34 -70.97 11.16
N PRO J 124 32.99 -70.09 10.21
CA PRO J 124 33.54 -68.76 9.90
C PRO J 124 32.87 -67.60 10.64
N ARG J 125 32.30 -67.86 11.82
CA ARG J 125 31.43 -66.89 12.47
C ARG J 125 32.07 -66.20 13.68
N GLU J 126 33.41 -66.15 13.74
CA GLU J 126 34.08 -65.51 14.87
C GLU J 126 33.72 -64.03 14.95
N VAL J 127 33.71 -63.34 13.81
CA VAL J 127 33.46 -61.90 13.82
C VAL J 127 32.06 -61.62 14.32
N THR J 128 31.07 -62.40 13.86
CA THR J 128 29.72 -62.25 14.35
C THR J 128 29.70 -62.37 15.87
N TRP J 129 30.44 -63.33 16.41
CA TRP J 129 30.44 -63.57 17.85
C TRP J 129 31.11 -62.44 18.60
N ILE J 130 32.26 -61.97 18.10
CA ILE J 130 33.00 -60.92 18.78
C ILE J 130 32.24 -59.60 18.75
N VAL J 131 31.62 -59.26 17.61
CA VAL J 131 30.79 -58.05 17.58
C VAL J 131 29.66 -58.18 18.58
N GLY J 132 29.10 -59.39 18.70
CA GLY J 132 28.10 -59.64 19.71
C GLY J 132 28.61 -59.37 21.10
N MET J 133 29.83 -59.79 21.40
CA MET J 133 30.38 -59.57 22.72
C MET J 133 30.55 -58.08 23.02
N LEU J 134 30.94 -57.30 22.01
CA LEU J 134 31.06 -55.86 22.21
C LEU J 134 29.70 -55.26 22.53
N ILE J 135 28.68 -55.71 21.82
CA ILE J 135 27.31 -55.25 22.08
C ILE J 135 26.94 -55.58 23.51
N TYR J 136 27.32 -56.76 23.98
CA TYR J 136 26.94 -57.19 25.32
C TYR J 136 27.54 -56.29 26.38
N LEU J 137 28.82 -55.92 26.22
CA LEU J 137 29.41 -54.96 27.15
C LEU J 137 28.68 -53.63 27.12
N ALA J 138 28.30 -53.18 25.93
CA ALA J 138 27.62 -51.90 25.82
C ALA J 138 26.26 -51.97 26.50
N MET J 139 25.56 -53.10 26.34
CA MET J 139 24.26 -53.28 26.99
C MET J 139 24.40 -53.14 28.49
N MET J 140 25.41 -53.79 29.07
CA MET J 140 25.59 -53.74 30.51
C MET J 140 25.87 -52.32 30.96
N ALA J 141 26.78 -51.62 30.27
CA ALA J 141 27.07 -50.24 30.63
C ALA J 141 25.83 -49.35 30.49
N THR J 142 25.05 -49.54 29.44
CA THR J 142 23.83 -48.75 29.28
C THR J 142 22.84 -49.02 30.39
N ALA J 143 22.57 -50.30 30.67
CA ALA J 143 21.57 -50.61 31.67
C ALA J 143 22.01 -50.17 33.06
N PHE J 144 23.31 -50.28 33.35
CA PHE J 144 23.82 -49.80 34.62
C PHE J 144 23.55 -48.30 34.75
N MET J 145 23.97 -47.52 33.77
CA MET J 145 23.83 -46.07 33.88
C MET J 145 22.36 -45.65 33.89
N GLY J 146 21.50 -46.36 33.14
CA GLY J 146 20.08 -46.07 33.17
C GLY J 146 19.47 -46.22 34.56
N TYR J 147 19.88 -47.28 35.27
CA TYR J 147 19.32 -47.57 36.58
C TYR J 147 19.72 -46.51 37.59
N VAL J 148 20.82 -45.80 37.31
CA VAL J 148 21.29 -44.73 38.18
C VAL J 148 20.46 -43.47 38.05
N LEU J 149 19.83 -43.24 36.89
CA LEU J 149 19.19 -41.96 36.64
C LEU J 149 18.07 -41.62 37.63
N PRO J 150 17.19 -42.54 38.04
CA PRO J 150 16.18 -42.16 39.06
C PRO J 150 16.76 -41.71 40.38
N TRP J 151 18.01 -42.07 40.70
CA TRP J 151 18.67 -41.63 41.93
C TRP J 151 17.96 -42.12 43.19
N GLY J 152 17.52 -43.37 43.18
CA GLY J 152 17.01 -44.03 44.36
C GLY J 152 18.16 -44.64 45.14
N GLN J 153 17.82 -45.44 46.15
CA GLN J 153 18.87 -46.04 46.96
C GLN J 153 19.68 -47.05 46.16
N MET J 154 19.02 -47.88 45.34
CA MET J 154 19.77 -48.82 44.51
C MET J 154 20.57 -48.07 43.46
N SER J 155 19.99 -47.00 42.92
CA SER J 155 20.71 -46.16 41.96
C SER J 155 22.01 -45.65 42.54
N PHE J 156 21.95 -45.02 43.72
CA PHE J 156 23.12 -44.37 44.30
C PHE J 156 24.20 -45.38 44.68
N TRP J 157 23.82 -46.48 45.35
CA TRP J 157 24.84 -47.38 45.87
C TRP J 157 25.34 -48.33 44.79
N GLY J 158 24.51 -48.64 43.79
CA GLY J 158 25.03 -49.37 42.65
C GLY J 158 26.09 -48.57 41.94
N ALA J 159 25.89 -47.26 41.82
CA ALA J 159 26.88 -46.39 41.19
C ALA J 159 28.14 -46.31 42.03
N THR J 160 28.00 -46.23 43.36
CA THR J 160 29.17 -46.25 44.25
C THR J 160 29.98 -47.52 44.06
N VAL J 161 29.31 -48.67 44.05
CA VAL J 161 29.99 -49.96 43.96
C VAL J 161 30.64 -50.14 42.60
N ILE J 162 29.90 -49.81 41.54
CA ILE J 162 30.33 -50.13 40.17
C ILE J 162 31.46 -49.20 39.73
N THR J 163 31.43 -47.94 40.16
CA THR J 163 32.60 -47.11 39.91
C THR J 163 33.77 -47.59 40.76
N GLY J 164 33.47 -48.22 41.91
CA GLY J 164 34.50 -48.76 42.76
C GLY J 164 35.27 -49.92 42.14
N LEU J 165 34.64 -50.65 41.21
CA LEU J 165 35.32 -51.74 40.51
C LEU J 165 36.63 -51.28 39.89
N PHE J 166 36.63 -50.07 39.33
CA PHE J 166 37.77 -49.54 38.60
C PHE J 166 38.86 -49.05 39.56
N GLY J 167 38.50 -48.74 40.80
CA GLY J 167 39.45 -48.40 41.84
C GLY J 167 40.32 -49.57 42.27
N ALA J 168 39.94 -50.79 41.91
CA ALA J 168 40.65 -52.00 42.29
C ALA J 168 41.87 -52.27 41.40
N ILE J 169 42.04 -51.51 40.32
CA ILE J 169 43.19 -51.71 39.45
C ILE J 169 44.46 -51.22 40.16
N PRO J 170 45.51 -52.03 40.31
CA PRO J 170 46.71 -51.57 41.01
C PRO J 170 47.30 -50.34 40.34
N GLY J 171 47.82 -49.44 41.17
CA GLY J 171 48.53 -48.27 40.69
C GLY J 171 47.62 -47.14 40.22
N ILE J 172 46.88 -47.39 39.15
CA ILE J 172 46.09 -46.35 38.47
C ILE J 172 44.61 -46.37 38.86
N GLY J 173 44.19 -47.30 39.71
CA GLY J 173 42.77 -47.48 39.98
C GLY J 173 42.09 -46.23 40.50
N HIS J 174 42.71 -45.55 41.48
CA HIS J 174 42.05 -44.39 42.08
C HIS J 174 41.90 -43.25 41.09
N SER J 175 42.86 -43.06 40.17
CA SER J 175 42.72 -41.99 39.18
C SER J 175 41.51 -42.24 38.28
N ILE J 176 41.37 -43.47 37.78
CA ILE J 176 40.23 -43.80 36.94
C ILE J 176 38.93 -43.57 37.69
N GLN J 177 38.89 -43.96 38.98
CA GLN J 177 37.68 -43.80 39.77
C GLN J 177 37.32 -42.33 39.96
N THR J 178 38.30 -41.50 40.32
CA THR J 178 38.04 -40.08 40.48
C THR J 178 37.57 -39.49 39.15
N TRP J 179 38.19 -39.92 38.05
CA TRP J 179 37.80 -39.45 36.73
C TRP J 179 36.36 -39.84 36.39
N LEU J 180 35.97 -41.08 36.71
CA LEU J 180 34.59 -41.49 36.48
C LEU J 180 33.62 -40.73 37.38
N LEU J 181 34.00 -40.46 38.62
CA LEU J 181 33.09 -39.84 39.58
C LEU J 181 33.00 -38.33 39.40
N GLY J 182 34.09 -37.69 38.98
CA GLY J 182 34.13 -36.26 38.90
C GLY J 182 34.27 -35.59 40.25
N GLY J 183 34.73 -36.34 41.25
CA GLY J 183 34.87 -35.81 42.59
C GLY J 183 35.21 -36.91 43.56
N PRO J 184 35.16 -36.63 44.87
CA PRO J 184 35.49 -37.66 45.85
C PRO J 184 34.41 -38.69 46.06
N ALA J 185 33.19 -38.47 45.58
CA ALA J 185 32.10 -39.38 45.86
C ALA J 185 31.06 -39.25 44.76
N VAL J 186 30.15 -40.23 44.71
CA VAL J 186 29.01 -40.13 43.84
C VAL J 186 28.19 -38.92 44.24
N ASP J 187 28.05 -37.97 43.32
CA ASP J 187 27.34 -36.72 43.55
C ASP J 187 26.74 -36.28 42.21
N ASN J 188 26.43 -34.99 42.08
CA ASN J 188 25.76 -34.50 40.89
C ASN J 188 26.59 -34.65 39.63
N ALA J 189 27.89 -34.33 39.70
CA ALA J 189 28.75 -34.50 38.53
C ALA J 189 28.66 -35.90 37.97
N THR J 190 28.50 -36.89 38.84
CA THR J 190 28.41 -38.28 38.39
C THR J 190 27.08 -38.53 37.69
N LEU J 191 25.98 -38.06 38.29
CA LEU J 191 24.67 -38.25 37.69
C LEU J 191 24.60 -37.57 36.31
N ASN J 192 25.17 -36.37 36.21
CA ASN J 192 25.08 -35.58 34.99
C ASN J 192 25.76 -36.27 33.82
N ARG J 193 26.92 -36.88 34.05
CA ARG J 193 27.65 -37.52 32.97
C ARG J 193 27.05 -38.86 32.61
N PHE J 194 26.48 -39.57 33.59
CA PHE J 194 25.79 -40.82 33.28
C PHE J 194 24.59 -40.58 32.39
N PHE J 195 23.94 -39.42 32.51
CA PHE J 195 22.80 -39.14 31.65
C PHE J 195 23.24 -39.01 30.20
N SER J 196 24.31 -38.27 29.94
CA SER J 196 24.79 -38.11 28.57
C SER J 196 25.19 -39.45 27.97
N LEU J 197 25.89 -40.27 28.75
CA LEU J 197 26.38 -41.54 28.24
C LEU J 197 25.27 -42.58 28.10
N HIS J 198 24.23 -42.51 28.94
CA HIS J 198 23.10 -43.43 28.79
C HIS J 198 22.38 -43.18 27.48
N TYR J 199 22.38 -41.94 27.01
CA TYR J 199 21.76 -41.56 25.76
C TYR J 199 22.60 -42.01 24.57
N LEU J 200 23.91 -41.81 24.68
CA LEU J 200 24.85 -42.09 23.61
C LEU J 200 24.93 -43.58 23.28
N LEU J 201 25.15 -44.42 24.28
CA LEU J 201 25.52 -45.81 24.02
C LEU J 201 24.49 -46.57 23.18
N PRO J 202 23.17 -46.42 23.38
CA PRO J 202 22.24 -47.11 22.48
C PRO J 202 22.46 -46.79 21.01
N PHE J 203 23.00 -45.62 20.68
CA PHE J 203 23.31 -45.34 19.28
C PHE J 203 24.56 -46.08 18.84
N VAL J 204 25.52 -46.27 19.75
CA VAL J 204 26.68 -47.09 19.42
C VAL J 204 26.26 -48.54 19.22
N ILE J 205 25.36 -49.02 20.08
CA ILE J 205 24.81 -50.37 19.94
C ILE J 205 24.12 -50.52 18.60
N ALA J 206 23.35 -49.52 18.18
CA ALA J 206 22.66 -49.62 16.90
C ALA J 206 23.68 -49.77 15.79
N ALA J 207 24.79 -49.04 15.88
CA ALA J 207 25.85 -49.17 14.90
C ALA J 207 26.48 -50.55 14.98
N LEU J 208 26.68 -51.06 16.20
CA LEU J 208 27.22 -52.40 16.33
C LEU J 208 26.27 -53.43 15.77
N VAL J 209 24.96 -53.25 15.99
CA VAL J 209 23.99 -54.20 15.44
C VAL J 209 24.06 -54.20 13.92
N ALA J 210 24.34 -53.05 13.30
CA ALA J 210 24.45 -53.02 11.84
C ALA J 210 25.60 -53.91 11.37
N ILE J 211 26.73 -53.87 12.07
CA ILE J 211 27.86 -54.72 11.73
C ILE J 211 27.54 -56.18 12.06
N HIS J 212 26.88 -56.41 13.18
CA HIS J 212 26.42 -57.74 13.56
C HIS J 212 25.62 -58.38 12.44
N ILE J 213 24.68 -57.62 11.87
CA ILE J 213 23.84 -58.14 10.80
C ILE J 213 24.65 -58.33 9.53
N TRP J 214 25.54 -57.39 9.25
CA TRP J 214 26.42 -57.52 8.10
C TRP J 214 27.30 -58.77 8.24
N ALA J 215 27.67 -59.11 9.47
CA ALA J 215 28.58 -60.22 9.69
C ALA J 215 27.92 -61.56 9.35
N PHE J 216 26.70 -61.81 9.85
CA PHE J 216 26.08 -63.11 9.58
C PHE J 216 25.37 -63.16 8.24
N HIS J 217 25.24 -62.02 7.56
CA HIS J 217 24.78 -62.05 6.18
C HIS J 217 25.91 -62.49 5.26
N SER J 218 27.16 -62.14 5.61
CA SER J 218 28.31 -62.54 4.83
C SER J 218 28.52 -64.04 4.85
N THR J 219 28.32 -64.68 6.00
CA THR J 219 28.52 -66.12 6.13
C THR J 219 27.27 -66.93 5.88
N GLY J 220 26.09 -66.35 6.09
CA GLY J 220 24.84 -67.06 6.08
C GLY J 220 24.49 -67.59 7.46
N ASN J 221 23.19 -67.63 7.74
CA ASN J 221 22.74 -68.07 9.05
C ASN J 221 23.10 -69.52 9.31
N ASN J 222 23.48 -69.80 10.56
CA ASN J 222 23.61 -71.16 11.03
C ASN J 222 22.22 -71.77 11.21
N ASN J 223 22.18 -73.08 11.29
CA ASN J 223 20.93 -73.82 11.52
C ASN J 223 21.18 -74.95 12.52
N PRO J 224 20.11 -75.56 13.07
CA PRO J 224 20.29 -76.57 14.12
C PRO J 224 21.21 -77.75 13.83
N THR J 225 21.43 -78.11 12.56
CA THR J 225 22.28 -79.25 12.24
C THR J 225 23.75 -78.87 12.13
N GLY J 226 24.05 -77.58 11.97
CA GLY J 226 25.40 -77.16 11.75
C GLY J 226 25.92 -77.48 10.37
N VAL J 227 25.08 -78.02 9.48
CA VAL J 227 25.48 -78.34 8.11
C VAL J 227 25.14 -77.13 7.25
N GLU J 228 26.13 -76.61 6.53
CA GLU J 228 25.93 -75.37 5.78
C GLU J 228 25.11 -75.59 4.51
N VAL J 229 24.48 -74.49 4.09
CA VAL J 229 23.70 -74.48 2.87
C VAL J 229 24.61 -74.77 1.67
N ARG J 230 24.11 -75.61 0.77
CA ARG J 230 24.84 -75.91 -0.47
C ARG J 230 24.88 -74.69 -1.37
N ARG J 231 26.08 -74.36 -1.87
CA ARG J 231 26.31 -73.15 -2.66
C ARG J 231 26.79 -73.44 -4.09
N THR J 232 26.87 -74.71 -4.49
CA THR J 232 27.36 -75.06 -5.82
C THR J 232 26.43 -74.64 -6.94
N SER J 233 25.15 -74.43 -6.66
CA SER J 233 24.21 -73.97 -7.66
C SER J 233 22.98 -73.41 -6.95
N LYS J 234 22.24 -72.56 -7.66
CA LYS J 234 21.04 -71.97 -7.09
C LYS J 234 19.98 -73.04 -6.81
N ALA J 235 19.96 -74.10 -7.63
CA ALA J 235 19.00 -75.19 -7.48
C ALA J 235 19.08 -75.82 -6.10
N GLU J 236 20.29 -76.21 -5.68
CA GLU J 236 20.50 -76.92 -4.43
C GLU J 236 20.62 -76.01 -3.23
N ALA J 237 20.84 -74.71 -3.44
CA ALA J 237 20.75 -73.78 -2.33
C ALA J 237 19.31 -73.67 -1.89
N GLN J 238 18.40 -73.80 -2.85
CA GLN J 238 16.96 -73.71 -2.60
C GLN J 238 16.42 -74.96 -1.93
N LYS J 239 17.09 -76.10 -2.12
CA LYS J 239 16.62 -77.28 -1.40
C LYS J 239 16.96 -77.19 0.09
N ASP J 240 17.96 -76.39 0.46
CA ASP J 240 18.37 -76.13 1.84
C ASP J 240 17.73 -74.89 2.45
N THR J 241 17.12 -74.03 1.64
CA THR J 241 16.74 -72.69 2.09
C THR J 241 15.34 -72.33 1.61
N VAL J 242 14.82 -71.27 2.21
CA VAL J 242 13.68 -70.53 1.66
C VAL J 242 14.06 -69.06 1.76
N PRO J 243 13.51 -68.18 0.93
CA PRO J 243 13.87 -66.77 1.05
C PRO J 243 13.39 -66.24 2.39
N PHE J 244 14.21 -65.36 2.98
CA PHE J 244 13.89 -64.79 4.29
C PHE J 244 12.49 -64.21 4.30
N TRP J 245 12.19 -63.34 3.32
CA TRP J 245 10.83 -62.88 3.06
C TRP J 245 10.16 -63.80 2.04
N PRO J 246 8.91 -64.24 2.26
CA PRO J 246 7.99 -64.03 3.40
C PRO J 246 8.13 -65.02 4.55
N TYR J 247 8.76 -66.16 4.26
CA TYR J 247 8.71 -67.34 5.13
C TYR J 247 9.13 -67.05 6.58
N PHE J 248 10.24 -66.32 6.78
CA PHE J 248 10.73 -66.05 8.14
C PHE J 248 10.33 -64.68 8.69
N ILE J 249 9.93 -63.75 7.82
CA ILE J 249 9.33 -62.51 8.31
C ILE J 249 8.07 -62.81 9.10
N ILE J 250 7.17 -63.59 8.52
CA ILE J 250 5.91 -63.88 9.17
C ILE J 250 6.17 -64.67 10.45
N LYS J 251 7.13 -65.59 10.40
CA LYS J 251 7.46 -66.35 11.60
C LYS J 251 8.00 -65.43 12.67
N ASP J 252 8.76 -64.40 12.28
CA ASP J 252 9.28 -63.46 13.28
C ASP J 252 8.17 -62.58 13.85
N VAL J 253 7.33 -62.03 12.97
CA VAL J 253 6.23 -61.19 13.45
C VAL J 253 5.29 -61.99 14.34
N PHE J 254 5.03 -63.25 13.99
CA PHE J 254 4.19 -64.09 14.85
C PHE J 254 4.84 -64.29 16.22
N ALA J 255 6.10 -64.73 16.22
CA ALA J 255 6.80 -64.95 17.48
C ALA J 255 6.88 -63.68 18.30
N LEU J 256 7.12 -62.55 17.63
CA LEU J 256 7.19 -61.28 18.32
C LEU J 256 5.86 -60.94 19.00
N ALA J 257 4.75 -61.19 18.30
CA ALA J 257 3.43 -60.92 18.88
C ALA J 257 3.19 -61.75 20.14
N VAL J 258 3.73 -62.97 20.18
CA VAL J 258 3.54 -63.84 21.35
C VAL J 258 4.40 -63.34 22.50
N VAL J 259 5.64 -62.92 22.19
CA VAL J 259 6.51 -62.37 23.22
C VAL J 259 5.88 -61.12 23.82
N LEU J 260 5.31 -60.25 22.98
CA LEU J 260 4.73 -59.03 23.52
C LEU J 260 3.47 -59.31 24.30
N LEU J 261 2.74 -60.36 23.95
CA LEU J 261 1.59 -60.73 24.76
C LEU J 261 2.02 -60.95 26.20
N VAL J 262 3.06 -61.76 26.42
CA VAL J 262 3.56 -61.97 27.77
C VAL J 262 4.13 -60.66 28.34
N PHE J 263 4.98 -59.99 27.56
CA PHE J 263 5.64 -58.76 28.02
C PHE J 263 4.65 -57.70 28.43
N PHE J 264 3.59 -57.49 27.64
CA PHE J 264 2.63 -56.46 28.01
C PHE J 264 1.78 -56.91 29.19
N ALA J 265 1.65 -58.21 29.40
CA ALA J 265 0.97 -58.69 30.61
C ALA J 265 1.80 -58.37 31.85
N ILE J 266 3.13 -58.54 31.77
CA ILE J 266 4.00 -58.17 32.88
C ILE J 266 3.84 -56.68 33.18
N VAL J 267 3.99 -55.84 32.15
CA VAL J 267 3.95 -54.40 32.36
C VAL J 267 2.58 -53.99 32.88
N GLY J 268 1.53 -54.66 32.41
CA GLY J 268 0.18 -54.26 32.80
C GLY J 268 -0.24 -54.72 34.18
N PHE J 269 0.26 -55.87 34.64
CA PHE J 269 -0.27 -56.53 35.82
C PHE J 269 0.74 -56.83 36.91
N MET J 270 2.04 -56.82 36.63
CA MET J 270 3.05 -56.98 37.67
C MET J 270 4.31 -56.25 37.24
N PRO J 271 4.23 -54.93 37.05
CA PRO J 271 5.35 -54.17 36.50
C PRO J 271 6.54 -54.05 37.45
N ASN J 272 6.36 -54.30 38.74
CA ASN J 272 7.43 -54.14 39.72
C ASN J 272 8.04 -55.45 40.19
N TYR J 273 7.56 -56.59 39.68
CA TYR J 273 8.06 -57.90 40.12
C TYR J 273 9.56 -58.02 39.92
N LEU J 274 10.06 -57.56 38.79
CA LEU J 274 11.47 -57.70 38.45
C LEU J 274 12.32 -56.55 39.00
N GLY J 275 11.74 -55.72 39.86
CA GLY J 275 12.42 -54.58 40.43
C GLY J 275 12.77 -54.79 41.90
N HIS J 276 13.48 -53.80 42.43
CA HIS J 276 13.89 -53.74 43.82
C HIS J 276 13.08 -52.67 44.54
N PRO J 277 12.27 -52.99 45.58
CA PRO J 277 11.48 -51.92 46.22
C PRO J 277 12.30 -50.76 46.73
N ASP J 278 13.59 -50.98 47.04
CA ASP J 278 14.41 -49.93 47.62
C ASP J 278 14.73 -48.80 46.65
N ASN J 279 14.48 -48.95 45.35
CA ASN J 279 14.73 -47.84 44.44
C ASN J 279 13.56 -46.86 44.40
N TYR J 280 12.48 -47.14 45.13
CA TYR J 280 11.42 -46.17 45.40
C TYR J 280 11.73 -45.36 46.67
N ILE J 281 12.95 -45.47 47.19
CA ILE J 281 13.45 -44.65 48.29
C ILE J 281 14.53 -43.73 47.75
N GLU J 282 14.45 -42.45 48.10
CA GLU J 282 15.43 -41.48 47.64
C GLU J 282 16.83 -41.86 48.10
N ALA J 283 17.81 -41.59 47.24
CA ALA J 283 19.22 -41.81 47.52
C ALA J 283 19.60 -41.21 48.86
N ASN J 284 20.27 -42.01 49.67
CA ASN J 284 20.77 -41.60 50.98
C ASN J 284 22.27 -41.85 51.02
N PRO J 285 23.13 -40.83 50.86
CA PRO J 285 24.57 -41.09 50.81
C PRO J 285 25.15 -41.54 52.14
N LEU J 286 24.34 -41.60 53.21
CA LEU J 286 24.82 -41.99 54.53
C LEU J 286 24.37 -43.38 54.97
N SER J 287 23.57 -44.08 54.17
CA SER J 287 23.01 -45.37 54.59
C SER J 287 22.80 -46.27 53.38
N THR J 288 23.45 -47.44 53.39
CA THR J 288 23.17 -48.48 52.40
C THR J 288 22.12 -49.45 52.93
N PRO J 289 21.03 -49.71 52.20
CA PRO J 289 20.03 -50.69 52.67
C PRO J 289 20.64 -52.06 52.95
N ALA J 290 20.07 -52.74 53.94
CA ALA J 290 20.57 -54.05 54.33
C ALA J 290 20.33 -55.08 53.24
N HIS J 291 19.22 -54.98 52.52
CA HIS J 291 18.85 -55.98 51.51
C HIS J 291 19.12 -55.45 50.11
N ILE J 292 20.22 -54.70 49.98
CA ILE J 292 20.69 -54.24 48.67
C ILE J 292 21.04 -55.45 47.82
N VAL J 293 20.49 -55.48 46.60
CA VAL J 293 20.75 -56.57 45.66
C VAL J 293 20.79 -56.02 44.24
N PRO J 294 21.69 -56.48 43.38
CA PRO J 294 21.71 -55.98 42.00
C PRO J 294 20.47 -56.39 41.22
N GLU J 295 20.31 -55.72 40.09
CA GLU J 295 19.31 -56.07 39.09
C GLU J 295 19.51 -57.53 38.68
N TRP J 296 18.41 -58.25 38.47
CA TRP J 296 18.50 -59.70 38.31
C TRP J 296 19.44 -60.08 37.17
N TYR J 297 19.48 -59.27 36.12
CA TYR J 297 20.31 -59.62 34.97
C TYR J 297 21.79 -59.40 35.25
N PHE J 298 22.13 -58.79 36.39
CA PHE J 298 23.50 -58.67 36.85
C PHE J 298 23.89 -59.72 37.88
N LEU J 299 22.93 -60.46 38.42
CA LEU J 299 23.23 -61.33 39.56
C LEU J 299 24.31 -62.38 39.31
N PRO J 300 24.36 -63.07 38.16
CA PRO J 300 25.41 -64.10 38.01
C PRO J 300 26.81 -63.58 38.14
N PHE J 301 27.09 -62.41 37.58
CA PHE J 301 28.44 -61.84 37.63
C PHE J 301 28.72 -61.26 39.00
N TYR J 302 27.68 -60.74 39.65
CA TYR J 302 27.79 -60.31 41.04
C TYR J 302 28.12 -61.47 41.97
N ALA J 303 27.46 -62.62 41.76
CA ALA J 303 27.70 -63.80 42.60
C ALA J 303 29.15 -64.27 42.49
N ILE J 304 29.71 -64.21 41.28
CA ILE J 304 31.10 -64.63 41.07
C ILE J 304 32.04 -63.71 41.83
N LEU J 305 31.82 -62.40 41.72
CA LEU J 305 32.72 -61.44 42.36
C LEU J 305 32.73 -61.64 43.87
N ARG J 306 31.55 -61.70 44.49
CA ARG J 306 31.56 -61.71 45.95
C ARG J 306 31.87 -63.10 46.50
N ALA J 307 31.91 -64.12 45.64
CA ALA J 307 32.31 -65.46 46.10
C ALA J 307 33.77 -65.50 46.51
N PHE J 308 34.59 -64.56 46.01
CA PHE J 308 36.04 -64.61 46.20
C PHE J 308 36.45 -63.66 47.34
N THR J 309 36.36 -64.19 48.55
CA THR J 309 36.74 -63.52 49.78
C THR J 309 38.21 -63.83 50.13
N ALA J 310 38.68 -63.22 51.22
CA ALA J 310 40.05 -63.43 51.67
C ALA J 310 40.33 -64.87 52.08
N ASP J 311 39.31 -65.58 52.56
CA ASP J 311 39.47 -66.95 53.04
C ASP J 311 39.59 -67.98 51.92
N VAL J 312 39.26 -67.61 50.68
CA VAL J 312 39.19 -68.57 49.59
C VAL J 312 40.58 -69.06 49.24
N TRP J 313 40.72 -70.38 49.10
CA TRP J 313 42.04 -71.00 48.96
C TRP J 313 42.79 -70.45 47.74
N VAL J 314 42.10 -70.35 46.60
CA VAL J 314 42.77 -69.91 45.37
C VAL J 314 43.16 -68.44 45.47
N VAL J 315 42.42 -67.65 46.26
CA VAL J 315 42.75 -66.24 46.48
C VAL J 315 44.01 -66.09 47.31
N GLN J 316 44.17 -66.92 48.35
CA GLN J 316 45.34 -66.79 49.19
C GLN J 316 46.62 -67.12 48.42
N ILE J 317 46.53 -68.05 47.46
CA ILE J 317 47.68 -68.34 46.60
C ILE J 317 47.98 -67.14 45.70
N ALA J 318 46.94 -66.58 45.08
CA ALA J 318 47.13 -65.39 44.24
C ALA J 318 47.81 -64.26 45.00
N ASN J 319 47.37 -64.02 46.24
CA ASN J 319 47.95 -62.92 47.03
C ASN J 319 49.41 -63.18 47.32
N PHE J 320 49.76 -64.44 47.62
CA PHE J 320 51.13 -64.78 47.96
C PHE J 320 52.03 -64.67 46.74
N ILE J 321 51.64 -65.33 45.65
CA ILE J 321 52.43 -65.33 44.42
C ILE J 321 52.57 -63.93 43.83
N SER J 322 51.52 -63.11 43.90
CA SER J 322 51.56 -61.78 43.33
C SER J 322 52.13 -60.73 44.28
N PHE J 323 52.77 -61.15 45.37
CA PHE J 323 53.38 -60.22 46.34
C PHE J 323 52.38 -59.21 46.88
N GLY J 324 51.11 -59.59 46.97
CA GLY J 324 50.09 -58.76 47.59
C GLY J 324 49.27 -57.92 46.64
N ILE J 325 49.67 -57.84 45.36
CA ILE J 325 48.95 -57.05 44.37
C ILE J 325 47.52 -57.55 44.20
N ILE J 326 47.35 -58.86 44.07
CA ILE J 326 46.02 -59.46 43.86
C ILE J 326 45.47 -59.91 45.21
N ASP J 327 44.68 -59.05 45.81
CA ASP J 327 43.95 -59.43 47.00
C ASP J 327 42.56 -59.91 46.58
N ALA J 328 41.73 -60.26 47.56
CA ALA J 328 40.39 -60.78 47.25
C ALA J 328 39.59 -59.76 46.46
N LYS J 329 39.78 -58.47 46.78
CA LYS J 329 39.03 -57.41 46.11
C LYS J 329 39.30 -57.41 44.61
N PHE J 330 40.57 -57.34 44.21
CA PHE J 330 40.93 -57.28 42.81
C PHE J 330 40.71 -58.61 42.13
N PHE J 331 40.89 -59.70 42.88
CA PHE J 331 40.67 -61.04 42.35
C PHE J 331 39.22 -61.18 41.91
N GLY J 332 38.29 -60.71 42.74
CA GLY J 332 36.89 -60.83 42.41
C GLY J 332 36.54 -60.04 41.17
N VAL J 333 37.20 -58.89 40.98
CA VAL J 333 36.96 -58.07 39.80
C VAL J 333 37.53 -58.78 38.57
N LEU J 334 38.72 -59.36 38.70
CA LEU J 334 39.29 -60.12 37.60
C LEU J 334 38.41 -61.32 37.26
N ALA J 335 37.91 -62.01 38.29
CA ALA J 335 37.04 -63.16 38.05
C ALA J 335 35.77 -62.76 37.33
N MET J 336 35.21 -61.61 37.68
CA MET J 336 33.93 -61.20 37.09
C MET J 336 34.10 -60.82 35.62
N PHE J 337 35.05 -59.94 35.30
CA PHE J 337 35.31 -59.62 33.89
C PHE J 337 35.94 -60.81 33.17
N GLY J 338 36.65 -61.67 33.89
CA GLY J 338 37.22 -62.84 33.28
C GLY J 338 36.16 -63.84 32.83
N ALA J 339 35.05 -63.91 33.55
CA ALA J 339 33.97 -64.83 33.18
C ALA J 339 33.37 -64.46 31.83
N ILE J 340 33.26 -63.17 31.54
CA ILE J 340 32.74 -62.73 30.26
C ILE J 340 33.78 -62.94 29.16
N LEU J 341 35.06 -62.69 29.49
CA LEU J 341 36.12 -62.78 28.49
C LEU J 341 36.29 -64.21 28.00
N VAL J 342 36.27 -65.20 28.90
CA VAL J 342 36.47 -66.57 28.43
C VAL J 342 35.33 -66.96 27.51
N MET J 343 34.15 -66.37 27.74
CA MET J 343 33.01 -66.60 26.86
C MET J 343 33.22 -65.89 25.53
N ALA J 344 33.93 -64.76 25.53
CA ALA J 344 34.27 -64.10 24.28
C ALA J 344 35.26 -64.93 23.49
N LEU J 345 36.07 -65.71 24.19
CA LEU J 345 37.14 -66.51 23.62
C LEU J 345 36.67 -67.92 23.24
N VAL J 346 35.39 -68.23 23.40
CA VAL J 346 34.91 -69.58 23.18
C VAL J 346 35.15 -70.08 21.75
N PRO J 347 35.27 -69.25 20.70
CA PRO J 347 35.63 -69.84 19.41
C PRO J 347 37.01 -70.46 19.41
N TRP J 348 37.91 -69.99 20.26
CA TRP J 348 39.29 -70.47 20.31
C TRP J 348 39.54 -71.46 21.44
N LEU J 349 38.55 -71.69 22.30
CA LEU J 349 38.67 -72.67 23.37
C LEU J 349 38.00 -73.98 23.00
N ASP J 350 36.94 -73.92 22.19
CA ASP J 350 36.26 -75.10 21.68
C ASP J 350 37.07 -75.68 20.53
N THR J 351 37.77 -76.77 20.79
CA THR J 351 38.68 -77.35 19.82
C THR J 351 38.00 -78.41 18.96
N SER J 352 36.69 -78.66 19.16
CA SER J 352 35.96 -79.66 18.38
C SER J 352 35.65 -79.12 16.97
N PRO J 353 35.80 -79.94 15.92
CA PRO J 353 35.43 -79.47 14.58
C PRO J 353 33.95 -79.63 14.27
N VAL J 354 33.20 -80.32 15.12
CA VAL J 354 31.76 -80.48 14.91
C VAL J 354 31.08 -79.21 15.39
N ARG J 355 30.33 -78.58 14.49
CA ARG J 355 29.73 -77.30 14.83
C ARG J 355 28.57 -77.47 15.82
N SER J 356 27.52 -78.19 15.43
CA SER J 356 26.33 -78.26 16.28
C SER J 356 26.52 -79.23 17.43
N GLY J 357 26.17 -78.77 18.64
CA GLY J 357 26.21 -79.61 19.82
C GLY J 357 25.19 -80.71 19.83
N ARG J 358 24.25 -80.69 18.88
CA ARG J 358 23.24 -81.73 18.76
C ARG J 358 23.87 -83.10 18.50
N TYR J 359 25.05 -83.15 17.88
CA TYR J 359 25.72 -84.39 17.51
C TYR J 359 26.98 -84.63 18.33
N ARG J 360 27.02 -84.07 19.53
CA ARG J 360 28.14 -84.20 20.45
C ARG J 360 27.61 -84.75 21.78
N PRO J 361 27.60 -86.08 21.96
CA PRO J 361 26.97 -86.66 23.17
C PRO J 361 27.53 -86.16 24.50
N MET J 362 28.86 -86.10 24.65
CA MET J 362 29.42 -85.62 25.91
C MET J 362 29.21 -84.12 26.08
N PHE J 363 29.34 -83.35 24.99
CA PHE J 363 29.17 -81.89 25.06
C PHE J 363 27.82 -81.50 25.62
N LYS J 364 26.73 -82.16 25.20
CA LYS J 364 25.40 -81.81 25.69
C LYS J 364 25.34 -81.80 27.21
N ILE J 365 25.95 -82.79 27.86
CA ILE J 365 25.93 -82.87 29.33
C ILE J 365 26.56 -81.63 29.95
N TYR J 366 27.78 -81.30 29.54
CA TYR J 366 28.47 -80.20 30.18
C TYR J 366 27.82 -78.87 29.83
N PHE J 367 27.18 -78.79 28.67
CA PHE J 367 26.47 -77.58 28.29
C PHE J 367 25.27 -77.33 29.19
N TRP J 368 24.44 -78.37 29.40
CA TRP J 368 23.24 -78.19 30.21
C TRP J 368 23.60 -77.93 31.66
N LEU J 369 24.77 -78.39 32.10
CA LEU J 369 25.26 -78.00 33.40
C LEU J 369 25.58 -76.51 33.42
N LEU J 370 26.11 -75.99 32.31
CA LEU J 370 26.42 -74.57 32.24
C LEU J 370 25.13 -73.75 32.30
N ALA J 371 24.10 -74.19 31.61
CA ALA J 371 22.81 -73.48 31.69
C ALA J 371 22.30 -73.54 33.13
N ALA J 372 22.36 -74.72 33.76
CA ALA J 372 21.97 -74.86 35.15
C ALA J 372 22.86 -74.01 36.04
N ASP J 373 24.17 -73.98 35.74
CA ASP J 373 25.10 -73.17 36.52
C ASP J 373 24.72 -71.70 36.44
N PHE J 374 24.31 -71.26 35.25
CA PHE J 374 23.95 -69.85 35.07
C PHE J 374 22.72 -69.51 35.89
N VAL J 375 21.74 -70.42 35.93
CA VAL J 375 20.56 -70.22 36.76
C VAL J 375 20.95 -70.24 38.24
N ILE J 376 21.84 -71.17 38.63
CA ILE J 376 22.27 -71.21 40.03
C ILE J 376 22.94 -69.91 40.42
N LEU J 377 23.88 -69.44 39.60
CA LEU J 377 24.55 -68.18 39.86
C LEU J 377 23.56 -67.02 40.00
N THR J 378 22.53 -66.97 39.16
CA THR J 378 21.52 -65.93 39.29
C THR J 378 20.83 -66.03 40.64
N TRP J 379 20.48 -67.26 41.04
CA TRP J 379 19.77 -67.48 42.27
C TRP J 379 20.62 -67.17 43.50
N VAL J 380 21.88 -67.61 43.52
CA VAL J 380 22.72 -67.37 44.68
C VAL J 380 23.04 -65.89 44.81
N GLY J 381 23.02 -65.16 43.70
CA GLY J 381 23.24 -63.71 43.79
C GLY J 381 22.28 -63.01 44.73
N ALA J 382 21.06 -63.54 44.86
CA ALA J 382 20.06 -62.94 45.73
C ALA J 382 20.07 -63.46 47.15
N GLN J 383 20.93 -64.44 47.48
CA GLN J 383 20.99 -64.99 48.82
C GLN J 383 22.07 -64.31 49.66
N GLN J 384 22.08 -64.66 50.95
CA GLN J 384 23.10 -64.16 51.86
C GLN J 384 24.44 -64.84 51.56
N THR J 385 25.49 -64.29 52.15
CA THR J 385 26.84 -64.81 51.95
C THR J 385 27.24 -65.82 53.01
N THR J 386 26.28 -66.26 53.83
CA THR J 386 26.52 -67.26 54.86
C THR J 386 26.51 -68.66 54.24
N PHE J 387 26.93 -69.63 55.03
CA PHE J 387 26.86 -71.01 54.61
C PHE J 387 25.40 -71.39 54.36
N PRO J 388 25.09 -72.17 53.31
CA PRO J 388 25.95 -72.81 52.30
C PRO J 388 26.15 -72.00 51.01
N TYR J 389 25.46 -70.86 50.91
CA TYR J 389 25.49 -70.08 49.66
C TYR J 389 26.90 -69.67 49.30
N ASP J 390 27.76 -69.47 50.30
CA ASP J 390 29.16 -69.13 50.03
C ASP J 390 29.85 -70.25 49.27
N TRP J 391 29.54 -71.51 49.60
CA TRP J 391 30.11 -72.63 48.86
C TRP J 391 29.44 -72.81 47.51
N ILE J 392 28.10 -72.70 47.48
CA ILE J 392 27.36 -72.83 46.22
C ILE J 392 27.89 -71.84 45.19
N SER J 393 28.25 -70.63 45.62
CA SER J 393 28.75 -69.64 44.68
C SER J 393 30.17 -69.96 44.26
N LEU J 394 30.93 -70.61 45.14
CA LEU J 394 32.28 -71.05 44.79
C LEU J 394 32.24 -72.20 43.80
N ILE J 395 31.35 -73.18 44.03
CA ILE J 395 31.25 -74.32 43.12
C ILE J 395 30.77 -73.85 41.76
N ALA J 396 29.79 -72.95 41.75
CA ALA J 396 29.25 -72.45 40.50
C ALA J 396 30.28 -71.64 39.74
N SER J 397 30.99 -70.75 40.44
CA SER J 397 32.03 -69.97 39.78
C SER J 397 33.12 -70.88 39.23
N ALA J 398 33.50 -71.90 40.01
CA ALA J 398 34.57 -72.81 39.57
C ALA J 398 34.18 -73.51 38.29
N TYR J 399 32.92 -73.96 38.19
CA TYR J 399 32.48 -74.69 37.01
C TYR J 399 32.44 -73.80 35.78
N TRP J 400 32.06 -72.54 35.95
CA TRP J 400 31.99 -71.62 34.82
C TRP J 400 33.32 -71.53 34.09
N PHE J 401 34.41 -71.34 34.82
CA PHE J 401 35.70 -71.23 34.16
C PHE J 401 36.19 -72.57 33.64
N ALA J 402 35.83 -73.65 34.32
CA ALA J 402 36.27 -74.97 33.87
C ALA J 402 35.65 -75.31 32.52
N TYR J 403 34.38 -74.93 32.32
CA TYR J 403 33.71 -75.24 31.06
C TYR J 403 34.48 -74.65 29.88
N PHE J 404 34.82 -73.37 29.96
CA PHE J 404 35.47 -72.72 28.83
C PHE J 404 36.95 -73.05 28.77
N LEU J 405 37.61 -73.15 29.92
CA LEU J 405 39.06 -73.26 29.95
C LEU J 405 39.57 -74.70 30.01
N VAL J 406 38.73 -75.65 30.43
CA VAL J 406 39.17 -77.03 30.61
C VAL J 406 38.34 -78.01 29.80
N ILE J 407 37.02 -78.04 30.01
CA ILE J 407 36.18 -79.04 29.36
C ILE J 407 36.24 -78.87 27.85
N LEU J 408 35.97 -77.65 27.36
CA LEU J 408 35.86 -77.45 25.91
C LEU J 408 37.16 -77.77 25.18
N PRO J 409 38.34 -77.33 25.64
CA PRO J 409 39.57 -77.78 24.96
C PRO J 409 39.75 -79.29 24.98
N ILE J 410 39.46 -79.90 26.13
CA ILE J 410 39.64 -81.34 26.29
C ILE J 410 38.61 -82.12 25.48
N LEU J 411 37.36 -81.67 25.46
CA LEU J 411 36.31 -82.40 24.76
C LEU J 411 36.60 -82.56 23.27
N GLY J 412 37.18 -81.53 22.65
CA GLY J 412 37.41 -81.57 21.22
C GLY J 412 38.48 -82.55 20.78
N ALA J 413 39.17 -83.17 21.74
CA ALA J 413 40.23 -84.13 21.49
C ALA J 413 39.93 -85.48 22.12
N ILE J 414 38.65 -85.75 22.47
CA ILE J 414 38.30 -86.97 23.18
C ILE J 414 36.97 -87.53 22.67
N GLU J 415 36.02 -86.62 22.46
CA GLU J 415 34.64 -86.98 22.12
C GLU J 415 34.54 -87.77 20.82
N LYS J 416 33.57 -88.67 20.77
CA LYS J 416 33.22 -89.39 19.55
C LYS J 416 31.86 -88.88 19.07
N PRO J 417 31.84 -87.88 18.18
CA PRO J 417 30.57 -87.28 17.77
C PRO J 417 29.78 -88.16 16.84
N VAL J 418 28.48 -87.90 16.80
CA VAL J 418 27.58 -88.60 15.88
C VAL J 418 27.68 -87.90 14.51
N ALA J 419 27.42 -88.68 13.46
CA ALA J 419 27.44 -88.14 12.11
C ALA J 419 26.27 -87.19 11.91
N PRO J 420 26.48 -85.95 11.42
CA PRO J 420 25.34 -85.09 11.12
C PRO J 420 24.67 -85.51 9.82
N PRO J 421 23.51 -84.93 9.50
CA PRO J 421 22.88 -85.22 8.21
C PRO J 421 23.77 -84.79 7.05
N ALA J 422 23.50 -85.37 5.89
CA ALA J 422 24.25 -84.97 4.71
C ALA J 422 23.93 -83.54 4.31
N THR J 423 22.65 -83.15 4.42
CA THR J 423 22.19 -81.83 4.01
C THR J 423 21.08 -81.33 4.93
N ILE J 424 20.76 -80.04 4.79
CA ILE J 424 19.63 -79.42 5.50
C ILE J 424 18.31 -80.03 5.03
N GLU J 425 18.21 -80.32 3.73
CA GLU J 425 16.99 -80.89 3.16
C GLU J 425 16.59 -82.19 3.85
N GLU J 426 17.56 -83.06 4.11
CA GLU J 426 17.28 -84.33 4.78
C GLU J 426 16.61 -84.10 6.13
N ASP J 427 17.16 -83.19 6.92
CA ASP J 427 16.63 -82.92 8.27
C ASP J 427 15.23 -82.32 8.22
N PHE J 428 14.97 -81.43 7.27
CA PHE J 428 13.66 -80.78 7.22
C PHE J 428 12.55 -81.78 6.91
N ASN J 429 12.74 -82.60 5.87
CA ASN J 429 11.73 -83.60 5.51
C ASN J 429 11.51 -84.63 6.62
N ALA J 430 12.54 -84.96 7.38
CA ALA J 430 12.39 -85.89 8.50
C ALA J 430 11.60 -85.26 9.65
N ALA K 1 19.24 -57.65 59.33
CA ALA K 1 17.77 -57.73 59.12
C ALA K 1 17.43 -58.91 58.20
N GLY K 2 16.16 -59.01 57.82
CA GLY K 2 15.70 -60.10 56.98
C GLY K 2 14.26 -59.87 56.59
N GLY K 3 13.67 -60.90 55.99
CA GLY K 3 12.26 -60.90 55.69
C GLY K 3 11.46 -61.63 56.75
N GLY K 4 10.14 -61.47 56.67
CA GLY K 4 9.25 -62.04 57.68
C GLY K 4 7.86 -62.34 57.16
N HIS K 5 6.97 -62.72 58.07
CA HIS K 5 5.61 -63.11 57.72
C HIS K 5 4.70 -61.88 57.74
N VAL K 6 3.86 -61.76 56.71
CA VAL K 6 2.85 -60.72 56.61
C VAL K 6 1.47 -61.34 56.51
N GLU K 7 0.47 -60.63 57.06
CA GLU K 7 -0.92 -61.04 56.97
C GLU K 7 -1.49 -60.77 55.58
N ASP K 8 -1.99 -61.82 54.92
CA ASP K 8 -2.49 -61.75 53.55
C ASP K 8 -3.87 -61.09 53.55
N VAL K 9 -3.91 -59.78 53.35
CA VAL K 9 -5.16 -59.02 53.32
C VAL K 9 -5.81 -59.15 51.95
N PRO K 10 -7.16 -59.27 51.85
CA PRO K 10 -7.80 -59.25 50.53
C PRO K 10 -8.19 -57.84 50.12
N PHE K 11 -7.25 -57.12 49.52
CA PHE K 11 -7.52 -55.77 49.07
C PHE K 11 -8.31 -55.79 47.77
N SER K 12 -9.19 -54.79 47.63
CA SER K 12 -10.04 -54.73 46.45
C SER K 12 -9.21 -54.57 45.18
N PHE K 13 -8.07 -53.90 45.28
CA PHE K 13 -7.24 -53.57 44.12
C PHE K 13 -6.40 -54.74 43.62
N GLU K 14 -6.43 -55.89 44.25
CA GLU K 14 -5.61 -57.02 43.83
C GLU K 14 -6.33 -57.85 42.76
N GLY K 15 -5.55 -58.54 41.96
CA GLY K 15 -6.06 -59.29 40.84
C GLY K 15 -6.09 -58.46 39.56
N PRO K 16 -6.09 -59.12 38.40
CA PRO K 16 -6.06 -58.35 37.14
C PRO K 16 -7.27 -57.46 36.96
N PHE K 17 -8.42 -57.86 37.50
CA PHE K 17 -9.64 -57.08 37.44
C PHE K 17 -9.87 -56.29 38.73
N GLY K 18 -8.86 -56.23 39.59
CA GLY K 18 -8.99 -55.52 40.85
C GLY K 18 -9.05 -54.01 40.63
N THR K 19 -9.86 -53.35 41.46
CA THR K 19 -10.01 -51.91 41.40
C THR K 19 -10.12 -51.34 42.80
N PHE K 20 -9.77 -50.07 42.93
CA PHE K 20 -9.89 -49.37 44.21
C PHE K 20 -11.35 -49.24 44.60
N ASP K 21 -11.60 -49.36 45.90
CA ASP K 21 -12.91 -49.03 46.46
C ASP K 21 -12.88 -47.55 46.83
N GLN K 22 -13.70 -46.75 46.13
CA GLN K 22 -13.65 -45.31 46.25
C GLN K 22 -13.89 -44.86 47.70
N HIS K 23 -14.88 -45.45 48.36
CA HIS K 23 -15.19 -45.05 49.74
C HIS K 23 -14.05 -45.42 50.70
N GLN K 24 -13.40 -46.57 50.48
CA GLN K 24 -12.28 -46.98 51.33
C GLN K 24 -11.11 -46.00 51.24
N LEU K 25 -10.78 -45.54 50.04
CA LEU K 25 -9.66 -44.61 49.90
C LEU K 25 -9.93 -43.31 50.63
N GLN K 26 -11.19 -42.87 50.66
CA GLN K 26 -11.54 -41.64 51.37
C GLN K 26 -11.40 -41.84 52.88
N ARG K 27 -11.82 -42.99 53.38
CA ARG K 27 -11.63 -43.28 54.80
C ARG K 27 -10.15 -43.31 55.14
N GLY K 28 -9.33 -43.90 54.27
CA GLY K 28 -7.90 -43.92 54.50
C GLY K 28 -7.31 -42.54 54.49
N LEU K 29 -7.84 -41.65 53.63
CA LEU K 29 -7.38 -40.27 53.60
C LEU K 29 -7.69 -39.58 54.91
N GLN K 30 -8.85 -39.87 55.49
CA GLN K 30 -9.21 -39.27 56.77
C GLN K 30 -8.23 -39.73 57.84
N VAL K 31 -7.88 -41.01 57.83
CA VAL K 31 -6.91 -41.54 58.78
C VAL K 31 -5.57 -40.87 58.60
N TYR K 32 -5.10 -40.77 57.35
CA TYR K 32 -3.82 -40.12 57.12
C TYR K 32 -3.80 -38.70 57.65
N THR K 33 -4.86 -37.94 57.37
CA THR K 33 -4.87 -36.52 57.76
C THR K 33 -4.93 -36.36 59.27
N GLU K 34 -5.74 -37.18 59.93
CA GLU K 34 -6.00 -37.02 61.35
C GLU K 34 -4.97 -37.69 62.23
N VAL K 35 -4.22 -38.66 61.71
CA VAL K 35 -3.28 -39.43 62.52
C VAL K 35 -1.87 -39.36 61.96
N CYS K 36 -1.68 -39.93 60.78
CA CYS K 36 -0.33 -40.12 60.23
C CYS K 36 0.34 -38.80 59.88
N ALA K 37 -0.42 -37.84 59.37
CA ALA K 37 0.15 -36.60 58.85
C ALA K 37 0.92 -35.81 59.90
N ALA K 38 0.64 -36.07 61.19
CA ALA K 38 1.35 -35.41 62.27
C ALA K 38 2.85 -35.63 62.20
N CYS K 39 3.27 -36.78 61.65
CA CYS K 39 4.66 -37.17 61.55
C CYS K 39 5.09 -37.45 60.11
N HIS K 40 4.24 -38.11 59.32
CA HIS K 40 4.57 -38.52 57.96
C HIS K 40 4.06 -37.53 56.92
N GLY K 41 4.87 -37.32 55.89
CA GLY K 41 4.51 -36.50 54.75
C GLY K 41 4.28 -37.38 53.53
N MET K 42 3.83 -36.73 52.45
CA MET K 42 3.68 -37.36 51.15
C MET K 42 4.17 -36.37 50.09
N LYS K 43 5.48 -36.11 50.10
CA LYS K 43 6.02 -34.97 49.38
C LYS K 43 5.89 -35.08 47.86
N PHE K 44 5.57 -36.27 47.34
CA PHE K 44 5.41 -36.48 45.91
C PHE K 44 3.95 -36.50 45.44
N VAL K 45 2.97 -36.43 46.33
CA VAL K 45 1.56 -36.47 45.96
C VAL K 45 1.02 -35.05 45.80
N PRO K 46 0.59 -34.64 44.60
CA PRO K 46 -0.10 -33.34 44.48
C PRO K 46 -1.47 -33.45 45.13
N ILE K 47 -1.84 -32.43 45.92
CA ILE K 47 -3.12 -32.49 46.63
C ILE K 47 -4.28 -32.59 45.64
N ARG K 48 -4.14 -31.97 44.47
CA ARG K 48 -5.18 -31.98 43.43
C ARG K 48 -5.52 -33.39 42.95
N SER K 49 -4.63 -34.36 43.15
CA SER K 49 -4.86 -35.71 42.67
C SER K 49 -5.96 -36.40 43.45
N LEU K 50 -6.41 -35.82 44.57
CA LEU K 50 -7.56 -36.35 45.29
C LEU K 50 -8.85 -36.23 44.46
N SER K 51 -8.84 -35.40 43.42
CA SER K 51 -9.96 -35.25 42.51
C SER K 51 -9.86 -36.17 41.29
N GLU K 52 -8.63 -36.55 40.91
CA GLU K 52 -8.40 -37.29 39.68
C GLU K 52 -9.18 -38.61 39.69
N PRO K 53 -9.63 -39.08 38.52
CA PRO K 53 -10.33 -40.37 38.49
C PRO K 53 -9.40 -41.51 38.85
N GLY K 54 -9.97 -42.50 39.52
CA GLY K 54 -9.20 -43.66 39.93
C GLY K 54 -8.62 -43.56 41.32
N GLY K 55 -9.14 -42.64 42.14
CA GLY K 55 -8.67 -42.44 43.48
C GLY K 55 -9.84 -42.13 44.39
N PRO K 56 -9.60 -41.35 45.45
CA PRO K 56 -10.72 -40.95 46.31
C PRO K 56 -11.78 -40.18 45.55
N GLU K 57 -11.39 -39.48 44.48
CA GLU K 57 -12.29 -38.72 43.63
C GLU K 57 -13.20 -37.81 44.45
N LEU K 58 -12.57 -36.91 45.17
CA LEU K 58 -13.32 -35.90 45.91
C LEU K 58 -13.69 -34.74 44.99
N PRO K 59 -14.86 -34.11 45.21
CA PRO K 59 -15.19 -32.91 44.45
C PRO K 59 -14.09 -31.87 44.57
N GLU K 60 -13.90 -31.10 43.49
CA GLU K 60 -12.78 -30.17 43.43
C GLU K 60 -12.88 -29.10 44.51
N ASP K 61 -14.10 -28.81 44.98
CA ASP K 61 -14.27 -27.84 46.05
C ASP K 61 -13.80 -28.38 47.40
N GLN K 62 -14.06 -29.67 47.68
CA GLN K 62 -13.55 -30.25 48.93
C GLN K 62 -12.03 -30.24 48.95
N VAL K 63 -11.41 -30.56 47.81
CA VAL K 63 -9.95 -30.60 47.74
C VAL K 63 -9.39 -29.20 47.96
N ARG K 64 -10.08 -28.19 47.44
CA ARG K 64 -9.63 -26.82 47.66
C ARG K 64 -9.71 -26.45 49.12
N ALA K 65 -10.77 -26.89 49.79
CA ALA K 65 -10.90 -26.65 51.22
C ALA K 65 -9.86 -27.42 52.01
N TYR K 66 -9.59 -28.66 51.59
CA TYR K 66 -8.61 -29.46 52.31
C TYR K 66 -7.23 -28.82 52.24
N ALA K 67 -6.85 -28.34 51.06
CA ALA K 67 -5.54 -27.73 50.88
C ALA K 67 -5.31 -26.50 51.75
N THR K 68 -6.36 -25.82 52.20
CA THR K 68 -6.15 -24.59 52.97
C THR K 68 -5.40 -24.86 54.27
N GLN K 69 -5.63 -26.01 54.91
CA GLN K 69 -5.06 -26.25 56.23
C GLN K 69 -3.53 -26.25 56.21
N PHE K 70 -2.91 -26.49 55.05
CA PHE K 70 -1.46 -26.52 54.96
C PHE K 70 -0.92 -25.11 54.78
N THR K 71 0.19 -24.81 55.47
CA THR K 71 0.92 -23.56 55.29
C THR K 71 2.11 -23.82 54.38
N VAL K 72 2.05 -23.25 53.18
CA VAL K 72 3.05 -23.45 52.14
C VAL K 72 3.83 -22.15 51.97
N THR K 73 5.14 -22.27 51.77
CA THR K 73 5.96 -21.12 51.43
C THR K 73 5.89 -20.96 49.91
N ASP K 74 5.28 -19.87 49.44
CA ASP K 74 5.17 -19.64 48.01
C ASP K 74 6.56 -19.44 47.39
N GLU K 75 6.75 -20.01 46.20
CA GLU K 75 8.07 -19.98 45.59
C GLU K 75 8.48 -18.57 45.18
N GLU K 76 7.62 -17.87 44.42
CA GLU K 76 7.94 -16.49 44.04
C GLU K 76 7.94 -15.55 45.25
N THR K 77 6.82 -15.52 45.99
CA THR K 77 6.68 -14.58 47.10
C THR K 77 7.68 -14.87 48.21
N GLY K 78 7.85 -16.15 48.55
CA GLY K 78 8.66 -16.57 49.65
C GLY K 78 7.98 -16.45 50.99
N GLU K 79 6.81 -15.82 51.04
CA GLU K 79 6.03 -15.66 52.27
C GLU K 79 4.97 -16.76 52.31
N ASP K 80 4.54 -17.06 53.53
CA ASP K 80 3.58 -18.14 53.74
C ASP K 80 2.18 -17.77 53.26
N ARG K 81 1.42 -18.81 52.89
CA ARG K 81 0.04 -18.69 52.45
C ARG K 81 -0.64 -20.03 52.69
N GLU K 82 -1.96 -20.05 52.53
CA GLU K 82 -2.68 -21.31 52.62
C GLU K 82 -2.37 -22.19 51.42
N GLY K 83 -2.51 -23.50 51.61
CA GLY K 83 -2.19 -24.43 50.56
C GLY K 83 -3.25 -24.44 49.49
N LYS K 84 -2.83 -24.74 48.27
CA LYS K 84 -3.72 -24.94 47.14
C LYS K 84 -3.73 -26.40 46.72
N PRO K 85 -4.69 -26.83 45.89
CA PRO K 85 -4.63 -28.20 45.38
C PRO K 85 -3.42 -28.45 44.52
N THR K 86 -2.83 -27.41 43.93
CA THR K 86 -1.66 -27.58 43.10
C THR K 86 -0.39 -27.81 43.91
N ASP K 87 -0.44 -27.62 45.22
CA ASP K 87 0.68 -27.90 46.10
C ASP K 87 0.74 -29.39 46.42
N HIS K 88 1.94 -29.85 46.74
CA HIS K 88 2.10 -31.20 47.26
C HIS K 88 1.79 -31.26 48.75
N PHE K 89 1.52 -32.46 49.23
CA PHE K 89 1.47 -32.68 50.67
C PHE K 89 2.81 -32.26 51.30
N PRO K 90 2.81 -31.84 52.56
CA PRO K 90 4.06 -31.39 53.17
C PRO K 90 5.06 -32.51 53.38
N HIS K 91 6.31 -32.11 53.60
CA HIS K 91 7.37 -33.01 54.02
C HIS K 91 7.04 -33.61 55.38
N SER K 92 7.75 -34.67 55.75
CA SER K 92 7.58 -35.25 57.07
C SER K 92 7.93 -34.20 58.13
N ALA K 93 6.99 -33.97 59.05
CA ALA K 93 7.26 -33.06 60.17
C ALA K 93 8.34 -33.60 61.10
N LEU K 94 8.34 -34.90 61.33
CA LEU K 94 9.31 -35.58 62.19
C LEU K 94 10.46 -36.09 61.33
N GLU K 95 11.67 -35.67 61.69
CA GLU K 95 12.83 -35.81 60.80
C GLU K 95 13.09 -37.26 60.43
N ASN K 96 12.87 -38.19 61.35
CA ASN K 96 13.10 -39.61 61.09
C ASN K 96 11.82 -40.36 60.71
N ALA K 97 10.71 -39.67 60.47
CA ALA K 97 9.52 -40.32 59.95
C ALA K 97 9.59 -40.40 58.42
N PRO K 98 9.70 -41.59 57.81
CA PRO K 98 9.88 -41.64 56.36
C PRO K 98 8.66 -41.15 55.60
N ASP K 99 8.94 -40.63 54.41
CA ASP K 99 7.88 -40.21 53.49
C ASP K 99 7.06 -41.40 53.01
N LEU K 100 5.74 -41.23 52.98
CA LEU K 100 4.82 -42.31 52.66
C LEU K 100 4.29 -42.26 51.23
N SER K 101 4.79 -41.34 50.39
CA SER K 101 4.28 -41.23 49.02
C SER K 101 4.35 -42.56 48.30
N LEU K 102 5.46 -43.27 48.46
CA LEU K 102 5.75 -44.50 47.73
C LEU K 102 5.95 -45.70 48.66
N MET K 103 5.50 -45.59 49.92
CA MET K 103 5.76 -46.65 50.89
C MET K 103 5.13 -47.97 50.44
N ALA K 104 3.94 -47.93 49.86
CA ALA K 104 3.26 -49.16 49.48
C ALA K 104 3.98 -49.88 48.33
N LYS K 105 4.98 -49.24 47.71
CA LYS K 105 5.82 -49.86 46.71
C LYS K 105 7.26 -50.03 47.18
N ALA K 106 7.68 -49.31 48.21
CA ALA K 106 9.04 -49.38 48.72
C ALA K 106 9.22 -50.46 49.80
N ARG K 107 8.20 -51.28 50.04
CA ARG K 107 8.26 -52.38 50.99
C ARG K 107 7.69 -53.63 50.35
N ALA K 108 8.35 -54.77 50.57
CA ALA K 108 7.85 -56.07 50.16
C ALA K 108 7.47 -56.87 51.39
N GLY K 109 6.24 -57.40 51.37
CA GLY K 109 5.75 -58.19 52.48
C GLY K 109 5.90 -59.69 52.26
N PHE K 110 5.99 -60.13 51.01
CA PHE K 110 6.12 -61.53 50.66
C PHE K 110 7.51 -61.78 50.12
N HIS K 111 8.18 -62.82 50.65
CA HIS K 111 9.53 -63.18 50.27
C HIS K 111 9.60 -64.69 50.06
N GLY K 112 10.72 -65.14 49.51
CA GLY K 112 10.99 -66.55 49.36
C GLY K 112 10.05 -67.17 48.35
N PRO K 113 9.92 -68.51 48.37
CA PRO K 113 10.59 -69.50 49.22
C PRO K 113 12.03 -69.76 48.79
N MET K 114 12.94 -69.84 49.76
CA MET K 114 14.37 -70.03 49.51
C MET K 114 14.92 -69.01 48.51
N GLY K 115 14.40 -67.80 48.57
CA GLY K 115 14.85 -66.74 47.67
C GLY K 115 14.61 -67.01 46.20
N THR K 116 13.52 -67.69 45.86
CA THR K 116 13.17 -67.95 44.46
C THR K 116 12.14 -66.95 43.91
N GLY K 117 11.63 -66.03 44.73
CA GLY K 117 10.69 -65.04 44.28
C GLY K 117 9.34 -65.58 43.81
N ILE K 118 9.09 -66.87 44.02
CA ILE K 118 7.83 -67.48 43.59
C ILE K 118 6.65 -66.95 44.42
N SER K 119 6.91 -66.56 45.67
CA SER K 119 5.86 -66.04 46.54
C SER K 119 5.27 -64.75 46.01
N GLN K 120 6.14 -63.84 45.56
CA GLN K 120 5.69 -62.57 45.00
C GLN K 120 4.92 -62.78 43.70
N LEU K 121 5.27 -63.83 42.94
CA LEU K 121 4.62 -64.08 41.65
C LEU K 121 3.12 -64.34 41.78
N PHE K 122 2.67 -64.89 42.90
CA PHE K 122 1.25 -65.24 43.08
C PHE K 122 0.51 -64.32 44.04
N ASN K 123 1.19 -63.75 45.03
CA ASN K 123 0.56 -62.92 46.05
C ASN K 123 0.90 -61.45 45.90
N GLY K 124 1.73 -61.09 44.91
CA GLY K 124 2.17 -59.72 44.75
C GLY K 124 3.34 -59.40 45.66
N ILE K 125 3.81 -58.15 45.56
CA ILE K 125 4.97 -57.73 46.35
C ILE K 125 4.58 -57.61 47.82
N GLY K 126 3.38 -57.10 48.10
CA GLY K 126 2.83 -57.13 49.44
C GLY K 126 3.12 -55.90 50.27
N GLY K 127 3.30 -54.75 49.65
CA GLY K 127 3.57 -53.53 50.37
C GLY K 127 2.40 -53.08 51.23
N PRO K 128 1.20 -52.97 50.67
CA PRO K 128 0.07 -52.57 51.52
C PRO K 128 -0.27 -53.62 52.56
N GLU K 129 -0.02 -54.90 52.25
CA GLU K 129 -0.16 -55.95 53.26
C GLU K 129 0.82 -55.71 54.38
N TYR K 130 2.06 -55.32 54.03
CA TYR K 130 3.09 -55.05 55.02
C TYR K 130 2.68 -53.89 55.92
N ILE K 131 2.23 -52.78 55.33
CA ILE K 131 1.77 -51.63 56.12
C ILE K 131 0.70 -52.07 57.09
N TYR K 132 -0.27 -52.85 56.58
CA TYR K 132 -1.34 -53.34 57.45
C TYR K 132 -0.76 -54.12 58.62
N SER K 133 0.23 -54.98 58.34
CA SER K 133 0.81 -55.80 59.40
C SER K 133 1.54 -54.97 60.44
N VAL K 134 2.23 -53.90 60.02
CA VAL K 134 2.93 -53.05 60.99
C VAL K 134 1.94 -52.31 61.88
N LEU K 135 0.88 -51.73 61.28
CA LEU K 135 -0.11 -51.03 62.10
C LEU K 135 -0.83 -51.99 63.04
N THR K 136 -0.90 -53.25 62.66
CA THR K 136 -1.60 -54.27 63.44
C THR K 136 -0.67 -54.95 64.42
N GLY K 137 0.63 -55.00 64.11
CA GLY K 137 1.56 -55.87 64.80
C GLY K 137 2.22 -55.31 66.04
N PHE K 138 1.48 -54.46 66.78
CA PHE K 138 1.93 -53.94 68.07
C PHE K 138 1.28 -54.74 69.20
N PRO K 139 2.00 -55.64 69.88
CA PRO K 139 1.39 -56.37 70.99
C PRO K 139 1.49 -55.59 72.28
N GLU K 140 0.51 -55.82 73.17
CA GLU K 140 0.48 -55.12 74.44
C GLU K 140 1.65 -55.52 75.35
N GLU K 141 2.05 -56.82 75.32
CA GLU K 141 3.19 -57.32 76.10
C GLU K 141 4.35 -57.66 75.15
N PRO K 142 5.59 -57.31 75.47
CA PRO K 142 6.68 -57.72 74.59
C PRO K 142 6.99 -59.20 74.72
N PRO K 143 7.82 -59.74 73.83
CA PRO K 143 8.25 -61.14 73.96
C PRO K 143 9.02 -61.40 75.25
N LYS K 144 8.87 -62.62 75.78
CA LYS K 144 9.42 -62.98 77.09
C LYS K 144 10.93 -62.77 77.16
N CYS K 145 11.63 -62.86 76.02
CA CYS K 145 13.09 -62.76 76.02
C CYS K 145 13.61 -61.37 76.35
N ALA K 146 12.77 -60.34 76.39
CA ALA K 146 13.27 -59.00 76.65
C ALA K 146 12.49 -58.34 77.77
N GLU K 147 11.97 -59.15 78.69
CA GLU K 147 11.19 -58.64 79.81
C GLU K 147 12.10 -57.73 80.63
N GLY K 148 12.08 -56.44 80.35
CA GLY K 148 12.89 -55.49 81.07
C GLY K 148 14.22 -55.15 80.44
N HIS K 149 14.29 -55.13 79.11
CA HIS K 149 15.51 -54.89 78.34
C HIS K 149 15.17 -54.07 77.10
N GLU K 150 14.00 -53.45 77.08
CA GLU K 150 13.53 -52.65 75.96
C GLU K 150 14.34 -51.36 75.80
N PRO K 151 14.87 -51.05 74.62
CA PRO K 151 15.51 -49.75 74.44
C PRO K 151 14.49 -48.64 74.65
N ASP K 152 14.91 -47.56 75.31
CA ASP K 152 13.99 -46.47 75.58
C ASP K 152 13.73 -45.71 74.28
N GLY K 153 12.46 -45.42 74.02
CA GLY K 153 12.04 -44.74 72.82
C GLY K 153 11.72 -45.66 71.66
N PHE K 154 11.71 -46.98 71.86
CA PHE K 154 11.42 -47.96 70.82
C PHE K 154 10.33 -48.91 71.30
N TYR K 155 9.70 -49.61 70.35
CA TYR K 155 8.52 -50.43 70.62
C TYR K 155 8.56 -51.72 69.81
N TYR K 156 8.20 -52.85 70.42
CA TYR K 156 8.21 -54.13 69.70
C TYR K 156 7.07 -54.19 68.69
N ASN K 157 7.41 -54.61 67.47
CA ASN K 157 6.42 -54.83 66.41
C ASN K 157 6.65 -56.19 65.75
N ARG K 158 5.56 -56.94 65.55
CA ARG K 158 5.69 -58.31 65.04
C ARG K 158 6.25 -58.35 63.61
N ALA K 159 5.88 -57.40 62.76
CA ALA K 159 6.21 -57.45 61.34
C ALA K 159 7.50 -56.72 60.99
N PHE K 160 7.90 -55.73 61.78
CA PHE K 160 9.10 -54.95 61.49
C PHE K 160 10.36 -55.80 61.67
N GLN K 161 11.20 -55.84 60.64
CA GLN K 161 12.36 -56.71 60.61
C GLN K 161 13.70 -55.99 60.63
N ASN K 162 13.73 -54.67 60.43
CA ASN K 162 14.99 -53.93 60.32
C ASN K 162 15.39 -53.21 61.61
N GLY K 163 14.71 -53.47 62.72
CA GLY K 163 15.01 -52.80 63.96
C GLY K 163 16.05 -53.55 64.80
N SER K 164 16.54 -52.86 65.82
CA SER K 164 17.49 -53.46 66.75
C SER K 164 16.76 -54.45 67.64
N VAL K 165 17.53 -55.32 68.31
CA VAL K 165 16.94 -56.34 69.19
C VAL K 165 17.85 -56.58 70.39
N PRO K 166 17.33 -56.65 71.63
CA PRO K 166 18.19 -56.92 72.80
C PRO K 166 19.00 -58.21 72.67
N ASP K 167 20.13 -58.22 73.37
CA ASP K 167 21.04 -59.36 73.38
C ASP K 167 20.37 -60.65 73.86
N THR K 168 19.39 -60.53 74.76
CA THR K 168 18.68 -61.70 75.31
C THR K 168 17.71 -62.35 74.33
N CYS K 169 17.53 -61.78 73.14
CA CYS K 169 16.61 -62.24 72.10
C CYS K 169 17.33 -62.84 70.91
N LYS K 170 18.62 -63.16 71.05
CA LYS K 170 19.42 -63.77 70.01
C LYS K 170 19.84 -65.18 70.38
N ASP K 171 20.00 -66.03 69.36
CA ASP K 171 20.42 -67.41 69.57
C ASP K 171 21.94 -67.46 69.72
N ALA K 172 22.50 -68.67 69.75
CA ALA K 172 23.95 -68.84 69.94
C ALA K 172 24.76 -68.23 68.81
N ASN K 173 24.17 -68.06 67.62
CA ASN K 173 24.81 -67.41 66.49
C ASN K 173 24.43 -65.94 66.35
N GLY K 174 23.68 -65.37 67.29
CA GLY K 174 23.36 -63.97 67.25
C GLY K 174 22.15 -63.60 66.41
N VAL K 175 21.43 -64.58 65.86
CA VAL K 175 20.24 -64.33 65.07
C VAL K 175 19.04 -64.15 65.99
N LYS K 176 18.17 -63.19 65.66
CA LYS K 176 17.08 -62.83 66.55
C LYS K 176 16.04 -63.95 66.60
N THR K 177 15.47 -64.16 67.77
CA THR K 177 14.45 -65.19 67.98
C THR K 177 13.06 -64.70 67.64
N THR K 178 12.79 -63.41 67.86
CA THR K 178 11.46 -62.86 67.71
C THR K 178 11.08 -62.76 66.24
N ALA K 179 9.76 -62.85 65.99
CA ALA K 179 9.24 -62.71 64.63
C ALA K 179 9.59 -61.35 64.03
N GLY K 180 9.56 -60.29 64.84
CA GLY K 180 9.87 -58.95 64.39
C GLY K 180 11.00 -58.28 65.14
N SER K 181 10.93 -56.96 65.32
CA SER K 181 11.98 -56.22 66.01
C SER K 181 11.41 -54.89 66.49
N TRP K 182 12.26 -54.04 67.04
CA TRP K 182 11.84 -52.80 67.69
C TRP K 182 11.91 -51.61 66.75
N ILE K 183 10.77 -50.93 66.62
CA ILE K 183 10.56 -49.82 65.69
C ILE K 183 10.44 -48.53 66.49
N ALA K 184 10.90 -47.43 65.90
CA ALA K 184 10.86 -46.14 66.57
C ALA K 184 9.48 -45.49 66.53
N MET K 185 8.52 -46.06 65.80
CA MET K 185 7.17 -45.51 65.73
C MET K 185 6.32 -46.01 66.89
N PRO K 186 5.83 -45.14 67.78
CA PRO K 186 4.87 -45.62 68.78
C PRO K 186 3.57 -46.05 68.13
N PRO K 187 2.82 -46.95 68.74
CA PRO K 187 1.54 -47.39 68.13
C PRO K 187 0.62 -46.23 67.80
N PRO K 188 0.40 -45.93 66.51
CA PRO K 188 -0.36 -44.72 66.15
C PRO K 188 -1.87 -44.88 66.26
N LEU K 189 -2.38 -46.11 66.14
CA LEU K 189 -3.81 -46.36 66.08
C LEU K 189 -4.34 -46.86 67.42
N MET K 190 -5.67 -46.83 67.52
CA MET K 190 -6.43 -47.27 68.69
C MET K 190 -7.89 -47.22 68.31
N ASP K 191 -8.67 -48.19 68.80
CA ASP K 191 -10.06 -48.36 68.40
C ASP K 191 -10.86 -47.06 68.43
N ASP K 192 -11.47 -46.75 67.30
CA ASP K 192 -12.34 -45.58 67.14
C ASP K 192 -11.61 -44.27 67.40
N LEU K 193 -10.35 -44.19 66.98
CA LEU K 193 -9.62 -42.93 67.03
C LEU K 193 -10.12 -41.95 65.98
N VAL K 194 -10.71 -42.48 64.90
CA VAL K 194 -11.27 -41.69 63.81
C VAL K 194 -12.76 -41.97 63.76
N GLU K 195 -13.55 -40.92 63.50
CA GLU K 195 -15.00 -41.00 63.39
C GLU K 195 -15.37 -40.88 61.91
N TYR K 196 -15.55 -42.02 61.25
CA TYR K 196 -15.96 -42.01 59.85
C TYR K 196 -17.39 -41.48 59.72
N ALA K 197 -17.61 -40.67 58.69
CA ALA K 197 -18.90 -39.99 58.52
C ALA K 197 -20.03 -40.98 58.23
N ASP K 198 -19.77 -41.98 57.38
CA ASP K 198 -20.82 -42.93 57.01
C ASP K 198 -21.08 -43.99 58.09
N GLY K 199 -20.43 -43.88 59.24
CA GLY K 199 -20.59 -44.79 60.36
C GLY K 199 -19.82 -46.08 60.22
N HIS K 200 -18.93 -46.18 59.24
CA HIS K 200 -18.09 -47.35 59.07
C HIS K 200 -17.28 -47.58 60.34
N ASP K 201 -17.05 -48.84 60.67
CA ASP K 201 -16.38 -49.15 61.92
C ASP K 201 -14.93 -48.69 61.83
N ALA K 202 -14.41 -48.17 62.93
CA ALA K 202 -13.08 -47.60 62.98
C ALA K 202 -12.18 -48.35 63.97
N SER K 203 -12.31 -49.66 63.99
CA SER K 203 -11.39 -50.50 64.75
C SER K 203 -10.00 -50.36 64.15
N VAL K 204 -8.99 -50.76 64.94
CA VAL K 204 -7.61 -50.71 64.42
C VAL K 204 -7.52 -51.57 63.16
N HIS K 205 -8.26 -52.67 63.11
CA HIS K 205 -8.24 -53.52 61.92
C HIS K 205 -8.73 -52.73 60.73
N ALA K 206 -9.89 -52.07 60.86
CA ALA K 206 -10.49 -51.37 59.74
C ALA K 206 -9.63 -50.20 59.31
N MET K 207 -9.18 -49.36 60.26
CA MET K 207 -8.36 -48.22 59.89
C MET K 207 -7.05 -48.65 59.25
N ALA K 208 -6.46 -49.75 59.72
CA ALA K 208 -5.19 -50.18 59.14
C ALA K 208 -5.40 -50.62 57.70
N GLU K 209 -6.51 -51.30 57.43
CA GLU K 209 -6.82 -51.73 56.07
C GLU K 209 -7.21 -50.54 55.21
N ASP K 210 -7.99 -49.62 55.77
CA ASP K 210 -8.44 -48.46 55.01
C ASP K 210 -7.25 -47.60 54.62
N VAL K 211 -6.36 -47.30 55.58
CA VAL K 211 -5.24 -46.42 55.27
C VAL K 211 -4.21 -47.11 54.40
N SER K 212 -4.12 -48.45 54.47
CA SER K 212 -3.20 -49.16 53.58
C SER K 212 -3.68 -49.04 52.14
N ALA K 213 -4.99 -49.06 51.92
CA ALA K 213 -5.52 -48.87 50.58
C ALA K 213 -5.25 -47.46 50.09
N PHE K 214 -5.41 -46.47 50.96
CA PHE K 214 -5.11 -45.09 50.58
C PHE K 214 -3.63 -44.94 50.22
N LEU K 215 -2.77 -45.59 51.02
CA LEU K 215 -1.32 -45.50 50.80
C LEU K 215 -0.89 -46.29 49.58
N MET K 216 -1.70 -47.26 49.15
CA MET K 216 -1.42 -47.94 47.89
C MET K 216 -1.74 -47.03 46.71
N TRP K 217 -2.84 -46.28 46.81
CA TRP K 217 -3.21 -45.34 45.76
C TRP K 217 -2.23 -44.19 45.68
N ALA K 218 -1.76 -43.68 46.83
CA ALA K 218 -0.81 -42.58 46.79
C ALA K 218 0.48 -43.00 46.10
N ALA K 219 0.83 -44.28 46.20
CA ALA K 219 2.03 -44.81 45.58
C ALA K 219 1.81 -45.15 44.11
N GLU K 220 0.65 -45.71 43.77
CA GLU K 220 0.32 -46.13 42.41
C GLU K 220 -1.02 -45.50 42.04
N PRO K 221 -1.05 -44.17 41.86
CA PRO K 221 -2.33 -43.53 41.53
C PRO K 221 -2.91 -43.97 40.20
N LYS K 222 -2.05 -44.41 39.27
CA LYS K 222 -2.46 -44.79 37.94
C LYS K 222 -2.65 -46.30 37.81
N LEU K 223 -2.87 -46.99 38.93
CA LEU K 223 -3.00 -48.45 38.92
C LEU K 223 -4.10 -48.92 38.00
N MET K 224 -5.30 -48.35 38.13
CA MET K 224 -6.43 -48.78 37.33
C MET K 224 -6.23 -48.51 35.85
N ALA K 225 -5.66 -47.35 35.50
CA ALA K 225 -5.39 -47.06 34.09
C ALA K 225 -4.40 -48.06 33.52
N ARG K 226 -3.40 -48.45 34.31
CA ARG K 226 -2.38 -49.39 33.84
C ARG K 226 -2.99 -50.74 33.51
N LYS K 227 -3.93 -51.22 34.32
CA LYS K 227 -4.54 -52.52 34.06
C LYS K 227 -5.45 -52.48 32.83
N GLN K 228 -6.28 -51.44 32.68
CA GLN K 228 -7.07 -51.30 31.46
C GLN K 228 -6.17 -51.42 30.23
N ALA K 229 -5.03 -50.72 30.25
CA ALA K 229 -4.07 -50.82 29.15
C ALA K 229 -3.55 -52.25 29.02
N GLY K 230 -3.32 -52.91 30.16
CA GLY K 230 -2.84 -54.28 30.12
C GLY K 230 -3.86 -55.19 29.44
N PHE K 231 -5.12 -55.13 29.88
CA PHE K 231 -6.18 -55.91 29.27
C PHE K 231 -6.25 -55.68 27.77
N THR K 232 -6.27 -54.41 27.34
CA THR K 232 -6.37 -54.09 25.92
C THR K 232 -5.22 -54.72 25.15
N ALA K 233 -3.98 -54.53 25.64
CA ALA K 233 -2.82 -55.07 24.94
C ALA K 233 -2.92 -56.58 24.84
N VAL K 234 -3.42 -57.23 25.88
CA VAL K 234 -3.53 -58.68 25.87
C VAL K 234 -4.62 -59.10 24.90
N MET K 235 -5.74 -58.38 24.88
CA MET K 235 -6.82 -58.71 23.96
C MET K 235 -6.41 -58.44 22.51
N PHE K 236 -5.78 -57.30 22.24
CA PHE K 236 -5.23 -57.05 20.90
C PHE K 236 -4.32 -58.19 20.49
N LEU K 237 -3.32 -58.47 21.32
CA LEU K 237 -2.29 -59.43 20.99
C LEU K 237 -2.79 -60.88 21.01
N THR K 238 -3.86 -61.18 21.75
CA THR K 238 -4.43 -62.52 21.67
C THR K 238 -4.99 -62.77 20.27
N VAL K 239 -5.84 -61.86 19.80
CA VAL K 239 -6.38 -61.99 18.45
C VAL K 239 -5.25 -62.00 17.44
N LEU K 240 -4.32 -61.05 17.59
CA LEU K 240 -3.23 -60.92 16.64
C LEU K 240 -2.33 -62.14 16.61
N SER K 241 -2.10 -62.76 17.77
CA SER K 241 -1.24 -63.94 17.80
C SER K 241 -1.91 -65.09 17.06
N VAL K 242 -3.22 -65.26 17.28
CA VAL K 242 -3.96 -66.31 16.59
C VAL K 242 -3.95 -66.07 15.09
N LEU K 243 -4.24 -64.84 14.66
CA LEU K 243 -4.23 -64.53 13.23
C LEU K 243 -2.86 -64.73 12.62
N LEU K 244 -1.81 -64.34 13.34
CA LEU K 244 -0.46 -64.51 12.82
C LEU K 244 -0.06 -65.98 12.81
N TYR K 245 -0.64 -66.79 13.70
CA TYR K 245 -0.34 -68.21 13.73
C TYR K 245 -0.91 -68.88 12.48
N LEU K 246 -2.17 -68.59 12.20
CA LEU K 246 -2.82 -69.14 11.00
C LEU K 246 -2.10 -68.67 9.74
N THR K 247 -1.71 -67.39 9.71
CA THR K 247 -0.94 -66.85 8.58
C THR K 247 0.36 -67.61 8.41
N ASN K 248 1.08 -67.83 9.50
CA ASN K 248 2.37 -68.54 9.42
C ASN K 248 2.14 -69.96 8.93
N LYS K 249 1.04 -70.57 9.35
CA LYS K 249 0.76 -71.96 8.97
C LYS K 249 0.44 -72.08 7.49
N ARG K 250 -0.48 -71.24 6.99
CA ARG K 250 -0.86 -71.35 5.58
C ARG K 250 0.29 -71.00 4.65
N LEU K 251 1.31 -70.30 5.14
CA LEU K 251 2.45 -69.96 4.31
C LEU K 251 3.42 -71.13 4.24
N TRP K 252 3.81 -71.66 5.40
CA TRP K 252 4.76 -72.76 5.47
C TRP K 252 4.16 -74.06 4.97
N ALA K 253 2.85 -74.07 4.68
CA ALA K 253 2.16 -75.24 4.14
C ALA K 253 2.74 -75.65 2.78
N GLY K 254 3.16 -74.68 1.99
CA GLY K 254 3.74 -74.90 0.67
C GLY K 254 5.24 -75.17 0.71
N VAL K 255 5.68 -75.91 1.74
CA VAL K 255 7.08 -76.24 1.95
C VAL K 255 7.17 -77.67 2.48
N LYS K 256 6.31 -78.02 3.43
CA LYS K 256 6.29 -79.35 4.05
C LYS K 256 4.94 -80.03 3.89
N GLY L 9 -9.14 -67.06 -2.77
CA GLY L 9 -10.53 -67.27 -2.43
C GLY L 9 -11.08 -66.19 -1.50
N THR L 10 -12.18 -66.52 -0.81
CA THR L 10 -12.81 -65.58 0.12
C THR L 10 -12.23 -65.72 1.53
N ARG L 11 -11.89 -66.95 1.93
CA ARG L 11 -11.22 -67.18 3.20
C ARG L 11 -9.71 -66.95 3.08
N ARG L 12 -9.14 -67.11 1.89
CA ARG L 12 -7.71 -66.88 1.70
C ARG L 12 -7.38 -65.41 1.88
N ASP L 13 -8.12 -64.55 1.18
CA ASP L 13 -7.91 -63.12 1.29
C ASP L 13 -8.38 -62.57 2.63
N PHE L 14 -9.35 -63.22 3.29
CA PHE L 14 -9.84 -62.67 4.56
C PHE L 14 -8.79 -62.77 5.65
N LEU L 15 -7.99 -63.84 5.64
CA LEU L 15 -6.94 -63.94 6.64
C LEU L 15 -5.95 -62.81 6.44
N TYR L 16 -5.56 -62.59 5.19
CA TYR L 16 -4.61 -61.53 4.85
C TYR L 16 -5.18 -60.15 5.13
N TYR L 17 -6.51 -60.00 5.14
CA TYR L 17 -7.11 -58.76 5.56
C TYR L 17 -7.14 -58.63 7.09
N ALA L 18 -7.62 -59.66 7.78
CA ALA L 18 -7.71 -59.60 9.24
C ALA L 18 -6.34 -59.41 9.87
N THR L 19 -5.32 -60.08 9.33
CA THR L 19 -3.96 -59.93 9.86
C THR L 19 -3.44 -58.52 9.64
N ALA L 20 -3.57 -58.01 8.42
CA ALA L 20 -3.10 -56.66 8.12
C ALA L 20 -3.89 -55.60 8.88
N GLY L 21 -5.20 -55.81 9.01
CA GLY L 21 -6.02 -54.86 9.75
C GLY L 21 -5.64 -54.78 11.23
N ALA L 22 -5.35 -55.93 11.83
CA ALA L 22 -4.91 -55.95 13.22
C ALA L 22 -3.57 -55.25 13.38
N GLY L 23 -2.66 -55.44 12.43
CA GLY L 23 -1.35 -54.79 12.49
C GLY L 23 -1.47 -53.27 12.45
N ALA L 24 -2.41 -52.77 11.65
CA ALA L 24 -2.62 -51.33 11.55
C ALA L 24 -3.07 -50.73 12.87
N VAL L 25 -4.00 -51.40 13.56
CA VAL L 25 -4.48 -50.93 14.86
C VAL L 25 -3.33 -50.87 15.86
N ALA L 26 -2.53 -51.93 15.91
CA ALA L 26 -1.41 -51.99 16.85
C ALA L 26 -0.46 -50.81 16.66
N THR L 27 -0.17 -50.44 15.41
CA THR L 27 0.71 -49.29 15.20
C THR L 27 0.05 -48.02 15.74
N GLY L 28 -1.22 -47.81 15.41
CA GLY L 28 -1.91 -46.61 15.89
C GLY L 28 -1.96 -46.52 17.41
N ALA L 29 -2.19 -47.66 18.08
CA ALA L 29 -2.24 -47.64 19.53
C ALA L 29 -0.88 -47.34 20.14
N ALA L 30 0.20 -47.62 19.42
CA ALA L 30 1.55 -47.36 19.90
C ALA L 30 2.03 -45.95 19.59
N VAL L 31 1.58 -45.37 18.48
CA VAL L 31 2.10 -44.08 18.06
C VAL L 31 1.41 -42.94 18.81
N TRP L 32 0.11 -43.05 19.04
CA TRP L 32 -0.61 -41.97 19.72
C TRP L 32 -0.01 -41.62 21.09
N PRO L 33 0.26 -42.58 21.98
CA PRO L 33 0.84 -42.19 23.28
C PRO L 33 2.23 -41.62 23.17
N LEU L 34 2.96 -41.91 22.09
CA LEU L 34 4.27 -41.31 21.88
C LEU L 34 4.11 -39.85 21.50
N ILE L 35 2.97 -39.50 20.92
CA ILE L 35 2.64 -38.11 20.61
C ILE L 35 2.02 -37.43 21.82
N ASN L 36 1.08 -38.10 22.48
CA ASN L 36 0.27 -37.48 23.53
C ASN L 36 1.07 -37.18 24.78
N GLN L 37 2.23 -37.82 24.97
CA GLN L 37 3.04 -37.51 26.13
C GLN L 37 3.60 -36.10 26.08
N MET L 38 3.63 -35.50 24.89
CA MET L 38 4.13 -34.15 24.72
C MET L 38 3.05 -33.11 24.96
N ASN L 39 1.77 -33.52 24.98
CA ASN L 39 0.71 -32.62 25.34
C ASN L 39 0.78 -32.26 26.82
N PRO L 40 0.19 -31.14 27.24
CA PRO L 40 0.34 -30.66 28.61
C PRO L 40 0.01 -31.71 29.67
N SER L 41 0.95 -31.91 30.61
CA SER L 41 0.81 -32.85 31.69
C SER L 41 -0.10 -32.29 32.78
N ALA L 42 -0.43 -33.14 33.75
CA ALA L 42 -1.45 -32.77 34.73
C ALA L 42 -1.02 -31.61 35.60
N ASP L 43 0.29 -31.43 35.80
CA ASP L 43 0.74 -30.32 36.64
C ASP L 43 0.53 -28.96 35.99
N VAL L 44 0.23 -28.91 34.69
CA VAL L 44 0.02 -27.65 34.00
C VAL L 44 -1.41 -27.19 34.23
N GLN L 45 -1.56 -25.98 34.77
CA GLN L 45 -2.87 -25.33 34.83
C GLN L 45 -3.10 -24.50 33.59
N ALA L 46 -4.27 -24.70 32.95
CA ALA L 46 -4.64 -23.91 31.79
C ALA L 46 -5.07 -22.50 32.18
N LEU L 47 -6.06 -22.38 33.07
CA LEU L 47 -6.52 -21.09 33.59
C LEU L 47 -6.44 -21.07 35.11
N ALA L 48 -6.19 -19.87 35.65
CA ALA L 48 -6.20 -19.61 37.09
C ALA L 48 -6.75 -18.21 37.31
N SER L 49 -6.67 -17.73 38.56
CA SER L 49 -7.16 -16.41 38.93
C SER L 49 -6.24 -15.78 39.95
N ILE L 50 -6.03 -14.46 39.85
CA ILE L 50 -5.14 -13.72 40.75
C ILE L 50 -5.74 -12.33 40.94
N PHE L 51 -5.22 -11.59 41.93
CA PHE L 51 -5.69 -10.24 42.27
C PHE L 51 -4.52 -9.26 42.27
N VAL L 52 -4.74 -8.06 41.71
CA VAL L 52 -3.68 -7.07 41.54
C VAL L 52 -4.05 -5.77 42.25
N ASP L 53 -3.17 -5.31 43.15
CA ASP L 53 -3.32 -4.02 43.80
C ASP L 53 -2.84 -2.92 42.86
N VAL L 54 -3.63 -1.85 42.71
CA VAL L 54 -3.43 -0.84 41.67
C VAL L 54 -3.36 0.58 42.24
N SER L 55 -3.57 0.74 43.55
CA SER L 55 -3.59 2.06 44.19
C SER L 55 -2.36 2.92 43.95
N SER L 56 -1.22 2.32 43.60
CA SER L 56 0.04 3.06 43.47
C SER L 56 0.28 3.56 42.06
N VAL L 57 -0.66 3.33 41.15
CA VAL L 57 -0.47 3.60 39.73
C VAL L 57 -1.01 4.99 39.40
N GLU L 58 -0.10 5.89 39.05
CA GLU L 58 -0.47 7.21 38.57
C GLU L 58 -0.75 7.13 37.08
N PRO L 59 -1.44 8.12 36.51
CA PRO L 59 -1.63 8.11 35.05
C PRO L 59 -0.29 8.17 34.32
N GLY L 60 -0.21 7.43 33.22
CA GLY L 60 1.00 7.32 32.45
C GLY L 60 1.91 6.18 32.86
N VAL L 61 1.49 5.35 33.82
CA VAL L 61 2.26 4.21 34.30
C VAL L 61 1.64 2.93 33.80
N GLN L 62 2.47 2.01 33.32
CA GLN L 62 2.07 0.65 32.97
C GLN L 62 2.60 -0.32 34.00
N LEU L 63 1.71 -1.12 34.57
CA LEU L 63 2.06 -2.24 35.43
C LEU L 63 2.08 -3.53 34.63
N THR L 64 3.15 -4.29 34.74
CA THR L 64 3.34 -5.55 34.04
C THR L 64 3.39 -6.71 35.03
N VAL L 65 2.50 -7.69 34.83
CA VAL L 65 2.23 -8.75 35.78
C VAL L 65 2.28 -10.09 35.04
N LYS L 66 2.76 -11.12 35.73
CA LYS L 66 2.88 -12.46 35.17
C LYS L 66 1.61 -13.24 35.44
N PHE L 67 1.09 -13.90 34.41
CA PHE L 67 -0.14 -14.69 34.53
C PHE L 67 -0.06 -15.80 33.50
N LEU L 68 -0.04 -17.05 33.96
CA LEU L 68 0.13 -18.19 33.07
C LEU L 68 1.43 -18.09 32.27
N GLY L 69 2.49 -17.62 32.92
CA GLY L 69 3.79 -17.57 32.29
C GLY L 69 3.97 -16.50 31.25
N LYS L 70 2.97 -15.63 31.07
CA LYS L 70 3.00 -14.58 30.08
C LYS L 70 2.73 -13.21 30.73
N PRO L 71 3.16 -12.12 30.09
CA PRO L 71 2.94 -10.79 30.67
C PRO L 71 1.52 -10.30 30.48
N ILE L 72 1.00 -9.62 31.51
CA ILE L 72 -0.25 -8.87 31.42
C ILE L 72 0.05 -7.41 31.69
N PHE L 73 -0.41 -6.54 30.79
CA PHE L 73 -0.21 -5.09 30.91
C PHE L 73 -1.41 -4.47 31.60
N ILE L 74 -1.15 -3.67 32.65
CA ILE L 74 -2.17 -2.84 33.30
C ILE L 74 -1.68 -1.40 33.23
N ARG L 75 -2.21 -0.64 32.28
CA ARG L 75 -1.85 0.77 32.09
C ARG L 75 -3.01 1.66 32.51
N ARG L 76 -2.72 2.62 33.39
CA ARG L 76 -3.66 3.69 33.68
C ARG L 76 -3.39 4.77 32.65
N ARG L 77 -4.28 4.89 31.67
CA ARG L 77 -4.03 5.73 30.50
C ARG L 77 -4.18 7.20 30.85
N THR L 78 -3.37 8.03 30.19
CA THR L 78 -3.45 9.47 30.35
C THR L 78 -4.60 10.02 29.51
N GLU L 79 -4.83 11.33 29.65
CA GLU L 79 -5.86 12.00 28.87
C GLU L 79 -5.57 11.91 27.38
N ALA L 80 -4.32 12.15 26.98
CA ALA L 80 -3.95 12.04 25.57
C ALA L 80 -4.22 10.64 25.03
N ASP L 81 -3.80 9.62 25.77
CA ASP L 81 -4.04 8.23 25.39
C ASP L 81 -5.53 7.97 25.13
N ILE L 82 -6.41 8.45 26.01
CA ILE L 82 -7.83 8.15 25.89
C ILE L 82 -8.42 8.86 24.66
N GLU L 83 -8.09 10.13 24.48
CA GLU L 83 -8.58 10.89 23.34
C GLU L 83 -8.13 10.27 22.02
N LEU L 84 -6.84 9.97 21.89
CA LEU L 84 -6.34 9.34 20.67
C LEU L 84 -7.08 8.07 20.35
N GLY L 85 -7.32 7.24 21.36
CA GLY L 85 -7.98 5.97 21.11
C GLY L 85 -9.39 6.15 20.58
N ARG L 86 -10.11 7.13 21.12
CA ARG L 86 -11.49 7.37 20.71
C ARG L 86 -11.58 8.08 19.36
N SER L 87 -10.50 8.71 18.90
CA SER L 87 -10.52 9.44 17.65
C SER L 87 -10.38 8.53 16.42
N VAL L 88 -9.93 7.30 16.61
CA VAL L 88 -9.73 6.36 15.51
C VAL L 88 -11.08 5.81 15.05
N GLN L 89 -11.30 5.86 13.74
CA GLN L 89 -12.49 5.24 13.17
C GLN L 89 -12.27 3.76 12.90
N LEU L 90 -13.37 3.01 13.02
CA LEU L 90 -13.35 1.56 12.88
C LEU L 90 -12.73 1.12 11.56
N GLY L 91 -13.07 1.79 10.46
CA GLY L 91 -12.54 1.40 9.17
C GLY L 91 -11.05 1.61 9.00
N GLN L 92 -10.38 2.25 9.95
CA GLN L 92 -8.94 2.48 9.86
C GLN L 92 -8.15 1.41 10.59
N LEU L 93 -8.83 0.48 11.25
CA LEU L 93 -8.18 -0.54 12.04
C LEU L 93 -7.95 -1.78 11.20
N VAL L 94 -6.81 -2.42 11.45
CA VAL L 94 -6.52 -3.72 10.85
C VAL L 94 -7.53 -4.76 11.35
N ASP L 95 -7.75 -4.76 12.67
CA ASP L 95 -8.66 -5.68 13.33
C ASP L 95 -9.73 -4.91 14.07
N THR L 96 -10.99 -5.08 13.64
CA THR L 96 -12.10 -4.31 14.15
C THR L 96 -12.83 -5.01 15.28
N ASN L 97 -12.34 -6.18 15.72
CA ASN L 97 -12.93 -6.90 16.85
C ASN L 97 -12.27 -6.45 18.15
N ALA L 98 -13.07 -6.34 19.21
CA ALA L 98 -12.56 -5.86 20.48
C ALA L 98 -11.58 -6.83 21.12
N ARG L 99 -11.70 -8.11 20.78
CA ARG L 99 -10.87 -9.17 21.38
C ARG L 99 -10.92 -9.09 22.90
N ASN L 100 -12.14 -8.97 23.43
CA ASN L 100 -12.35 -8.70 24.86
C ASN L 100 -13.20 -9.81 25.47
N ALA L 101 -12.61 -10.57 26.39
CA ALA L 101 -13.29 -11.69 27.03
C ALA L 101 -14.42 -11.24 27.96
N ASN L 102 -14.43 -9.97 28.35
CA ASN L 102 -15.38 -9.46 29.33
C ASN L 102 -16.72 -9.05 28.73
N ILE L 103 -16.79 -8.91 27.40
CA ILE L 103 -17.99 -8.48 26.69
C ILE L 103 -18.21 -9.44 25.53
N ASP L 104 -19.22 -9.14 24.71
CA ASP L 104 -19.59 -9.98 23.58
C ASP L 104 -18.40 -10.24 22.65
N ALA L 105 -18.38 -11.44 22.06
CA ALA L 105 -17.27 -11.82 21.19
C ALA L 105 -17.28 -11.02 19.90
N GLY L 106 -18.44 -10.53 19.47
CA GLY L 106 -18.58 -9.78 18.25
C GLY L 106 -18.46 -8.28 18.43
N ALA L 107 -18.20 -7.82 19.65
CA ALA L 107 -18.10 -6.39 19.93
C ALA L 107 -17.01 -5.74 19.09
N GLU L 108 -17.25 -4.48 18.73
CA GLU L 108 -16.32 -3.74 17.90
C GLU L 108 -15.19 -3.16 18.73
N ALA L 109 -14.04 -2.93 18.08
CA ALA L 109 -12.82 -2.45 18.73
C ALA L 109 -12.80 -0.95 18.97
N THR L 110 -13.92 -0.38 19.38
CA THR L 110 -13.92 1.00 19.82
C THR L 110 -13.15 1.10 21.12
N ASP L 111 -12.57 2.27 21.37
CA ASP L 111 -11.80 2.49 22.58
C ASP L 111 -12.63 2.20 23.83
N GLN L 112 -13.94 2.43 23.76
CA GLN L 112 -14.79 2.18 24.91
C GLN L 112 -14.81 0.68 25.21
N ASN L 113 -14.84 -0.15 24.18
CA ASN L 113 -14.85 -1.60 24.34
C ASN L 113 -13.46 -2.19 24.59
N ARG L 114 -12.44 -1.36 24.80
CA ARG L 114 -11.09 -1.83 25.01
C ARG L 114 -10.62 -1.57 26.44
N THR L 115 -11.46 -0.93 27.26
CA THR L 115 -11.13 -0.58 28.62
C THR L 115 -12.15 -1.18 29.58
N LEU L 116 -11.73 -1.32 30.84
CA LEU L 116 -12.59 -1.88 31.87
C LEU L 116 -13.62 -0.88 32.37
N ASP L 117 -13.28 0.40 32.40
CA ASP L 117 -14.15 1.44 32.93
C ASP L 117 -14.76 2.26 31.81
N GLU L 118 -15.84 2.98 32.14
CA GLU L 118 -16.50 3.81 31.15
C GLU L 118 -15.66 5.02 30.80
N ALA L 119 -14.91 5.55 31.77
CA ALA L 119 -14.01 6.68 31.54
C ALA L 119 -12.83 6.29 30.67
N GLY L 120 -12.56 4.99 30.53
CA GLY L 120 -11.49 4.49 29.68
C GLY L 120 -10.10 4.69 30.21
N GLU L 121 -9.96 4.79 31.53
CA GLU L 121 -8.65 5.03 32.12
C GLU L 121 -7.84 3.75 32.29
N TRP L 122 -8.49 2.60 32.52
CA TRP L 122 -7.79 1.37 32.87
C TRP L 122 -7.80 0.41 31.70
N LEU L 123 -6.65 0.32 31.03
CA LEU L 123 -6.44 -0.58 29.90
C LEU L 123 -5.70 -1.80 30.44
N VAL L 124 -6.39 -2.93 30.49
CA VAL L 124 -5.83 -4.21 30.95
C VAL L 124 -5.83 -5.16 29.78
N MET L 125 -4.67 -5.70 29.44
CA MET L 125 -4.58 -6.61 28.30
C MET L 125 -3.35 -7.49 28.43
N TRP L 126 -3.38 -8.60 27.71
CA TRP L 126 -2.23 -9.47 27.55
C TRP L 126 -1.11 -8.76 26.81
N GLY L 127 0.06 -8.70 27.42
CA GLY L 127 1.23 -8.14 26.76
C GLY L 127 1.90 -9.17 25.87
N VAL L 128 1.13 -9.80 24.98
CA VAL L 128 1.61 -10.91 24.15
C VAL L 128 1.23 -10.57 22.72
N CYS L 129 2.22 -10.15 21.93
CA CYS L 129 2.05 -9.82 20.53
C CYS L 129 1.33 -10.91 19.75
N THR L 130 0.33 -10.51 18.99
CA THR L 130 -0.49 -11.50 18.30
C THR L 130 0.20 -12.02 17.03
N HIS L 131 1.37 -11.49 16.68
CA HIS L 131 2.13 -12.06 15.59
C HIS L 131 2.72 -13.38 16.05
N LEU L 132 3.84 -13.35 16.79
CA LEU L 132 4.52 -14.57 17.21
C LEU L 132 4.89 -14.53 18.69
N GLY L 133 4.21 -13.69 19.48
CA GLY L 133 4.18 -13.83 20.92
C GLY L 133 5.18 -13.00 21.70
N CYS L 134 6.03 -12.22 21.04
CA CYS L 134 6.93 -11.36 21.79
C CYS L 134 6.14 -10.31 22.59
N VAL L 135 6.85 -9.62 23.48
CA VAL L 135 6.25 -8.67 24.41
C VAL L 135 6.41 -7.27 23.83
N PRO L 136 5.32 -6.58 23.45
CA PRO L 136 5.50 -5.26 22.87
C PRO L 136 6.02 -4.26 23.90
N ILE L 137 6.78 -3.31 23.43
CA ILE L 137 7.40 -2.28 24.28
C ILE L 137 6.41 -1.13 24.41
N GLY L 138 6.11 -0.73 25.64
CA GLY L 138 5.13 0.31 25.91
C GLY L 138 5.78 1.66 26.15
N GLY L 139 5.17 2.43 27.06
CA GLY L 139 5.65 3.77 27.29
C GLY L 139 5.43 4.67 26.10
N VAL L 140 4.30 4.51 25.41
CA VAL L 140 4.00 5.28 24.21
C VAL L 140 5.09 5.06 23.18
N SER L 141 5.16 3.85 22.63
CA SER L 141 6.14 3.50 21.62
C SER L 141 5.43 3.25 20.30
N GLY L 142 6.21 3.26 19.23
CA GLY L 142 5.68 3.04 17.91
C GLY L 142 5.17 4.32 17.28
N ASP L 143 4.44 4.13 16.20
CA ASP L 143 3.98 5.22 15.35
C ASP L 143 2.54 5.61 15.66
N PHE L 144 1.91 4.95 16.64
CA PHE L 144 0.50 5.17 16.95
C PHE L 144 0.30 5.40 18.44
N GLY L 145 1.32 5.92 19.11
CA GLY L 145 1.23 6.28 20.52
C GLY L 145 0.79 5.15 21.42
N GLY L 146 1.32 3.95 21.20
CA GLY L 146 0.92 2.78 21.97
C GLY L 146 2.07 1.86 22.30
N TRP L 147 2.16 0.74 21.59
CA TRP L 147 3.19 -0.26 21.83
C TRP L 147 3.89 -0.62 20.53
N PHE L 148 5.18 -0.98 20.64
CA PHE L 148 5.98 -1.43 19.52
C PHE L 148 6.61 -2.80 19.85
N CYS L 149 6.37 -3.77 18.97
CA CYS L 149 6.95 -5.11 19.13
C CYS L 149 8.29 -5.24 18.42
N PRO L 150 9.42 -5.44 19.12
CA PRO L 150 10.71 -5.38 18.44
C PRO L 150 11.03 -6.64 17.64
N CYS L 151 10.17 -7.67 17.68
CA CYS L 151 10.51 -8.93 17.05
C CYS L 151 10.32 -8.86 15.54
N HIS L 152 9.20 -8.31 15.07
CA HIS L 152 9.00 -8.11 13.64
C HIS L 152 8.30 -6.80 13.32
N GLY L 153 8.21 -5.87 14.27
CA GLY L 153 7.84 -4.51 13.96
C GLY L 153 6.35 -4.25 13.91
N SER L 154 5.57 -4.85 14.79
CA SER L 154 4.15 -4.52 14.87
C SER L 154 3.97 -3.30 15.76
N HIS L 155 3.07 -2.42 15.33
CA HIS L 155 2.71 -1.21 16.08
C HIS L 155 1.26 -1.31 16.55
N TYR L 156 1.06 -1.09 17.85
CA TYR L 156 -0.25 -1.03 18.47
C TYR L 156 -0.50 0.40 18.97
N ASP L 157 -1.78 0.80 19.01
CA ASP L 157 -2.15 2.15 19.42
C ASP L 157 -2.46 2.19 20.92
N SER L 158 -3.03 3.31 21.39
CA SER L 158 -3.25 3.56 22.81
C SER L 158 -4.30 2.66 23.43
N ALA L 159 -5.08 1.95 22.61
CA ALA L 159 -6.02 0.96 23.09
C ALA L 159 -5.51 -0.46 22.86
N GLY L 160 -4.25 -0.61 22.44
CA GLY L 160 -3.70 -1.92 22.22
C GLY L 160 -4.16 -2.57 20.96
N ARG L 161 -4.65 -1.79 20.00
CA ARG L 161 -5.16 -2.32 18.74
C ARG L 161 -4.05 -2.34 17.70
N ILE L 162 -4.01 -3.42 16.93
CA ILE L 162 -2.99 -3.54 15.89
C ILE L 162 -3.29 -2.55 14.77
N ARG L 163 -2.25 -1.85 14.33
CA ARG L 163 -2.37 -0.80 13.34
C ARG L 163 -1.42 -0.99 12.17
N LYS L 164 -0.32 -1.72 12.35
CA LYS L 164 0.73 -1.78 11.35
C LYS L 164 1.61 -2.98 11.67
N GLY L 165 2.00 -3.72 10.63
CA GLY L 165 2.88 -4.85 10.78
C GLY L 165 2.26 -6.20 10.47
N PRO L 166 2.97 -7.29 10.79
CA PRO L 166 2.46 -8.63 10.49
C PRO L 166 1.39 -9.15 11.43
N ALA L 167 1.29 -8.60 12.64
CA ALA L 167 0.36 -9.11 13.64
C ALA L 167 -1.08 -8.99 13.15
N PRO L 168 -1.90 -10.05 13.26
CA PRO L 168 -3.25 -9.99 12.68
C PRO L 168 -4.30 -9.36 13.57
N GLU L 169 -4.12 -9.34 14.89
CA GLU L 169 -5.18 -8.99 15.82
C GLU L 169 -4.71 -8.02 16.92
N ASN L 170 -5.71 -7.39 17.52
CA ASN L 170 -5.52 -6.55 18.71
C ASN L 170 -5.05 -7.40 19.88
N LEU L 171 -4.27 -6.77 20.76
CA LEU L 171 -3.81 -7.45 21.97
C LEU L 171 -5.02 -7.93 22.77
N PRO L 172 -5.10 -9.23 23.13
CA PRO L 172 -6.31 -9.72 23.79
C PRO L 172 -6.45 -9.19 25.20
N ILE L 173 -7.70 -9.01 25.61
CA ILE L 173 -8.05 -8.54 26.95
C ILE L 173 -8.54 -9.74 27.75
N PRO L 174 -7.92 -10.08 28.88
CA PRO L 174 -8.35 -11.25 29.65
C PRO L 174 -9.61 -10.91 30.43
N LEU L 175 -10.20 -11.93 31.04
CA LEU L 175 -11.24 -11.66 32.01
C LEU L 175 -10.65 -10.80 33.11
N ALA L 176 -11.20 -9.59 33.26
CA ALA L 176 -10.67 -8.64 34.23
C ALA L 176 -11.80 -7.73 34.69
N LYS L 177 -11.83 -7.48 36.00
CA LYS L 177 -12.86 -6.66 36.60
C LYS L 177 -12.36 -6.13 37.93
N PHE L 178 -12.77 -4.91 38.27
CA PHE L 178 -12.44 -4.37 39.57
C PHE L 178 -13.26 -5.10 40.62
N ILE L 179 -12.59 -5.79 41.55
CA ILE L 179 -13.29 -6.46 42.64
C ILE L 179 -13.70 -5.43 43.70
N ASP L 180 -12.89 -4.40 43.89
CA ASP L 180 -13.27 -3.27 44.74
C ASP L 180 -12.61 -2.02 44.18
N GLU L 181 -12.53 -0.95 44.98
CA GLU L 181 -12.04 0.34 44.51
C GLU L 181 -10.60 0.27 43.99
N THR L 182 -9.79 -0.66 44.49
CA THR L 182 -8.35 -0.61 44.27
C THR L 182 -7.76 -1.96 43.84
N THR L 183 -8.59 -2.96 43.57
CA THR L 183 -8.10 -4.30 43.26
C THR L 183 -8.77 -4.82 42.00
N ILE L 184 -7.97 -5.29 41.06
CA ILE L 184 -8.46 -5.91 39.83
C ILE L 184 -8.25 -7.41 39.95
N GLN L 185 -9.30 -8.18 39.65
CA GLN L 185 -9.21 -9.63 39.57
C GLN L 185 -9.05 -10.05 38.11
N LEU L 186 -7.91 -10.65 37.79
CA LEU L 186 -7.69 -11.21 36.47
C LEU L 186 -8.11 -12.67 36.53
N GLY L 187 -8.78 -13.14 35.49
CA GLY L 187 -9.27 -14.51 35.46
C GLY L 187 -10.65 -14.63 36.05
#